data_8HHY
#
_entry.id   8HHY
#
_cell.length_a   1.00
_cell.length_b   1.00
_cell.length_c   1.00
_cell.angle_alpha   90.00
_cell.angle_beta   90.00
_cell.angle_gamma   90.00
#
_symmetry.space_group_name_H-M   'P 1'
#
loop_
_entity.id
_entity.type
_entity.pdbx_description
1 polymer 'IS-9A Fab heavy chain'
2 polymer 'IS-9A Fab light chain'
3 polymer 'Spike glycoprotein'
4 branched 2-acetamido-2-deoxy-beta-D-glucopyranose-(1-4)-2-acetamido-2-deoxy-beta-D-glucopyranose
5 non-polymer 2-acetamido-2-deoxy-beta-D-glucopyranose
#
loop_
_entity_poly.entity_id
_entity_poly.type
_entity_poly.pdbx_seq_one_letter_code
_entity_poly.pdbx_strand_id
1 'polypeptide(L)'
;QVQLVQSGAEVKKPGESLRISCKGSGYSFTNYWISWVRQMPGKGLEWMGRIDPSDSYINYSPSFQGHATISADKSISTAY
LQWGSLKASDTAMYYCARGRNYLDSRGRFDYWGQGTLVTVSSASTKGPSVFPLAPSSKSTSGGTAALGCLVKDYFPEPVT
VSWNSGALTSGVHTFPAVLQSSGLYSLSSVVTVPSSSLGTQTYICNVNHKPSNTKVDKKVEPKSC
;
F,G,H
2 'polypeptide(L)'
;DIVMTQSPSSLSASVGDRVTITCQASQDISNYLNWYQQKSGKAPKLLIYDASNLETGVPSRFSGSGSGTDFTFTISSLQP
EDIATYYCQQYDSLGFTFGPGTKVEIRRTVAAPSVFIFPPSDEQLKSGTASVVCLLNNFYPREAKVQWKVDNALQSGNSQ
ESVTEQDSKDSTYSLSSTLTLSKADYEKHKVYACEVTHQGLSSPVTKSFNRGEC
;
W,I,L
3 'polypeptide(L)'
;MKVKLLVLLCTFTATYAGTQCVNLRTRTQLPPAYTNSFTRGVYYPDKVFRSSVLHSTQDLFLPFFSNVTWFHAIHVSGTN
GTKRFDNPVLPFNDGVYFASTEKSNIIRGWIFGTTLDSKTQSLLIVNNATNVVIKVCEFQFCNDPFLDVYYHKNNKSWME
SGVYSSANNCTFEYVSQPFLMDLEGKQGNFKNLREFVFKNIDGYFKIYSKHTPINLVRDLPQGFSALEPLVDLPIGINIT
RFQTLLALHRSYLTPGDSSSGWTAGAAAYYVGYLQPRTFLLKYNENGTITDAVDCALDPLSETKCTLKSFTVEKGIYQTS
NFRVQPTESIVRFPNITNLCPFGEVFNATRFASVYAWNRKRISNCVADYSVLYNSASFSTFKCYGVSPTKLNDLCFTNVY
ADSFVIRGDEVRQIAPGQTGKIADYNYKLPDDFTGCVIAWNSNNLDSKVGGNYNYRYRLFRKSNLKPFERDISTEIYQAG
SKPCNGVEGFNCYFPLQSYGFQPTNGVGYQPYRVVVLSFELLHAPATVCGPKKSTNLVKNKCVNFNFNGLTGTGVLTESN
KKFLPFQQFGRDIADTTDAVRDPQTLEILDITPCSFGGVSVITPGTNTSNQVAVLYQGVNCTEVPVAIHADQLTPTWRVY
STGSNVFQTRAGCLIGAEHVNNSYECDIPIGAGICASYQTQTNSRGSAGSVASQSIIAYTMSLGAENSVAYSNNSIAIPT
NFTISVTTEILPVSMTKTSVDCTMYICGDSTECSNLLLQYGSFCTQLNRALTGIAVEQDKNTQEVFAQVKQIYKTPPIKD
FGGFNFSQILPDPSKPSKRSFIEDLLFNKVTLADAGFIKQYGDCLGDIAARDLICAQKFNGLTVLPPLLTDEMIAQYTSA
LLAGTITSGWTFGAGAALQIPFAMQMAYRFNGIGVTQNVLYENQKLIANQFNSAIGKIQDSLSSTASALGKLQNVVNQNA
QALNTLVKQLSSNFGAISSVLNDILSRLDPPEAEVQIDRLITGRLQSLQTYVTQQLIRAAEIRASANLAATKMSECVLGQ
SKRVDFCGKGYHLMSFPQSAPHGVVFLHVTYVPAQEKNFTTAPAICHDGKAHFPREGVFVSNGTHWFVTQRNFYEPQIIT
TDNTFVSGNCDVVIGIVNNTVYDPLQPELDSFKEELDKYFKNHTSPDVDLGDISGINASVVNIQKEIDRLNEVAKNLNES
LIDLQELGKYEQDIRSLVPRGSPGSGYIPEAPRDGQAYVRKDGEWVLLSTFLGHHHHHH
;
A,B,C
#
# COMPACT_ATOMS: atom_id res chain seq x y z
N GLN A 1 70.58 -33.52 37.85
CA GLN A 1 70.77 -33.91 36.46
C GLN A 1 69.47 -33.80 35.67
N VAL A 2 68.67 -32.79 36.01
CA VAL A 2 67.39 -32.56 35.34
C VAL A 2 67.64 -31.78 34.06
N GLN A 3 67.22 -32.34 32.92
CA GLN A 3 67.37 -31.71 31.62
C GLN A 3 66.03 -31.69 30.91
N LEU A 4 65.72 -30.56 30.28
CA LEU A 4 64.48 -30.39 29.52
C LEU A 4 64.84 -30.11 28.08
N VAL A 5 64.36 -30.97 27.17
CA VAL A 5 64.63 -30.86 25.75
C VAL A 5 63.31 -30.72 25.01
N GLN A 6 63.21 -29.72 24.16
CA GLN A 6 62.02 -29.46 23.38
C GLN A 6 62.11 -30.14 22.01
N SER A 7 60.98 -30.16 21.31
CA SER A 7 60.93 -30.74 19.98
C SER A 7 61.64 -29.83 18.98
N GLY A 8 62.07 -30.43 17.86
CA GLY A 8 62.78 -29.69 16.84
C GLY A 8 61.86 -28.82 16.00
N ALA A 9 62.48 -28.09 15.08
CA ALA A 9 61.74 -27.19 14.21
C ALA A 9 60.82 -27.98 13.29
N GLU A 10 59.60 -27.48 13.11
CA GLU A 10 58.59 -28.12 12.29
C GLU A 10 58.11 -27.15 11.22
N VAL A 11 58.07 -27.61 9.97
CA VAL A 11 57.56 -26.83 8.85
C VAL A 11 56.38 -27.60 8.26
N LYS A 12 55.23 -26.94 8.16
CA LYS A 12 54.01 -27.56 7.68
C LYS A 12 53.34 -26.67 6.65
N LYS A 13 52.62 -27.31 5.72
CA LYS A 13 51.86 -26.60 4.70
C LYS A 13 50.66 -25.90 5.32
N PRO A 14 50.18 -24.82 4.70
CA PRO A 14 48.97 -24.15 5.22
C PRO A 14 47.77 -25.08 5.18
N GLY A 15 46.88 -24.93 6.17
CA GLY A 15 45.70 -25.75 6.28
C GLY A 15 45.89 -27.05 7.04
N GLU A 16 47.10 -27.34 7.49
CA GLU A 16 47.39 -28.56 8.25
C GLU A 16 47.47 -28.25 9.73
N SER A 17 47.18 -29.26 10.55
CA SER A 17 47.22 -29.12 11.99
C SER A 17 48.56 -29.63 12.53
N LEU A 18 49.16 -28.85 13.42
CA LEU A 18 50.45 -29.18 14.00
C LEU A 18 50.34 -29.11 15.53
N ARG A 19 50.94 -30.08 16.21
CA ARG A 19 50.96 -30.13 17.66
C ARG A 19 52.39 -30.19 18.15
N ILE A 20 52.74 -29.28 19.06
CA ILE A 20 54.07 -29.23 19.65
C ILE A 20 53.96 -29.69 21.11
N SER A 21 55.06 -30.22 21.63
CA SER A 21 55.08 -30.79 22.96
C SER A 21 56.25 -30.24 23.76
N CYS A 22 56.03 -30.11 25.07
CA CYS A 22 57.07 -29.72 26.01
C CYS A 22 56.92 -30.60 27.25
N LYS A 23 57.97 -31.36 27.56
CA LYS A 23 57.91 -32.38 28.60
C LYS A 23 58.73 -31.95 29.81
N GLY A 24 58.13 -32.08 30.99
CA GLY A 24 58.81 -31.83 32.25
C GLY A 24 58.94 -33.10 33.05
N SER A 25 60.05 -33.23 33.76
CA SER A 25 60.33 -34.45 34.51
C SER A 25 61.16 -34.12 35.74
N GLY A 26 61.16 -35.04 36.70
CA GLY A 26 61.87 -34.85 37.94
C GLY A 26 61.15 -34.02 38.98
N TYR A 27 59.89 -33.66 38.73
CA TYR A 27 59.14 -32.80 39.64
C TYR A 27 57.66 -32.98 39.34
N SER A 28 56.83 -32.43 40.22
CA SER A 28 55.38 -32.46 40.04
C SER A 28 55.00 -31.49 38.92
N PHE A 29 54.64 -32.04 37.75
CA PHE A 29 54.35 -31.20 36.59
C PHE A 29 53.14 -30.31 36.83
N THR A 30 52.10 -30.83 37.48
CA THR A 30 50.90 -30.07 37.71
C THR A 30 51.03 -29.06 38.84
N ASN A 31 52.08 -29.16 39.65
CA ASN A 31 52.31 -28.21 40.74
C ASN A 31 53.17 -27.02 40.33
N TYR A 32 53.56 -26.93 39.07
CA TYR A 32 54.34 -25.81 38.57
C TYR A 32 53.73 -25.30 37.28
N TRP A 33 53.61 -23.97 37.17
CA TRP A 33 53.08 -23.35 35.97
C TRP A 33 54.07 -23.51 34.82
N ILE A 34 53.54 -23.72 33.62
CA ILE A 34 54.34 -23.84 32.41
C ILE A 34 54.11 -22.59 31.58
N SER A 35 55.18 -21.86 31.28
CA SER A 35 55.10 -20.59 30.58
C SER A 35 55.48 -20.75 29.12
N TRP A 36 54.76 -20.05 28.26
CA TRP A 36 54.98 -20.09 26.81
C TRP A 36 55.28 -18.68 26.32
N VAL A 37 56.31 -18.55 25.49
CA VAL A 37 56.76 -17.27 24.96
C VAL A 37 56.87 -17.39 23.44
N ARG A 38 56.30 -16.42 22.72
CA ARG A 38 56.32 -16.39 21.27
C ARG A 38 57.17 -15.23 20.78
N GLN A 39 57.84 -15.43 19.64
CA GLN A 39 58.69 -14.41 19.03
C GLN A 39 58.63 -14.55 17.52
N MET A 40 58.20 -13.50 16.85
CA MET A 40 58.34 -13.44 15.40
C MET A 40 59.82 -13.28 15.04
N PRO A 41 60.33 -14.04 14.07
CA PRO A 41 61.72 -13.83 13.65
C PRO A 41 61.93 -12.42 13.14
N GLY A 42 63.08 -11.84 13.51
CA GLY A 42 63.37 -10.46 13.17
C GLY A 42 62.71 -9.44 14.07
N LYS A 43 61.99 -9.87 15.12
CA LYS A 43 61.31 -8.97 16.03
C LYS A 43 61.44 -9.50 17.45
N GLY A 44 60.85 -8.76 18.40
CA GLY A 44 60.95 -9.09 19.80
C GLY A 44 59.95 -10.15 20.23
N LEU A 45 59.99 -10.47 21.53
CA LEU A 45 59.13 -11.48 22.11
C LEU A 45 57.73 -10.93 22.35
N GLU A 46 56.74 -11.81 22.28
CA GLU A 46 55.36 -11.50 22.65
C GLU A 46 54.88 -12.55 23.64
N TRP A 47 54.73 -12.15 24.90
CA TRP A 47 54.36 -13.08 25.96
C TRP A 47 52.86 -13.33 25.89
N MET A 48 52.47 -14.58 25.60
CA MET A 48 51.08 -14.89 25.33
C MET A 48 50.32 -15.35 26.57
N GLY A 49 50.90 -16.25 27.36
CA GLY A 49 50.23 -16.71 28.57
C GLY A 49 50.86 -17.99 29.08
N ARG A 50 50.39 -18.40 30.25
CA ARG A 50 50.85 -19.61 30.92
C ARG A 50 49.66 -20.35 31.49
N ILE A 51 49.76 -21.68 31.50
CA ILE A 51 48.64 -22.55 31.86
C ILE A 51 49.05 -23.47 33.00
N ASP A 52 48.16 -23.60 34.00
CA ASP A 52 48.36 -24.51 35.11
C ASP A 52 47.72 -25.85 34.78
N PRO A 53 48.46 -26.96 34.76
CA PRO A 53 47.83 -28.26 34.49
C PRO A 53 46.81 -28.68 35.54
N SER A 54 46.81 -28.03 36.71
CA SER A 54 45.88 -28.42 37.76
C SER A 54 44.42 -28.25 37.33
N ASP A 55 44.11 -27.14 36.67
CA ASP A 55 42.75 -26.86 36.23
C ASP A 55 42.65 -26.53 34.75
N SER A 56 43.77 -26.50 34.03
CA SER A 56 43.81 -26.13 32.61
C SER A 56 43.22 -24.74 32.37
N TYR A 57 43.44 -23.82 33.31
CA TYR A 57 42.97 -22.45 33.15
C TYR A 57 43.81 -21.75 32.09
N ILE A 58 43.14 -21.05 31.17
CA ILE A 58 43.79 -20.45 30.01
C ILE A 58 43.68 -18.93 30.11
N ASN A 59 44.82 -18.26 30.06
CA ASN A 59 44.89 -16.80 30.08
C ASN A 59 45.42 -16.33 28.73
N TYR A 60 44.77 -15.31 28.17
CA TYR A 60 45.08 -14.86 26.81
C TYR A 60 45.79 -13.51 26.83
N SER A 61 46.70 -13.34 25.87
CA SER A 61 47.33 -12.04 25.65
C SER A 61 46.28 -11.04 25.17
N PRO A 62 46.48 -9.75 25.42
CA PRO A 62 45.49 -8.75 24.99
C PRO A 62 45.23 -8.75 23.49
N SER A 63 46.20 -9.19 22.68
CA SER A 63 46.03 -9.27 21.24
C SER A 63 45.51 -10.63 20.79
N PHE A 64 44.81 -11.35 21.66
CA PHE A 64 44.30 -12.67 21.30
C PHE A 64 43.09 -12.55 20.39
N GLN A 65 42.91 -13.56 19.54
CA GLN A 65 41.77 -13.62 18.64
C GLN A 65 40.93 -14.88 18.82
N GLY A 66 41.32 -15.77 19.74
CA GLY A 66 40.56 -16.98 19.99
C GLY A 66 40.77 -18.09 18.98
N HIS A 67 41.74 -17.94 18.07
CA HIS A 67 41.97 -18.98 17.06
C HIS A 67 42.67 -20.19 17.67
N ALA A 68 43.57 -19.98 18.61
CA ALA A 68 44.36 -21.05 19.20
C ALA A 68 43.98 -21.27 20.65
N THR A 69 43.80 -22.53 21.02
CA THR A 69 43.45 -22.93 22.37
C THR A 69 44.55 -23.81 22.95
N ILE A 70 44.69 -23.76 24.27
CA ILE A 70 45.73 -24.51 24.99
C ILE A 70 45.07 -25.67 25.73
N SER A 71 45.63 -26.86 25.58
CA SER A 71 45.16 -28.03 26.30
C SER A 71 46.35 -28.78 26.87
N ALA A 72 46.15 -29.41 28.02
CA ALA A 72 47.17 -30.19 28.68
C ALA A 72 46.61 -31.54 29.10
N ASP A 73 47.47 -32.55 29.07
CA ASP A 73 47.09 -33.92 29.40
C ASP A 73 47.70 -34.28 30.75
N LYS A 74 46.84 -34.59 31.72
CA LYS A 74 47.30 -34.93 33.05
C LYS A 74 47.72 -36.39 33.18
N SER A 75 47.37 -37.23 32.21
CA SER A 75 47.74 -38.65 32.29
C SER A 75 49.24 -38.84 32.11
N ILE A 76 49.86 -38.10 31.20
CA ILE A 76 51.28 -38.23 30.91
C ILE A 76 52.09 -37.07 31.44
N SER A 77 51.46 -36.07 32.04
CA SER A 77 52.15 -34.91 32.61
C SER A 77 53.02 -34.21 31.56
N THR A 78 52.48 -34.04 30.37
CA THR A 78 53.18 -33.39 29.26
C THR A 78 52.32 -32.26 28.71
N ALA A 79 52.94 -31.10 28.48
CA ALA A 79 52.25 -29.94 27.95
C ALA A 79 52.20 -29.99 26.44
N TYR A 80 51.08 -29.58 25.87
CA TYR A 80 50.87 -29.60 24.42
C TYR A 80 50.23 -28.30 23.97
N LEU A 81 50.51 -27.93 22.72
CA LEU A 81 49.90 -26.77 22.08
C LEU A 81 49.52 -27.15 20.66
N GLN A 82 48.26 -26.92 20.30
CA GLN A 82 47.72 -27.37 19.03
C GLN A 82 47.18 -26.19 18.23
N TRP A 83 47.36 -26.25 16.91
CA TRP A 83 46.76 -25.31 15.98
C TRP A 83 45.89 -26.08 15.01
N GLY A 84 44.59 -25.77 15.01
CA GLY A 84 43.66 -26.45 14.11
C GLY A 84 43.80 -26.05 12.66
N SER A 85 44.31 -24.84 12.40
CA SER A 85 44.48 -24.36 11.03
C SER A 85 45.67 -23.39 11.04
N LEU A 86 46.83 -23.87 10.60
CA LEU A 86 48.02 -23.04 10.59
C LEU A 86 47.90 -21.92 9.56
N LYS A 87 48.39 -20.74 9.93
CA LYS A 87 48.35 -19.58 9.05
C LYS A 87 49.72 -18.90 9.11
N ALA A 88 49.80 -17.72 8.48
CA ALA A 88 51.07 -16.99 8.42
C ALA A 88 51.52 -16.54 9.81
N SER A 89 50.58 -16.10 10.63
CA SER A 89 50.94 -15.59 11.96
C SER A 89 51.51 -16.66 12.87
N ASP A 90 51.24 -17.95 12.59
CA ASP A 90 51.76 -19.03 13.42
C ASP A 90 53.25 -19.27 13.19
N THR A 91 53.87 -18.62 12.21
CA THR A 91 55.28 -18.81 11.92
C THR A 91 56.12 -18.05 12.94
N ALA A 92 56.70 -18.78 13.88
CA ALA A 92 57.52 -18.20 14.96
C ALA A 92 58.27 -19.33 15.65
N MET A 93 59.02 -18.98 16.70
CA MET A 93 59.63 -19.98 17.57
C MET A 93 59.12 -19.77 18.98
N TYR A 94 58.91 -20.85 19.70
CA TYR A 94 58.28 -20.82 21.02
C TYR A 94 59.23 -21.34 22.08
N TYR A 95 59.16 -20.75 23.27
CA TYR A 95 59.91 -21.19 24.43
C TYR A 95 58.95 -21.71 25.48
N CYS A 96 59.24 -22.86 26.05
CA CYS A 96 58.49 -23.41 27.16
C CYS A 96 59.38 -23.44 28.40
N ALA A 97 58.88 -22.90 29.50
CA ALA A 97 59.66 -22.79 30.73
C ALA A 97 58.76 -23.05 31.92
N ARG A 98 59.39 -23.44 33.03
CA ARG A 98 58.68 -23.69 34.29
C ARG A 98 58.49 -22.36 35.00
N GLY A 99 57.25 -21.89 35.07
CA GLY A 99 56.94 -20.62 35.67
C GLY A 99 57.04 -20.65 37.18
N ARG A 100 56.63 -19.56 37.81
CA ARG A 100 56.61 -19.50 39.26
C ARG A 100 55.68 -20.56 39.81
N ASN A 101 56.08 -21.16 40.94
CA ASN A 101 55.20 -22.10 41.61
C ASN A 101 53.96 -21.39 42.11
N TYR A 102 52.82 -22.09 42.09
CA TYR A 102 51.57 -21.48 42.53
C TYR A 102 51.60 -21.10 44.01
N LEU A 103 52.56 -21.64 44.76
CA LEU A 103 52.74 -21.31 46.17
C LEU A 103 53.59 -20.06 46.38
N ASP A 104 54.53 -19.79 45.49
CA ASP A 104 55.38 -18.60 45.59
C ASP A 104 54.73 -17.40 44.91
N SER A 105 55.14 -16.21 45.34
CA SER A 105 54.61 -14.97 44.79
C SER A 105 55.59 -14.21 43.91
N ARG A 106 56.89 -14.35 44.14
CA ARG A 106 57.90 -13.67 43.34
C ARG A 106 58.07 -14.42 42.04
N GLY A 107 57.67 -13.80 40.92
CA GLY A 107 57.66 -14.49 39.65
C GLY A 107 59.06 -14.85 39.17
N ARG A 108 59.14 -16.02 38.53
CA ARG A 108 60.39 -16.49 37.94
C ARG A 108 60.09 -17.61 36.95
N PHE A 109 60.83 -17.61 35.84
CA PHE A 109 60.86 -18.73 34.91
C PHE A 109 62.28 -19.30 35.02
N ASP A 110 62.41 -20.42 35.74
CA ASP A 110 63.72 -20.85 36.23
C ASP A 110 64.65 -21.27 35.10
N TYR A 111 64.16 -22.08 34.16
CA TYR A 111 65.04 -22.74 33.20
C TYR A 111 64.66 -22.36 31.78
N TRP A 112 65.68 -22.23 30.94
CA TRP A 112 65.53 -21.89 29.53
C TRP A 112 65.80 -23.12 28.67
N GLY A 113 64.86 -23.43 27.77
CA GLY A 113 65.05 -24.45 26.76
C GLY A 113 65.67 -23.88 25.50
N GLN A 114 65.89 -24.76 24.54
CA GLN A 114 66.46 -24.35 23.25
C GLN A 114 65.41 -23.76 22.32
N GLY A 115 64.13 -23.93 22.62
CA GLY A 115 63.07 -23.37 21.79
C GLY A 115 62.65 -24.28 20.67
N THR A 116 61.41 -24.10 20.22
CA THR A 116 60.85 -24.86 19.11
C THR A 116 60.35 -23.90 18.05
N LEU A 117 60.86 -24.04 16.83
CA LEU A 117 60.51 -23.14 15.73
C LEU A 117 59.37 -23.77 14.92
N VAL A 118 58.32 -22.99 14.71
CA VAL A 118 57.17 -23.40 13.90
C VAL A 118 57.12 -22.52 12.67
N THR A 119 57.11 -23.14 11.49
CA THR A 119 57.07 -22.42 10.22
C THR A 119 55.91 -22.95 9.38
N VAL A 120 55.13 -22.03 8.84
CA VAL A 120 53.98 -22.37 8.00
C VAL A 120 54.28 -21.86 6.59
N SER A 121 54.33 -22.78 5.63
CA SER A 121 54.62 -22.41 4.25
C SER A 121 54.18 -23.53 3.29
N ASP B 1 43.46 7.58 23.03
CA ASP B 1 42.95 7.84 24.37
C ASP B 1 44.06 7.80 25.40
N ILE B 2 45.10 7.02 25.12
CA ILE B 2 46.27 6.90 25.99
C ILE B 2 47.43 7.64 25.32
N VAL B 3 47.88 8.72 25.96
CA VAL B 3 48.97 9.54 25.43
C VAL B 3 50.04 9.64 26.50
N MET B 4 51.17 8.96 26.28
CA MET B 4 52.32 8.98 27.17
C MET B 4 53.50 9.57 26.42
N THR B 5 54.37 10.28 27.14
CA THR B 5 55.55 10.91 26.55
C THR B 5 56.76 10.62 27.43
N GLN B 6 57.93 10.58 26.78
CA GLN B 6 59.20 10.39 27.46
C GLN B 6 60.06 11.63 27.31
N SER B 7 60.54 12.15 28.44
CA SER B 7 61.36 13.35 28.44
C SER B 7 62.43 13.23 29.52
N PRO B 8 63.63 13.78 29.30
CA PRO B 8 64.04 14.46 28.07
C PRO B 8 64.45 13.48 26.97
N SER B 9 64.19 13.84 25.71
CA SER B 9 64.52 12.96 24.60
C SER B 9 66.02 12.96 24.33
N SER B 10 66.66 14.12 24.38
CA SER B 10 68.08 14.24 24.11
C SER B 10 68.78 14.93 25.28
N LEU B 11 69.95 14.44 25.63
CA LEU B 11 70.73 14.98 26.73
C LEU B 11 72.18 15.17 26.28
N SER B 12 72.79 16.27 26.74
CA SER B 12 74.17 16.59 26.45
C SER B 12 74.94 16.72 27.75
N ALA B 13 76.07 16.01 27.86
CA ALA B 13 76.88 16.05 29.06
C ALA B 13 78.31 15.73 28.70
N SER B 14 79.22 16.08 29.61
CA SER B 14 80.64 15.85 29.38
C SER B 14 80.99 14.38 29.58
N VAL B 15 82.25 14.05 29.29
CA VAL B 15 82.72 12.67 29.42
C VAL B 15 82.76 12.28 30.88
N GLY B 16 82.21 11.11 31.19
CA GLY B 16 82.17 10.61 32.55
C GLY B 16 80.90 10.93 33.31
N ASP B 17 80.01 11.73 32.75
CA ASP B 17 78.76 12.07 33.43
C ASP B 17 77.78 10.91 33.34
N ARG B 18 76.79 10.95 34.24
CA ARG B 18 75.76 9.90 34.31
C ARG B 18 74.53 10.33 33.55
N VAL B 19 74.02 9.46 32.69
CA VAL B 19 72.82 9.71 31.91
C VAL B 19 71.76 8.68 32.32
N THR B 20 70.59 9.17 32.71
CA THR B 20 69.50 8.33 33.17
C THR B 20 68.24 8.65 32.37
N ILE B 21 67.58 7.62 31.86
CA ILE B 21 66.34 7.78 31.11
C ILE B 21 65.21 7.14 31.90
N THR B 22 64.06 7.82 31.92
CA THR B 22 62.89 7.37 32.66
C THR B 22 61.69 7.26 31.73
N CYS B 23 60.99 6.14 31.82
CA CYS B 23 59.77 5.91 31.06
C CYS B 23 58.68 5.46 32.03
N GLN B 24 57.51 6.10 31.93
CA GLN B 24 56.41 5.84 32.85
C GLN B 24 55.20 5.32 32.08
N ALA B 25 54.42 4.47 32.73
CA ALA B 25 53.20 3.90 32.18
C ALA B 25 51.98 4.60 32.76
N SER B 26 50.81 4.13 32.33
CA SER B 26 49.56 4.72 32.82
C SER B 26 49.41 4.52 34.33
N GLN B 27 49.79 3.34 34.83
CA GLN B 27 49.70 3.03 36.25
C GLN B 27 51.01 2.43 36.73
N ASP B 28 51.06 2.13 38.01
CA ASP B 28 52.25 1.53 38.60
C ASP B 28 52.51 0.15 38.01
N ILE B 29 53.77 -0.13 37.69
CA ILE B 29 54.17 -1.40 37.10
C ILE B 29 55.13 -2.16 38.01
N SER B 30 55.29 -1.72 39.26
CA SER B 30 56.17 -2.35 40.26
C SER B 30 57.56 -2.46 39.64
N ASN B 31 58.16 -3.64 39.55
CA ASN B 31 59.49 -3.82 39.01
C ASN B 31 59.50 -4.65 37.72
N TYR B 32 58.39 -4.70 36.99
CA TYR B 32 58.32 -5.41 35.71
C TYR B 32 59.08 -4.58 34.68
N LEU B 33 60.37 -4.89 34.53
CA LEU B 33 61.21 -4.18 33.59
C LEU B 33 62.32 -5.10 33.08
N ASN B 34 62.54 -5.08 31.77
CA ASN B 34 63.62 -5.83 31.13
C ASN B 34 64.39 -4.89 30.21
N TRP B 35 65.58 -5.33 29.81
CA TRP B 35 66.44 -4.55 28.91
C TRP B 35 66.69 -5.34 27.64
N TYR B 36 66.46 -4.70 26.50
CA TYR B 36 66.68 -5.29 25.18
C TYR B 36 67.81 -4.56 24.47
N GLN B 37 68.68 -5.34 23.81
CA GLN B 37 69.75 -4.82 22.98
C GLN B 37 69.43 -5.13 21.53
N GLN B 38 69.35 -4.09 20.70
CA GLN B 38 68.96 -4.22 19.30
C GLN B 38 70.14 -3.89 18.41
N LYS B 39 70.56 -4.86 17.61
CA LYS B 39 71.61 -4.65 16.62
C LYS B 39 71.00 -4.23 15.28
N SER B 40 71.87 -3.72 14.40
CA SER B 40 71.41 -3.28 13.09
C SER B 40 70.90 -4.44 12.26
N GLY B 41 71.70 -5.50 12.14
CA GLY B 41 71.33 -6.65 11.34
C GLY B 41 70.84 -7.83 12.15
N LYS B 42 70.44 -7.60 13.40
CA LYS B 42 69.98 -8.68 14.25
C LYS B 42 68.74 -8.21 15.02
N ALA B 43 67.93 -9.20 15.43
CA ALA B 43 66.71 -8.92 16.19
C ALA B 43 67.01 -8.87 17.68
N PRO B 44 66.26 -8.05 18.43
CA PRO B 44 66.42 -8.04 19.89
C PRO B 44 66.10 -9.40 20.48
N LYS B 45 66.84 -9.76 21.53
CA LYS B 45 66.62 -11.01 22.23
C LYS B 45 66.78 -10.78 23.72
N LEU B 46 65.84 -11.32 24.51
CA LEU B 46 65.92 -11.18 25.96
C LEU B 46 67.05 -12.04 26.50
N LEU B 47 67.89 -11.43 27.33
CA LEU B 47 69.03 -12.12 27.93
C LEU B 47 68.86 -12.35 29.42
N ILE B 48 68.49 -11.32 30.17
CA ILE B 48 68.22 -11.43 31.60
C ILE B 48 66.77 -11.05 31.84
N TYR B 49 66.04 -11.91 32.55
CA TYR B 49 64.61 -11.73 32.77
C TYR B 49 64.35 -11.75 34.27
N ASP B 50 63.50 -10.83 34.72
CA ASP B 50 63.15 -10.55 36.12
C ASP B 50 64.28 -9.81 36.85
N ALA B 51 65.40 -9.54 36.18
CA ALA B 51 66.57 -8.89 36.74
C ALA B 51 67.16 -9.65 37.93
N SER B 52 66.78 -10.91 38.12
CA SER B 52 67.32 -11.71 39.20
C SER B 52 67.68 -13.13 38.78
N ASN B 53 67.41 -13.52 37.54
CA ASN B 53 67.77 -14.83 37.02
C ASN B 53 68.75 -14.66 35.87
N LEU B 54 69.91 -15.31 35.98
CA LEU B 54 70.97 -15.19 34.99
C LEU B 54 71.13 -16.52 34.25
N GLU B 55 70.94 -16.47 32.93
CA GLU B 55 71.20 -17.64 32.09
C GLU B 55 72.70 -17.85 31.93
N THR B 56 73.09 -19.12 31.84
CA THR B 56 74.50 -19.46 31.66
C THR B 56 75.02 -18.87 30.36
N GLY B 57 76.18 -18.22 30.44
CA GLY B 57 76.80 -17.60 29.29
C GLY B 57 76.40 -16.16 29.04
N VAL B 58 75.41 -15.64 29.77
CA VAL B 58 74.98 -14.26 29.58
C VAL B 58 75.95 -13.34 30.32
N PRO B 59 76.51 -12.33 29.66
CA PRO B 59 77.41 -11.40 30.34
C PRO B 59 76.69 -10.65 31.45
N SER B 60 77.46 -10.28 32.48
CA SER B 60 76.92 -9.57 33.63
C SER B 60 76.81 -8.07 33.43
N ARG B 61 77.21 -7.56 32.26
CA ARG B 61 77.15 -6.13 32.01
C ARG B 61 75.71 -5.60 32.01
N PHE B 62 74.73 -6.45 31.77
CA PHE B 62 73.33 -6.05 31.79
C PHE B 62 72.77 -6.25 33.20
N SER B 63 72.07 -5.23 33.70
CA SER B 63 71.46 -5.32 35.02
C SER B 63 70.29 -4.34 35.09
N GLY B 64 69.42 -4.58 36.06
CA GLY B 64 68.27 -3.72 36.27
C GLY B 64 67.95 -3.60 37.73
N SER B 65 67.43 -2.44 38.12
CA SER B 65 67.09 -2.17 39.51
C SER B 65 66.05 -1.05 39.56
N GLY B 66 65.40 -0.94 40.69
CA GLY B 66 64.41 0.09 40.91
C GLY B 66 62.99 -0.47 40.84
N SER B 67 62.06 0.25 41.48
CA SER B 67 60.67 -0.15 41.50
C SER B 67 59.81 1.09 41.72
N GLY B 68 58.53 0.95 41.40
CA GLY B 68 57.57 2.04 41.55
C GLY B 68 57.56 2.93 40.31
N THR B 69 57.92 4.20 40.49
CA THR B 69 57.97 5.15 39.38
C THR B 69 59.35 5.69 39.09
N ASP B 70 60.34 5.41 39.95
CA ASP B 70 61.69 5.90 39.76
C ASP B 70 62.61 4.73 39.45
N PHE B 71 63.39 4.85 38.37
CA PHE B 71 64.33 3.83 37.95
C PHE B 71 65.68 4.48 37.65
N THR B 72 66.75 3.77 37.98
CA THR B 72 68.11 4.24 37.75
C THR B 72 68.90 3.17 37.01
N PHE B 73 69.71 3.61 36.04
CA PHE B 73 70.53 2.72 35.24
C PHE B 73 72.00 3.06 35.48
N THR B 74 72.79 2.04 35.79
CA THR B 74 74.22 2.19 36.08
C THR B 74 75.02 1.32 35.12
N ILE B 75 76.08 1.89 34.56
CA ILE B 75 76.95 1.19 33.62
C ILE B 75 78.19 0.74 34.36
N SER B 76 78.39 -0.58 34.44
CA SER B 76 79.59 -1.12 35.06
C SER B 76 80.84 -0.74 34.27
N SER B 77 80.77 -0.80 32.95
CA SER B 77 81.90 -0.45 32.09
C SER B 77 81.36 -0.08 30.73
N LEU B 78 81.50 1.20 30.35
CA LEU B 78 81.03 1.65 29.06
C LEU B 78 81.88 1.05 27.95
N GLN B 79 81.23 0.62 26.88
CA GLN B 79 81.90 -0.01 25.75
C GLN B 79 81.47 0.66 24.46
N PRO B 80 82.36 0.69 23.46
CA PRO B 80 81.96 1.27 22.16
C PRO B 80 80.80 0.54 21.50
N GLU B 81 80.67 -0.77 21.73
CA GLU B 81 79.61 -1.57 21.13
C GLU B 81 78.32 -1.57 21.96
N ASP B 82 78.21 -0.67 22.94
CA ASP B 82 77.03 -0.59 23.78
C ASP B 82 75.92 0.27 23.17
N ILE B 83 76.14 0.83 21.98
CA ILE B 83 75.13 1.67 21.36
C ILE B 83 73.96 0.81 20.91
N ALA B 84 72.76 1.14 21.38
CA ALA B 84 71.54 0.41 21.05
C ALA B 84 70.35 1.28 21.44
N THR B 85 69.16 0.75 21.21
CA THR B 85 67.92 1.42 21.56
C THR B 85 67.32 0.74 22.79
N TYR B 86 67.13 1.51 23.85
CA TYR B 86 66.58 0.99 25.11
C TYR B 86 65.08 1.25 25.15
N TYR B 87 64.32 0.19 25.43
CA TYR B 87 62.87 0.26 25.46
C TYR B 87 62.37 0.00 26.87
N CYS B 88 61.54 0.90 27.39
CA CYS B 88 60.87 0.64 28.65
C CYS B 88 59.85 -0.47 28.45
N GLN B 89 59.91 -1.48 29.32
CA GLN B 89 59.20 -2.73 29.08
C GLN B 89 58.41 -3.11 30.33
N GLN B 90 57.08 -2.96 30.27
CA GLN B 90 56.19 -3.41 31.32
C GLN B 90 55.41 -4.63 30.86
N TYR B 91 55.16 -5.56 31.79
CA TYR B 91 54.52 -6.81 31.44
C TYR B 91 53.81 -7.37 32.67
N ASP B 92 52.90 -8.30 32.44
CA ASP B 92 52.13 -8.91 33.51
C ASP B 92 51.87 -10.37 33.16
N SER B 93 51.06 -11.04 33.98
CA SER B 93 50.71 -12.44 33.75
C SER B 93 49.62 -12.61 32.70
N LEU B 94 49.01 -11.52 32.24
CA LEU B 94 48.03 -11.61 31.17
C LEU B 94 48.66 -11.42 29.80
N GLY B 95 49.50 -10.40 29.64
CA GLY B 95 50.14 -10.17 28.35
C GLY B 95 51.34 -9.25 28.38
N PHE B 96 51.46 -8.42 27.34
CA PHE B 96 52.61 -7.54 27.19
C PHE B 96 52.25 -6.40 26.25
N THR B 97 52.80 -5.22 26.54
CA THR B 97 52.56 -4.02 25.74
C THR B 97 53.89 -3.37 25.39
N PHE B 98 54.12 -3.14 24.10
CA PHE B 98 55.31 -2.44 23.63
C PHE B 98 55.16 -0.93 23.84
N GLY B 99 56.20 -0.32 24.41
CA GLY B 99 56.25 1.11 24.55
C GLY B 99 56.71 1.78 23.27
N PRO B 100 56.49 3.10 23.16
CA PRO B 100 56.95 3.81 21.96
C PRO B 100 58.45 3.75 21.77
N GLY B 101 59.22 3.77 22.86
CA GLY B 101 60.66 3.69 22.78
C GLY B 101 61.31 5.04 22.56
N THR B 102 62.61 5.09 22.83
CA THR B 102 63.40 6.31 22.66
C THR B 102 64.74 5.93 22.03
N LYS B 103 65.02 6.50 20.86
CA LYS B 103 66.25 6.21 20.14
C LYS B 103 67.34 7.17 20.58
N VAL B 104 68.38 6.63 21.23
CA VAL B 104 69.51 7.41 21.72
C VAL B 104 70.77 6.84 21.09
N GLU B 105 71.56 7.71 20.46
CA GLU B 105 72.81 7.33 19.82
C GLU B 105 73.97 8.05 20.49
N ILE B 106 75.06 7.32 20.70
CA ILE B 106 76.27 7.86 21.34
C ILE B 106 77.41 7.76 20.34
N ARG B 107 78.10 8.88 20.12
CA ARG B 107 79.22 8.91 19.19
C ARG B 107 80.50 8.43 19.86
N SER C 17 3.14 -44.12 34.15
CA SER C 17 1.89 -44.31 34.88
C SER C 17 2.13 -45.02 36.21
N LEU C 18 1.25 -44.76 37.17
CA LEU C 18 1.35 -45.34 38.50
C LEU C 18 0.09 -46.13 38.82
N ARG C 19 0.27 -47.34 39.33
CA ARG C 19 -0.83 -48.21 39.70
C ARG C 19 -0.68 -48.61 41.17
N ILE C 20 -1.81 -48.58 41.89
CA ILE C 20 -1.86 -48.98 43.29
C ILE C 20 -2.78 -50.18 43.41
N SER C 21 -2.32 -51.20 44.13
CA SER C 21 -3.06 -52.44 44.29
C SER C 21 -3.19 -52.80 45.76
N CYS C 22 -4.33 -53.39 46.11
CA CYS C 22 -4.60 -53.81 47.49
C CYS C 22 -5.46 -55.07 47.42
N LYS C 23 -4.81 -56.22 47.51
CA LYS C 23 -5.47 -57.52 47.36
C LYS C 23 -5.47 -58.26 48.69
N GLY C 24 -6.63 -58.75 49.10
CA GLY C 24 -6.72 -59.54 50.30
C GLY C 24 -6.42 -61.01 50.07
N SER C 25 -6.25 -61.73 51.17
CA SER C 25 -5.97 -63.16 51.11
C SER C 25 -6.50 -63.84 52.36
N GLY C 26 -6.70 -65.15 52.26
CA GLY C 26 -7.19 -65.93 53.37
C GLY C 26 -8.68 -65.88 53.60
N TYR C 27 -9.43 -65.20 52.74
CA TYR C 27 -10.88 -65.09 52.89
C TYR C 27 -11.51 -64.90 51.52
N SER C 28 -12.82 -65.18 51.44
CA SER C 28 -13.54 -65.09 50.19
C SER C 28 -13.74 -63.63 49.81
N PHE C 29 -13.17 -63.22 48.68
CA PHE C 29 -13.31 -61.84 48.24
C PHE C 29 -14.74 -61.50 47.86
N THR C 30 -15.44 -62.44 47.20
CA THR C 30 -16.81 -62.18 46.78
C THR C 30 -17.79 -62.18 47.94
N ASN C 31 -17.45 -62.83 49.06
CA ASN C 31 -18.32 -62.89 50.22
C ASN C 31 -18.08 -61.75 51.21
N TYR C 32 -17.07 -60.92 50.98
CA TYR C 32 -16.76 -59.79 51.85
C TYR C 32 -16.73 -58.51 51.04
N TRP C 33 -17.51 -57.53 51.47
CA TRP C 33 -17.58 -56.26 50.75
C TRP C 33 -16.27 -55.50 50.88
N ILE C 34 -15.88 -54.84 49.78
CA ILE C 34 -14.65 -54.05 49.73
C ILE C 34 -15.03 -52.63 49.33
N SER C 35 -14.56 -51.66 50.12
CA SER C 35 -14.84 -50.25 49.87
C SER C 35 -13.54 -49.47 49.79
N TRP C 36 -13.59 -48.32 49.13
CA TRP C 36 -12.43 -47.46 48.92
C TRP C 36 -12.66 -46.11 49.57
N VAL C 37 -11.61 -45.56 50.18
CA VAL C 37 -11.68 -44.27 50.87
C VAL C 37 -10.60 -43.36 50.29
N ARG C 38 -10.99 -42.13 49.95
CA ARG C 38 -10.07 -41.12 49.45
C ARG C 38 -9.99 -39.99 50.45
N GLN C 39 -8.77 -39.66 50.87
CA GLN C 39 -8.58 -38.58 51.84
C GLN C 39 -7.21 -37.96 51.58
N MET C 40 -7.18 -36.85 50.84
CA MET C 40 -5.97 -36.07 50.70
C MET C 40 -5.75 -35.21 51.95
N PRO C 41 -4.50 -34.84 52.23
CA PRO C 41 -4.23 -34.07 53.44
C PRO C 41 -4.98 -32.75 53.47
N GLY C 42 -5.44 -32.38 54.66
CA GLY C 42 -6.15 -31.13 54.85
C GLY C 42 -7.63 -31.16 54.53
N LYS C 43 -8.18 -32.33 54.24
CA LYS C 43 -9.59 -32.47 53.89
C LYS C 43 -10.19 -33.63 54.66
N GLY C 44 -11.51 -33.68 54.66
CA GLY C 44 -12.27 -34.71 55.34
C GLY C 44 -12.51 -35.93 54.48
N LEU C 45 -13.60 -36.64 54.79
CA LEU C 45 -13.92 -37.88 54.09
C LEU C 45 -14.69 -37.58 52.80
N GLU C 46 -14.14 -38.03 51.68
CA GLU C 46 -14.77 -37.86 50.37
C GLU C 46 -14.86 -39.22 49.68
N TRP C 47 -15.98 -39.90 49.87
CA TRP C 47 -16.26 -41.16 49.21
C TRP C 47 -16.40 -40.95 47.69
N MET C 48 -16.10 -42.00 46.93
CA MET C 48 -16.24 -41.95 45.48
C MET C 48 -17.14 -43.04 44.88
N GLY C 49 -17.12 -44.26 45.39
CA GLY C 49 -17.87 -45.33 44.76
C GLY C 49 -17.71 -46.70 45.38
N ARG C 50 -18.78 -47.48 45.36
CA ARG C 50 -18.81 -48.84 45.87
C ARG C 50 -19.52 -49.73 44.86
N ILE C 51 -19.15 -51.01 44.85
CA ILE C 51 -19.67 -51.97 43.88
C ILE C 51 -20.33 -53.13 44.60
N ASP C 52 -21.47 -53.57 44.09
CA ASP C 52 -22.16 -54.75 44.58
C ASP C 52 -21.90 -55.90 43.62
N PRO C 53 -21.16 -56.94 44.02
CA PRO C 53 -20.83 -58.01 43.07
C PRO C 53 -22.04 -58.75 42.53
N SER C 54 -23.16 -58.76 43.25
CA SER C 54 -24.33 -59.51 42.79
C SER C 54 -24.89 -58.93 41.50
N ASP C 55 -24.97 -57.60 41.40
CA ASP C 55 -25.60 -56.96 40.25
C ASP C 55 -24.79 -55.80 39.67
N SER C 56 -23.53 -55.65 40.06
CA SER C 56 -22.68 -54.54 39.60
C SER C 56 -23.32 -53.18 39.89
N TYR C 57 -23.97 -53.05 41.04
CA TYR C 57 -24.59 -51.80 41.42
C TYR C 57 -23.52 -50.80 41.83
N ILE C 58 -23.54 -49.62 41.21
CA ILE C 58 -22.55 -48.58 41.44
C ILE C 58 -23.26 -47.36 42.01
N ASN C 59 -22.83 -46.93 43.19
CA ASN C 59 -23.34 -45.72 43.84
C ASN C 59 -22.29 -44.63 43.77
N TYR C 60 -22.70 -43.45 43.32
CA TYR C 60 -21.78 -42.35 43.06
C TYR C 60 -21.84 -41.32 44.17
N SER C 61 -20.75 -40.56 44.29
CA SER C 61 -20.62 -39.56 45.32
C SER C 61 -21.53 -38.36 45.03
N PRO C 62 -21.93 -37.62 46.07
CA PRO C 62 -22.69 -36.38 45.84
C PRO C 62 -21.97 -35.36 44.99
N SER C 63 -20.64 -35.29 45.08
CA SER C 63 -19.84 -34.36 44.28
C SER C 63 -19.14 -35.07 43.12
N PHE C 64 -19.81 -36.05 42.53
CA PHE C 64 -19.22 -36.80 41.43
C PHE C 64 -19.06 -35.94 40.18
N GLN C 65 -18.01 -36.22 39.42
CA GLN C 65 -17.75 -35.52 38.17
C GLN C 65 -17.40 -36.50 37.06
N GLY C 66 -17.54 -37.80 37.31
CA GLY C 66 -17.11 -38.80 36.35
C GLY C 66 -15.61 -38.86 36.18
N HIS C 67 -14.87 -38.73 37.28
CA HIS C 67 -13.40 -38.73 37.20
C HIS C 67 -12.86 -40.16 37.06
N ALA C 68 -13.13 -41.00 38.05
CA ALA C 68 -12.63 -42.37 38.06
C ALA C 68 -13.77 -43.33 38.39
N THR C 69 -13.66 -44.54 37.86
CA THR C 69 -14.63 -45.60 38.08
C THR C 69 -13.92 -46.84 38.60
N ILE C 70 -14.64 -47.62 39.39
CA ILE C 70 -14.10 -48.83 40.02
C ILE C 70 -14.55 -50.05 39.23
N SER C 71 -13.62 -50.97 39.04
CA SER C 71 -13.90 -52.23 38.36
C SER C 71 -13.16 -53.35 39.09
N ALA C 72 -13.74 -54.54 39.03
CA ALA C 72 -13.18 -55.71 39.69
C ALA C 72 -13.17 -56.89 38.74
N ASP C 73 -12.22 -57.80 38.97
CA ASP C 73 -12.07 -59.02 38.17
C ASP C 73 -12.35 -60.22 39.06
N LYS C 74 -13.51 -60.86 38.86
CA LYS C 74 -13.86 -62.02 39.67
C LYS C 74 -12.96 -63.22 39.35
N SER C 75 -12.43 -63.28 38.13
CA SER C 75 -11.62 -64.43 37.74
C SER C 75 -10.34 -64.52 38.56
N ILE C 76 -9.69 -63.39 38.83
CA ILE C 76 -8.42 -63.36 39.54
C ILE C 76 -8.50 -62.63 40.86
N SER C 77 -9.71 -62.25 41.30
CA SER C 77 -9.91 -61.59 42.59
C SER C 77 -9.09 -60.31 42.71
N THR C 78 -8.97 -59.58 41.61
CA THR C 78 -8.17 -58.37 41.55
C THR C 78 -9.03 -57.19 41.15
N ALA C 79 -8.85 -56.06 41.83
CA ALA C 79 -9.57 -54.83 41.54
C ALA C 79 -8.64 -53.83 40.88
N TYR C 80 -9.13 -53.16 39.85
CA TYR C 80 -8.35 -52.20 39.08
C TYR C 80 -9.01 -50.83 39.13
N LEU C 81 -8.17 -49.80 39.26
CA LEU C 81 -8.64 -48.42 39.28
C LEU C 81 -7.83 -47.62 38.28
N GLN C 82 -8.52 -46.87 37.41
CA GLN C 82 -7.88 -46.07 36.39
C GLN C 82 -8.50 -44.68 36.36
N TRP C 83 -7.71 -43.71 35.90
CA TRP C 83 -8.13 -42.32 35.82
C TRP C 83 -8.23 -41.90 34.36
N GLY C 84 -9.34 -41.26 34.01
CA GLY C 84 -9.49 -40.75 32.65
C GLY C 84 -8.51 -39.63 32.34
N SER C 85 -8.28 -38.74 33.31
CA SER C 85 -7.34 -37.63 33.12
C SER C 85 -6.82 -37.24 34.49
N LEU C 86 -5.58 -37.61 34.79
CA LEU C 86 -5.00 -37.34 36.10
C LEU C 86 -4.86 -35.84 36.33
N LYS C 87 -5.17 -35.41 37.55
CA LYS C 87 -5.06 -34.00 37.95
C LYS C 87 -4.37 -33.92 39.31
N ALA C 88 -4.32 -32.70 39.85
CA ALA C 88 -3.59 -32.46 41.09
C ALA C 88 -4.22 -33.18 42.27
N SER C 89 -5.55 -33.18 42.36
CA SER C 89 -6.22 -33.77 43.51
C SER C 89 -6.10 -35.28 43.58
N ASP C 90 -5.65 -35.93 42.50
CA ASP C 90 -5.52 -37.39 42.51
C ASP C 90 -4.35 -37.87 43.35
N THR C 91 -3.40 -36.99 43.68
CA THR C 91 -2.23 -37.37 44.47
C THR C 91 -2.64 -37.45 45.93
N ALA C 92 -3.01 -38.65 46.37
CA ALA C 92 -3.43 -38.87 47.75
C ALA C 92 -3.29 -40.35 48.06
N MET C 93 -3.28 -40.66 49.36
CA MET C 93 -3.20 -42.03 49.84
C MET C 93 -4.61 -42.55 50.10
N TYR C 94 -4.83 -43.82 49.77
CA TYR C 94 -6.14 -44.45 49.87
C TYR C 94 -6.15 -45.50 50.97
N TYR C 95 -7.29 -45.62 51.65
CA TYR C 95 -7.48 -46.58 52.72
C TYR C 95 -8.21 -47.80 52.18
N CYS C 96 -7.60 -48.98 52.36
CA CYS C 96 -8.20 -50.24 51.96
C CYS C 96 -8.08 -51.24 53.10
N ALA C 97 -9.18 -51.94 53.39
CA ALA C 97 -9.19 -52.95 54.43
C ALA C 97 -10.42 -53.82 54.24
N ARG C 98 -10.37 -55.00 54.85
CA ARG C 98 -11.53 -55.88 54.85
C ARG C 98 -12.67 -55.22 55.61
N GLY C 99 -13.87 -55.26 55.04
CA GLY C 99 -15.02 -54.59 55.61
C GLY C 99 -15.79 -55.47 56.58
N ARG C 100 -16.96 -54.98 56.95
CA ARG C 100 -17.85 -55.72 57.83
C ARG C 100 -18.35 -56.99 57.13
N ASN C 101 -18.56 -58.04 57.92
CA ASN C 101 -19.00 -59.31 57.37
C ASN C 101 -20.43 -59.20 56.85
N TYR C 102 -20.59 -59.45 55.56
CA TYR C 102 -21.88 -59.39 54.88
C TYR C 102 -22.60 -58.08 55.13
N ASP D 1 -30.37 -29.17 31.73
CA ASP D 1 -30.40 -30.13 32.82
C ASP D 1 -31.26 -29.64 33.97
N ILE D 2 -31.22 -30.36 35.09
CA ILE D 2 -31.99 -30.02 36.29
C ILE D 2 -31.02 -29.50 37.34
N VAL D 3 -31.32 -28.31 37.87
CA VAL D 3 -30.48 -27.66 38.88
C VAL D 3 -31.25 -27.65 40.19
N MET D 4 -30.55 -27.95 41.29
CA MET D 4 -31.14 -27.99 42.62
C MET D 4 -30.33 -27.09 43.56
N THR D 5 -31.03 -26.36 44.41
CA THR D 5 -30.42 -25.48 45.38
C THR D 5 -30.98 -25.77 46.76
N GLN D 6 -30.13 -25.66 47.77
CA GLN D 6 -30.52 -25.91 49.16
C GLN D 6 -30.08 -24.75 50.02
N SER D 7 -30.95 -24.35 50.95
CA SER D 7 -30.69 -23.24 51.85
C SER D 7 -30.92 -23.67 53.29
N PRO D 8 -30.14 -23.15 54.25
CA PRO D 8 -29.04 -22.21 54.02
C PRO D 8 -27.74 -22.90 53.63
N VAL D 15 -21.88 -27.27 70.23
CA VAL D 15 -22.08 -28.63 70.76
C VAL D 15 -23.39 -28.69 71.52
N GLY D 16 -24.27 -29.60 71.10
CA GLY D 16 -25.56 -29.78 71.74
C GLY D 16 -26.66 -28.89 71.23
N ASP D 17 -26.36 -27.97 70.30
CA ASP D 17 -27.39 -27.09 69.77
C ASP D 17 -28.29 -27.86 68.80
N ARG D 18 -29.50 -27.32 68.61
CA ARG D 18 -30.49 -27.94 67.74
C ARG D 18 -30.11 -27.67 66.29
N VAL D 19 -29.77 -28.72 65.55
CA VAL D 19 -29.41 -28.62 64.14
C VAL D 19 -30.37 -29.51 63.36
N THR D 20 -31.04 -28.92 62.36
CA THR D 20 -31.99 -29.64 61.53
C THR D 20 -31.63 -29.45 60.07
N ILE D 21 -31.56 -30.56 59.32
CA ILE D 21 -31.24 -30.53 57.91
C ILE D 21 -32.45 -31.02 57.13
N THR D 22 -32.52 -30.61 55.87
CA THR D 22 -33.63 -30.94 54.98
C THR D 22 -33.11 -31.57 53.70
N CYS D 23 -33.96 -32.37 53.07
CA CYS D 23 -33.65 -33.00 51.79
C CYS D 23 -34.65 -32.53 50.75
N GLN D 24 -34.15 -32.23 49.55
CA GLN D 24 -34.97 -31.73 48.47
C GLN D 24 -34.70 -32.55 47.20
N ALA D 25 -35.73 -32.64 46.36
CA ALA D 25 -35.66 -33.39 45.11
C ALA D 25 -36.26 -32.55 43.99
N SER D 26 -35.91 -32.92 42.76
CA SER D 26 -36.42 -32.21 41.59
C SER D 26 -37.95 -32.32 41.50
N GLN D 27 -38.48 -33.51 41.75
CA GLN D 27 -39.93 -33.75 41.72
C GLN D 27 -40.31 -34.50 42.99
N ASP D 28 -41.61 -34.76 43.13
CA ASP D 28 -42.10 -35.52 44.27
C ASP D 28 -41.60 -36.96 44.21
N ILE D 29 -41.03 -37.44 45.31
CA ILE D 29 -40.44 -38.77 45.39
C ILE D 29 -41.20 -39.67 46.35
N SER D 30 -42.31 -39.19 46.91
CA SER D 30 -43.14 -39.94 47.86
C SER D 30 -42.27 -40.39 49.02
N ASN D 31 -42.15 -41.69 49.31
CA ASN D 31 -41.36 -42.17 50.42
C ASN D 31 -40.07 -42.86 49.98
N TYR D 32 -39.67 -42.66 48.72
CA TYR D 32 -38.45 -43.28 48.19
C TYR D 32 -37.25 -42.44 48.63
N LEU D 33 -36.77 -42.72 49.84
CA LEU D 33 -35.66 -41.99 50.43
C LEU D 33 -34.60 -42.97 50.91
N ASN D 34 -33.36 -42.47 51.03
CA ASN D 34 -32.23 -43.26 51.49
C ASN D 34 -31.49 -42.50 52.58
N TRP D 35 -30.85 -43.24 53.47
CA TRP D 35 -30.10 -42.67 54.58
C TRP D 35 -28.72 -43.32 54.65
N TYR D 36 -27.76 -42.56 55.15
CA TYR D 36 -26.37 -43.02 55.26
C TYR D 36 -25.87 -42.82 56.68
N GLN D 37 -24.95 -43.68 57.09
CA GLN D 37 -24.29 -43.57 58.38
C GLN D 37 -22.78 -43.58 58.16
N GLN D 38 -22.09 -42.61 58.76
CA GLN D 38 -20.65 -42.43 58.56
C GLN D 38 -19.97 -42.31 59.92
N LYS D 39 -18.89 -43.06 60.11
CA LYS D 39 -18.12 -43.05 61.33
C LYS D 39 -16.77 -42.38 61.06
N SER D 40 -15.97 -42.21 62.12
CA SER D 40 -14.68 -41.55 61.99
C SER D 40 -13.81 -42.24 60.94
N GLY D 41 -13.47 -43.51 61.18
CA GLY D 41 -12.86 -44.31 60.14
C GLY D 41 -13.79 -45.42 59.69
N LYS D 42 -14.44 -45.24 58.55
CA LYS D 42 -15.48 -46.13 58.06
C LYS D 42 -15.92 -45.61 56.69
N ALA D 43 -16.77 -46.36 56.01
CA ALA D 43 -17.32 -45.96 54.73
C ALA D 43 -18.84 -45.98 54.79
N PRO D 44 -19.52 -45.09 54.06
CA PRO D 44 -20.98 -45.11 54.06
C PRO D 44 -21.53 -46.43 53.54
N LYS D 45 -22.62 -46.89 54.16
CA LYS D 45 -23.23 -48.16 53.81
C LYS D 45 -24.74 -48.00 53.73
N LEU D 46 -25.36 -48.66 52.77
CA LEU D 46 -26.81 -48.71 52.68
C LEU D 46 -27.36 -49.50 53.86
N LEU D 47 -28.23 -48.87 54.65
CA LEU D 47 -28.83 -49.50 55.81
C LEU D 47 -30.30 -49.85 55.57
N ILE D 48 -31.08 -48.89 55.10
CA ILE D 48 -32.50 -49.07 54.83
C ILE D 48 -32.77 -48.68 53.38
N TYR D 49 -33.45 -49.57 52.66
CA TYR D 49 -33.91 -49.29 51.31
C TYR D 49 -35.42 -49.48 51.26
N ASP D 50 -36.07 -48.63 50.45
CA ASP D 50 -37.52 -48.52 50.31
C ASP D 50 -38.22 -48.02 51.56
N ALA D 51 -37.47 -47.68 52.62
CA ALA D 51 -37.99 -47.12 53.86
C ALA D 51 -38.99 -48.05 54.54
N SER D 52 -38.99 -49.34 54.20
CA SER D 52 -39.91 -50.29 54.81
C SER D 52 -39.24 -51.60 55.21
N ASN D 53 -37.97 -51.82 54.86
CA ASN D 53 -37.26 -53.04 55.18
C ASN D 53 -36.04 -52.72 56.03
N LEU D 54 -35.89 -53.40 57.16
CA LEU D 54 -34.75 -53.22 58.05
C LEU D 54 -33.76 -54.35 57.82
N GLU D 55 -32.61 -54.02 57.24
CA GLU D 55 -31.58 -55.01 56.99
C GLU D 55 -31.01 -55.54 58.31
N THR D 56 -30.72 -56.84 58.34
CA THR D 56 -30.27 -57.48 59.57
C THR D 56 -28.96 -56.87 60.05
N GLY D 57 -28.90 -56.57 61.35
CA GLY D 57 -27.73 -55.98 61.95
C GLY D 57 -27.81 -54.48 62.18
N VAL D 58 -28.72 -53.79 61.51
CA VAL D 58 -28.86 -52.35 61.69
C VAL D 58 -29.67 -52.07 62.95
N PRO D 59 -29.18 -51.23 63.86
CA PRO D 59 -29.96 -50.90 65.06
C PRO D 59 -31.30 -50.27 64.70
N SER D 60 -32.31 -50.57 65.52
CA SER D 60 -33.67 -50.11 65.27
C SER D 60 -33.92 -48.69 65.75
N ARG D 61 -32.94 -48.04 66.40
CA ARG D 61 -33.13 -46.69 66.89
C ARG D 61 -33.32 -45.68 65.76
N PHE D 62 -32.89 -46.00 64.55
CA PHE D 62 -33.03 -45.09 63.42
C PHE D 62 -34.43 -45.21 62.82
N SER D 63 -35.12 -44.08 62.72
CA SER D 63 -36.48 -44.07 62.21
C SER D 63 -36.73 -42.77 61.45
N GLY D 64 -37.72 -42.80 60.57
CA GLY D 64 -38.09 -41.63 59.81
C GLY D 64 -39.60 -41.47 59.74
N SER D 65 -40.02 -40.25 59.47
CA SER D 65 -41.44 -39.92 59.40
C SER D 65 -41.65 -38.80 58.39
N GLY D 66 -42.88 -38.66 57.94
CA GLY D 66 -43.26 -37.63 57.00
C GLY D 66 -43.49 -38.20 55.61
N SER D 67 -44.25 -37.43 54.82
CA SER D 67 -44.56 -37.80 53.45
C SER D 67 -44.68 -36.55 52.60
N GLY D 68 -44.46 -36.72 51.30
CA GLY D 68 -44.54 -35.62 50.36
C GLY D 68 -43.20 -35.03 50.00
N THR D 69 -43.02 -33.73 50.26
CA THR D 69 -41.79 -33.03 49.91
C THR D 69 -41.04 -32.50 51.12
N ASP D 70 -41.59 -32.61 52.33
CA ASP D 70 -40.94 -32.12 53.54
C ASP D 70 -40.61 -33.29 54.45
N PHE D 71 -39.34 -33.41 54.83
CA PHE D 71 -38.89 -34.43 55.76
C PHE D 71 -37.97 -33.79 56.79
N THR D 72 -38.00 -34.34 58.00
CA THR D 72 -37.21 -33.82 59.11
C THR D 72 -36.40 -34.94 59.75
N PHE D 73 -35.20 -34.58 60.21
CA PHE D 73 -34.32 -35.51 60.91
C PHE D 73 -34.11 -34.99 62.33
N THR D 74 -34.44 -35.81 63.32
CA THR D 74 -34.36 -35.43 64.72
C THR D 74 -33.62 -36.50 65.50
N ILE D 75 -32.74 -36.08 66.40
CA ILE D 75 -32.00 -36.99 67.27
C ILE D 75 -32.60 -36.89 68.66
N SER D 76 -33.05 -38.04 69.20
CA SER D 76 -33.65 -38.05 70.52
C SER D 76 -32.64 -37.67 71.60
N SER D 77 -31.41 -38.18 71.50
CA SER D 77 -30.39 -37.90 72.49
C SER D 77 -29.03 -37.91 71.79
N LEU D 78 -28.42 -36.75 71.65
CA LEU D 78 -27.11 -36.65 71.02
C LEU D 78 -26.05 -37.32 71.88
N GLN D 79 -25.17 -38.07 71.24
CA GLN D 79 -24.09 -38.79 71.91
C GLN D 79 -22.76 -38.47 71.26
N PRO D 80 -21.66 -38.55 72.01
CA PRO D 80 -20.34 -38.33 71.39
C PRO D 80 -20.02 -39.29 70.26
N GLU D 81 -20.54 -40.51 70.32
CA GLU D 81 -20.32 -41.48 69.25
C GLU D 81 -21.31 -41.35 68.11
N ASP D 82 -22.26 -40.41 68.19
CA ASP D 82 -23.25 -40.20 67.16
C ASP D 82 -22.85 -39.14 66.14
N ILE D 83 -21.64 -38.61 66.22
CA ILE D 83 -21.20 -37.60 65.28
C ILE D 83 -21.06 -38.24 63.90
N ALA D 84 -21.81 -37.72 62.93
CA ALA D 84 -21.84 -38.30 61.60
C ALA D 84 -22.32 -37.27 60.61
N THR D 85 -22.09 -37.56 59.33
CA THR D 85 -22.61 -36.77 58.22
C THR D 85 -23.63 -37.60 57.46
N TYR D 86 -24.83 -37.06 57.28
CA TYR D 86 -25.92 -37.76 56.66
C TYR D 86 -26.12 -37.28 55.23
N TYR D 87 -26.22 -38.22 54.29
CA TYR D 87 -26.47 -37.93 52.89
C TYR D 87 -27.87 -38.40 52.53
N CYS D 88 -28.54 -37.65 51.65
CA CYS D 88 -29.87 -37.99 51.20
C CYS D 88 -29.83 -38.39 49.73
N GLN D 89 -30.40 -39.55 49.41
CA GLN D 89 -30.41 -40.08 48.06
C GLN D 89 -31.84 -40.45 47.67
N GLN D 90 -32.20 -40.14 46.42
CA GLN D 90 -33.51 -40.45 45.88
C GLN D 90 -33.37 -41.12 44.53
N TYR D 91 -34.31 -42.01 44.22
CA TYR D 91 -34.32 -42.74 42.97
C TYR D 91 -35.71 -42.68 42.36
N ASP D 92 -35.75 -42.63 41.03
CA ASP D 92 -37.01 -42.63 40.29
C ASP D 92 -36.88 -43.61 39.13
N SER D 93 -37.90 -43.63 38.27
CA SER D 93 -37.92 -44.58 37.16
C SER D 93 -36.94 -44.23 36.05
N LEU D 94 -36.35 -43.02 36.06
CA LEU D 94 -35.42 -42.60 35.04
C LEU D 94 -33.97 -42.85 35.42
N GLY D 95 -33.53 -42.33 36.56
CA GLY D 95 -32.16 -42.49 36.98
C GLY D 95 -31.93 -42.14 38.44
N PHE D 96 -30.75 -41.62 38.75
CA PHE D 96 -30.39 -41.22 40.10
C PHE D 96 -29.71 -39.86 40.09
N THR D 97 -30.24 -38.93 40.87
CA THR D 97 -29.74 -37.56 40.92
C THR D 97 -29.26 -37.27 42.34
N PHE D 98 -28.09 -36.64 42.44
CA PHE D 98 -27.47 -36.34 43.72
C PHE D 98 -27.39 -34.84 43.94
N GLY D 99 -27.43 -34.44 45.21
CA GLY D 99 -27.28 -33.05 45.59
C GLY D 99 -25.91 -32.79 46.18
N PRO D 100 -25.53 -31.52 46.31
CA PRO D 100 -24.21 -31.20 46.87
C PRO D 100 -24.03 -31.68 48.30
N GLY D 101 -25.08 -31.67 49.10
CA GLY D 101 -24.99 -32.06 50.50
C GLY D 101 -24.36 -30.98 51.36
N THR D 102 -24.23 -31.29 52.64
CA THR D 102 -23.66 -30.39 53.63
C THR D 102 -22.57 -31.11 54.40
N LYS D 103 -21.41 -30.46 54.52
CA LYS D 103 -20.26 -31.04 55.21
C LYS D 103 -20.09 -30.39 56.57
N VAL D 104 -19.93 -31.22 57.60
CA VAL D 104 -19.76 -30.74 58.96
C VAL D 104 -18.28 -30.74 59.33
N GLN E 3 28.80 -72.91 -24.47
CA GLN E 3 27.59 -72.39 -25.12
C GLN E 3 26.49 -72.13 -24.09
N LEU E 4 25.74 -71.05 -24.31
CA LEU E 4 24.58 -70.71 -23.49
C LEU E 4 23.33 -71.07 -24.29
N VAL E 5 22.39 -71.76 -23.64
CA VAL E 5 21.26 -72.37 -24.32
C VAL E 5 20.01 -71.52 -24.11
N GLN E 6 19.40 -71.07 -25.20
CA GLN E 6 18.11 -70.39 -25.20
C GLN E 6 17.19 -71.02 -26.23
N SER E 7 16.05 -70.37 -26.46
CA SER E 7 15.01 -70.95 -27.31
C SER E 7 15.02 -70.35 -28.72
N GLY E 8 14.46 -71.07 -29.68
CA GLY E 8 14.37 -70.60 -31.05
C GLY E 8 13.05 -69.92 -31.35
N ALA E 9 12.67 -69.94 -32.63
CA ALA E 9 11.78 -68.95 -33.24
C ALA E 9 10.32 -69.14 -32.80
N GLU E 10 9.33 -68.74 -33.61
CA GLU E 10 7.91 -68.99 -33.29
C GLU E 10 7.16 -69.95 -34.21
N VAL E 11 6.30 -70.76 -33.61
CA VAL E 11 5.13 -71.32 -34.28
C VAL E 11 3.99 -71.32 -33.26
N LYS E 12 3.17 -70.27 -33.31
CA LYS E 12 2.08 -70.09 -32.35
C LYS E 12 1.25 -68.88 -32.73
N LYS E 13 0.01 -68.86 -32.23
CA LYS E 13 -0.91 -67.78 -32.54
C LYS E 13 -0.70 -66.60 -31.59
N PRO E 14 -1.06 -65.39 -32.02
CA PRO E 14 -0.91 -64.23 -31.14
C PRO E 14 -1.88 -64.28 -29.97
N GLY E 15 -1.60 -63.48 -28.95
CA GLY E 15 -2.44 -63.37 -27.78
C GLY E 15 -2.08 -64.29 -26.63
N GLU E 16 -1.03 -65.10 -26.77
CA GLU E 16 -0.64 -66.03 -25.74
C GLU E 16 0.53 -65.48 -24.92
N SER E 17 0.54 -65.84 -23.63
CA SER E 17 1.63 -65.48 -22.74
C SER E 17 2.72 -66.54 -22.82
N LEU E 18 3.97 -66.10 -22.70
CA LEU E 18 5.11 -66.98 -22.91
C LEU E 18 6.29 -66.54 -22.04
N ARG E 19 7.22 -67.47 -21.81
CA ARG E 19 8.36 -67.27 -20.95
C ARG E 19 9.62 -67.75 -21.65
N ILE E 20 10.74 -67.07 -21.40
CA ILE E 20 12.03 -67.44 -21.97
C ILE E 20 12.97 -67.85 -20.85
N SER E 21 14.15 -68.33 -21.24
CA SER E 21 15.15 -68.76 -20.28
C SER E 21 16.54 -68.52 -20.87
N CYS E 22 17.53 -68.43 -19.98
CA CYS E 22 18.93 -68.31 -20.38
C CYS E 22 19.73 -69.21 -19.44
N LYS E 23 20.03 -70.41 -19.91
CA LYS E 23 20.63 -71.45 -19.08
C LYS E 23 22.10 -71.66 -19.46
N GLY E 24 22.96 -71.73 -18.46
CA GLY E 24 24.36 -72.02 -18.68
C GLY E 24 24.74 -73.41 -18.19
N SER E 25 25.84 -73.96 -18.71
CA SER E 25 26.28 -75.29 -18.36
C SER E 25 27.75 -75.28 -17.95
N GLY E 26 28.11 -76.19 -17.06
CA GLY E 26 29.48 -76.32 -16.60
C GLY E 26 29.91 -75.35 -15.53
N TYR E 27 29.01 -74.49 -15.05
CA TYR E 27 29.36 -73.52 -14.03
C TYR E 27 28.10 -73.13 -13.27
N SER E 28 28.29 -72.52 -12.10
CA SER E 28 27.18 -72.05 -11.29
C SER E 28 26.60 -70.79 -11.93
N PHE E 29 25.32 -70.86 -12.29
CA PHE E 29 24.68 -69.72 -12.95
C PHE E 29 24.56 -68.53 -12.02
N THR E 30 24.22 -68.77 -10.76
CA THR E 30 24.03 -67.68 -9.79
C THR E 30 25.34 -67.10 -9.30
N ASN E 31 26.48 -67.72 -9.60
CA ASN E 31 27.78 -67.23 -9.17
C ASN E 31 28.47 -66.39 -10.25
N TYR E 32 27.80 -66.14 -11.37
CA TYR E 32 28.37 -65.35 -12.46
C TYR E 32 27.42 -64.20 -12.79
N TRP E 33 28.02 -63.04 -13.09
CA TRP E 33 27.23 -61.88 -13.46
C TRP E 33 26.54 -62.08 -14.81
N ILE E 34 25.27 -61.70 -14.89
CA ILE E 34 24.48 -61.81 -16.11
C ILE E 34 24.05 -60.41 -16.52
N SER E 35 24.35 -60.05 -17.76
CA SER E 35 24.02 -58.74 -18.31
C SER E 35 22.98 -58.90 -19.41
N TRP E 36 21.97 -58.03 -19.38
CA TRP E 36 20.91 -58.03 -20.37
C TRP E 36 21.05 -56.82 -21.28
N VAL E 37 21.27 -57.06 -22.56
CA VAL E 37 21.50 -56.01 -23.55
C VAL E 37 20.43 -56.12 -24.61
N ARG E 38 19.83 -55.00 -24.97
CA ARG E 38 18.68 -54.98 -25.86
C ARG E 38 19.09 -54.54 -27.26
N GLN E 39 18.71 -55.32 -28.26
CA GLN E 39 19.01 -55.03 -29.66
C GLN E 39 17.86 -55.54 -30.52
N MET E 40 17.62 -54.86 -31.62
CA MET E 40 16.49 -55.11 -32.49
C MET E 40 16.63 -54.29 -33.78
N PRO E 41 15.84 -54.62 -34.84
CA PRO E 41 16.31 -54.36 -36.21
C PRO E 41 16.55 -52.91 -36.57
N GLY E 42 17.80 -52.53 -36.87
CA GLY E 42 18.04 -51.26 -37.52
C GLY E 42 19.30 -50.52 -37.12
N LYS E 43 19.74 -50.68 -35.88
CA LYS E 43 20.94 -50.01 -35.38
C LYS E 43 21.54 -50.84 -34.24
N GLY E 44 22.43 -50.20 -33.48
CA GLY E 44 23.19 -50.88 -32.47
C GLY E 44 22.38 -51.29 -31.25
N LEU E 45 23.09 -51.41 -30.13
CA LEU E 45 22.51 -51.97 -28.91
C LEU E 45 21.94 -50.88 -28.02
N GLU E 46 21.21 -51.31 -27.00
CA GLU E 46 20.88 -50.48 -25.85
C GLU E 46 21.19 -51.29 -24.59
N TRP E 47 21.70 -50.62 -23.57
CA TRP E 47 22.07 -51.27 -22.31
C TRP E 47 21.18 -50.70 -21.20
N MET E 48 20.43 -51.57 -20.54
CA MET E 48 19.51 -51.15 -19.49
C MET E 48 20.04 -51.37 -18.09
N GLY E 49 20.82 -52.41 -17.88
CA GLY E 49 21.40 -52.67 -16.58
C GLY E 49 21.62 -54.15 -16.37
N ARG E 50 22.15 -54.47 -15.19
CA ARG E 50 22.44 -55.84 -14.80
C ARG E 50 21.97 -56.06 -13.37
N ILE E 51 21.66 -57.31 -13.05
CA ILE E 51 21.18 -57.70 -11.73
C ILE E 51 22.17 -58.67 -11.11
N ASP E 52 22.48 -58.46 -9.84
CA ASP E 52 23.31 -59.39 -9.07
C ASP E 52 22.46 -60.03 -8.00
N PRO E 53 21.99 -61.27 -8.19
CA PRO E 53 21.10 -61.88 -7.19
C PRO E 53 21.75 -62.08 -5.83
N SER E 54 23.08 -62.06 -5.74
CA SER E 54 23.74 -62.22 -4.45
C SER E 54 23.41 -61.06 -3.51
N ASP E 55 23.38 -59.84 -4.03
CA ASP E 55 23.11 -58.66 -3.22
C ASP E 55 21.97 -57.79 -3.74
N SER E 56 21.30 -58.20 -4.82
CA SER E 56 20.19 -57.45 -5.40
C SER E 56 20.60 -56.02 -5.77
N TYR E 57 21.83 -55.89 -6.29
CA TYR E 57 22.35 -54.59 -6.71
C TYR E 57 22.01 -54.38 -8.18
N ILE E 58 21.22 -53.34 -8.46
CA ILE E 58 20.76 -53.06 -9.81
C ILE E 58 21.23 -51.66 -10.20
N ASN E 59 21.91 -51.56 -11.33
CA ASN E 59 22.34 -50.28 -11.90
C ASN E 59 21.44 -49.99 -13.10
N TYR E 60 20.39 -49.20 -12.89
CA TYR E 60 19.40 -48.93 -13.92
C TYR E 60 19.88 -47.82 -14.84
N SER E 61 19.81 -48.07 -16.14
CA SER E 61 20.16 -47.05 -17.12
C SER E 61 19.15 -45.90 -17.04
N PRO E 62 19.64 -44.65 -17.12
CA PRO E 62 18.72 -43.51 -17.03
C PRO E 62 17.65 -43.48 -18.10
N SER E 63 17.94 -44.00 -19.29
CA SER E 63 16.94 -44.03 -20.35
C SER E 63 15.79 -44.98 -20.05
N PHE E 64 15.99 -45.93 -19.14
CA PHE E 64 14.94 -46.86 -18.75
C PHE E 64 13.91 -46.13 -17.90
N GLN E 65 12.63 -46.34 -18.20
CA GLN E 65 11.54 -45.63 -17.53
C GLN E 65 10.61 -46.58 -16.79
N GLY E 66 11.16 -47.66 -16.24
CA GLY E 66 10.37 -48.60 -15.47
C GLY E 66 9.30 -49.31 -16.25
N HIS E 67 9.58 -49.65 -17.51
CA HIS E 67 8.60 -50.35 -18.35
C HIS E 67 8.70 -51.87 -18.20
N ALA E 68 9.93 -52.39 -18.14
CA ALA E 68 10.17 -53.83 -18.02
C ALA E 68 10.60 -54.15 -16.60
N THR E 69 9.72 -54.80 -15.85
CA THR E 69 10.03 -55.18 -14.48
C THR E 69 11.14 -56.23 -14.45
N ILE E 70 11.94 -56.18 -13.39
CA ILE E 70 13.03 -57.13 -13.18
C ILE E 70 12.68 -58.03 -12.02
N SER E 71 12.68 -59.34 -12.26
CA SER E 71 12.31 -60.31 -11.24
C SER E 71 13.31 -61.46 -11.25
N ALA E 72 13.43 -62.12 -10.11
CA ALA E 72 14.30 -63.26 -9.94
C ALA E 72 13.56 -64.38 -9.21
N ASP E 73 13.95 -65.62 -9.50
CA ASP E 73 13.35 -66.80 -8.89
C ASP E 73 14.44 -67.55 -8.14
N LYS E 74 14.50 -67.34 -6.82
CA LYS E 74 15.49 -68.01 -5.99
C LYS E 74 15.16 -69.48 -5.73
N SER E 75 13.91 -69.89 -5.96
CA SER E 75 13.54 -71.28 -5.73
C SER E 75 14.27 -72.21 -6.69
N ILE E 76 14.39 -71.82 -7.95
CA ILE E 76 15.04 -72.65 -8.97
C ILE E 76 16.41 -72.12 -9.36
N SER E 77 16.86 -71.02 -8.75
CA SER E 77 18.18 -70.44 -9.03
C SER E 77 18.34 -70.12 -10.52
N THR E 78 17.24 -69.67 -11.15
CA THR E 78 17.23 -69.34 -12.56
C THR E 78 16.73 -67.91 -12.74
N ALA E 79 17.35 -67.19 -13.68
CA ALA E 79 16.99 -65.81 -13.96
C ALA E 79 15.95 -65.76 -15.07
N TYR E 80 14.80 -65.18 -14.76
CA TYR E 80 13.72 -65.01 -15.72
C TYR E 80 13.38 -63.53 -15.83
N LEU E 81 12.95 -63.12 -17.02
CA LEU E 81 12.58 -61.75 -17.30
C LEU E 81 11.09 -61.70 -17.63
N GLN E 82 10.37 -60.80 -16.98
CA GLN E 82 8.93 -60.67 -17.15
C GLN E 82 8.58 -59.19 -17.32
N TRP E 83 7.41 -58.96 -17.92
CA TRP E 83 6.92 -57.61 -18.19
C TRP E 83 5.57 -57.43 -17.52
N GLY E 84 5.42 -56.32 -16.78
CA GLY E 84 4.19 -56.07 -16.06
C GLY E 84 3.01 -55.85 -16.98
N SER E 85 3.19 -55.05 -18.03
CA SER E 85 2.12 -54.74 -18.97
C SER E 85 2.66 -54.84 -20.38
N LEU E 86 2.14 -55.78 -21.16
CA LEU E 86 2.57 -55.99 -22.53
C LEU E 86 1.71 -55.19 -23.49
N LYS E 87 2.36 -54.62 -24.51
CA LYS E 87 1.68 -53.88 -25.56
C LYS E 87 2.17 -54.40 -26.91
N ALA E 88 1.45 -54.04 -27.97
CA ALA E 88 1.90 -54.40 -29.32
C ALA E 88 3.26 -53.80 -29.62
N SER E 89 3.55 -52.61 -29.09
CA SER E 89 4.83 -51.96 -29.30
C SER E 89 5.90 -52.39 -28.30
N ASP E 90 6.10 -53.70 -28.11
CA ASP E 90 7.16 -54.18 -27.24
C ASP E 90 8.24 -54.95 -27.99
N THR E 91 8.44 -54.66 -29.27
CA THR E 91 9.33 -55.46 -30.11
C THR E 91 10.79 -55.24 -29.73
N ALA E 92 11.34 -56.11 -28.88
CA ALA E 92 12.72 -55.99 -28.43
C ALA E 92 13.28 -57.41 -28.25
N MET E 93 14.60 -57.51 -28.36
CA MET E 93 15.33 -58.74 -28.07
C MET E 93 16.33 -58.46 -26.96
N TYR E 94 16.59 -59.47 -26.12
CA TYR E 94 17.44 -59.29 -24.97
C TYR E 94 18.62 -60.25 -25.02
N TYR E 95 19.82 -59.70 -24.86
CA TYR E 95 21.04 -60.48 -24.76
C TYR E 95 21.17 -61.05 -23.36
N CYS E 96 21.84 -62.19 -23.24
CA CYS E 96 22.27 -62.72 -21.95
C CYS E 96 23.68 -63.27 -22.10
N ALA E 97 24.59 -62.77 -21.27
CA ALA E 97 25.99 -63.13 -21.36
C ALA E 97 26.59 -63.22 -19.97
N ARG E 98 27.67 -63.98 -19.86
CA ARG E 98 28.38 -64.15 -18.60
C ARG E 98 29.29 -62.96 -18.34
N GLY E 99 29.20 -62.42 -17.13
CA GLY E 99 30.00 -61.27 -16.74
C GLY E 99 31.35 -61.66 -16.18
N ARG E 100 31.95 -60.73 -15.44
CA ARG E 100 33.23 -60.97 -14.82
C ARG E 100 33.13 -62.03 -13.73
N ASN E 101 34.22 -62.77 -13.55
CA ASN E 101 34.27 -63.81 -12.54
C ASN E 101 34.26 -63.19 -11.14
N TYR E 102 33.83 -63.99 -10.17
CA TYR E 102 33.76 -63.52 -8.80
C TYR E 102 35.14 -63.20 -8.24
N LEU E 103 36.15 -63.99 -8.60
CA LEU E 103 37.52 -63.74 -8.12
C LEU E 103 38.23 -62.64 -8.91
N ASP E 104 37.65 -62.18 -10.02
CA ASP E 104 38.26 -61.16 -10.86
C ASP E 104 37.57 -59.82 -10.63
N SER E 105 38.35 -58.78 -10.40
CA SER E 105 37.83 -57.44 -10.17
C SER E 105 37.71 -56.62 -11.46
N ARG E 106 38.03 -57.20 -12.61
CA ARG E 106 37.96 -56.52 -13.90
C ARG E 106 36.83 -57.11 -14.72
N GLY E 107 35.97 -56.24 -15.26
CA GLY E 107 34.84 -56.68 -16.06
C GLY E 107 35.21 -56.90 -17.52
N ARG E 108 34.60 -57.93 -18.10
CA ARG E 108 34.84 -58.27 -19.50
C ARG E 108 33.64 -59.03 -20.03
N PHE E 109 33.52 -59.04 -21.36
CA PHE E 109 32.47 -59.77 -22.07
C PHE E 109 33.15 -60.70 -23.06
N ASP E 110 33.34 -61.96 -22.64
CA ASP E 110 34.04 -62.93 -23.47
C ASP E 110 33.10 -63.85 -24.24
N TYR E 111 31.92 -64.13 -23.69
CA TYR E 111 30.96 -65.04 -24.31
C TYR E 111 29.67 -64.30 -24.62
N TRP E 112 29.11 -64.59 -25.79
CA TRP E 112 27.84 -64.01 -26.22
C TRP E 112 26.86 -65.13 -26.53
N GLY E 113 25.60 -64.76 -26.73
CA GLY E 113 24.55 -65.75 -26.87
C GLY E 113 24.71 -66.62 -28.11
N GLN E 114 23.96 -67.73 -28.12
CA GLN E 114 24.03 -68.69 -29.21
C GLN E 114 22.81 -68.65 -30.12
N GLY E 115 21.63 -68.36 -29.59
CA GLY E 115 20.50 -68.13 -30.46
C GLY E 115 19.19 -67.84 -29.76
N THR E 116 18.58 -66.72 -30.14
CA THR E 116 17.20 -66.41 -29.81
C THR E 116 16.72 -65.42 -30.87
N LEU E 117 16.01 -65.92 -31.87
CA LEU E 117 15.43 -65.09 -32.93
C LEU E 117 13.95 -64.99 -32.61
N VAL E 118 13.44 -63.77 -32.53
CA VAL E 118 12.43 -63.44 -31.52
C VAL E 118 11.19 -62.87 -32.21
N THR E 119 9.98 -63.16 -31.67
CA THR E 119 8.72 -62.87 -32.35
C THR E 119 7.50 -63.01 -31.45
N VAL E 120 6.77 -61.91 -31.26
CA VAL E 120 5.33 -61.85 -30.86
C VAL E 120 4.81 -60.47 -31.23
N ILE F 2 18.88 -74.62 -37.40
CA ILE F 2 18.17 -73.36 -37.62
C ILE F 2 17.91 -73.17 -39.11
N VAL F 3 16.64 -73.22 -39.50
CA VAL F 3 16.23 -73.18 -40.90
C VAL F 3 15.43 -71.91 -41.15
N MET F 4 15.65 -71.28 -42.30
CA MET F 4 14.95 -70.07 -42.69
C MET F 4 14.29 -70.29 -44.04
N THR F 5 13.06 -69.80 -44.18
CA THR F 5 12.31 -69.86 -45.42
C THR F 5 11.63 -68.52 -45.66
N GLN F 6 11.54 -68.15 -46.93
CA GLN F 6 10.85 -66.94 -47.34
C GLN F 6 9.77 -67.29 -48.35
N SER F 7 8.62 -66.64 -48.22
CA SER F 7 7.49 -66.85 -49.11
C SER F 7 6.92 -65.52 -49.55
N PRO F 8 6.38 -65.44 -50.77
CA PRO F 8 6.33 -66.51 -51.77
C PRO F 8 7.65 -66.72 -52.50
N SER F 9 7.84 -67.91 -53.07
CA SER F 9 9.07 -68.20 -53.80
C SER F 9 9.23 -67.29 -55.01
N SER F 10 8.14 -67.08 -55.75
CA SER F 10 8.17 -66.23 -56.93
C SER F 10 6.81 -65.57 -57.10
N LEU F 11 6.79 -64.43 -57.79
CA LEU F 11 5.56 -63.71 -58.03
C LEU F 11 5.70 -62.90 -59.32
N SER F 12 4.56 -62.60 -59.94
CA SER F 12 4.52 -61.79 -61.16
C SER F 12 3.51 -60.67 -60.96
N ALA F 13 3.93 -59.44 -61.22
CA ALA F 13 3.07 -58.28 -61.05
C ALA F 13 3.55 -57.16 -61.95
N SER F 14 2.68 -56.18 -62.16
CA SER F 14 2.99 -55.03 -63.00
C SER F 14 3.82 -54.02 -62.21
N VAL F 15 4.23 -52.96 -62.91
CA VAL F 15 5.03 -51.91 -62.29
C VAL F 15 4.16 -51.12 -61.30
N GLY F 16 4.67 -50.94 -60.08
CA GLY F 16 3.96 -50.22 -59.06
C GLY F 16 2.98 -51.05 -58.25
N ASP F 17 2.83 -52.33 -58.56
CA ASP F 17 1.89 -53.18 -57.83
C ASP F 17 2.40 -53.45 -56.42
N ARG F 18 1.47 -53.81 -55.54
CA ARG F 18 1.80 -54.12 -54.16
C ARG F 18 2.60 -55.42 -54.09
N VAL F 19 3.65 -55.41 -53.28
CA VAL F 19 4.53 -56.57 -53.09
C VAL F 19 4.53 -56.93 -51.61
N THR F 20 4.22 -58.19 -51.30
CA THR F 20 4.16 -58.66 -49.93
C THR F 20 4.99 -59.93 -49.80
N ILE F 21 5.83 -59.98 -48.77
CA ILE F 21 6.70 -61.13 -48.49
C ILE F 21 6.56 -61.51 -47.03
N THR F 22 6.88 -62.78 -46.73
CA THR F 22 6.71 -63.34 -45.40
C THR F 22 7.95 -64.11 -44.98
N CYS F 23 8.13 -64.25 -43.67
CA CYS F 23 9.28 -64.95 -43.10
C CYS F 23 8.81 -65.73 -41.87
N GLN F 24 9.23 -67.00 -41.76
CA GLN F 24 8.60 -67.96 -40.87
C GLN F 24 9.56 -68.43 -39.79
N ALA F 25 9.05 -69.25 -38.86
CA ALA F 25 9.70 -69.47 -37.57
C ALA F 25 9.32 -70.81 -36.94
N SER F 26 9.80 -71.06 -35.71
CA SER F 26 9.88 -72.43 -35.19
C SER F 26 9.16 -72.65 -33.84
N GLN F 27 9.45 -71.84 -32.81
CA GLN F 27 9.51 -72.29 -31.41
C GLN F 27 8.83 -71.26 -30.49
N ASP F 28 9.31 -71.15 -29.25
CA ASP F 28 8.79 -70.17 -28.29
C ASP F 28 9.79 -69.03 -28.01
N ILE F 29 9.31 -67.77 -28.14
CA ILE F 29 10.05 -66.50 -28.07
C ILE F 29 9.22 -65.23 -27.87
N SER F 30 9.63 -64.39 -26.92
CA SER F 30 9.52 -62.89 -26.80
C SER F 30 8.99 -62.21 -28.08
N ASN F 31 9.54 -61.05 -28.48
CA ASN F 31 9.13 -60.36 -29.73
C ASN F 31 10.20 -59.42 -30.29
N TYR F 32 10.98 -59.87 -31.30
CA TYR F 32 11.77 -58.98 -32.19
C TYR F 32 12.46 -59.75 -33.33
N LEU F 33 12.23 -59.31 -34.57
CA LEU F 33 12.89 -59.91 -35.73
C LEU F 33 13.12 -58.86 -36.83
N ASN F 34 14.09 -59.16 -37.69
CA ASN F 34 14.76 -58.22 -38.59
C ASN F 34 14.18 -58.28 -39.99
N TRP F 35 14.49 -57.26 -40.79
CA TRP F 35 14.50 -57.35 -42.25
C TRP F 35 15.66 -56.52 -42.80
N TYR F 36 16.32 -57.05 -43.84
CA TYR F 36 17.49 -56.44 -44.43
C TYR F 36 17.26 -56.20 -45.92
N GLN F 37 17.91 -55.17 -46.45
CA GLN F 37 17.95 -54.92 -47.88
C GLN F 37 19.36 -55.20 -48.39
N GLN F 38 19.52 -56.26 -49.17
CA GLN F 38 20.82 -56.73 -49.60
C GLN F 38 20.83 -56.96 -51.10
N LYS F 39 21.94 -56.60 -51.74
CA LYS F 39 22.12 -56.83 -53.18
C LYS F 39 22.50 -58.29 -53.42
N SER F 40 22.93 -58.59 -54.65
CA SER F 40 23.27 -59.97 -55.00
C SER F 40 24.42 -60.50 -54.16
N GLY F 41 25.49 -59.71 -54.03
CA GLY F 41 26.66 -60.14 -53.29
C GLY F 41 27.31 -59.07 -52.46
N LYS F 42 26.53 -58.10 -51.99
CA LYS F 42 27.05 -56.98 -51.21
C LYS F 42 26.52 -57.06 -49.77
N ALA F 43 26.92 -56.08 -48.96
CA ALA F 43 26.50 -56.04 -47.57
C ALA F 43 25.03 -55.65 -47.45
N PRO F 44 24.33 -56.20 -46.46
CA PRO F 44 22.93 -55.86 -46.28
C PRO F 44 22.75 -54.46 -45.73
N LYS F 45 21.55 -53.92 -45.90
CA LYS F 45 21.21 -52.57 -45.44
C LYS F 45 19.97 -52.65 -44.57
N LEU F 46 19.84 -51.72 -43.63
CA LEU F 46 18.91 -51.84 -42.53
C LEU F 46 18.43 -50.46 -42.10
N LEU F 47 17.23 -50.09 -42.56
CA LEU F 47 16.76 -48.70 -42.58
C LEU F 47 16.16 -48.22 -41.26
N ILE F 48 15.02 -48.79 -40.84
CA ILE F 48 14.30 -48.36 -39.65
C ILE F 48 14.91 -49.12 -38.48
N TYR F 49 14.78 -48.57 -37.26
CA TYR F 49 15.20 -49.34 -36.09
C TYR F 49 14.22 -49.28 -34.94
N ASP F 50 14.29 -50.31 -34.12
CA ASP F 50 13.65 -50.58 -32.83
C ASP F 50 12.19 -51.03 -32.91
N ALA F 51 11.51 -50.86 -34.05
CA ALA F 51 10.17 -51.39 -34.27
C ALA F 51 9.15 -50.84 -33.26
N SER F 52 9.63 -50.09 -32.28
CA SER F 52 8.81 -49.41 -31.29
C SER F 52 9.25 -47.96 -31.14
N ASN F 53 10.40 -47.60 -31.70
CA ASN F 53 10.85 -46.22 -31.85
C ASN F 53 10.93 -45.95 -33.34
N LEU F 54 10.72 -44.70 -33.74
CA LEU F 54 10.72 -44.34 -35.14
C LEU F 54 11.88 -43.40 -35.40
N GLU F 55 12.75 -43.77 -36.35
CA GLU F 55 13.93 -42.97 -36.64
C GLU F 55 13.59 -41.75 -37.46
N THR F 56 14.15 -40.60 -37.06
CA THR F 56 14.02 -39.39 -37.84
C THR F 56 14.78 -39.52 -39.15
N GLY F 57 14.18 -39.02 -40.23
CA GLY F 57 14.76 -39.11 -41.55
C GLY F 57 14.42 -40.37 -42.32
N VAL F 58 13.76 -41.33 -41.68
CA VAL F 58 13.31 -42.53 -42.39
C VAL F 58 12.00 -42.20 -43.11
N PRO F 59 11.92 -42.43 -44.42
CA PRO F 59 10.64 -42.20 -45.12
C PRO F 59 9.55 -43.09 -44.56
N SER F 60 8.34 -42.51 -44.47
CA SER F 60 7.20 -43.23 -43.89
C SER F 60 6.68 -44.33 -44.82
N ARG F 61 7.13 -44.37 -46.07
CA ARG F 61 6.66 -45.38 -47.00
C ARG F 61 7.09 -46.79 -46.61
N PHE F 62 8.13 -46.92 -45.79
CA PHE F 62 8.61 -48.22 -45.34
C PHE F 62 8.02 -48.53 -43.97
N SER F 63 7.42 -49.72 -43.84
CA SER F 63 6.79 -50.13 -42.60
C SER F 63 6.85 -51.63 -42.48
N GLY F 64 6.70 -52.11 -41.24
CA GLY F 64 6.69 -53.54 -40.98
C GLY F 64 5.56 -53.90 -40.03
N SER F 65 5.14 -55.16 -40.12
CA SER F 65 4.04 -55.66 -39.31
C SER F 65 4.18 -57.17 -39.15
N GLY F 66 3.19 -57.75 -38.51
CA GLY F 66 3.16 -59.18 -38.27
C GLY F 66 3.08 -59.51 -36.79
N SER F 67 2.36 -60.58 -36.47
CA SER F 67 2.19 -61.00 -35.09
C SER F 67 2.08 -62.52 -35.04
N GLY F 68 2.58 -63.09 -33.95
CA GLY F 68 2.52 -64.52 -33.74
C GLY F 68 3.62 -65.29 -34.45
N THR F 69 3.46 -65.49 -35.77
CA THR F 69 4.46 -66.20 -36.55
C THR F 69 5.05 -65.37 -37.70
N ASP F 70 4.21 -64.80 -38.56
CA ASP F 70 4.63 -64.27 -39.84
C ASP F 70 4.93 -62.78 -39.74
N PHE F 71 5.76 -62.30 -40.65
CA PHE F 71 6.05 -60.89 -40.79
C PHE F 71 5.71 -60.44 -42.20
N THR F 72 4.99 -59.32 -42.28
CA THR F 72 4.46 -58.81 -43.54
C THR F 72 5.15 -57.49 -43.86
N PHE F 73 5.93 -57.49 -44.94
CA PHE F 73 6.55 -56.28 -45.46
C PHE F 73 5.92 -55.95 -46.79
N THR F 74 5.32 -54.76 -46.87
CA THR F 74 4.55 -54.36 -48.04
C THR F 74 5.28 -53.23 -48.75
N ILE F 75 5.48 -53.39 -50.06
CA ILE F 75 6.10 -52.38 -50.90
C ILE F 75 4.98 -51.70 -51.68
N SER F 76 4.63 -50.47 -51.27
CA SER F 76 3.56 -49.75 -51.93
C SER F 76 3.91 -49.38 -53.36
N SER F 77 5.17 -49.02 -53.62
CA SER F 77 5.60 -48.65 -54.97
C SER F 77 7.08 -48.99 -55.11
N LEU F 78 7.41 -49.76 -56.14
CA LEU F 78 8.80 -50.09 -56.41
C LEU F 78 9.57 -48.84 -56.86
N GLN F 79 10.82 -48.75 -56.42
CA GLN F 79 11.67 -47.60 -56.71
C GLN F 79 12.96 -48.05 -57.36
N PRO F 80 13.58 -47.18 -58.17
CA PRO F 80 14.87 -47.53 -58.78
C PRO F 80 15.96 -47.83 -57.76
N GLU F 81 15.89 -47.23 -56.57
CA GLU F 81 16.87 -47.45 -55.52
C GLU F 81 16.51 -48.61 -54.60
N ASP F 82 15.37 -49.25 -54.82
CA ASP F 82 14.92 -50.37 -53.99
C ASP F 82 15.03 -51.71 -54.72
N ILE F 83 15.82 -51.78 -55.78
CA ILE F 83 15.95 -53.02 -56.55
C ILE F 83 16.96 -53.95 -55.87
N ALA F 84 16.45 -54.80 -54.99
CA ALA F 84 17.28 -55.75 -54.24
C ALA F 84 16.36 -56.80 -53.63
N THR F 85 16.96 -57.80 -52.99
CA THR F 85 16.24 -58.86 -52.33
C THR F 85 16.23 -58.61 -50.82
N TYR F 86 15.04 -58.73 -50.22
CA TYR F 86 14.85 -58.42 -48.80
C TYR F 86 15.00 -59.71 -47.99
N TYR F 87 15.96 -59.70 -47.06
CA TYR F 87 16.31 -60.89 -46.29
C TYR F 87 16.03 -60.69 -44.80
N CYS F 88 15.28 -61.61 -44.21
CA CYS F 88 15.25 -61.76 -42.76
C CYS F 88 16.42 -62.63 -42.35
N GLN F 89 17.33 -62.08 -41.55
CA GLN F 89 18.63 -62.68 -41.31
C GLN F 89 18.70 -63.25 -39.90
N GLN F 90 19.37 -64.39 -39.76
CA GLN F 90 19.50 -65.12 -38.51
C GLN F 90 20.80 -64.75 -37.82
N TYR F 91 20.69 -64.22 -36.60
CA TYR F 91 21.83 -64.10 -35.69
C TYR F 91 21.33 -64.05 -34.25
N ASP F 92 22.29 -63.93 -33.33
CA ASP F 92 21.98 -63.85 -31.91
C ASP F 92 22.82 -62.78 -31.21
N ALA G 33 -35.94 -36.70 -30.75
CA ALA G 33 -36.29 -35.38 -31.23
C ALA G 33 -35.76 -34.30 -30.28
N TYR G 34 -35.47 -33.13 -30.84
CA TYR G 34 -34.94 -32.01 -30.07
C TYR G 34 -36.00 -30.91 -30.01
N THR G 35 -35.99 -30.16 -28.91
CA THR G 35 -36.91 -29.05 -28.72
C THR G 35 -36.20 -27.93 -27.98
N ASN G 36 -36.91 -26.83 -27.77
CA ASN G 36 -36.34 -25.62 -27.21
C ASN G 36 -36.85 -25.42 -25.78
N SER G 37 -35.95 -25.55 -24.81
CA SER G 37 -36.25 -25.23 -23.41
C SER G 37 -36.01 -23.74 -23.24
N PHE G 38 -37.07 -22.95 -23.39
CA PHE G 38 -36.95 -21.51 -23.53
C PHE G 38 -36.35 -20.85 -22.29
N THR G 39 -37.06 -20.89 -21.17
CA THR G 39 -36.60 -20.28 -19.93
C THR G 39 -36.77 -21.27 -18.77
N ARG G 40 -36.34 -22.50 -19.01
CA ARG G 40 -36.58 -23.60 -18.07
C ARG G 40 -35.27 -24.02 -17.42
N GLY G 41 -35.33 -24.27 -16.11
CA GLY G 41 -34.15 -24.61 -15.34
C GLY G 41 -33.71 -23.50 -14.42
N VAL G 42 -34.67 -22.73 -13.92
CA VAL G 42 -34.38 -21.59 -13.05
C VAL G 42 -34.91 -21.87 -11.65
N TYR G 43 -34.06 -22.40 -10.78
CA TYR G 43 -34.43 -22.76 -9.43
C TYR G 43 -33.87 -21.75 -8.44
N TYR G 44 -34.00 -22.04 -7.14
CA TYR G 44 -33.43 -21.21 -6.09
C TYR G 44 -32.03 -21.70 -5.77
N PRO G 45 -30.99 -20.89 -5.99
CA PRO G 45 -29.63 -21.35 -5.69
C PRO G 45 -29.37 -21.56 -4.21
N ASP G 46 -30.21 -21.00 -3.34
CA ASP G 46 -29.98 -21.07 -1.91
C ASP G 46 -31.33 -21.01 -1.19
N LYS G 47 -31.33 -21.45 0.06
CA LYS G 47 -32.47 -21.25 0.93
C LYS G 47 -32.49 -19.86 1.55
N VAL G 48 -31.47 -19.04 1.27
CA VAL G 48 -31.48 -17.65 1.68
C VAL G 48 -32.74 -16.97 1.15
N PHE G 49 -33.36 -16.16 2.00
CA PHE G 49 -34.53 -15.39 1.60
C PHE G 49 -34.09 -14.03 1.08
N ARG G 50 -34.75 -13.56 0.02
CA ARG G 50 -34.50 -12.25 -0.55
C ARG G 50 -35.81 -11.68 -1.07
N SER G 51 -35.97 -10.37 -0.95
CA SER G 51 -37.20 -9.69 -1.34
C SER G 51 -36.91 -8.55 -2.30
N SER G 52 -37.48 -8.65 -3.50
CA SER G 52 -37.45 -7.58 -4.49
C SER G 52 -36.01 -7.13 -4.79
N VAL G 53 -35.13 -8.11 -4.97
CA VAL G 53 -33.74 -7.83 -5.31
C VAL G 53 -33.41 -8.53 -6.62
N LEU G 54 -32.58 -7.88 -7.42
CA LEU G 54 -32.04 -8.44 -8.66
C LEU G 54 -30.68 -9.02 -8.30
N HIS G 55 -30.67 -10.27 -7.86
CA HIS G 55 -29.46 -10.92 -7.36
C HIS G 55 -28.83 -11.74 -8.48
N SER G 56 -27.54 -11.53 -8.73
CA SER G 56 -26.80 -12.27 -9.73
C SER G 56 -25.96 -13.34 -9.05
N THR G 57 -26.25 -14.60 -9.33
CA THR G 57 -25.46 -15.72 -8.83
C THR G 57 -24.85 -16.48 -9.99
N GLN G 58 -23.57 -16.82 -9.86
CA GLN G 58 -22.87 -17.62 -10.88
C GLN G 58 -23.02 -19.08 -10.48
N ASP G 59 -24.22 -19.61 -10.71
CA ASP G 59 -24.56 -20.97 -10.37
C ASP G 59 -24.76 -21.78 -11.65
N LEU G 60 -24.35 -23.04 -11.61
CA LEU G 60 -24.56 -23.91 -12.77
C LEU G 60 -26.05 -24.06 -13.06
N PHE G 61 -26.41 -23.89 -14.32
CA PHE G 61 -27.80 -23.82 -14.75
C PHE G 61 -27.92 -24.43 -16.14
N LEU G 62 -29.15 -24.79 -16.49
CA LEU G 62 -29.46 -25.10 -17.88
C LEU G 62 -29.53 -23.79 -18.66
N PRO G 63 -28.68 -23.60 -19.68
CA PRO G 63 -28.70 -22.31 -20.40
C PRO G 63 -30.04 -22.08 -21.07
N PHE G 64 -30.41 -20.80 -21.17
CA PHE G 64 -31.65 -20.44 -21.84
C PHE G 64 -31.61 -20.88 -23.29
N PHE G 65 -32.76 -21.34 -23.80
CA PHE G 65 -32.90 -21.75 -25.20
C PHE G 65 -31.87 -22.81 -25.58
N SER G 66 -31.52 -23.66 -24.62
CA SER G 66 -30.54 -24.71 -24.86
C SER G 66 -31.16 -25.83 -25.69
N ASN G 67 -30.35 -26.83 -26.01
CA ASN G 67 -30.78 -27.99 -26.79
C ASN G 67 -31.11 -29.11 -25.82
N VAL G 68 -32.40 -29.38 -25.65
CA VAL G 68 -32.88 -30.43 -24.74
C VAL G 68 -33.47 -31.55 -25.58
N THR G 69 -33.00 -32.77 -25.34
CA THR G 69 -33.29 -33.91 -26.21
C THR G 69 -34.52 -34.65 -25.68
N TRP G 70 -35.65 -34.46 -26.36
CA TRP G 70 -36.86 -35.19 -26.02
C TRP G 70 -36.68 -36.68 -26.30
N PHE G 71 -37.01 -37.51 -25.32
CA PHE G 71 -36.92 -38.96 -25.46
C PHE G 71 -38.31 -39.59 -25.43
N HIS G 72 -38.43 -40.75 -26.08
CA HIS G 72 -39.65 -41.54 -26.09
C HIS G 72 -39.32 -42.97 -25.69
N ALA G 73 -40.06 -43.50 -24.72
CA ALA G 73 -39.83 -44.87 -24.24
C ALA G 73 -40.78 -45.85 -24.94
N ILE G 74 -40.49 -46.10 -26.21
CA ILE G 74 -41.30 -47.01 -27.01
C ILE G 74 -40.48 -47.61 -28.14
N ASP G 86 -36.55 -47.52 -26.50
CA ASP G 86 -36.22 -47.99 -25.15
C ASP G 86 -35.70 -46.86 -24.27
N ASN G 87 -34.94 -47.22 -23.25
CA ASN G 87 -34.37 -46.27 -22.29
C ASN G 87 -32.88 -46.52 -22.14
N PRO G 88 -32.07 -46.02 -23.06
CA PRO G 88 -30.61 -46.17 -22.94
C PRO G 88 -30.07 -45.26 -21.84
N VAL G 89 -28.81 -45.48 -21.48
CA VAL G 89 -28.17 -44.67 -20.44
C VAL G 89 -28.10 -43.22 -20.90
N LEU G 90 -28.22 -42.30 -19.94
CA LEU G 90 -28.30 -40.88 -20.24
C LEU G 90 -27.19 -40.11 -19.53
N PRO G 91 -26.75 -39.00 -20.09
CA PRO G 91 -25.63 -38.25 -19.50
C PRO G 91 -26.04 -37.45 -18.26
N PHE G 92 -25.06 -37.20 -17.40
CA PHE G 92 -25.23 -36.40 -16.18
C PHE G 92 -23.94 -35.60 -15.98
N ASN G 93 -23.92 -34.37 -16.49
CA ASN G 93 -22.71 -33.56 -16.40
C ASN G 93 -22.67 -32.73 -15.12
N ASP G 94 -23.61 -31.79 -14.98
CA ASP G 94 -23.76 -30.97 -13.78
C ASP G 94 -25.22 -31.00 -13.34
N GLY G 95 -25.81 -32.19 -13.36
CA GLY G 95 -27.25 -32.33 -13.19
C GLY G 95 -28.00 -32.16 -14.50
N VAL G 96 -29.28 -32.49 -14.47
CA VAL G 96 -30.13 -32.44 -15.65
C VAL G 96 -31.45 -31.79 -15.29
N TYR G 97 -31.91 -30.89 -16.15
CA TYR G 97 -33.26 -30.34 -16.03
C TYR G 97 -34.22 -31.38 -16.60
N PHE G 98 -34.78 -32.21 -15.72
CA PHE G 98 -35.78 -33.16 -16.15
C PHE G 98 -37.13 -32.46 -16.32
N ALA G 99 -38.02 -33.11 -17.07
CA ALA G 99 -39.38 -32.62 -17.25
C ALA G 99 -40.22 -33.76 -17.79
N SER G 100 -41.53 -33.59 -17.71
CA SER G 100 -42.46 -34.62 -18.16
C SER G 100 -43.88 -34.04 -18.18
N THR G 101 -44.74 -34.72 -18.93
CA THR G 101 -46.17 -34.36 -19.01
C THR G 101 -46.95 -35.67 -19.07
N GLU G 102 -47.35 -36.18 -17.90
CA GLU G 102 -48.07 -37.45 -17.80
C GLU G 102 -49.30 -37.27 -16.93
N LYS G 103 -50.39 -37.90 -17.35
CA LYS G 103 -51.63 -37.92 -16.58
C LYS G 103 -51.84 -39.23 -15.84
N SER G 104 -50.83 -40.11 -15.82
CA SER G 104 -50.95 -41.42 -15.21
C SER G 104 -49.81 -41.78 -14.26
N ASN G 105 -48.75 -40.97 -14.19
CA ASN G 105 -47.59 -41.25 -13.35
C ASN G 105 -46.97 -42.60 -13.71
N ILE G 106 -46.43 -42.69 -14.93
CA ILE G 106 -45.87 -43.94 -15.40
C ILE G 106 -44.40 -44.09 -15.05
N ILE G 107 -43.70 -43.00 -14.73
CA ILE G 107 -42.28 -43.06 -14.41
C ILE G 107 -42.14 -43.33 -12.91
N ARG G 108 -41.53 -44.45 -12.57
CA ARG G 108 -41.37 -44.87 -11.17
C ARG G 108 -39.98 -45.44 -10.92
N GLY G 109 -38.96 -44.88 -11.57
CA GLY G 109 -37.63 -45.40 -11.38
C GLY G 109 -36.48 -44.59 -11.91
N TRP G 110 -35.45 -44.40 -11.08
CA TRP G 110 -34.19 -43.79 -11.48
C TRP G 110 -33.07 -44.77 -11.16
N ILE G 111 -32.08 -44.85 -12.05
CA ILE G 111 -30.86 -45.64 -11.80
C ILE G 111 -29.67 -44.80 -12.22
N PHE G 112 -28.90 -44.35 -11.24
CA PHE G 112 -27.72 -43.53 -11.46
C PHE G 112 -26.48 -44.44 -11.53
N GLY G 113 -25.30 -43.85 -11.50
CA GLY G 113 -24.07 -44.61 -11.40
C GLY G 113 -23.43 -44.89 -12.75
N THR G 114 -22.41 -45.74 -12.70
CA THR G 114 -21.61 -46.08 -13.88
C THR G 114 -21.67 -47.56 -14.22
N THR G 115 -21.49 -48.44 -13.24
CA THR G 115 -21.41 -49.87 -13.50
C THR G 115 -22.70 -50.63 -13.22
N LEU G 116 -23.43 -50.25 -12.17
CA LEU G 116 -24.69 -50.88 -11.79
C LEU G 116 -24.53 -52.37 -11.45
N ASP G 117 -23.32 -52.79 -11.12
CA ASP G 117 -23.03 -54.16 -10.70
C ASP G 117 -22.66 -54.21 -9.22
N SER G 118 -23.34 -53.40 -8.41
CA SER G 118 -23.07 -53.29 -6.98
C SER G 118 -21.64 -52.85 -6.70
N LYS G 119 -21.06 -52.08 -7.61
CA LYS G 119 -19.72 -51.53 -7.45
C LYS G 119 -19.72 -50.01 -7.35
N THR G 120 -20.32 -49.32 -8.31
CA THR G 120 -20.51 -47.88 -8.23
C THR G 120 -21.84 -47.58 -7.55
N GLN G 121 -21.84 -46.57 -6.67
CA GLN G 121 -23.02 -46.27 -5.88
C GLN G 121 -24.16 -45.77 -6.76
N SER G 122 -25.18 -46.59 -6.95
CA SER G 122 -26.36 -46.25 -7.71
C SER G 122 -27.50 -45.83 -6.77
N LEU G 123 -28.57 -45.32 -7.37
CA LEU G 123 -29.72 -44.83 -6.62
C LEU G 123 -31.00 -45.47 -7.15
N LEU G 124 -32.01 -45.51 -6.30
CA LEU G 124 -33.28 -46.18 -6.59
C LEU G 124 -34.47 -45.29 -6.24
N ILE G 125 -34.44 -44.04 -6.72
CA ILE G 125 -35.56 -43.13 -6.45
C ILE G 125 -36.83 -43.68 -7.09
N VAL G 126 -37.89 -43.74 -6.30
CA VAL G 126 -39.19 -44.26 -6.75
C VAL G 126 -40.27 -43.36 -6.19
N ASN G 127 -41.36 -43.20 -6.94
CA ASN G 127 -42.50 -42.38 -6.53
C ASN G 127 -43.77 -43.23 -6.65
N ASN G 128 -44.36 -43.59 -5.52
CA ASN G 128 -45.57 -44.40 -5.48
C ASN G 128 -46.83 -43.58 -5.26
N ALA G 129 -46.86 -42.36 -5.77
CA ALA G 129 -48.01 -41.46 -5.75
C ALA G 129 -48.45 -41.08 -4.33
N THR G 130 -47.67 -41.43 -3.31
CA THR G 130 -47.98 -41.07 -1.94
C THR G 130 -46.84 -40.38 -1.22
N ASN G 131 -45.59 -40.61 -1.63
CA ASN G 131 -44.43 -39.98 -1.02
C ASN G 131 -43.24 -40.13 -1.95
N VAL G 132 -42.35 -39.14 -1.92
CA VAL G 132 -41.15 -39.14 -2.75
C VAL G 132 -40.09 -39.87 -1.94
N VAL G 133 -40.10 -41.20 -2.03
CA VAL G 133 -39.14 -42.02 -1.30
C VAL G 133 -37.86 -42.14 -2.11
N ILE G 134 -36.72 -42.00 -1.44
CA ILE G 134 -35.41 -41.92 -2.09
C ILE G 134 -34.51 -43.00 -1.51
N LYS G 135 -34.17 -44.00 -2.32
CA LYS G 135 -33.28 -45.08 -1.92
C LYS G 135 -31.95 -44.92 -2.63
N VAL G 136 -30.91 -44.64 -1.85
CA VAL G 136 -29.57 -44.45 -2.40
C VAL G 136 -28.71 -45.70 -2.20
N CYS G 137 -29.33 -46.83 -1.91
CA CYS G 137 -28.59 -48.05 -1.64
C CYS G 137 -28.28 -48.77 -2.96
N GLU G 138 -27.68 -49.96 -2.85
CA GLU G 138 -27.25 -50.75 -4.01
C GLU G 138 -28.17 -51.96 -4.14
N PHE G 139 -28.81 -52.09 -5.29
CA PHE G 139 -29.60 -53.27 -5.61
C PHE G 139 -28.93 -54.02 -6.75
N GLN G 140 -29.07 -55.36 -6.72
CA GLN G 140 -28.45 -56.21 -7.74
C GLN G 140 -29.27 -56.14 -9.01
N PHE G 141 -28.84 -55.30 -9.95
CA PHE G 141 -29.51 -55.18 -11.23
C PHE G 141 -29.00 -56.25 -12.20
N CYS G 142 -29.94 -56.86 -12.92
CA CYS G 142 -29.60 -57.77 -14.01
C CYS G 142 -29.51 -56.98 -15.31
N ASN G 143 -29.54 -57.67 -16.44
CA ASN G 143 -29.42 -57.00 -17.74
C ASN G 143 -30.46 -55.90 -17.89
N ASP G 144 -31.70 -56.18 -17.51
CA ASP G 144 -32.75 -55.16 -17.46
C ASP G 144 -33.36 -55.14 -16.07
N PRO G 145 -33.25 -54.05 -15.33
CA PRO G 145 -33.72 -54.03 -13.93
C PRO G 145 -35.19 -54.41 -13.83
N PHE G 146 -35.52 -55.17 -12.79
CA PHE G 146 -36.86 -55.71 -12.62
C PHE G 146 -37.87 -54.59 -12.38
N LEU G 147 -38.85 -54.49 -13.27
CA LEU G 147 -39.94 -53.53 -13.13
C LEU G 147 -41.12 -54.22 -12.44
N ASP G 148 -42.26 -53.51 -12.37
CA ASP G 148 -43.43 -53.98 -11.63
C ASP G 148 -43.09 -54.29 -10.18
N ASN G 169 -27.50 -56.29 -0.12
CA ASN G 169 -26.91 -55.41 0.88
C ASN G 169 -27.01 -53.95 0.47
N CYS G 170 -27.84 -53.19 1.18
CA CYS G 170 -28.08 -51.79 0.89
C CYS G 170 -27.33 -50.91 1.87
N THR G 171 -26.79 -49.79 1.38
CA THR G 171 -26.02 -48.86 2.19
C THR G 171 -26.91 -47.80 2.86
N PHE G 172 -27.69 -47.08 2.06
CA PHE G 172 -28.47 -45.97 2.58
C PHE G 172 -29.90 -46.06 2.05
N GLU G 173 -30.87 -45.87 2.95
CA GLU G 173 -32.28 -45.82 2.60
C GLU G 173 -32.89 -44.57 3.24
N TYR G 174 -33.80 -43.93 2.52
CA TYR G 174 -34.35 -42.64 2.94
C TYR G 174 -35.78 -42.51 2.45
N VAL G 175 -36.59 -41.77 3.20
CA VAL G 175 -37.97 -41.46 2.83
C VAL G 175 -38.24 -40.00 3.18
N SER G 176 -39.00 -39.33 2.33
CA SER G 176 -39.41 -37.95 2.60
C SER G 176 -40.87 -37.87 3.02
N PHE G 190 -50.62 -35.37 -19.03
CA PHE G 190 -51.25 -34.52 -20.04
C PHE G 190 -51.58 -33.15 -19.47
N LYS G 191 -51.94 -33.11 -18.18
CA LYS G 191 -52.33 -31.89 -17.49
C LYS G 191 -51.45 -31.64 -16.28
N ASN G 192 -50.15 -31.92 -16.41
CA ASN G 192 -49.21 -31.69 -15.33
C ASN G 192 -47.79 -31.63 -15.89
N LEU G 193 -46.98 -30.72 -15.35
CA LEU G 193 -45.57 -30.62 -15.70
C LEU G 193 -44.75 -31.02 -14.48
N ARG G 194 -43.87 -32.01 -14.67
CA ARG G 194 -43.08 -32.58 -13.58
C ARG G 194 -41.61 -32.35 -13.87
N GLU G 195 -41.10 -31.20 -13.45
CA GLU G 195 -39.69 -30.86 -13.60
C GLU G 195 -38.91 -31.33 -12.38
N PHE G 196 -37.74 -31.93 -12.62
CA PHE G 196 -36.98 -32.63 -11.59
C PHE G 196 -35.51 -32.26 -11.65
N VAL G 197 -35.22 -30.95 -11.60
CA VAL G 197 -33.84 -30.48 -11.64
C VAL G 197 -33.00 -31.19 -10.60
N PHE G 198 -31.78 -31.56 -10.98
CA PHE G 198 -30.79 -32.15 -10.09
C PHE G 198 -29.60 -31.21 -9.95
N LYS G 199 -28.76 -31.49 -8.96
CA LYS G 199 -27.49 -30.79 -8.77
C LYS G 199 -26.55 -31.67 -7.97
N ASN G 200 -25.27 -31.35 -8.02
CA ASN G 200 -24.26 -32.04 -7.21
C ASN G 200 -23.11 -31.06 -6.97
N ILE G 201 -23.16 -30.39 -5.82
CA ILE G 201 -22.13 -29.43 -5.42
C ILE G 201 -21.79 -29.68 -3.96
N ASP G 202 -20.49 -29.80 -3.67
CA ASP G 202 -20.00 -30.03 -2.31
C ASP G 202 -20.57 -31.31 -1.70
N GLY G 203 -20.84 -32.30 -2.55
CA GLY G 203 -21.44 -33.53 -2.08
C GLY G 203 -22.82 -33.33 -1.46
N TYR G 204 -23.62 -32.44 -2.05
CA TYR G 204 -24.93 -32.07 -1.53
C TYR G 204 -25.92 -32.31 -2.67
N PHE G 205 -26.39 -33.55 -2.77
CA PHE G 205 -27.21 -33.99 -3.91
C PHE G 205 -28.62 -33.43 -3.75
N LYS G 206 -28.87 -32.28 -4.34
CA LYS G 206 -30.18 -31.62 -4.28
C LYS G 206 -31.12 -32.28 -5.26
N ILE G 207 -32.42 -32.27 -4.94
CA ILE G 207 -33.47 -32.76 -5.82
C ILE G 207 -34.57 -31.71 -5.80
N TYR G 208 -34.59 -30.83 -6.80
CA TYR G 208 -35.63 -29.83 -6.91
C TYR G 208 -36.88 -30.43 -7.56
N SER G 209 -37.92 -29.60 -7.68
CA SER G 209 -39.15 -30.01 -8.34
C SER G 209 -40.05 -28.80 -8.51
N LYS G 210 -41.00 -28.92 -9.43
CA LYS G 210 -42.08 -27.96 -9.60
C LYS G 210 -43.19 -28.55 -10.45
N HIS G 211 -44.43 -28.54 -9.93
CA HIS G 211 -45.59 -29.11 -10.62
C HIS G 211 -46.56 -27.97 -10.94
N THR G 212 -46.48 -27.47 -12.16
CA THR G 212 -47.35 -26.38 -12.62
C THR G 212 -48.12 -26.86 -13.85
N PRO G 213 -49.36 -27.35 -13.64
CA PRO G 213 -50.22 -27.81 -14.74
C PRO G 213 -50.54 -26.69 -15.73
N LEU G 220 -43.48 -27.69 -23.63
CA LEU G 220 -42.92 -26.67 -22.75
C LEU G 220 -43.41 -25.28 -23.17
N PRO G 221 -44.23 -24.65 -22.34
CA PRO G 221 -44.87 -23.39 -22.72
C PRO G 221 -43.92 -22.20 -22.66
N GLN G 222 -44.38 -21.05 -23.15
CA GLN G 222 -43.64 -19.79 -23.07
C GLN G 222 -43.86 -19.12 -21.72
N GLY G 223 -43.65 -19.86 -20.64
CA GLY G 223 -43.85 -19.32 -19.31
C GLY G 223 -42.57 -19.26 -18.50
N PHE G 224 -42.70 -19.21 -17.18
CA PHE G 224 -41.53 -19.24 -16.32
C PHE G 224 -41.98 -19.68 -14.93
N SER G 225 -41.34 -20.72 -14.39
CA SER G 225 -41.71 -21.26 -13.10
C SER G 225 -40.46 -21.70 -12.34
N ALA G 226 -40.22 -21.07 -11.20
CA ALA G 226 -39.07 -21.42 -10.38
C ALA G 226 -39.29 -22.76 -9.69
N LEU G 227 -38.19 -23.43 -9.39
CA LEU G 227 -38.22 -24.77 -8.81
C LEU G 227 -37.68 -24.69 -7.39
N GLU G 228 -38.50 -25.08 -6.42
CA GLU G 228 -38.11 -25.01 -5.02
C GLU G 228 -37.32 -26.25 -4.61
N PRO G 229 -36.39 -26.12 -3.67
CA PRO G 229 -35.61 -27.29 -3.23
C PRO G 229 -36.46 -28.26 -2.44
N LEU G 230 -37.17 -29.14 -3.16
CA LEU G 230 -38.09 -30.07 -2.53
C LEU G 230 -37.41 -30.86 -1.42
N VAL G 231 -36.28 -31.49 -1.71
CA VAL G 231 -35.47 -32.20 -0.73
C VAL G 231 -33.99 -31.98 -1.05
N ASP G 232 -33.13 -32.31 -0.09
CA ASP G 232 -31.70 -32.29 -0.25
C ASP G 232 -31.11 -33.54 0.38
N LEU G 233 -30.02 -34.02 -0.21
CA LEU G 233 -29.43 -35.28 0.24
C LEU G 233 -27.92 -35.16 0.38
N PRO G 234 -27.38 -35.26 1.59
CA PRO G 234 -25.93 -35.15 1.81
C PRO G 234 -25.21 -36.48 1.58
N ILE G 235 -25.40 -37.03 0.38
CA ILE G 235 -24.79 -38.32 0.05
C ILE G 235 -23.28 -38.20 -0.09
N GLY G 236 -22.80 -37.12 -0.71
CA GLY G 236 -21.38 -36.92 -0.86
C GLY G 236 -20.68 -37.92 -1.77
N ILE G 237 -21.33 -38.34 -2.84
CA ILE G 237 -20.75 -39.27 -3.80
C ILE G 237 -20.73 -38.61 -5.17
N ASN G 238 -19.92 -39.18 -6.07
CA ASN G 238 -19.75 -38.68 -7.42
C ASN G 238 -20.65 -39.47 -8.36
N ILE G 239 -21.50 -38.77 -9.10
CA ILE G 239 -22.39 -39.38 -10.09
C ILE G 239 -22.24 -38.60 -11.40
N THR G 240 -22.13 -39.33 -12.51
CA THR G 240 -21.95 -38.70 -13.81
C THR G 240 -22.80 -39.35 -14.90
N ARG G 241 -23.68 -40.29 -14.55
CA ARG G 241 -24.55 -40.92 -15.52
C ARG G 241 -25.80 -41.41 -14.80
N PHE G 242 -26.94 -41.32 -15.49
CA PHE G 242 -28.20 -41.80 -14.93
C PHE G 242 -29.04 -42.38 -16.06
N GLN G 243 -30.17 -42.98 -15.69
CA GLN G 243 -31.06 -43.61 -16.68
C GLN G 243 -32.46 -43.66 -16.09
N THR G 244 -33.36 -42.84 -16.61
CA THR G 244 -34.75 -42.89 -16.18
C THR G 244 -35.36 -44.23 -16.60
N LEU G 245 -36.09 -44.85 -15.68
CA LEU G 245 -36.70 -46.16 -15.91
C LEU G 245 -38.14 -46.14 -15.45
N LEU G 246 -38.98 -46.92 -16.12
CA LEU G 246 -40.40 -46.95 -15.83
C LEU G 246 -40.91 -48.39 -15.94
N ALA G 247 -42.20 -48.56 -15.72
CA ALA G 247 -42.82 -49.88 -15.80
C ALA G 247 -43.18 -50.23 -17.24
N ALA G 267 -43.96 -41.79 -21.14
CA ALA G 267 -43.22 -42.14 -22.35
C ALA G 267 -42.51 -40.91 -22.92
N ALA G 268 -42.39 -39.86 -22.11
CA ALA G 268 -41.73 -38.61 -22.51
C ALA G 268 -40.87 -38.14 -21.34
N TYR G 269 -39.61 -38.57 -21.33
CA TYR G 269 -38.66 -38.20 -20.29
C TYR G 269 -37.50 -37.42 -20.93
N TYR G 270 -37.30 -36.20 -20.46
CA TYR G 270 -36.32 -35.31 -21.07
C TYR G 270 -34.95 -35.53 -20.41
N VAL G 271 -33.99 -34.68 -20.79
CA VAL G 271 -32.69 -34.61 -20.13
C VAL G 271 -32.16 -33.21 -20.38
N GLY G 272 -31.16 -32.80 -19.58
CA GLY G 272 -30.61 -31.47 -19.71
C GLY G 272 -29.10 -31.47 -19.53
N TYR G 273 -28.52 -30.28 -19.69
CA TYR G 273 -27.09 -30.06 -19.52
C TYR G 273 -26.92 -28.73 -18.78
N LEU G 274 -26.45 -28.81 -17.54
CA LEU G 274 -26.19 -27.61 -16.75
C LEU G 274 -24.72 -27.24 -16.82
N GLN G 275 -24.45 -25.97 -17.05
CA GLN G 275 -23.10 -25.45 -17.20
C GLN G 275 -22.90 -24.24 -16.31
N PRO G 276 -21.67 -23.97 -15.88
CA PRO G 276 -21.43 -22.88 -14.91
C PRO G 276 -21.68 -21.51 -15.53
N ARG G 277 -22.95 -21.14 -15.65
CA ARG G 277 -23.37 -19.90 -16.28
C ARG G 277 -23.74 -18.87 -15.23
N THR G 278 -23.13 -17.69 -15.30
CA THR G 278 -23.61 -16.56 -14.52
C THR G 278 -25.09 -16.34 -14.82
N PHE G 279 -25.85 -15.90 -13.82
CA PHE G 279 -27.29 -15.90 -14.02
C PHE G 279 -27.93 -14.92 -13.05
N LEU G 280 -28.66 -13.95 -13.60
CA LEU G 280 -29.22 -12.83 -12.84
C LEU G 280 -30.69 -13.13 -12.51
N LEU G 281 -31.01 -13.14 -11.23
CA LEU G 281 -32.33 -13.56 -10.77
C LEU G 281 -33.22 -12.35 -10.49
N LYS G 282 -34.50 -12.61 -10.27
CA LYS G 282 -35.48 -11.57 -9.98
C LYS G 282 -36.49 -12.10 -8.97
N TYR G 283 -36.35 -11.67 -7.72
CA TYR G 283 -37.26 -12.07 -6.65
C TYR G 283 -38.39 -11.05 -6.53
N ASN G 284 -39.57 -11.55 -6.16
CA ASN G 284 -40.69 -10.66 -5.87
C ASN G 284 -40.74 -10.39 -4.36
N GLU G 285 -41.85 -9.81 -3.90
CA GLU G 285 -41.97 -9.48 -2.48
C GLU G 285 -42.00 -10.74 -1.61
N ASN G 286 -42.70 -11.78 -2.05
CA ASN G 286 -42.84 -12.99 -1.24
C ASN G 286 -41.57 -13.84 -1.23
N GLY G 287 -40.55 -13.47 -1.99
CA GLY G 287 -39.30 -14.20 -2.00
C GLY G 287 -39.22 -15.36 -2.97
N THR G 288 -40.07 -15.40 -3.99
CA THR G 288 -39.98 -16.39 -5.04
C THR G 288 -39.49 -15.74 -6.33
N ILE G 289 -39.10 -16.58 -7.28
CA ILE G 289 -38.44 -16.12 -8.50
C ILE G 289 -39.50 -15.91 -9.58
N THR G 290 -39.68 -14.65 -10.00
CA THR G 290 -40.70 -14.31 -10.99
C THR G 290 -40.15 -14.10 -12.39
N ASP G 291 -38.85 -13.89 -12.53
CA ASP G 291 -38.23 -13.72 -13.84
C ASP G 291 -36.74 -14.00 -13.71
N ALA G 292 -36.09 -14.20 -14.85
CA ALA G 292 -34.69 -14.57 -14.86
C ALA G 292 -34.06 -14.17 -16.19
N VAL G 293 -32.73 -14.10 -16.20
CA VAL G 293 -31.96 -13.66 -17.37
C VAL G 293 -30.72 -14.53 -17.50
N ASP G 294 -30.60 -15.26 -18.60
CA ASP G 294 -29.36 -15.93 -18.94
C ASP G 294 -28.27 -14.91 -19.21
N CYS G 295 -27.02 -15.34 -19.13
CA CYS G 295 -25.94 -14.35 -19.16
C CYS G 295 -25.17 -14.35 -20.47
N ALA G 296 -24.82 -15.51 -21.00
CA ALA G 296 -24.08 -15.63 -22.24
C ALA G 296 -24.99 -16.02 -23.41
N LEU G 297 -26.26 -15.64 -23.33
CA LEU G 297 -27.22 -15.99 -24.38
C LEU G 297 -27.04 -15.10 -25.61
N ASP G 298 -27.27 -13.81 -25.45
CA ASP G 298 -27.10 -12.82 -26.49
C ASP G 298 -26.48 -11.57 -25.89
N PRO G 299 -25.89 -10.70 -26.72
CA PRO G 299 -25.28 -9.47 -26.20
C PRO G 299 -26.13 -8.74 -25.17
N LEU G 300 -27.46 -8.74 -25.33
CA LEU G 300 -28.31 -8.11 -24.33
C LEU G 300 -28.31 -8.90 -23.02
N SER G 301 -28.03 -10.20 -23.08
CA SER G 301 -27.99 -11.00 -21.86
C SER G 301 -26.82 -10.63 -20.97
N GLU G 302 -25.61 -10.53 -21.52
CA GLU G 302 -24.48 -10.09 -20.70
C GLU G 302 -24.56 -8.58 -20.43
N THR G 303 -25.27 -7.83 -21.27
CA THR G 303 -25.61 -6.46 -20.89
C THR G 303 -26.41 -6.45 -19.59
N LYS G 304 -27.42 -7.31 -19.49
CA LYS G 304 -28.19 -7.44 -18.26
C LYS G 304 -27.32 -7.95 -17.12
N CYS G 305 -26.36 -8.81 -17.42
CA CYS G 305 -25.42 -9.30 -16.41
C CYS G 305 -24.63 -8.16 -15.80
N THR G 306 -24.10 -7.28 -16.64
CA THR G 306 -23.29 -6.17 -16.14
C THR G 306 -24.15 -5.15 -15.42
N LEU G 307 -25.30 -4.79 -16.00
CA LEU G 307 -26.20 -3.86 -15.34
C LEU G 307 -26.94 -4.47 -14.16
N LYS G 308 -26.99 -5.81 -14.08
CA LYS G 308 -27.71 -6.53 -13.03
C LYS G 308 -29.17 -6.10 -12.96
N SER G 309 -29.77 -5.87 -14.13
CA SER G 309 -31.15 -5.43 -14.23
C SER G 309 -31.83 -6.18 -15.37
N PHE G 310 -33.12 -5.94 -15.54
CA PHE G 310 -33.90 -6.53 -16.60
C PHE G 310 -34.36 -5.51 -17.64
N THR G 311 -34.70 -4.30 -17.22
CA THR G 311 -35.13 -3.25 -18.14
C THR G 311 -33.93 -2.38 -18.52
N VAL G 312 -33.15 -2.89 -19.47
CA VAL G 312 -32.01 -2.15 -19.99
C VAL G 312 -32.51 -0.93 -20.76
N GLU G 313 -31.77 0.17 -20.66
CA GLU G 313 -32.10 1.40 -21.35
C GLU G 313 -31.30 1.49 -22.66
N LYS G 314 -31.75 2.38 -23.55
CA LYS G 314 -31.08 2.60 -24.82
C LYS G 314 -29.69 3.15 -24.57
N GLY G 315 -28.67 2.38 -24.95
CA GLY G 315 -27.31 2.83 -24.74
C GLY G 315 -26.32 1.77 -25.13
N ILE G 316 -25.04 2.06 -24.86
CA ILE G 316 -23.93 1.18 -25.19
C ILE G 316 -23.20 0.84 -23.90
N TYR G 317 -22.96 -0.45 -23.67
CA TYR G 317 -22.45 -0.94 -22.41
C TYR G 317 -21.23 -1.81 -22.65
N GLN G 318 -20.13 -1.50 -21.97
CA GLN G 318 -18.90 -2.27 -22.08
C GLN G 318 -19.09 -3.55 -21.27
N THR G 319 -19.71 -4.55 -21.90
CA THR G 319 -20.04 -5.78 -21.19
C THR G 319 -18.82 -6.66 -20.94
N SER G 320 -17.84 -6.62 -21.83
CA SER G 320 -16.61 -7.37 -21.67
C SER G 320 -15.54 -6.76 -22.57
N ASN G 321 -14.39 -7.43 -22.65
CA ASN G 321 -13.30 -7.00 -23.52
C ASN G 321 -12.97 -8.11 -24.50
N PHE G 322 -12.57 -7.71 -25.70
CA PHE G 322 -12.22 -8.64 -26.77
C PHE G 322 -10.75 -8.99 -26.70
N ARG G 323 -10.42 -10.25 -26.98
CA ARG G 323 -9.06 -10.74 -26.89
C ARG G 323 -8.81 -11.78 -27.97
N VAL G 324 -7.64 -11.74 -28.58
CA VAL G 324 -7.22 -12.72 -29.56
C VAL G 324 -6.18 -13.62 -28.90
N GLN G 325 -6.55 -14.88 -28.70
CA GLN G 325 -5.63 -15.82 -28.07
C GLN G 325 -4.56 -16.27 -29.06
N PRO G 326 -3.39 -16.68 -28.57
CA PRO G 326 -2.35 -17.19 -29.47
C PRO G 326 -2.80 -18.48 -30.15
N THR G 327 -2.32 -18.66 -31.38
CA THR G 327 -2.70 -19.81 -32.20
C THR G 327 -1.70 -20.95 -32.09
N GLU G 328 -0.44 -20.69 -32.39
CA GLU G 328 0.61 -21.70 -32.33
C GLU G 328 1.86 -21.07 -31.71
N SER G 329 2.95 -21.83 -31.70
CA SER G 329 4.21 -21.41 -31.13
C SER G 329 5.29 -21.38 -32.20
N ILE G 330 6.12 -20.34 -32.16
CA ILE G 330 7.19 -20.14 -33.12
C ILE G 330 8.50 -20.05 -32.35
N VAL G 331 9.27 -21.13 -32.35
CA VAL G 331 10.56 -21.18 -31.67
C VAL G 331 11.64 -21.32 -32.75
N ARG G 332 12.55 -20.36 -32.81
CA ARG G 332 13.56 -20.31 -33.84
C ARG G 332 14.95 -20.15 -33.24
N PHE G 333 15.91 -20.86 -33.83
CA PHE G 333 17.31 -20.83 -33.44
C PHE G 333 18.13 -20.81 -34.72
N PRO G 334 19.38 -20.29 -34.66
CA PRO G 334 20.15 -20.09 -35.89
C PRO G 334 20.45 -21.38 -36.64
N ASN G 335 21.08 -21.25 -37.81
CA ASN G 335 21.42 -22.42 -38.61
C ASN G 335 22.30 -23.39 -37.84
N ILE G 336 22.11 -24.68 -38.13
CA ILE G 336 22.94 -25.76 -37.60
C ILE G 336 24.13 -25.94 -38.53
N THR G 337 24.28 -25.01 -39.48
CA THR G 337 25.37 -25.09 -40.44
C THR G 337 26.73 -24.97 -39.77
N ASN G 338 26.78 -24.38 -38.57
CA ASN G 338 28.01 -24.30 -37.79
C ASN G 338 28.19 -25.56 -36.94
N LEU G 339 28.16 -26.70 -37.62
CA LEU G 339 28.28 -27.99 -36.96
C LEU G 339 29.69 -28.19 -36.42
N CYS G 340 29.78 -28.94 -35.33
CA CYS G 340 31.09 -29.25 -34.77
C CYS G 340 31.83 -30.22 -35.70
N PRO G 341 33.12 -30.01 -35.93
CA PRO G 341 33.89 -30.86 -36.87
C PRO G 341 34.18 -32.24 -36.31
N PHE G 342 33.11 -32.97 -35.98
CA PHE G 342 33.25 -34.33 -35.45
C PHE G 342 33.49 -35.36 -36.55
N GLY G 343 33.25 -35.00 -37.81
CA GLY G 343 33.45 -35.95 -38.89
C GLY G 343 34.92 -36.32 -39.07
N GLU G 344 35.81 -35.34 -39.01
CA GLU G 344 37.23 -35.59 -39.17
C GLU G 344 37.89 -36.16 -37.93
N VAL G 345 37.25 -36.07 -36.77
CA VAL G 345 37.84 -36.59 -35.54
C VAL G 345 37.67 -38.10 -35.46
N PHE G 346 36.46 -38.59 -35.72
CA PHE G 346 36.20 -40.03 -35.64
C PHE G 346 36.74 -40.78 -36.85
N ASN G 347 37.01 -40.09 -37.96
CA ASN G 347 37.47 -40.71 -39.19
C ASN G 347 38.96 -40.52 -39.45
N ALA G 348 39.72 -40.14 -38.42
CA ALA G 348 41.14 -39.90 -38.59
C ALA G 348 41.88 -41.19 -38.89
N THR G 349 42.85 -41.11 -39.81
CA THR G 349 43.60 -42.30 -40.21
C THR G 349 44.44 -42.83 -39.07
N ARG G 350 45.11 -41.95 -38.33
CA ARG G 350 46.02 -42.34 -37.26
C ARG G 350 45.53 -41.76 -35.93
N PHE G 351 45.66 -42.56 -34.88
CA PHE G 351 45.29 -42.17 -33.53
C PHE G 351 46.52 -42.17 -32.63
N ALA G 352 46.44 -41.40 -31.55
CA ALA G 352 47.54 -41.28 -30.62
C ALA G 352 47.68 -42.53 -29.76
N SER G 353 48.77 -42.60 -29.01
CA SER G 353 49.06 -43.77 -28.20
C SER G 353 48.24 -43.75 -26.91
N VAL G 354 48.32 -44.84 -26.17
CA VAL G 354 47.56 -44.96 -24.92
C VAL G 354 48.07 -43.98 -23.88
N TYR G 355 49.38 -43.73 -23.84
CA TYR G 355 49.95 -42.79 -22.89
C TYR G 355 49.87 -41.35 -23.36
N ALA G 356 49.46 -41.11 -24.60
CA ALA G 356 49.38 -39.76 -25.15
C ALA G 356 47.96 -39.43 -25.60
N TRP G 357 46.98 -39.73 -24.75
CA TRP G 357 45.58 -39.50 -25.11
C TRP G 357 45.35 -38.01 -25.38
N ASN G 358 44.65 -37.73 -26.48
CA ASN G 358 44.44 -36.35 -26.91
C ASN G 358 43.21 -35.74 -26.25
N ARG G 359 43.36 -34.49 -25.80
CA ARG G 359 42.28 -33.74 -25.19
C ARG G 359 42.00 -32.51 -26.03
N LYS G 360 40.74 -32.32 -26.42
CA LYS G 360 40.36 -31.24 -27.30
C LYS G 360 39.17 -30.49 -26.71
N ARG G 361 39.15 -29.18 -26.94
CA ARG G 361 38.08 -28.31 -26.48
C ARG G 361 37.05 -28.13 -27.60
N ILE G 362 35.77 -28.29 -27.26
CA ILE G 362 34.68 -28.13 -28.21
C ILE G 362 33.91 -26.87 -27.83
N SER G 363 33.83 -25.93 -28.76
CA SER G 363 33.14 -24.66 -28.51
C SER G 363 32.78 -24.02 -29.83
N ASN G 364 31.88 -23.03 -29.76
CA ASN G 364 31.47 -22.24 -30.91
C ASN G 364 30.95 -23.11 -32.05
N CYS G 365 30.15 -24.11 -31.69
CA CYS G 365 29.55 -25.00 -32.68
C CYS G 365 28.34 -25.67 -32.03
N VAL G 366 27.56 -26.36 -32.87
CA VAL G 366 26.37 -27.08 -32.45
C VAL G 366 26.49 -28.51 -32.94
N ALA G 367 26.20 -29.47 -32.05
CA ALA G 367 26.32 -30.89 -32.36
C ALA G 367 25.03 -31.60 -31.98
N ASP G 368 24.58 -32.50 -32.85
CA ASP G 368 23.36 -33.29 -32.60
C ASP G 368 23.78 -34.58 -31.90
N TYR G 369 23.82 -34.54 -30.57
CA TYR G 369 24.16 -35.72 -29.79
C TYR G 369 23.04 -36.75 -29.78
N SER G 370 21.84 -36.37 -30.23
CA SER G 370 20.72 -37.31 -30.23
C SER G 370 21.01 -38.52 -31.08
N VAL G 371 21.49 -38.31 -32.31
CA VAL G 371 21.89 -39.43 -33.15
C VAL G 371 23.11 -40.13 -32.57
N LEU G 372 23.96 -39.39 -31.87
CA LEU G 372 25.17 -39.99 -31.29
C LEU G 372 24.81 -41.05 -30.26
N TYR G 373 23.84 -40.77 -29.38
CA TYR G 373 23.42 -41.76 -28.40
C TYR G 373 22.30 -42.65 -28.92
N ASN G 374 21.72 -42.36 -30.09
CA ASN G 374 20.70 -43.21 -30.65
C ASN G 374 21.30 -44.46 -31.28
N SER G 375 22.13 -44.31 -32.30
CA SER G 375 22.83 -45.44 -32.91
C SER G 375 23.94 -45.92 -31.98
N ALA G 376 24.15 -47.23 -31.98
CA ALA G 376 25.15 -47.83 -31.11
C ALA G 376 26.13 -48.73 -31.87
N SER G 377 26.68 -48.23 -32.98
CA SER G 377 27.95 -48.77 -33.46
C SER G 377 29.03 -48.60 -32.41
N PHE G 378 28.81 -47.74 -31.43
CA PHE G 378 29.67 -47.56 -30.28
C PHE G 378 29.30 -48.62 -29.25
N SER G 379 30.25 -49.50 -28.95
CA SER G 379 29.94 -50.68 -28.14
C SER G 379 29.49 -50.29 -26.73
N THR G 380 30.18 -49.34 -26.12
CA THR G 380 29.90 -48.93 -24.74
C THR G 380 29.47 -47.48 -24.73
N PHE G 381 28.38 -47.18 -24.00
CA PHE G 381 27.88 -45.83 -23.82
C PHE G 381 27.39 -45.71 -22.38
N LYS G 382 28.29 -45.27 -21.49
CA LYS G 382 28.00 -45.13 -20.06
C LYS G 382 28.12 -43.67 -19.69
N CYS G 383 27.06 -43.12 -19.09
CA CYS G 383 27.00 -41.72 -18.70
C CYS G 383 26.81 -41.60 -17.20
N TYR G 384 27.55 -40.67 -16.58
CA TYR G 384 27.48 -40.44 -15.15
C TYR G 384 27.30 -38.96 -14.88
N GLY G 385 26.40 -38.64 -13.93
CA GLY G 385 26.20 -37.28 -13.51
C GLY G 385 25.30 -36.44 -14.39
N VAL G 386 24.82 -36.99 -15.51
CA VAL G 386 23.96 -36.26 -16.43
C VAL G 386 22.76 -37.14 -16.79
N SER G 387 21.66 -36.48 -17.16
CA SER G 387 20.44 -37.17 -17.54
C SER G 387 20.25 -37.09 -19.05
N PRO G 388 20.14 -38.23 -19.73
CA PRO G 388 19.87 -38.19 -21.18
C PRO G 388 18.55 -37.53 -21.51
N THR G 389 17.60 -37.49 -20.57
CA THR G 389 16.33 -36.81 -20.81
C THR G 389 16.53 -35.32 -21.04
N LYS G 390 17.47 -34.71 -20.32
CA LYS G 390 17.73 -33.28 -20.43
C LYS G 390 18.87 -32.95 -21.39
N LEU G 391 19.44 -33.94 -22.07
CA LEU G 391 20.50 -33.66 -23.03
C LEU G 391 19.99 -32.81 -24.18
N ASN G 392 18.80 -33.13 -24.71
CA ASN G 392 18.23 -32.34 -25.78
C ASN G 392 17.63 -31.03 -25.28
N ASP G 393 17.27 -30.95 -24.00
CA ASP G 393 16.65 -29.76 -23.45
C ASP G 393 17.63 -28.82 -22.76
N LEU G 394 18.81 -29.30 -22.40
CA LEU G 394 19.80 -28.49 -21.70
C LEU G 394 21.18 -28.71 -22.33
N CYS G 395 22.07 -27.76 -22.08
CA CYS G 395 23.44 -27.83 -22.60
C CYS G 395 24.41 -27.51 -21.49
N PHE G 396 25.65 -27.98 -21.66
CA PHE G 396 26.67 -27.89 -20.64
C PHE G 396 27.75 -26.89 -21.04
N THR G 397 28.65 -26.62 -20.09
CA THR G 397 29.72 -25.66 -20.25
C THR G 397 31.06 -26.35 -20.06
N ASN G 398 32.06 -25.91 -20.83
CA ASN G 398 33.42 -26.45 -20.77
C ASN G 398 33.42 -27.96 -21.09
N VAL G 399 32.96 -28.26 -22.30
CA VAL G 399 32.89 -29.64 -22.77
C VAL G 399 34.24 -30.04 -23.33
N TYR G 400 34.79 -31.14 -22.80
CA TYR G 400 36.10 -31.64 -23.21
C TYR G 400 35.95 -33.05 -23.77
N ALA G 401 36.73 -33.35 -24.81
CA ALA G 401 36.72 -34.64 -25.47
C ALA G 401 38.10 -35.27 -25.34
N ASP G 402 38.15 -36.46 -24.74
CA ASP G 402 39.38 -37.23 -24.59
C ASP G 402 39.27 -38.48 -25.46
N SER G 403 40.14 -38.59 -26.45
CA SER G 403 40.12 -39.69 -27.41
C SER G 403 41.41 -40.48 -27.30
N PHE G 404 41.28 -41.81 -27.18
CA PHE G 404 42.42 -42.70 -27.10
C PHE G 404 41.95 -44.10 -27.47
N VAL G 405 42.91 -45.02 -27.61
CA VAL G 405 42.63 -46.39 -28.00
C VAL G 405 43.23 -47.32 -26.94
N ILE G 406 42.39 -48.15 -26.32
CA ILE G 406 42.82 -49.13 -25.35
C ILE G 406 42.17 -50.47 -25.69
N ARG G 407 42.67 -51.52 -25.06
CA ARG G 407 42.12 -52.85 -25.28
C ARG G 407 40.75 -52.98 -24.62
N GLY G 408 40.04 -54.06 -24.99
CA GLY G 408 38.64 -54.17 -24.63
C GLY G 408 38.39 -54.30 -23.14
N ASP G 409 39.19 -55.13 -22.46
CA ASP G 409 38.92 -55.44 -21.06
C ASP G 409 39.24 -54.28 -20.12
N GLU G 410 39.88 -53.21 -20.60
CA GLU G 410 40.21 -52.06 -19.78
C GLU G 410 39.13 -50.99 -19.79
N VAL G 411 38.01 -51.23 -20.47
CA VAL G 411 36.96 -50.23 -20.55
C VAL G 411 36.32 -50.00 -19.19
N ARG G 412 35.96 -51.08 -18.49
CA ARG G 412 35.29 -50.95 -17.20
C ARG G 412 36.23 -50.53 -16.09
N GLN G 413 37.54 -50.73 -16.25
CA GLN G 413 38.48 -50.31 -15.20
C GLN G 413 38.55 -48.79 -15.07
N ILE G 414 38.24 -48.05 -16.13
CA ILE G 414 38.24 -46.58 -16.06
C ILE G 414 36.83 -46.19 -15.63
N ALA G 415 36.60 -46.21 -14.31
CA ALA G 415 35.31 -45.89 -13.73
C ALA G 415 35.50 -45.60 -12.26
N PRO G 416 34.62 -44.81 -11.65
CA PRO G 416 34.72 -44.56 -10.21
C PRO G 416 34.55 -45.84 -9.40
N GLY G 417 35.29 -45.92 -8.30
CA GLY G 417 35.22 -47.08 -7.43
C GLY G 417 35.85 -48.33 -8.02
N GLN G 418 36.85 -48.17 -8.88
CA GLN G 418 37.55 -49.30 -9.49
C GLN G 418 39.00 -49.32 -9.02
N THR G 419 39.45 -50.47 -8.55
CA THR G 419 40.80 -50.64 -8.03
C THR G 419 41.53 -51.69 -8.85
N GLY G 420 42.79 -51.40 -9.17
CA GLY G 420 43.61 -52.30 -9.94
C GLY G 420 44.92 -51.64 -10.33
N LYS G 421 45.83 -52.48 -10.83
CA LYS G 421 47.15 -51.98 -11.23
C LYS G 421 47.05 -51.05 -12.43
N ILE G 422 46.36 -51.48 -13.49
CA ILE G 422 46.27 -50.68 -14.70
C ILE G 422 45.51 -49.38 -14.44
N ALA G 423 44.39 -49.46 -13.74
CA ALA G 423 43.58 -48.27 -13.48
C ALA G 423 44.34 -47.24 -12.66
N ASP G 424 45.07 -47.70 -11.62
CA ASP G 424 45.77 -46.77 -10.76
C ASP G 424 47.02 -46.20 -11.43
N TYR G 425 47.71 -47.01 -12.24
CA TYR G 425 48.97 -46.58 -12.83
C TYR G 425 48.82 -46.00 -14.23
N ASN G 426 47.60 -45.93 -14.78
CA ASN G 426 47.40 -45.37 -16.11
C ASN G 426 46.57 -44.09 -16.09
N TYR G 427 45.36 -44.12 -15.53
CA TYR G 427 44.49 -42.94 -15.55
C TYR G 427 43.49 -43.07 -14.41
N LYS G 428 43.38 -42.02 -13.60
CA LYS G 428 42.49 -41.99 -12.45
C LYS G 428 41.30 -41.09 -12.74
N LEU G 429 40.10 -41.62 -12.55
CA LEU G 429 38.90 -40.81 -12.77
C LEU G 429 38.49 -40.12 -11.48
N PRO G 430 38.02 -38.88 -11.56
CA PRO G 430 37.60 -38.17 -10.35
C PRO G 430 36.34 -38.77 -9.75
N ASP G 431 36.17 -38.54 -8.44
CA ASP G 431 34.99 -39.03 -7.74
C ASP G 431 33.71 -38.41 -8.29
N ASP G 432 33.76 -37.12 -8.62
CA ASP G 432 32.60 -36.39 -9.14
C ASP G 432 32.64 -36.29 -10.66
N PHE G 433 33.11 -37.33 -11.34
CA PHE G 433 33.19 -37.33 -12.78
C PHE G 433 31.81 -37.13 -13.40
N THR G 434 31.71 -36.18 -14.34
CA THR G 434 30.47 -35.85 -15.01
C THR G 434 30.70 -35.94 -16.51
N GLY G 435 29.89 -36.74 -17.19
CA GLY G 435 30.03 -36.91 -18.62
C GLY G 435 29.64 -38.32 -19.04
N CYS G 436 30.18 -38.74 -20.18
CA CYS G 436 29.89 -40.05 -20.73
C CYS G 436 31.19 -40.70 -21.20
N VAL G 437 31.22 -42.02 -21.13
CA VAL G 437 32.36 -42.82 -21.59
C VAL G 437 31.90 -43.67 -22.77
N ILE G 438 32.55 -43.50 -23.91
CA ILE G 438 32.16 -44.15 -25.15
C ILE G 438 33.36 -44.94 -25.68
N ALA G 439 33.14 -46.23 -25.93
CA ALA G 439 34.18 -47.11 -26.46
C ALA G 439 33.57 -48.01 -27.53
N TRP G 440 34.29 -48.19 -28.64
CA TRP G 440 33.77 -49.01 -29.73
C TRP G 440 34.90 -49.80 -30.36
N ASN G 441 34.54 -50.90 -31.02
CA ASN G 441 35.51 -51.77 -31.65
C ASN G 441 36.13 -51.09 -32.88
N SER G 442 37.40 -51.39 -33.12
CA SER G 442 38.11 -50.87 -34.28
C SER G 442 39.01 -51.94 -34.91
N ASN G 443 38.65 -53.22 -34.76
CA ASN G 443 39.48 -54.29 -35.27
C ASN G 443 39.44 -54.36 -36.79
N ASN G 444 38.39 -53.82 -37.41
CA ASN G 444 38.26 -53.91 -38.86
C ASN G 444 39.19 -52.95 -39.57
N LEU G 445 39.55 -51.82 -38.94
CA LEU G 445 40.35 -50.79 -39.59
C LEU G 445 41.70 -50.52 -38.94
N ASP G 446 41.85 -50.84 -37.64
CA ASP G 446 43.07 -50.52 -36.91
C ASP G 446 43.87 -51.76 -36.54
N SER G 447 43.65 -52.88 -37.22
CA SER G 447 44.33 -54.13 -36.93
C SER G 447 44.99 -54.68 -38.18
N LYS G 448 46.16 -55.30 -38.00
CA LYS G 448 46.91 -55.90 -39.10
C LYS G 448 47.32 -57.31 -38.72
N VAL G 449 47.41 -58.18 -39.72
CA VAL G 449 47.76 -59.57 -39.48
C VAL G 449 49.18 -59.68 -38.94
N GLY G 450 50.12 -58.92 -39.53
CA GLY G 450 51.51 -59.01 -39.10
C GLY G 450 51.77 -58.42 -37.74
N GLY G 451 50.87 -57.57 -37.24
CA GLY G 451 51.04 -56.98 -35.92
C GLY G 451 51.79 -55.65 -35.96
N ASN G 452 51.34 -54.70 -35.17
CA ASN G 452 51.94 -53.38 -35.10
C ASN G 452 52.76 -53.26 -33.83
N TYR G 453 54.04 -52.95 -33.97
CA TYR G 453 54.96 -52.82 -32.84
C TYR G 453 55.13 -51.37 -32.40
N ASN G 454 54.41 -50.43 -33.01
CA ASN G 454 54.55 -49.02 -32.66
C ASN G 454 53.94 -48.68 -31.30
N TYR G 455 53.16 -49.59 -30.71
CA TYR G 455 52.55 -49.35 -29.41
C TYR G 455 53.53 -49.77 -28.31
N ARG G 456 53.77 -48.87 -27.37
CA ARG G 456 54.67 -49.13 -26.25
C ARG G 456 53.98 -48.74 -24.95
N TYR G 457 54.42 -49.38 -23.86
CA TYR G 457 53.82 -49.18 -22.55
C TYR G 457 54.90 -48.93 -21.52
N ARG G 458 54.56 -48.17 -20.49
CA ARG G 458 55.47 -47.87 -19.39
C ARG G 458 55.40 -49.00 -18.36
N LEU G 459 56.57 -49.53 -17.97
CA LEU G 459 56.62 -50.65 -17.05
C LEU G 459 56.70 -50.21 -15.60
N PHE G 460 57.49 -49.18 -15.30
CA PHE G 460 57.69 -48.71 -13.93
C PHE G 460 57.31 -47.23 -13.83
N ARG G 461 56.60 -46.88 -12.76
CA ARG G 461 56.24 -45.50 -12.48
C ARG G 461 56.37 -45.26 -10.98
N LYS G 462 56.83 -44.06 -10.62
CA LYS G 462 57.10 -43.78 -9.21
C LYS G 462 55.84 -43.38 -8.46
N SER G 463 55.15 -42.34 -8.91
CA SER G 463 53.97 -41.84 -8.21
C SER G 463 52.87 -41.53 -9.22
N ASN G 464 51.63 -41.58 -8.73
CA ASN G 464 50.48 -41.32 -9.57
C ASN G 464 50.30 -39.81 -9.80
N LEU G 465 49.54 -39.48 -10.84
CA LEU G 465 49.26 -38.09 -11.18
C LEU G 465 48.40 -37.43 -10.09
N SER G 498 55.09 -57.77 -28.90
CA SER G 498 53.99 -56.88 -28.55
C SER G 498 52.68 -57.65 -28.47
N TYR G 499 51.61 -57.04 -28.97
CA TYR G 499 50.30 -57.68 -28.97
C TYR G 499 50.28 -58.87 -29.92
N GLY G 500 49.66 -59.96 -29.48
CA GLY G 500 49.53 -61.14 -30.32
C GLY G 500 48.21 -61.20 -31.04
N PHE G 501 48.24 -60.95 -32.35
CA PHE G 501 47.03 -60.90 -33.17
C PHE G 501 46.78 -62.28 -33.77
N GLN G 502 45.75 -62.96 -33.29
CA GLN G 502 45.34 -64.26 -33.79
C GLN G 502 43.84 -64.27 -34.02
N PRO G 503 43.37 -65.05 -35.00
CA PRO G 503 41.92 -65.09 -35.27
C PRO G 503 41.10 -65.61 -34.11
N THR G 504 41.68 -66.44 -33.24
CA THR G 504 40.95 -67.01 -32.11
C THR G 504 41.08 -66.18 -30.83
N ASN G 505 41.82 -65.07 -30.88
CA ASN G 505 41.99 -64.25 -29.69
C ASN G 505 40.68 -63.58 -29.29
N GLY G 506 40.54 -63.32 -28.00
CA GLY G 506 39.30 -62.77 -27.47
C GLY G 506 39.09 -61.32 -27.84
N VAL G 507 37.87 -60.85 -27.60
CA VAL G 507 37.50 -59.48 -27.89
C VAL G 507 38.28 -58.51 -27.00
N GLY G 508 38.56 -58.90 -25.76
CA GLY G 508 39.28 -58.01 -24.85
C GLY G 508 40.67 -57.66 -25.33
N TYR G 509 41.29 -58.55 -26.12
CA TYR G 509 42.60 -58.28 -26.71
C TYR G 509 42.52 -57.46 -27.98
N GLN G 510 41.33 -57.31 -28.57
CA GLN G 510 41.18 -56.49 -29.77
C GLN G 510 41.24 -55.00 -29.40
N PRO G 511 41.86 -54.19 -30.25
CA PRO G 511 41.93 -52.75 -29.96
C PRO G 511 40.56 -52.11 -30.01
N TYR G 512 40.33 -51.17 -29.08
CA TYR G 512 39.06 -50.46 -28.98
C TYR G 512 39.33 -48.97 -28.89
N ARG G 513 38.62 -48.19 -29.70
CA ARG G 513 38.73 -46.74 -29.63
C ARG G 513 37.81 -46.22 -28.53
N VAL G 514 38.33 -45.35 -27.68
CA VAL G 514 37.60 -44.80 -26.55
C VAL G 514 37.58 -43.28 -26.67
N VAL G 515 36.38 -42.69 -26.60
CA VAL G 515 36.21 -41.25 -26.57
C VAL G 515 35.36 -40.91 -25.36
N VAL G 516 35.85 -40.02 -24.50
CA VAL G 516 35.18 -39.61 -23.28
C VAL G 516 34.86 -38.13 -23.37
N LEU G 517 33.59 -37.78 -23.19
CA LEU G 517 33.13 -36.41 -23.19
C LEU G 517 32.90 -35.96 -21.76
N SER G 518 33.61 -34.92 -21.34
CA SER G 518 33.54 -34.41 -19.97
C SER G 518 32.80 -33.08 -19.97
N PHE G 519 31.80 -32.96 -19.10
CA PHE G 519 30.98 -31.76 -18.99
C PHE G 519 31.10 -31.17 -17.59
N GLU G 520 30.93 -29.86 -17.50
CA GLU G 520 31.02 -29.13 -16.24
C GLU G 520 29.79 -28.25 -16.10
N LEU G 521 29.15 -28.32 -14.94
CA LEU G 521 27.97 -27.51 -14.66
C LEU G 521 28.34 -26.26 -13.85
N ALA G 526 28.43 -23.29 -22.30
CA ALA G 526 27.90 -21.94 -22.42
C ALA G 526 27.67 -21.58 -23.88
N THR G 527 28.76 -21.30 -24.61
CA THR G 527 28.67 -20.93 -26.01
C THR G 527 28.42 -22.12 -26.92
N VAL G 528 28.49 -23.34 -26.41
CA VAL G 528 28.22 -24.55 -27.18
C VAL G 528 26.97 -25.21 -26.61
N CYS G 529 25.96 -25.38 -27.45
CA CYS G 529 24.70 -25.98 -27.03
C CYS G 529 24.08 -26.70 -28.22
N GLY G 530 23.21 -27.66 -27.92
CA GLY G 530 22.53 -28.42 -28.94
C GLY G 530 21.48 -27.61 -29.67
N PRO G 531 21.01 -28.12 -30.80
CA PRO G 531 20.00 -27.37 -31.57
C PRO G 531 18.65 -27.27 -30.86
N LYS G 532 18.39 -28.12 -29.87
CA LYS G 532 17.17 -28.06 -29.09
C LYS G 532 15.92 -28.18 -29.98
N LYS G 533 15.25 -27.05 -30.21
CA LYS G 533 14.05 -27.00 -31.01
C LYS G 533 14.19 -25.90 -32.06
N SER G 534 13.75 -26.18 -33.28
CA SER G 534 13.84 -25.24 -34.39
C SER G 534 12.57 -25.36 -35.23
N THR G 535 11.67 -24.39 -35.07
CA THR G 535 10.38 -24.39 -35.76
C THR G 535 10.39 -23.30 -36.81
N ASN G 536 9.58 -23.48 -37.85
CA ASN G 536 9.51 -22.53 -38.95
C ASN G 536 8.86 -21.22 -38.50
N LEU G 537 8.85 -20.24 -39.40
CA LEU G 537 8.34 -18.91 -39.11
C LEU G 537 7.01 -18.71 -39.84
N VAL G 538 6.01 -18.22 -39.11
CA VAL G 538 4.74 -17.80 -39.69
C VAL G 538 4.44 -16.39 -39.23
N LYS G 539 3.94 -15.57 -40.15
CA LYS G 539 3.69 -14.16 -39.90
C LYS G 539 2.21 -13.86 -40.12
N ASN G 540 1.80 -12.65 -39.73
CA ASN G 540 0.44 -12.17 -39.94
C ASN G 540 -0.59 -13.04 -39.21
N LYS G 541 -0.22 -13.50 -38.02
CA LYS G 541 -1.12 -14.28 -37.17
C LYS G 541 -0.56 -14.32 -35.76
N CYS G 542 -1.41 -14.04 -34.77
CA CYS G 542 -1.00 -14.13 -33.37
C CYS G 542 -0.43 -15.50 -33.05
N VAL G 543 0.85 -15.54 -32.71
CA VAL G 543 1.55 -16.76 -32.37
C VAL G 543 2.35 -16.53 -31.08
N ASN G 544 3.08 -17.54 -30.66
CA ASN G 544 3.97 -17.46 -29.51
C ASN G 544 5.39 -17.57 -30.05
N PHE G 545 5.96 -16.42 -30.43
CA PHE G 545 7.30 -16.38 -30.97
C PHE G 545 8.33 -16.46 -29.86
N ASN G 546 9.44 -17.16 -30.12
CA ASN G 546 10.53 -17.32 -29.15
C ASN G 546 11.84 -17.28 -29.95
N PHE G 547 12.43 -16.09 -30.00
CA PHE G 547 13.65 -15.86 -30.77
C PHE G 547 14.85 -15.95 -29.83
N ASN G 548 15.67 -16.99 -30.02
CA ASN G 548 16.93 -17.23 -29.33
C ASN G 548 16.75 -17.49 -27.83
N GLY G 549 15.53 -17.54 -27.33
CA GLY G 549 15.33 -17.86 -25.92
C GLY G 549 14.60 -16.80 -25.12
N LEU G 550 13.80 -15.97 -25.80
CA LEU G 550 13.00 -14.95 -25.14
C LEU G 550 11.53 -15.18 -25.46
N THR G 551 10.68 -15.00 -24.45
CA THR G 551 9.26 -15.22 -24.61
C THR G 551 8.59 -14.01 -25.27
N GLY G 552 7.29 -14.13 -25.49
CA GLY G 552 6.52 -13.07 -26.13
C GLY G 552 5.54 -13.59 -27.15
N THR G 553 4.30 -13.12 -27.10
CA THR G 553 3.27 -13.54 -28.05
C THR G 553 2.75 -12.32 -28.80
N GLY G 554 2.39 -12.53 -30.06
CA GLY G 554 1.92 -11.44 -30.89
C GLY G 554 1.98 -11.83 -32.36
N VAL G 555 1.77 -10.82 -33.20
CA VAL G 555 1.72 -10.97 -34.65
C VAL G 555 2.92 -10.25 -35.26
N LEU G 556 3.62 -10.95 -36.17
CA LEU G 556 4.86 -10.48 -36.76
C LEU G 556 4.58 -9.83 -38.11
N THR G 557 5.20 -8.68 -38.36
CA THR G 557 4.97 -7.90 -39.57
C THR G 557 6.29 -7.66 -40.31
N GLU G 558 6.25 -7.76 -41.63
CA GLU G 558 7.39 -7.42 -42.46
C GLU G 558 7.73 -5.93 -42.30
N SER G 559 9.02 -5.63 -42.15
CA SER G 559 9.47 -4.27 -41.88
C SER G 559 10.49 -3.83 -42.93
N ASN G 560 10.86 -2.56 -42.84
CA ASN G 560 11.85 -1.96 -43.72
C ASN G 560 13.05 -1.35 -43.01
N LYS G 561 12.93 -0.94 -41.75
CA LYS G 561 14.02 -0.25 -41.08
C LYS G 561 15.20 -1.19 -40.86
N LYS G 562 16.41 -0.64 -41.02
CA LYS G 562 17.64 -1.41 -41.01
C LYS G 562 18.34 -1.31 -39.66
N PHE G 563 19.04 -2.37 -39.30
CA PHE G 563 19.76 -2.49 -38.04
C PHE G 563 21.25 -2.24 -38.24
N LEU G 564 22.03 -2.49 -37.19
CA LEU G 564 23.46 -2.69 -37.24
C LEU G 564 23.78 -4.16 -37.03
N PRO G 565 24.86 -4.67 -37.64
CA PRO G 565 25.06 -6.13 -37.66
C PRO G 565 25.10 -6.79 -36.29
N PHE G 566 25.53 -6.08 -35.25
CA PHE G 566 25.56 -6.64 -33.91
C PHE G 566 24.22 -6.52 -33.19
N GLN G 567 23.28 -5.73 -33.72
CA GLN G 567 22.02 -5.45 -33.03
C GLN G 567 20.95 -6.47 -33.40
N GLN G 568 20.23 -6.94 -32.39
CA GLN G 568 19.18 -7.94 -32.57
C GLN G 568 17.80 -7.45 -32.17
N PHE G 569 17.68 -6.75 -31.03
CA PHE G 569 16.40 -6.42 -30.44
C PHE G 569 15.78 -5.24 -31.18
N GLY G 570 14.73 -4.65 -30.61
CA GLY G 570 14.15 -3.43 -31.13
C GLY G 570 13.12 -2.89 -30.16
N ARG G 571 13.26 -1.63 -29.76
CA ARG G 571 12.41 -1.09 -28.70
C ARG G 571 12.04 0.36 -29.00
N ASP G 572 10.90 0.77 -28.45
CA ASP G 572 10.45 2.14 -28.47
C ASP G 572 10.85 2.82 -27.16
N ILE G 573 10.30 4.01 -26.91
CA ILE G 573 10.58 4.74 -25.68
C ILE G 573 10.14 3.99 -24.43
N ALA G 574 9.10 3.17 -24.54
CA ALA G 574 8.56 2.46 -23.39
C ALA G 574 9.39 1.24 -22.99
N ASP G 575 10.48 0.97 -23.70
CA ASP G 575 11.40 -0.13 -23.37
C ASP G 575 10.70 -1.48 -23.49
N THR G 576 9.97 -1.66 -24.60
CA THR G 576 9.31 -2.91 -24.91
C THR G 576 9.66 -3.30 -26.33
N THR G 577 9.78 -4.61 -26.58
CA THR G 577 10.19 -5.09 -27.89
C THR G 577 9.25 -4.60 -28.97
N ASP G 578 9.83 -4.06 -30.05
CA ASP G 578 9.07 -3.48 -31.15
C ASP G 578 9.51 -4.00 -32.51
N ALA G 579 10.56 -4.80 -32.57
CA ALA G 579 11.05 -5.38 -33.82
C ALA G 579 12.04 -6.47 -33.46
N VAL G 580 12.43 -7.25 -34.47
CA VAL G 580 13.37 -8.35 -34.23
C VAL G 580 13.94 -8.83 -35.56
N ARG G 581 15.14 -9.41 -35.50
CA ARG G 581 15.70 -10.16 -36.61
C ARG G 581 15.76 -11.63 -36.20
N ASP G 582 15.21 -12.50 -37.02
CA ASP G 582 15.18 -13.91 -36.68
C ASP G 582 16.60 -14.49 -36.68
N PRO G 583 16.86 -15.52 -35.87
CA PRO G 583 18.23 -16.02 -35.75
C PRO G 583 18.75 -16.77 -36.97
N GLN G 584 17.89 -17.15 -37.91
CA GLN G 584 18.35 -17.94 -39.06
C GLN G 584 18.77 -17.06 -40.22
N THR G 585 17.84 -16.26 -40.76
CA THR G 585 18.17 -15.30 -41.80
C THR G 585 18.28 -13.91 -41.17
N LEU G 586 18.52 -12.91 -41.99
CA LEU G 586 18.84 -11.56 -41.50
C LEU G 586 17.77 -10.55 -41.91
N GLU G 587 16.54 -11.02 -42.09
CA GLU G 587 15.43 -10.13 -42.43
C GLU G 587 14.83 -9.56 -41.15
N ILE G 588 14.37 -8.32 -41.22
CA ILE G 588 13.94 -7.56 -40.06
C ILE G 588 12.42 -7.52 -40.03
N LEU G 589 11.84 -8.09 -38.98
CA LEU G 589 10.39 -8.14 -38.83
C LEU G 589 9.98 -7.59 -37.46
N ASP G 590 8.96 -6.73 -37.45
CA ASP G 590 8.48 -6.11 -36.23
C ASP G 590 7.72 -7.10 -35.35
N ILE G 591 7.25 -6.57 -34.22
CA ILE G 591 6.40 -7.27 -33.29
C ILE G 591 5.34 -6.28 -32.83
N THR G 592 4.09 -6.54 -33.15
CA THR G 592 2.99 -5.68 -32.77
C THR G 592 1.95 -6.51 -32.02
N PRO G 593 1.34 -5.94 -30.97
CA PRO G 593 0.53 -6.75 -30.05
C PRO G 593 -0.74 -7.27 -30.70
N CYS G 594 -1.27 -8.32 -30.10
CA CYS G 594 -2.47 -8.97 -30.62
C CYS G 594 -3.65 -8.01 -30.59
N SER G 595 -4.57 -8.21 -31.53
CA SER G 595 -5.68 -7.29 -31.74
C SER G 595 -6.69 -7.44 -30.60
N PHE G 596 -6.39 -6.81 -29.48
CA PHE G 596 -7.27 -6.80 -28.32
C PHE G 596 -8.06 -5.49 -28.28
N GLY G 597 -8.94 -5.39 -27.30
CA GLY G 597 -9.73 -4.19 -27.13
C GLY G 597 -11.02 -4.52 -26.38
N GLY G 598 -11.86 -3.49 -26.24
CA GLY G 598 -13.15 -3.66 -25.62
C GLY G 598 -14.19 -4.18 -26.62
N VAL G 599 -15.28 -4.68 -26.07
CA VAL G 599 -16.42 -5.15 -26.85
C VAL G 599 -17.69 -4.70 -26.14
N SER G 600 -18.39 -3.74 -26.74
CA SER G 600 -19.57 -3.13 -26.15
C SER G 600 -20.81 -3.55 -26.93
N VAL G 601 -21.95 -3.49 -26.23
CA VAL G 601 -23.22 -3.93 -26.78
C VAL G 601 -24.09 -2.70 -26.99
N ILE G 602 -24.58 -2.54 -28.22
CA ILE G 602 -25.47 -1.44 -28.58
C ILE G 602 -26.89 -1.97 -28.60
N THR G 603 -27.75 -1.41 -27.75
CA THR G 603 -29.12 -1.88 -27.65
C THR G 603 -30.05 -0.70 -27.54
N PRO G 604 -31.29 -0.84 -28.02
CA PRO G 604 -32.37 0.02 -27.53
C PRO G 604 -32.84 -0.50 -26.18
N GLY G 605 -33.90 0.07 -25.63
CA GLY G 605 -34.47 -0.50 -24.42
C GLY G 605 -35.03 -1.88 -24.68
N THR G 606 -35.07 -2.70 -23.62
CA THR G 606 -35.73 -4.00 -23.74
C THR G 606 -37.21 -3.85 -24.02
N ASN G 607 -37.82 -2.74 -23.60
CA ASN G 607 -39.19 -2.42 -23.97
C ASN G 607 -39.34 -2.06 -25.44
N THR G 608 -38.24 -1.80 -26.14
CA THR G 608 -38.26 -1.43 -27.55
C THR G 608 -37.86 -2.56 -28.47
N SER G 609 -36.73 -3.21 -28.20
CA SER G 609 -36.21 -4.24 -29.09
C SER G 609 -35.46 -5.29 -28.30
N ASN G 610 -35.15 -6.40 -28.98
CA ASN G 610 -34.38 -7.49 -28.40
C ASN G 610 -33.13 -7.85 -29.20
N GLN G 611 -33.11 -7.56 -30.50
CA GLN G 611 -31.90 -7.74 -31.30
C GLN G 611 -30.99 -6.53 -31.12
N VAL G 612 -29.69 -6.79 -31.11
CA VAL G 612 -28.70 -5.81 -30.65
C VAL G 612 -27.51 -5.80 -31.58
N ALA G 613 -26.71 -4.74 -31.46
CA ALA G 613 -25.43 -4.62 -32.15
C ALA G 613 -24.29 -4.93 -31.18
N VAL G 614 -23.11 -5.21 -31.71
CA VAL G 614 -21.95 -5.53 -30.91
C VAL G 614 -20.78 -4.71 -31.44
N LEU G 615 -20.33 -3.75 -30.64
CA LEU G 615 -19.12 -3.00 -30.97
C LEU G 615 -17.89 -3.82 -30.63
N TYR G 616 -16.82 -3.59 -31.38
CA TYR G 616 -15.51 -4.12 -31.04
C TYR G 616 -14.50 -2.98 -31.07
N GLN G 617 -13.83 -2.75 -29.94
CA GLN G 617 -13.02 -1.55 -29.73
C GLN G 617 -11.59 -1.79 -30.22
N GLY G 618 -11.10 -0.90 -31.07
CA GLY G 618 -9.71 -0.88 -31.46
C GLY G 618 -9.28 -1.95 -32.46
N VAL G 619 -10.01 -3.03 -32.50
CA VAL G 619 -9.70 -4.16 -33.38
C VAL G 619 -10.42 -3.97 -34.71
N ASN G 620 -9.72 -4.23 -35.81
CA ASN G 620 -10.38 -4.25 -37.10
C ASN G 620 -11.37 -5.39 -37.18
N CYS G 621 -12.25 -5.31 -38.19
CA CYS G 621 -13.44 -6.14 -38.26
C CYS G 621 -13.22 -7.39 -39.12
N THR G 622 -11.96 -7.73 -39.41
CA THR G 622 -11.64 -8.99 -40.06
C THR G 622 -11.32 -10.09 -39.06
N GLU G 623 -10.99 -9.75 -37.82
CA GLU G 623 -10.88 -10.77 -36.78
C GLU G 623 -12.26 -11.26 -36.35
N VAL G 624 -13.19 -10.34 -36.15
CA VAL G 624 -14.57 -10.69 -35.80
C VAL G 624 -15.54 -9.83 -36.58
N SER G 644 -26.12 -10.87 -39.20
CA SER G 644 -25.10 -9.93 -38.78
C SER G 644 -24.43 -9.30 -40.01
N ASN G 645 -24.11 -8.02 -39.91
CA ASN G 645 -23.49 -7.27 -41.00
C ASN G 645 -22.25 -6.56 -40.46
N VAL G 646 -21.08 -7.09 -40.79
CA VAL G 646 -19.83 -6.51 -40.31
C VAL G 646 -19.67 -5.11 -40.85
N PHE G 647 -18.96 -4.26 -40.11
CA PHE G 647 -18.76 -2.87 -40.48
C PHE G 647 -17.50 -2.37 -39.80
N GLN G 648 -16.61 -1.75 -40.57
CA GLN G 648 -15.33 -1.30 -40.06
C GLN G 648 -15.32 0.22 -39.90
N THR G 649 -14.70 0.68 -38.80
CA THR G 649 -14.47 2.09 -38.55
C THR G 649 -13.29 2.17 -37.59
N ARG G 650 -12.75 3.38 -37.42
CA ARG G 650 -11.62 3.56 -36.52
C ARG G 650 -11.93 3.03 -35.12
N ALA G 651 -13.20 3.08 -34.70
CA ALA G 651 -13.57 2.44 -33.44
C ALA G 651 -13.38 0.94 -33.50
N GLY G 652 -13.77 0.31 -34.60
CA GLY G 652 -13.53 -1.09 -34.81
C GLY G 652 -14.76 -1.77 -35.37
N CYS G 653 -14.76 -3.11 -35.27
CA CYS G 653 -15.83 -3.93 -35.80
C CYS G 653 -17.14 -3.64 -35.07
N LEU G 654 -18.22 -3.52 -35.85
CA LEU G 654 -19.54 -3.24 -35.32
C LEU G 654 -20.53 -4.26 -35.87
N ILE G 655 -20.23 -5.55 -35.66
CA ILE G 655 -21.13 -6.61 -36.12
C ILE G 655 -22.52 -6.39 -35.56
N GLY G 656 -23.52 -6.57 -36.42
CA GLY G 656 -24.90 -6.48 -35.99
C GLY G 656 -25.75 -5.44 -36.68
N ALA G 657 -25.19 -4.24 -36.89
CA ALA G 657 -25.96 -3.13 -37.45
C ALA G 657 -25.60 -2.91 -38.91
N GLU G 658 -26.31 -1.96 -39.52
CA GLU G 658 -26.23 -1.70 -40.95
C GLU G 658 -25.69 -0.30 -41.20
N HIS G 659 -24.70 -0.20 -42.09
CA HIS G 659 -24.21 1.10 -42.52
C HIS G 659 -25.31 1.87 -43.23
N VAL G 660 -25.38 3.17 -42.97
CA VAL G 660 -26.30 4.08 -43.65
C VAL G 660 -25.51 5.26 -44.17
N ASN G 661 -25.66 5.55 -45.47
CA ASN G 661 -24.98 6.70 -46.05
C ASN G 661 -25.60 8.02 -45.63
N ASN G 662 -26.81 8.01 -45.08
CA ASN G 662 -27.42 9.20 -44.52
C ASN G 662 -26.86 9.45 -43.11
N SER G 663 -27.32 10.52 -42.48
CA SER G 663 -26.81 10.89 -41.16
C SER G 663 -27.84 11.72 -40.42
N TYR G 664 -28.15 11.30 -39.20
CA TYR G 664 -29.07 12.00 -38.32
C TYR G 664 -28.37 12.30 -36.99
N GLU G 665 -28.94 13.24 -36.24
CA GLU G 665 -28.46 13.51 -34.89
C GLU G 665 -28.55 12.24 -34.06
N CYS G 666 -27.40 11.69 -33.67
CA CYS G 666 -27.36 10.32 -33.19
C CYS G 666 -27.75 10.23 -31.72
N ASP G 667 -27.99 8.99 -31.29
CA ASP G 667 -28.50 8.70 -29.95
C ASP G 667 -27.56 7.82 -29.14
N ILE G 668 -26.95 6.81 -29.75
CA ILE G 668 -26.10 5.86 -29.04
C ILE G 668 -24.68 6.03 -29.57
N PRO G 669 -23.83 6.81 -28.90
CA PRO G 669 -22.43 6.91 -29.31
C PRO G 669 -21.70 5.58 -29.52
N ILE G 670 -21.23 5.36 -30.75
CA ILE G 670 -20.36 4.22 -31.04
C ILE G 670 -18.92 4.52 -30.67
N GLY G 671 -18.31 5.47 -31.35
CA GLY G 671 -16.91 5.78 -31.17
C GLY G 671 -16.24 6.03 -32.51
N ALA G 672 -15.27 6.93 -32.50
CA ALA G 672 -14.48 7.29 -33.68
C ALA G 672 -15.38 7.63 -34.87
N GLY G 673 -16.52 8.25 -34.57
CA GLY G 673 -17.35 8.80 -35.62
C GLY G 673 -18.75 8.24 -35.78
N ILE G 674 -18.88 6.94 -35.70
CA ILE G 674 -20.15 6.27 -35.96
C ILE G 674 -21.06 6.46 -34.76
N CYS G 675 -22.37 6.48 -35.04
CA CYS G 675 -23.39 6.33 -34.01
C CYS G 675 -24.40 5.28 -34.47
N ALA G 676 -24.99 4.59 -33.51
CA ALA G 676 -26.02 3.61 -33.79
C ALA G 676 -27.38 4.09 -33.29
N SER G 677 -28.42 3.59 -33.94
CA SER G 677 -29.80 3.93 -33.60
C SER G 677 -30.66 2.71 -33.87
N TYR G 678 -31.97 2.90 -33.88
CA TYR G 678 -32.92 1.80 -34.11
C TYR G 678 -34.02 2.30 -35.04
N GLN G 679 -33.89 1.95 -36.33
CA GLN G 679 -34.89 2.28 -37.34
C GLN G 679 -34.54 1.53 -38.61
N THR G 680 -35.49 1.47 -39.53
CA THR G 680 -35.32 0.74 -40.79
C THR G 680 -34.10 1.21 -41.56
N SER G 693 -38.80 -4.80 -40.54
CA SER G 693 -39.24 -3.52 -39.97
C SER G 693 -38.04 -2.68 -39.55
N GLN G 694 -38.19 -1.95 -38.45
CA GLN G 694 -37.10 -1.13 -37.95
C GLN G 694 -35.95 -2.01 -37.46
N SER G 695 -34.73 -1.61 -37.78
CA SER G 695 -33.53 -2.38 -37.43
C SER G 695 -32.54 -1.43 -36.77
N ILE G 696 -31.32 -1.92 -36.59
CA ILE G 696 -30.23 -1.16 -35.98
C ILE G 696 -29.28 -0.69 -37.07
N ILE G 697 -29.03 0.61 -37.12
CA ILE G 697 -28.26 1.24 -38.19
C ILE G 697 -26.99 1.84 -37.59
N ALA G 698 -25.88 1.71 -38.31
CA ALA G 698 -24.57 2.21 -37.90
C ALA G 698 -24.10 3.22 -38.94
N TYR G 699 -24.26 4.50 -38.63
CA TYR G 699 -24.00 5.57 -39.59
C TYR G 699 -23.08 6.63 -38.99
N THR G 700 -22.39 7.34 -39.86
CA THR G 700 -21.59 8.48 -39.43
C THR G 700 -22.49 9.53 -38.82
N MET G 701 -22.15 9.99 -37.62
CA MET G 701 -23.02 10.91 -36.90
C MET G 701 -23.08 12.24 -37.62
N SER G 702 -24.30 12.80 -37.71
CA SER G 702 -24.54 13.93 -38.59
C SER G 702 -23.93 15.22 -38.06
N LEU G 703 -23.63 15.27 -36.76
CA LEU G 703 -23.28 16.48 -36.03
C LEU G 703 -24.41 17.51 -36.04
N GLY G 704 -25.58 17.14 -36.52
CA GLY G 704 -26.67 18.07 -36.72
C GLY G 704 -26.87 18.40 -38.19
N ALA G 705 -28.00 19.05 -38.47
CA ALA G 705 -28.33 19.42 -39.84
C ALA G 705 -27.29 20.37 -40.39
N GLU G 706 -26.87 20.12 -41.64
CA GLU G 706 -25.84 20.93 -42.27
C GLU G 706 -26.41 22.26 -42.74
N ASN G 707 -26.79 23.11 -41.79
CA ASN G 707 -27.28 24.44 -42.15
C ASN G 707 -26.15 25.27 -42.75
N SER G 708 -26.48 26.04 -43.78
CA SER G 708 -25.59 27.04 -44.34
C SER G 708 -26.18 28.40 -44.02
N VAL G 709 -25.53 29.14 -43.12
CA VAL G 709 -26.04 30.43 -42.71
C VAL G 709 -26.09 31.35 -43.91
N ALA G 710 -27.21 32.04 -44.09
CA ALA G 710 -27.38 32.95 -45.23
C ALA G 710 -26.58 34.23 -44.97
N TYR G 711 -25.26 34.05 -44.93
CA TYR G 711 -24.36 35.18 -44.67
C TYR G 711 -24.21 36.05 -45.90
N SER G 712 -24.20 37.36 -45.67
CA SER G 712 -23.71 38.33 -46.63
C SER G 712 -23.37 39.59 -45.87
N ASN G 713 -22.65 40.48 -46.53
CA ASN G 713 -22.34 41.80 -45.97
C ASN G 713 -23.57 42.67 -45.75
N ASN G 714 -24.77 42.17 -46.05
CA ASN G 714 -26.00 42.89 -45.77
C ASN G 714 -27.13 42.03 -45.23
N SER G 715 -26.91 40.73 -44.98
CA SER G 715 -27.99 39.86 -44.54
C SER G 715 -28.03 39.80 -43.01
N ILE G 716 -29.23 40.03 -42.47
CA ILE G 716 -29.46 40.00 -41.03
C ILE G 716 -30.69 39.14 -40.75
N ALA G 717 -30.65 38.42 -39.64
CA ALA G 717 -31.79 37.63 -39.18
C ALA G 717 -32.19 38.12 -37.79
N ILE G 718 -33.48 38.35 -37.60
CA ILE G 718 -34.00 38.73 -36.28
C ILE G 718 -35.16 37.81 -35.91
N PRO G 719 -35.19 37.29 -34.68
CA PRO G 719 -36.34 36.46 -34.27
C PRO G 719 -37.55 37.32 -33.96
N THR G 720 -38.68 37.00 -34.58
CA THR G 720 -39.90 37.75 -34.39
C THR G 720 -40.70 37.30 -33.18
N ASN G 721 -40.33 36.17 -32.58
CA ASN G 721 -41.09 35.57 -31.49
C ASN G 721 -40.12 34.81 -30.60
N PHE G 722 -40.63 34.29 -29.48
CA PHE G 722 -39.78 33.58 -28.54
C PHE G 722 -40.58 32.51 -27.83
N THR G 723 -39.86 31.55 -27.26
CA THR G 723 -40.44 30.55 -26.38
C THR G 723 -39.86 30.76 -24.99
N ILE G 724 -40.74 30.91 -23.99
CA ILE G 724 -40.29 30.91 -22.61
C ILE G 724 -39.89 29.48 -22.28
N SER G 725 -38.59 29.22 -22.28
CA SER G 725 -38.07 27.89 -22.01
C SER G 725 -37.74 27.78 -20.53
N VAL G 726 -38.50 26.99 -19.79
CA VAL G 726 -38.17 26.70 -18.39
C VAL G 726 -37.23 25.50 -18.45
N THR G 727 -35.96 25.79 -18.73
CA THR G 727 -34.92 24.78 -18.66
C THR G 727 -34.81 24.29 -17.22
N THR G 728 -34.50 23.02 -17.07
CA THR G 728 -34.37 22.41 -15.76
C THR G 728 -32.95 21.89 -15.63
N GLU G 729 -32.12 22.63 -14.89
CA GLU G 729 -30.77 22.21 -14.59
C GLU G 729 -30.77 21.61 -13.19
N ILE G 730 -30.24 20.41 -13.06
CA ILE G 730 -30.36 19.63 -11.85
C ILE G 730 -28.98 19.64 -11.20
N LEU G 731 -28.73 20.63 -10.34
CA LEU G 731 -27.37 20.55 -9.83
C LEU G 731 -27.33 19.83 -8.50
N PRO G 732 -26.31 18.98 -8.31
CA PRO G 732 -26.05 18.44 -6.97
C PRO G 732 -25.54 19.53 -6.05
N VAL G 733 -25.90 19.41 -4.77
CA VAL G 733 -25.48 20.38 -3.77
C VAL G 733 -24.80 19.67 -2.61
N SER G 734 -25.48 18.67 -2.05
CA SER G 734 -25.01 18.01 -0.85
C SER G 734 -24.89 16.52 -1.12
N MET G 735 -23.75 15.97 -0.76
CA MET G 735 -23.59 14.53 -0.66
C MET G 735 -24.32 14.03 0.58
N THR G 736 -24.70 12.76 0.57
CA THR G 736 -25.25 12.17 1.79
C THR G 736 -24.17 12.23 2.86
N LYS G 737 -24.40 13.05 3.89
CA LYS G 737 -23.38 13.26 4.91
C LYS G 737 -23.03 11.95 5.59
N THR G 738 -21.73 11.70 5.75
CA THR G 738 -21.25 10.42 6.21
C THR G 738 -20.04 10.62 7.11
N SER G 739 -20.03 9.92 8.25
CA SER G 739 -18.85 9.77 9.07
C SER G 739 -18.68 8.30 9.41
N VAL G 740 -17.43 7.89 9.62
CA VAL G 740 -17.08 6.49 9.81
C VAL G 740 -16.42 6.33 11.16
N ASP G 741 -16.85 5.31 11.90
CA ASP G 741 -16.13 4.83 13.07
C ASP G 741 -15.34 3.59 12.65
N CYS G 742 -14.03 3.74 12.50
CA CYS G 742 -13.18 2.63 12.10
C CYS G 742 -13.28 1.46 13.08
N THR G 743 -13.49 1.77 14.36
CA THR G 743 -13.60 0.71 15.37
C THR G 743 -14.81 -0.18 15.11
N MET G 744 -15.76 0.28 14.29
CA MET G 744 -16.89 -0.54 13.88
C MET G 744 -16.82 -0.93 12.41
N TYR G 745 -16.42 -0.01 11.53
CA TYR G 745 -16.36 -0.34 10.10
C TYR G 745 -15.21 -1.30 9.80
N ILE G 746 -13.98 -0.87 10.05
CA ILE G 746 -12.82 -1.72 9.75
C ILE G 746 -12.80 -2.93 10.66
N CYS G 747 -13.28 -2.77 11.90
CA CYS G 747 -13.11 -3.80 12.92
C CYS G 747 -14.39 -4.59 13.20
N GLY G 748 -15.50 -3.90 13.46
CA GLY G 748 -16.71 -4.63 13.81
C GLY G 748 -16.60 -5.26 15.18
N ASP G 749 -16.61 -4.42 16.22
CA ASP G 749 -16.56 -4.76 17.65
C ASP G 749 -15.49 -5.80 17.97
N SER G 750 -14.37 -5.77 17.26
CA SER G 750 -13.21 -6.59 17.57
C SER G 750 -12.18 -5.71 18.26
N THR G 751 -11.83 -6.08 19.49
CA THR G 751 -10.86 -5.29 20.25
C THR G 751 -9.46 -5.40 19.65
N GLU G 752 -9.06 -6.60 19.25
CA GLU G 752 -7.73 -6.80 18.68
C GLU G 752 -7.57 -6.02 17.38
N CYS G 753 -8.64 -5.97 16.56
CA CYS G 753 -8.58 -5.17 15.35
C CYS G 753 -8.35 -3.70 15.67
N SER G 754 -9.01 -3.20 16.72
CA SER G 754 -8.80 -1.82 17.13
C SER G 754 -7.36 -1.60 17.60
N ASN G 755 -6.81 -2.56 18.33
CA ASN G 755 -5.43 -2.43 18.80
C ASN G 755 -4.46 -2.37 17.61
N LEU G 756 -4.65 -3.24 16.63
CA LEU G 756 -3.78 -3.22 15.45
C LEU G 756 -4.01 -2.01 14.57
N LEU G 757 -5.23 -1.46 14.59
CA LEU G 757 -5.48 -0.19 13.92
C LEU G 757 -4.74 0.95 14.61
N LEU G 758 -4.65 0.88 15.94
CA LEU G 758 -3.78 1.81 16.66
C LEU G 758 -2.31 1.58 16.31
N GLN G 759 -1.94 0.33 16.03
CA GLN G 759 -0.60 0.03 15.53
C GLN G 759 -0.34 0.63 14.16
N TYR G 760 -1.32 1.31 13.56
CA TYR G 760 -1.13 2.00 12.29
C TYR G 760 -0.95 3.49 12.46
N GLY G 761 -0.65 3.93 13.66
CA GLY G 761 -0.49 5.34 13.91
C GLY G 761 -1.84 6.05 13.85
N SER G 762 -1.92 7.06 13.01
CA SER G 762 -3.12 7.90 12.89
C SER G 762 -3.54 7.94 11.43
N PHE G 763 -4.32 6.94 11.00
CA PHE G 763 -5.03 7.00 9.73
C PHE G 763 -6.50 7.34 9.88
N CYS G 764 -7.18 6.79 10.89
CA CYS G 764 -8.60 7.05 11.07
C CYS G 764 -8.86 8.37 11.77
N THR G 765 -7.90 8.93 12.48
CA THR G 765 -8.05 10.32 12.90
C THR G 765 -8.05 11.23 11.68
N GLN G 766 -7.13 11.00 10.74
CA GLN G 766 -7.14 11.75 9.48
C GLN G 766 -8.35 11.42 8.63
N LEU G 767 -8.73 10.13 8.58
CA LEU G 767 -9.89 9.74 7.79
C LEU G 767 -11.17 10.39 8.32
N ASN G 768 -11.34 10.37 9.64
CA ASN G 768 -12.51 10.98 10.24
C ASN G 768 -12.46 12.50 10.16
N ARG G 769 -11.27 13.09 10.23
CA ARG G 769 -11.15 14.52 10.00
C ARG G 769 -11.56 14.89 8.58
N ALA G 770 -11.12 14.09 7.60
CA ALA G 770 -11.52 14.32 6.22
C ALA G 770 -13.02 14.16 6.05
N LEU G 771 -13.61 13.12 6.65
CA LEU G 771 -15.04 12.89 6.48
C LEU G 771 -15.87 13.92 7.23
N THR G 772 -15.40 14.38 8.38
CA THR G 772 -16.11 15.44 9.11
C THR G 772 -15.98 16.77 8.40
N GLY G 773 -14.82 17.05 7.80
CA GLY G 773 -14.70 18.21 6.94
C GLY G 773 -15.61 18.12 5.73
N ILE G 774 -15.78 16.90 5.20
CA ILE G 774 -16.73 16.68 4.12
C ILE G 774 -18.16 16.98 4.59
N ALA G 775 -18.53 16.49 5.77
CA ALA G 775 -19.90 16.66 6.25
C ALA G 775 -20.20 18.13 6.55
N VAL G 776 -19.29 18.81 7.23
CA VAL G 776 -19.43 20.26 7.40
C VAL G 776 -19.38 20.95 6.05
N GLU G 777 -18.70 20.34 5.08
CA GLU G 777 -18.67 20.88 3.73
C GLU G 777 -20.04 20.80 3.07
N GLN G 778 -20.78 19.71 3.27
CA GLN G 778 -22.14 19.67 2.72
C GLN G 778 -23.09 20.56 3.51
N ASP G 779 -22.83 20.74 4.80
CA ASP G 779 -23.62 21.74 5.53
C ASP G 779 -23.38 23.13 4.98
N LYS G 780 -22.12 23.47 4.70
CA LYS G 780 -21.81 24.74 4.06
C LYS G 780 -22.37 24.80 2.64
N ASN G 781 -22.34 23.69 1.92
CA ASN G 781 -22.93 23.63 0.59
C ASN G 781 -24.40 23.97 0.64
N THR G 782 -25.14 23.34 1.55
CA THR G 782 -26.56 23.58 1.70
C THR G 782 -26.84 25.02 2.11
N GLN G 783 -26.05 25.57 3.05
CA GLN G 783 -26.31 26.92 3.52
C GLN G 783 -25.73 28.01 2.64
N GLU G 784 -24.88 27.68 1.68
CA GLU G 784 -24.45 28.62 0.65
C GLU G 784 -25.35 28.56 -0.57
N VAL G 785 -25.96 27.41 -0.82
CA VAL G 785 -26.99 27.32 -1.86
C VAL G 785 -28.32 27.81 -1.32
N PHE G 786 -28.80 27.20 -0.23
CA PHE G 786 -30.16 27.44 0.24
C PHE G 786 -30.24 28.58 1.26
N ALA G 787 -29.27 28.71 2.17
CA ALA G 787 -29.32 29.82 3.11
C ALA G 787 -28.68 31.07 2.54
N GLN G 788 -29.10 31.44 1.32
CA GLN G 788 -28.78 32.74 0.76
C GLN G 788 -29.69 33.83 1.30
N VAL G 789 -30.56 33.51 2.25
CA VAL G 789 -31.56 34.41 2.79
C VAL G 789 -31.37 34.48 4.30
N LYS G 790 -31.53 35.68 4.86
CA LYS G 790 -31.35 35.86 6.29
C LYS G 790 -32.60 35.50 7.07
N GLN G 791 -33.74 36.09 6.71
CA GLN G 791 -35.01 35.80 7.34
C GLN G 791 -35.66 34.61 6.64
N ILE G 792 -36.94 34.36 6.94
CA ILE G 792 -37.74 33.37 6.24
C ILE G 792 -38.95 34.06 5.66
N TYR G 793 -39.13 33.93 4.35
CA TYR G 793 -40.08 34.73 3.60
C TYR G 793 -41.29 33.90 3.23
N LYS G 794 -42.46 34.52 3.30
CA LYS G 794 -43.72 33.84 3.01
C LYS G 794 -44.45 34.58 1.90
N THR G 795 -45.08 33.81 1.03
CA THR G 795 -45.97 34.39 0.04
C THR G 795 -47.33 34.64 0.67
N PRO G 796 -47.95 35.80 0.41
CA PRO G 796 -49.27 36.06 0.97
C PRO G 796 -50.29 35.12 0.35
N PRO G 797 -51.38 34.81 1.07
CA PRO G 797 -52.41 33.94 0.49
C PRO G 797 -52.97 34.48 -0.82
N ILE G 798 -53.06 35.79 -0.97
CA ILE G 798 -53.43 36.40 -2.24
C ILE G 798 -52.20 36.44 -3.14
N LYS G 799 -52.31 35.84 -4.32
CA LYS G 799 -51.17 35.68 -5.23
C LYS G 799 -51.57 36.22 -6.60
N ASP G 800 -51.42 37.53 -6.76
CA ASP G 800 -51.68 38.18 -8.05
C ASP G 800 -50.36 38.38 -8.79
N PHE G 801 -49.76 37.25 -9.17
CA PHE G 801 -48.44 37.23 -9.81
C PHE G 801 -48.50 37.58 -11.29
N GLY G 802 -49.60 38.12 -11.78
CA GLY G 802 -49.76 38.39 -13.18
C GLY G 802 -50.17 37.21 -14.03
N GLY G 803 -50.37 36.05 -13.42
CA GLY G 803 -50.72 34.83 -14.13
C GLY G 803 -49.71 33.73 -14.04
N PHE G 804 -48.59 33.95 -13.36
CA PHE G 804 -47.54 32.93 -13.26
C PHE G 804 -47.93 31.94 -12.18
N ASN G 805 -48.41 30.77 -12.60
CA ASN G 805 -48.90 29.75 -11.69
C ASN G 805 -47.73 29.13 -10.94
N PHE G 806 -47.56 29.53 -9.68
CA PHE G 806 -46.54 28.95 -8.81
C PHE G 806 -47.11 27.96 -7.81
N SER G 807 -48.40 27.61 -7.94
CA SER G 807 -48.99 26.65 -7.01
C SER G 807 -48.25 25.32 -7.06
N GLN G 808 -47.92 24.86 -8.26
CA GLN G 808 -47.08 23.69 -8.44
C GLN G 808 -45.67 23.90 -7.91
N ILE G 809 -45.25 25.15 -7.76
CA ILE G 809 -43.88 25.48 -7.36
C ILE G 809 -43.82 25.92 -5.91
N LEU G 810 -44.79 26.72 -5.47
CA LEU G 810 -44.86 27.14 -4.09
C LEU G 810 -45.29 25.98 -3.19
N PRO G 811 -44.95 26.03 -1.90
CA PRO G 811 -45.44 24.99 -0.99
C PRO G 811 -46.96 24.98 -0.92
N ASP G 812 -47.52 23.79 -0.78
CA ASP G 812 -48.97 23.65 -0.74
C ASP G 812 -49.40 23.17 0.64
N PRO G 813 -50.37 23.84 1.28
CA PRO G 813 -50.81 23.39 2.60
C PRO G 813 -51.74 22.18 2.55
N SER G 814 -52.22 21.80 1.37
CA SER G 814 -53.16 20.69 1.24
C SER G 814 -52.48 19.33 1.29
N LYS G 815 -51.25 19.27 1.75
CA LYS G 815 -50.49 18.03 1.90
C LYS G 815 -49.83 18.04 3.27
N PRO G 816 -49.61 16.86 3.85
CA PRO G 816 -48.94 16.80 5.17
C PRO G 816 -47.61 17.53 5.22
N SER G 817 -46.85 17.51 4.13
CA SER G 817 -45.59 18.23 4.04
C SER G 817 -45.81 19.60 3.40
N LYS G 818 -45.14 20.62 3.93
CA LYS G 818 -45.24 21.97 3.37
C LYS G 818 -44.27 22.07 2.19
N ARG G 819 -44.42 21.10 1.29
CA ARG G 819 -43.62 20.97 0.08
C ARG G 819 -44.42 21.46 -1.11
N SER G 820 -43.78 21.46 -2.27
CA SER G 820 -44.46 21.66 -3.54
C SER G 820 -44.63 20.32 -4.24
N PHE G 821 -45.62 20.25 -5.12
CA PHE G 821 -45.86 19.01 -5.86
C PHE G 821 -44.67 18.71 -6.76
N ILE G 822 -44.02 19.76 -7.29
CA ILE G 822 -42.85 19.56 -8.13
C ILE G 822 -41.73 18.90 -7.33
N GLU G 823 -41.50 19.34 -6.09
CA GLU G 823 -40.46 18.68 -5.30
C GLU G 823 -40.93 17.33 -4.80
N ASP G 824 -42.24 17.10 -4.67
CA ASP G 824 -42.72 15.76 -4.40
C ASP G 824 -42.36 14.82 -5.54
N LEU G 825 -42.54 15.27 -6.77
CA LEU G 825 -42.08 14.52 -7.94
C LEU G 825 -40.58 14.30 -7.88
N LEU G 826 -39.81 15.35 -7.59
CA LEU G 826 -38.36 15.23 -7.54
C LEU G 826 -37.92 14.25 -6.46
N PHE G 827 -38.68 14.17 -5.36
CA PHE G 827 -38.34 13.27 -4.27
C PHE G 827 -38.70 11.83 -4.61
N ASN G 828 -39.83 11.64 -5.30
CA ASN G 828 -40.23 10.29 -5.70
C ASN G 828 -39.31 9.73 -6.77
N LYS G 829 -39.01 10.52 -7.81
CA LYS G 829 -38.21 10.02 -8.93
C LYS G 829 -36.77 9.77 -8.51
N VAL G 830 -36.29 10.43 -7.46
CA VAL G 830 -34.98 10.13 -6.93
C VAL G 830 -35.09 8.99 -5.94
N THR G 831 -34.43 7.88 -6.24
CA THR G 831 -34.53 6.66 -5.44
C THR G 831 -33.30 6.47 -4.56
N LYS G 858 -23.69 1.33 4.71
CA LYS G 858 -24.81 1.83 5.51
C LYS G 858 -24.62 1.51 6.98
N PHE G 859 -25.62 0.86 7.58
CA PHE G 859 -25.59 0.60 9.02
C PHE G 859 -24.69 -0.58 9.36
N ASN G 860 -23.43 -0.55 8.94
CA ASN G 860 -22.50 -1.63 9.19
C ASN G 860 -21.18 -0.94 9.60
N GLY G 861 -21.25 -0.15 10.67
CA GLY G 861 -20.13 0.63 11.14
C GLY G 861 -20.08 2.05 10.60
N LEU G 862 -20.88 2.36 9.60
CA LEU G 862 -20.95 3.68 9.01
C LEU G 862 -22.23 4.35 9.47
N THR G 863 -22.15 5.62 9.83
CA THR G 863 -23.30 6.39 10.27
C THR G 863 -23.65 7.41 9.20
N VAL G 864 -24.82 7.26 8.60
CA VAL G 864 -25.32 8.29 7.69
C VAL G 864 -25.79 9.45 8.56
N LEU G 865 -24.97 10.49 8.65
CA LEU G 865 -25.33 11.64 9.45
C LEU G 865 -26.58 12.30 8.86
N PRO G 866 -27.59 12.59 9.65
CA PRO G 866 -28.75 13.30 9.12
C PRO G 866 -28.32 14.66 8.59
N PRO G 867 -28.97 15.16 7.54
CA PRO G 867 -28.68 16.51 7.09
C PRO G 867 -28.89 17.48 8.24
N LEU G 868 -27.79 18.12 8.66
CA LEU G 868 -27.85 19.11 9.73
C LEU G 868 -28.99 20.09 9.52
N LEU G 869 -29.27 20.39 8.26
CA LEU G 869 -30.48 21.09 7.86
C LEU G 869 -31.44 20.05 7.28
N THR G 870 -32.46 19.68 8.03
CA THR G 870 -33.30 18.56 7.66
C THR G 870 -34.08 18.86 6.38
N ASP G 871 -34.59 17.79 5.77
CA ASP G 871 -35.17 17.90 4.43
C ASP G 871 -36.36 18.85 4.40
N GLU G 872 -37.24 18.78 5.41
CA GLU G 872 -38.34 19.74 5.47
C GLU G 872 -37.81 21.14 5.69
N MET G 873 -36.69 21.27 6.37
CA MET G 873 -36.11 22.58 6.63
C MET G 873 -35.22 23.05 5.48
N ILE G 874 -34.59 22.13 4.75
CA ILE G 874 -34.01 22.49 3.46
C ILE G 874 -35.10 23.02 2.54
N ALA G 875 -36.26 22.36 2.54
CA ALA G 875 -37.39 22.83 1.76
C ALA G 875 -37.91 24.16 2.30
N GLN G 876 -37.74 24.42 3.59
CA GLN G 876 -38.16 25.71 4.14
C GLN G 876 -37.23 26.84 3.69
N TYR G 877 -35.91 26.62 3.72
CA TYR G 877 -35.00 27.54 3.04
C TYR G 877 -35.33 27.71 1.56
N THR G 878 -35.64 26.61 0.87
CA THR G 878 -35.99 26.73 -0.55
C THR G 878 -37.25 27.56 -0.74
N SER G 879 -38.26 27.36 0.12
CA SER G 879 -39.48 28.15 0.04
C SER G 879 -39.23 29.61 0.37
N ALA G 880 -38.36 29.88 1.35
CA ALA G 880 -38.02 31.27 1.66
C ALA G 880 -37.27 31.94 0.53
N LEU G 881 -36.29 31.23 -0.05
CA LEU G 881 -35.58 31.73 -1.22
C LEU G 881 -36.55 32.03 -2.35
N LEU G 882 -37.45 31.10 -2.63
CA LEU G 882 -38.32 31.25 -3.78
C LEU G 882 -39.41 32.29 -3.51
N ALA G 883 -39.81 32.43 -2.25
CA ALA G 883 -40.79 33.46 -1.89
C ALA G 883 -40.17 34.84 -1.93
N GLY G 884 -38.91 34.96 -1.53
CA GLY G 884 -38.21 36.22 -1.73
C GLY G 884 -37.99 36.51 -3.21
N THR G 885 -37.76 35.47 -4.00
CA THR G 885 -37.63 35.65 -5.44
C THR G 885 -38.93 36.15 -6.05
N ILE G 886 -40.06 35.56 -5.67
CA ILE G 886 -41.35 35.99 -6.21
C ILE G 886 -41.68 37.40 -5.70
N THR G 887 -41.51 37.64 -4.40
CA THR G 887 -41.92 38.86 -3.74
C THR G 887 -40.89 39.98 -3.89
N SER G 888 -39.62 39.69 -3.73
CA SER G 888 -38.57 40.71 -3.78
C SER G 888 -37.69 40.58 -5.01
N GLY G 889 -37.38 39.37 -5.44
CA GLY G 889 -36.60 39.16 -6.65
C GLY G 889 -35.10 39.00 -6.33
N TRP G 890 -34.31 40.00 -6.72
CA TRP G 890 -32.88 40.02 -6.45
C TRP G 890 -32.54 40.84 -5.21
N THR G 891 -33.38 41.79 -4.85
CA THR G 891 -33.07 42.74 -3.79
C THR G 891 -32.99 42.10 -2.42
N PHE G 892 -33.53 40.90 -2.23
CA PHE G 892 -33.38 40.21 -0.96
C PHE G 892 -32.01 39.56 -0.81
N GLY G 893 -31.23 39.49 -1.88
CA GLY G 893 -29.92 38.86 -1.82
C GLY G 893 -28.79 39.85 -1.58
N ALA G 894 -29.10 41.14 -1.68
CA ALA G 894 -28.15 42.18 -1.31
C ALA G 894 -28.29 42.52 0.17
N GLY G 895 -29.47 42.95 0.59
CA GLY G 895 -29.75 43.23 1.99
C GLY G 895 -31.02 42.56 2.46
N ALA G 896 -31.95 43.36 2.96
CA ALA G 896 -33.26 42.87 3.38
C ALA G 896 -34.13 42.58 2.16
N ALA G 897 -35.34 42.08 2.41
CA ALA G 897 -36.28 41.80 1.35
C ALA G 897 -36.98 43.09 0.93
N LEU G 898 -36.97 43.37 -0.36
CA LEU G 898 -37.61 44.56 -0.93
C LEU G 898 -38.73 44.08 -1.84
N GLN G 899 -39.96 44.10 -1.35
CA GLN G 899 -41.07 43.50 -2.09
C GLN G 899 -41.26 44.18 -3.43
N ILE G 900 -41.63 43.39 -4.43
CA ILE G 900 -41.87 43.88 -5.78
C ILE G 900 -42.83 42.93 -6.46
N PRO G 901 -43.84 43.41 -7.19
CA PRO G 901 -44.75 42.50 -7.88
C PRO G 901 -43.98 41.61 -8.85
N PHE G 902 -44.48 40.39 -9.06
CA PHE G 902 -43.73 39.42 -9.85
C PHE G 902 -43.61 39.86 -11.30
N ALA G 903 -44.65 40.51 -11.83
CA ALA G 903 -44.56 41.05 -13.19
C ALA G 903 -43.49 42.13 -13.27
N MET G 904 -43.38 42.96 -12.23
CA MET G 904 -42.35 44.00 -12.20
C MET G 904 -40.96 43.39 -12.34
N GLN G 905 -40.63 42.43 -11.48
CA GLN G 905 -39.31 41.87 -11.50
C GLN G 905 -39.08 41.01 -12.73
N MET G 906 -40.15 40.41 -13.28
CA MET G 906 -40.00 39.62 -14.50
C MET G 906 -39.66 40.53 -15.68
N ALA G 907 -40.34 41.68 -15.77
CA ALA G 907 -40.00 42.66 -16.78
C ALA G 907 -38.57 43.15 -16.61
N TYR G 908 -38.13 43.31 -15.35
CA TYR G 908 -36.73 43.70 -15.13
C TYR G 908 -35.76 42.59 -15.54
N ARG G 909 -36.16 41.34 -15.39
CA ARG G 909 -35.35 40.23 -15.88
C ARG G 909 -35.23 40.25 -17.40
N PHE G 910 -36.33 40.56 -18.11
CA PHE G 910 -36.20 40.83 -19.55
C PHE G 910 -35.26 42.00 -19.83
N ASN G 911 -35.40 43.11 -19.10
CA ASN G 911 -34.54 44.26 -19.33
C ASN G 911 -33.07 43.91 -19.13
N GLY G 912 -32.79 42.93 -18.29
CA GLY G 912 -31.42 42.52 -18.06
C GLY G 912 -30.82 41.59 -19.10
N ILE G 913 -31.58 41.22 -20.13
CA ILE G 913 -31.04 40.41 -21.22
C ILE G 913 -31.08 41.17 -22.54
N GLY G 914 -31.17 42.50 -22.49
CA GLY G 914 -31.23 43.28 -23.71
C GLY G 914 -32.57 43.27 -24.40
N VAL G 915 -33.57 42.62 -23.79
CA VAL G 915 -34.94 42.61 -24.30
C VAL G 915 -35.72 43.64 -23.50
N THR G 916 -36.39 44.56 -24.19
CA THR G 916 -37.06 45.65 -23.50
C THR G 916 -38.21 45.11 -22.65
N GLN G 917 -38.46 45.79 -21.53
CA GLN G 917 -39.49 45.38 -20.59
C GLN G 917 -40.87 45.26 -21.22
N ASN G 918 -41.14 46.03 -22.29
CA ASN G 918 -42.47 46.01 -22.88
C ASN G 918 -42.81 44.65 -23.46
N VAL G 919 -41.81 43.83 -23.78
CA VAL G 919 -42.13 42.52 -24.32
C VAL G 919 -43.02 41.75 -23.35
N LEU G 920 -42.70 41.75 -22.04
CA LEU G 920 -43.60 41.13 -21.07
C LEU G 920 -44.90 41.91 -20.96
N TYR G 921 -44.83 43.21 -20.72
CA TYR G 921 -46.06 43.92 -20.36
C TYR G 921 -47.09 43.89 -21.47
N GLU G 922 -46.68 43.66 -22.73
CA GLU G 922 -47.65 43.39 -23.79
C GLU G 922 -47.71 41.93 -24.24
N ASN G 923 -46.94 41.02 -23.64
CA ASN G 923 -47.14 39.61 -23.93
C ASN G 923 -47.37 38.80 -22.66
N GLN G 924 -47.89 39.44 -21.61
CA GLN G 924 -47.89 38.86 -20.26
C GLN G 924 -48.62 37.52 -20.20
N LYS G 925 -49.79 37.44 -20.83
CA LYS G 925 -50.50 36.16 -20.90
C LYS G 925 -49.64 35.11 -21.58
N LEU G 926 -48.91 35.49 -22.63
CA LEU G 926 -48.09 34.54 -23.36
C LEU G 926 -46.93 34.02 -22.51
N ILE G 927 -46.20 34.93 -21.85
CA ILE G 927 -45.11 34.47 -20.99
C ILE G 927 -45.64 33.62 -19.84
N ALA G 928 -46.75 34.03 -19.23
CA ALA G 928 -47.31 33.25 -18.13
C ALA G 928 -47.75 31.87 -18.59
N ASN G 929 -48.40 31.79 -19.76
CA ASN G 929 -48.89 30.51 -20.25
C ASN G 929 -47.75 29.62 -20.71
N GLN G 930 -46.71 30.19 -21.32
CA GLN G 930 -45.55 29.39 -21.69
C GLN G 930 -44.81 28.89 -20.45
N PHE G 931 -44.73 29.72 -19.40
CA PHE G 931 -44.14 29.27 -18.15
C PHE G 931 -44.95 28.14 -17.54
N ASN G 932 -46.28 28.26 -17.54
CA ASN G 932 -47.13 27.23 -16.99
C ASN G 932 -47.05 25.94 -17.80
N SER G 933 -47.07 26.06 -19.13
CA SER G 933 -46.93 24.89 -19.98
C SER G 933 -45.57 24.24 -19.82
N ALA G 934 -44.51 25.04 -19.64
CA ALA G 934 -43.17 24.48 -19.48
C ALA G 934 -43.01 23.79 -18.14
N ILE G 935 -43.59 24.34 -17.07
CA ILE G 935 -43.52 23.65 -15.79
C ILE G 935 -44.40 22.39 -15.82
N GLY G 936 -45.52 22.43 -16.56
CA GLY G 936 -46.28 21.20 -16.77
C GLY G 936 -45.49 20.15 -17.53
N LYS G 937 -44.74 20.58 -18.54
CA LYS G 937 -43.83 19.67 -19.23
C LYS G 937 -42.76 19.14 -18.29
N ILE G 938 -42.32 19.97 -17.33
CA ILE G 938 -41.40 19.48 -16.30
C ILE G 938 -42.05 18.35 -15.50
N GLN G 939 -43.31 18.55 -15.10
CA GLN G 939 -44.04 17.49 -14.39
C GLN G 939 -44.08 16.22 -15.22
N ASP G 940 -44.45 16.35 -16.50
CA ASP G 940 -44.60 15.19 -17.37
C ASP G 940 -43.26 14.49 -17.59
N SER G 941 -42.19 15.26 -17.77
CA SER G 941 -40.87 14.67 -17.96
C SER G 941 -40.40 13.95 -16.70
N LEU G 942 -40.63 14.54 -15.53
CA LEU G 942 -40.26 13.87 -14.28
C LEU G 942 -41.05 12.58 -14.10
N SER G 943 -42.35 12.59 -14.43
CA SER G 943 -43.16 11.40 -14.27
C SER G 943 -42.78 10.31 -15.26
N SER G 944 -42.49 10.69 -16.52
CA SER G 944 -42.29 9.73 -17.60
C SER G 944 -40.82 9.39 -17.81
N THR G 945 -39.99 10.40 -18.11
CA THR G 945 -38.59 10.14 -18.43
C THR G 945 -37.86 9.54 -17.23
N ALA G 946 -37.10 8.48 -17.48
CA ALA G 946 -36.38 7.81 -16.41
C ALA G 946 -35.34 8.72 -15.78
N SER G 947 -34.40 9.20 -16.59
CA SER G 947 -33.35 10.11 -16.09
C SER G 947 -33.76 11.56 -16.26
N ALA G 948 -34.97 11.91 -15.82
CA ALA G 948 -35.36 13.30 -15.70
C ALA G 948 -34.58 13.98 -14.59
N LEU G 949 -34.28 13.24 -13.52
CA LEU G 949 -33.37 13.65 -12.46
C LEU G 949 -31.97 13.09 -12.68
N GLY G 950 -31.54 13.01 -13.93
CA GLY G 950 -30.32 12.31 -14.29
C GLY G 950 -29.11 12.72 -13.49
N LYS G 951 -28.93 14.02 -13.24
CA LYS G 951 -27.78 14.47 -12.47
C LYS G 951 -27.92 14.11 -11.00
N LEU G 952 -29.08 14.40 -10.39
CA LEU G 952 -29.25 14.09 -8.97
C LEU G 952 -29.47 12.61 -8.73
N GLN G 953 -30.22 11.94 -9.59
CA GLN G 953 -30.32 10.48 -9.46
C GLN G 953 -28.95 9.86 -9.71
N ASN G 954 -28.16 10.46 -10.60
CA ASN G 954 -26.80 10.00 -10.84
C ASN G 954 -25.96 10.14 -9.58
N VAL G 955 -26.07 11.28 -8.88
CA VAL G 955 -25.26 11.52 -7.69
C VAL G 955 -25.73 10.63 -6.54
N VAL G 956 -27.05 10.46 -6.40
CA VAL G 956 -27.58 9.57 -5.39
C VAL G 956 -27.11 8.15 -5.63
N ASN G 957 -27.10 7.73 -6.90
CA ASN G 957 -26.58 6.41 -7.25
C ASN G 957 -25.08 6.34 -7.04
N GLN G 958 -24.37 7.44 -7.25
CA GLN G 958 -22.93 7.47 -6.99
C GLN G 958 -22.65 7.23 -5.52
N ASN G 959 -23.42 7.90 -4.66
CA ASN G 959 -23.33 7.65 -3.22
C ASN G 959 -23.71 6.21 -2.90
N ALA G 960 -24.77 5.71 -3.55
CA ALA G 960 -25.23 4.35 -3.28
C ALA G 960 -24.19 3.32 -3.65
N GLN G 961 -23.56 3.46 -4.82
CA GLN G 961 -22.51 2.54 -5.23
C GLN G 961 -21.25 2.72 -4.41
N ALA G 962 -20.95 3.95 -3.98
CA ALA G 962 -19.82 4.17 -3.11
C ALA G 962 -20.00 3.40 -1.80
N LEU G 963 -21.16 3.58 -1.16
CA LEU G 963 -21.45 2.87 0.07
C LEU G 963 -21.55 1.37 -0.15
N ASN G 964 -22.12 0.95 -1.28
CA ASN G 964 -22.33 -0.47 -1.54
C ASN G 964 -21.00 -1.17 -1.82
N THR G 965 -20.11 -0.51 -2.57
CA THR G 965 -18.75 -1.03 -2.73
C THR G 965 -18.04 -1.06 -1.40
N LEU G 966 -18.22 -0.03 -0.57
CA LEU G 966 -17.63 -0.03 0.76
C LEU G 966 -18.08 -1.25 1.56
N VAL G 967 -19.39 -1.55 1.53
CA VAL G 967 -19.92 -2.68 2.29
C VAL G 967 -19.47 -4.00 1.68
N LYS G 968 -19.44 -4.10 0.36
CA LYS G 968 -19.00 -5.34 -0.28
C LYS G 968 -17.51 -5.58 -0.07
N GLN G 969 -16.74 -4.53 0.21
CA GLN G 969 -15.36 -4.74 0.62
C GLN G 969 -15.28 -5.40 1.99
N LEU G 970 -16.38 -5.45 2.74
CA LEU G 970 -16.50 -6.33 3.90
C LEU G 970 -16.82 -7.75 3.51
N SER G 971 -16.75 -8.06 2.22
CA SER G 971 -16.83 -9.42 1.70
C SER G 971 -15.64 -9.75 0.82
N SER G 972 -14.63 -8.87 0.77
CA SER G 972 -13.44 -9.05 -0.04
C SER G 972 -12.30 -9.56 0.83
N ASN G 973 -11.47 -10.42 0.22
CA ASN G 973 -10.38 -11.05 0.94
C ASN G 973 -9.15 -10.16 1.06
N PHE G 974 -8.78 -9.47 -0.02
CA PHE G 974 -7.50 -8.74 -0.11
C PHE G 974 -6.33 -9.68 0.18
N GLY G 975 -6.53 -10.97 -0.04
CA GLY G 975 -5.54 -11.98 0.29
C GLY G 975 -5.82 -12.74 1.57
N ALA G 976 -6.75 -12.26 2.40
CA ALA G 976 -7.10 -12.93 3.64
C ALA G 976 -8.02 -14.12 3.35
N ILE G 977 -8.24 -14.93 4.38
CA ILE G 977 -9.13 -16.09 4.24
C ILE G 977 -10.57 -15.63 4.02
N SER G 978 -11.05 -14.71 4.86
CA SER G 978 -12.43 -14.28 4.81
C SER G 978 -12.48 -12.79 5.14
N SER G 979 -13.69 -12.29 5.37
CA SER G 979 -13.90 -10.90 5.73
C SER G 979 -14.70 -10.68 7.00
N VAL G 980 -15.50 -11.64 7.42
CA VAL G 980 -16.23 -11.55 8.68
C VAL G 980 -15.24 -11.91 9.79
N LEU G 981 -14.84 -10.90 10.58
CA LEU G 981 -13.69 -11.04 11.46
C LEU G 981 -13.83 -12.22 12.42
N ASN G 982 -15.07 -12.58 12.76
CA ASN G 982 -15.27 -13.66 13.73
C ASN G 982 -14.67 -14.98 13.24
N ASP G 983 -14.84 -15.29 11.95
CA ASP G 983 -14.31 -16.55 11.46
C ASP G 983 -12.80 -16.51 11.28
N ILE G 984 -12.22 -15.34 10.98
CA ILE G 984 -10.76 -15.22 11.00
C ILE G 984 -10.24 -15.52 12.42
N LEU G 985 -10.90 -14.97 13.43
CA LEU G 985 -10.43 -15.17 14.79
C LEU G 985 -10.62 -16.61 15.26
N SER G 986 -11.77 -17.21 14.97
CA SER G 986 -12.12 -18.52 15.51
C SER G 986 -12.14 -19.63 14.47
N ARG G 987 -11.36 -19.49 13.39
CA ARG G 987 -11.26 -20.54 12.39
C ARG G 987 -9.88 -21.20 12.36
N LEU G 988 -8.85 -20.50 12.80
CA LEU G 988 -7.48 -20.96 12.63
C LEU G 988 -6.61 -20.41 13.76
N ASP G 989 -5.37 -20.89 13.81
CA ASP G 989 -4.49 -20.60 14.93
C ASP G 989 -4.06 -19.13 14.90
N PRO G 990 -3.89 -18.52 16.08
CA PRO G 990 -3.48 -17.11 16.15
C PRO G 990 -2.17 -16.81 15.43
N PRO G 991 -1.07 -17.62 15.65
CA PRO G 991 0.27 -17.20 15.20
C PRO G 991 0.34 -16.54 13.83
N GLU G 992 -0.41 -17.05 12.86
CA GLU G 992 -0.54 -16.37 11.57
C GLU G 992 -1.90 -15.72 11.38
N ALA G 993 -2.83 -15.91 12.33
CA ALA G 993 -4.05 -15.12 12.31
C ALA G 993 -3.77 -13.64 12.52
N GLU G 994 -2.75 -13.30 13.31
CA GLU G 994 -2.39 -11.89 13.42
C GLU G 994 -1.98 -11.32 12.07
N VAL G 995 -1.15 -12.07 11.32
CA VAL G 995 -0.73 -11.61 10.01
C VAL G 995 -1.91 -11.51 9.06
N GLN G 996 -2.81 -12.50 9.09
CA GLN G 996 -3.94 -12.49 8.17
C GLN G 996 -4.91 -11.35 8.50
N ILE G 997 -5.15 -11.09 9.79
CA ILE G 997 -6.00 -9.96 10.14
C ILE G 997 -5.30 -8.64 9.82
N ASP G 998 -3.96 -8.62 9.86
CA ASP G 998 -3.23 -7.44 9.40
C ASP G 998 -3.45 -7.22 7.91
N ARG G 999 -3.42 -8.29 7.13
CA ARG G 999 -3.69 -8.16 5.70
C ARG G 999 -5.13 -7.70 5.46
N LEU G 1000 -6.07 -8.24 6.23
CA LEU G 1000 -7.46 -7.83 6.09
C LEU G 1000 -7.64 -6.35 6.45
N ILE G 1001 -6.97 -5.88 7.51
CA ILE G 1001 -7.11 -4.48 7.88
C ILE G 1001 -6.37 -3.59 6.89
N THR G 1002 -5.28 -4.06 6.30
CA THR G 1002 -4.67 -3.29 5.22
C THR G 1002 -5.63 -3.12 4.06
N GLY G 1003 -6.30 -4.21 3.67
CA GLY G 1003 -7.26 -4.11 2.59
C GLY G 1003 -8.43 -3.21 2.93
N ARG G 1004 -8.96 -3.34 4.15
CA ARG G 1004 -10.08 -2.51 4.58
C ARG G 1004 -9.67 -1.04 4.67
N LEU G 1005 -8.43 -0.78 5.11
CA LEU G 1005 -7.99 0.60 5.29
C LEU G 1005 -7.66 1.23 3.96
N GLN G 1006 -7.11 0.46 3.02
CA GLN G 1006 -6.96 0.97 1.66
C GLN G 1006 -8.32 1.18 1.01
N SER G 1007 -9.28 0.31 1.29
CA SER G 1007 -10.64 0.50 0.79
C SER G 1007 -11.26 1.77 1.36
N LEU G 1008 -11.05 2.02 2.65
CA LEU G 1008 -11.61 3.22 3.28
C LEU G 1008 -10.88 4.47 2.83
N GLN G 1009 -9.56 4.40 2.64
CA GLN G 1009 -8.82 5.52 2.08
C GLN G 1009 -9.24 5.80 0.65
N THR G 1010 -9.42 4.75 -0.15
CA THR G 1010 -9.92 4.90 -1.51
C THR G 1010 -11.31 5.53 -1.50
N TYR G 1011 -12.19 5.04 -0.62
CA TYR G 1011 -13.52 5.60 -0.47
C TYR G 1011 -13.45 7.06 -0.06
N VAL G 1012 -12.60 7.39 0.91
CA VAL G 1012 -12.54 8.76 1.43
C VAL G 1012 -11.90 9.70 0.42
N THR G 1013 -10.89 9.23 -0.32
CA THR G 1013 -10.27 10.11 -1.31
C THR G 1013 -11.15 10.29 -2.53
N GLN G 1014 -11.93 9.28 -2.93
CA GLN G 1014 -12.94 9.53 -3.95
C GLN G 1014 -14.14 10.28 -3.40
N GLN G 1015 -14.38 10.22 -2.09
CA GLN G 1015 -15.36 11.11 -1.50
C GLN G 1015 -14.85 12.53 -1.50
N LEU G 1016 -13.53 12.72 -1.38
CA LEU G 1016 -12.94 14.05 -1.45
C LEU G 1016 -12.92 14.57 -2.89
N ILE G 1017 -12.59 13.70 -3.85
CA ILE G 1017 -12.65 14.09 -5.25
C ILE G 1017 -14.09 14.37 -5.68
N ARG G 1018 -15.01 13.49 -5.28
CA ARG G 1018 -16.42 13.67 -5.58
C ARG G 1018 -17.03 14.80 -4.77
N ALA G 1019 -16.45 15.15 -3.62
CA ALA G 1019 -16.89 16.30 -2.85
C ALA G 1019 -16.28 17.58 -3.39
N ALA G 1020 -15.14 17.48 -4.09
CA ALA G 1020 -14.68 18.61 -4.89
C ALA G 1020 -15.57 18.79 -6.11
N GLU G 1021 -16.06 17.69 -6.67
CA GLU G 1021 -17.07 17.77 -7.72
C GLU G 1021 -18.37 18.37 -7.18
N ILE G 1022 -18.80 17.90 -6.01
CA ILE G 1022 -20.01 18.39 -5.36
C ILE G 1022 -19.83 19.82 -4.88
N ARG G 1023 -18.60 20.21 -4.53
CA ARG G 1023 -18.32 21.58 -4.11
C ARG G 1023 -18.16 22.51 -5.28
N ALA G 1024 -17.67 22.03 -6.43
CA ALA G 1024 -17.78 22.80 -7.65
C ALA G 1024 -19.24 22.94 -8.06
N SER G 1025 -20.02 21.87 -7.91
CA SER G 1025 -21.44 21.92 -8.19
C SER G 1025 -22.17 22.84 -7.22
N ALA G 1026 -21.73 22.87 -5.96
CA ALA G 1026 -22.38 23.68 -4.93
C ALA G 1026 -21.92 25.12 -4.96
N ASN G 1027 -20.67 25.38 -5.33
CA ASN G 1027 -20.25 26.75 -5.60
C ASN G 1027 -20.90 27.26 -6.87
N LEU G 1028 -21.15 26.36 -7.82
CA LEU G 1028 -21.89 26.70 -9.03
C LEU G 1028 -23.36 26.91 -8.72
N ALA G 1029 -23.93 26.15 -7.78
CA ALA G 1029 -25.31 26.32 -7.38
C ALA G 1029 -25.49 27.52 -6.47
N ALA G 1030 -24.47 27.89 -5.70
CA ALA G 1030 -24.50 29.13 -4.94
C ALA G 1030 -24.32 30.34 -5.87
N THR G 1031 -23.42 30.22 -6.84
CA THR G 1031 -23.29 31.25 -7.87
C THR G 1031 -24.55 31.33 -8.70
N LYS G 1032 -25.23 30.20 -8.93
CA LYS G 1032 -26.48 30.18 -9.66
C LYS G 1032 -27.63 30.73 -8.84
N MET G 1033 -27.68 30.44 -7.54
CA MET G 1033 -28.64 31.10 -6.68
C MET G 1033 -28.46 32.60 -6.71
N SER G 1034 -27.20 33.05 -6.56
CA SER G 1034 -26.91 34.48 -6.53
C SER G 1034 -27.24 35.14 -7.86
N GLU G 1035 -26.75 34.58 -8.98
CA GLU G 1035 -26.83 35.21 -10.28
C GLU G 1035 -28.04 34.78 -11.11
N CYS G 1036 -28.86 33.86 -10.62
CA CYS G 1036 -29.99 33.31 -11.34
C CYS G 1036 -31.27 33.50 -10.55
N VAL G 1037 -31.23 33.24 -9.25
CA VAL G 1037 -32.36 33.41 -8.35
C VAL G 1037 -32.27 34.75 -7.62
N LEU G 1038 -31.13 35.01 -6.97
CA LEU G 1038 -30.88 36.28 -6.29
C LEU G 1038 -30.52 37.40 -7.24
N GLY G 1039 -30.66 37.17 -8.55
CA GLY G 1039 -30.26 38.14 -9.54
C GLY G 1039 -30.29 37.49 -10.90
N GLN G 1040 -29.91 38.27 -11.90
CA GLN G 1040 -29.89 37.81 -13.29
C GLN G 1040 -28.46 37.73 -13.79
N SER G 1041 -28.08 36.56 -14.32
CA SER G 1041 -26.73 36.34 -14.82
C SER G 1041 -26.67 36.71 -16.29
N LYS G 1042 -25.75 37.62 -16.64
CA LYS G 1042 -25.49 37.97 -18.03
C LYS G 1042 -24.50 37.03 -18.68
N ARG G 1043 -23.95 36.09 -17.92
CA ARG G 1043 -23.07 35.07 -18.50
C ARG G 1043 -23.86 34.18 -19.44
N VAL G 1044 -23.32 33.97 -20.63
CA VAL G 1044 -24.02 33.21 -21.66
C VAL G 1044 -24.10 31.74 -21.24
N ASP G 1045 -25.31 31.18 -21.31
CA ASP G 1045 -25.57 29.77 -20.99
C ASP G 1045 -25.14 29.40 -19.58
N PHE G 1046 -25.20 30.35 -18.64
CA PHE G 1046 -24.88 30.03 -17.26
C PHE G 1046 -26.12 29.59 -16.50
N CYS G 1047 -27.27 30.18 -16.79
CA CYS G 1047 -28.52 29.76 -16.17
C CYS G 1047 -29.42 29.14 -17.23
N GLY G 1048 -28.88 28.28 -18.08
CA GLY G 1048 -29.66 27.60 -19.09
C GLY G 1048 -29.45 28.19 -20.47
N LYS G 1049 -29.78 27.38 -21.47
CA LYS G 1049 -29.61 27.80 -22.86
C LYS G 1049 -30.63 28.87 -23.21
N GLY G 1050 -30.15 29.95 -23.80
CA GLY G 1050 -30.95 31.15 -24.03
C GLY G 1050 -30.57 32.24 -23.05
N TYR G 1051 -31.30 33.34 -23.15
CA TYR G 1051 -31.08 34.48 -22.27
C TYR G 1051 -31.84 34.25 -20.97
N HIS G 1052 -31.10 34.00 -19.89
CA HIS G 1052 -31.69 33.70 -18.59
C HIS G 1052 -32.57 34.83 -18.09
N LEU G 1053 -33.77 34.45 -17.62
CA LEU G 1053 -34.70 35.38 -16.99
C LEU G 1053 -34.65 35.27 -15.47
N MET G 1054 -35.02 34.11 -14.92
CA MET G 1054 -34.97 33.91 -13.48
C MET G 1054 -35.09 32.43 -13.18
N SER G 1055 -34.26 31.96 -12.26
CA SER G 1055 -34.28 30.57 -11.83
C SER G 1055 -35.08 30.45 -10.55
N PHE G 1056 -35.57 29.23 -10.31
CA PHE G 1056 -36.33 28.90 -9.11
C PHE G 1056 -35.67 27.70 -8.46
N PRO G 1057 -35.24 27.80 -7.20
CA PRO G 1057 -34.69 26.62 -6.53
C PRO G 1057 -35.78 25.65 -6.15
N GLN G 1058 -35.49 24.37 -6.30
CA GLN G 1058 -36.35 23.30 -5.82
C GLN G 1058 -35.50 22.40 -4.95
N SER G 1059 -36.00 22.09 -3.76
CA SER G 1059 -35.18 21.42 -2.76
C SER G 1059 -35.03 19.93 -3.05
N ALA G 1060 -34.59 19.61 -4.27
CA ALA G 1060 -34.53 18.23 -4.71
C ALA G 1060 -33.56 17.43 -3.84
N PRO G 1061 -33.77 16.11 -3.73
CA PRO G 1061 -32.93 15.30 -2.84
C PRO G 1061 -31.44 15.44 -3.08
N HIS G 1062 -30.72 15.93 -2.08
CA HIS G 1062 -29.26 16.07 -2.11
C HIS G 1062 -28.82 16.93 -3.30
N GLY G 1063 -29.55 18.00 -3.55
CA GLY G 1063 -29.23 18.88 -4.66
C GLY G 1063 -30.28 19.95 -4.79
N VAL G 1064 -30.23 20.67 -5.92
CA VAL G 1064 -31.18 21.72 -6.22
C VAL G 1064 -31.55 21.64 -7.69
N VAL G 1065 -32.82 21.84 -7.98
CA VAL G 1065 -33.29 21.92 -9.36
C VAL G 1065 -33.60 23.38 -9.66
N PHE G 1066 -32.83 23.98 -10.56
CA PHE G 1066 -33.06 25.34 -10.97
C PHE G 1066 -33.99 25.33 -12.18
N LEU G 1067 -35.23 25.79 -11.98
CA LEU G 1067 -36.13 25.99 -13.10
C LEU G 1067 -35.65 27.23 -13.84
N HIS G 1068 -34.69 27.01 -14.74
CA HIS G 1068 -34.07 28.10 -15.48
C HIS G 1068 -35.07 28.61 -16.50
N VAL G 1069 -35.83 29.61 -16.08
CA VAL G 1069 -36.70 30.32 -17.02
C VAL G 1069 -35.78 31.13 -17.90
N THR G 1070 -35.60 30.69 -19.15
CA THR G 1070 -34.76 31.38 -20.09
C THR G 1070 -35.63 31.98 -21.18
N TYR G 1071 -35.07 32.95 -21.88
CA TYR G 1071 -35.70 33.51 -23.06
C TYR G 1071 -35.03 32.88 -24.27
N VAL G 1072 -35.79 32.14 -25.05
CA VAL G 1072 -35.28 31.54 -26.29
C VAL G 1072 -36.04 32.14 -27.46
N PRO G 1073 -35.38 32.92 -28.31
CA PRO G 1073 -36.08 33.53 -29.45
C PRO G 1073 -36.34 32.49 -30.54
N ALA G 1074 -37.53 32.54 -31.12
CA ALA G 1074 -38.08 31.37 -31.80
C ALA G 1074 -38.23 31.52 -33.31
N GLN G 1075 -38.85 32.60 -33.79
CA GLN G 1075 -39.25 32.69 -35.19
C GLN G 1075 -38.32 33.68 -35.91
N GLU G 1076 -37.25 33.14 -36.49
CA GLU G 1076 -36.26 33.92 -37.20
C GLU G 1076 -36.84 34.47 -38.50
N LYS G 1077 -36.06 35.32 -39.16
CA LYS G 1077 -36.45 35.93 -40.43
C LYS G 1077 -35.20 36.31 -41.19
N ASN G 1078 -35.36 37.07 -42.26
CA ASN G 1078 -34.24 37.73 -42.95
C ASN G 1078 -34.60 39.17 -43.26
N PHE G 1079 -33.60 40.05 -43.15
CA PHE G 1079 -33.75 41.46 -43.49
C PHE G 1079 -32.44 41.91 -44.10
N THR G 1080 -32.44 43.13 -44.66
CA THR G 1080 -31.24 43.76 -45.19
C THR G 1080 -30.71 44.73 -44.15
N THR G 1081 -29.41 44.67 -43.89
CA THR G 1081 -28.78 45.44 -42.82
C THR G 1081 -27.63 46.28 -43.39
N ALA G 1082 -27.22 47.28 -42.60
CA ALA G 1082 -26.17 48.22 -42.99
C ALA G 1082 -25.49 48.74 -41.75
N PRO G 1083 -24.16 48.73 -41.68
CA PRO G 1083 -23.47 49.10 -40.43
C PRO G 1083 -23.80 50.49 -39.93
N ALA G 1084 -24.01 51.45 -40.84
CA ALA G 1084 -24.31 52.81 -40.45
C ALA G 1084 -25.30 53.38 -41.44
N ILE G 1085 -26.05 54.40 -41.01
CA ILE G 1085 -27.07 55.04 -41.82
C ILE G 1085 -26.78 56.54 -41.77
N CYS G 1086 -25.96 57.05 -42.69
CA CYS G 1086 -25.65 58.46 -42.69
C CYS G 1086 -26.74 59.23 -43.44
N HIS G 1087 -27.27 60.26 -42.78
CA HIS G 1087 -28.40 61.02 -43.31
C HIS G 1087 -27.95 62.11 -44.27
N ASP G 1088 -27.11 63.02 -43.80
CA ASP G 1088 -26.60 64.12 -44.61
C ASP G 1088 -25.09 64.27 -44.42
N GLY G 1089 -24.37 63.16 -44.48
CA GLY G 1089 -22.93 63.16 -44.35
C GLY G 1089 -22.39 62.75 -43.00
N LYS G 1090 -23.26 62.39 -42.06
CA LYS G 1090 -22.85 62.01 -40.71
C LYS G 1090 -23.33 60.59 -40.44
N ALA G 1091 -22.39 59.65 -40.34
CA ALA G 1091 -22.74 58.26 -40.12
C ALA G 1091 -23.47 58.10 -38.79
N HIS G 1092 -24.66 57.51 -38.84
CA HIS G 1092 -25.47 57.26 -37.65
C HIS G 1092 -25.31 55.80 -37.24
N PHE G 1093 -25.33 55.56 -35.94
CA PHE G 1093 -25.07 54.23 -35.44
C PHE G 1093 -26.16 53.84 -34.45
N PRO G 1094 -26.45 52.55 -34.29
CA PRO G 1094 -27.49 52.17 -33.33
C PRO G 1094 -26.97 52.26 -31.90
N ARG G 1095 -27.73 52.97 -31.06
CA ARG G 1095 -27.39 53.03 -29.64
C ARG G 1095 -27.37 51.65 -29.02
N GLU G 1096 -28.44 50.88 -29.25
CA GLU G 1096 -28.48 49.49 -28.81
C GLU G 1096 -29.45 48.75 -29.72
N GLY G 1097 -28.91 47.93 -30.61
CA GLY G 1097 -29.71 47.19 -31.56
C GLY G 1097 -29.02 47.08 -32.89
N VAL G 1098 -29.80 46.72 -33.91
CA VAL G 1098 -29.30 46.44 -35.25
C VAL G 1098 -30.09 47.27 -36.26
N PHE G 1099 -29.39 47.82 -37.25
CA PHE G 1099 -30.04 48.48 -38.38
C PHE G 1099 -30.53 47.42 -39.35
N VAL G 1100 -31.84 47.38 -39.59
CA VAL G 1100 -32.43 46.37 -40.47
C VAL G 1100 -33.46 47.03 -41.38
N SER G 1101 -33.87 46.29 -42.40
CA SER G 1101 -34.86 46.77 -43.36
C SER G 1101 -35.60 45.59 -43.95
N ASN G 1102 -36.90 45.77 -44.19
CA ASN G 1102 -37.67 44.72 -44.82
C ASN G 1102 -37.54 44.71 -46.34
N GLY G 1103 -36.88 45.71 -46.91
CA GLY G 1103 -36.72 45.80 -48.35
C GLY G 1103 -36.88 47.19 -48.91
N THR G 1104 -37.69 48.02 -48.24
CA THR G 1104 -37.89 49.40 -48.67
C THR G 1104 -37.83 50.42 -47.54
N HIS G 1105 -38.08 50.02 -46.29
CA HIS G 1105 -37.97 50.92 -45.14
C HIS G 1105 -36.96 50.35 -44.17
N TRP G 1106 -36.13 51.23 -43.60
CA TRP G 1106 -35.07 50.85 -42.69
C TRP G 1106 -35.52 51.05 -41.25
N PHE G 1107 -35.28 50.04 -40.42
CA PHE G 1107 -35.68 50.06 -39.02
C PHE G 1107 -34.53 49.59 -38.15
N VAL G 1108 -34.51 50.07 -36.91
CA VAL G 1108 -33.57 49.61 -35.89
C VAL G 1108 -34.34 48.71 -34.93
N THR G 1109 -33.74 47.57 -34.61
CA THR G 1109 -34.38 46.57 -33.79
C THR G 1109 -33.38 46.10 -32.74
N GLN G 1110 -33.85 45.83 -31.53
CA GLN G 1110 -32.98 45.26 -30.52
C GLN G 1110 -32.47 43.90 -30.98
N ARG G 1111 -31.28 43.54 -30.49
CA ARG G 1111 -30.56 42.40 -31.03
C ARG G 1111 -31.22 41.06 -30.76
N ASN G 1112 -32.23 41.00 -29.89
CA ASN G 1112 -32.73 39.71 -29.43
C ASN G 1112 -34.24 39.52 -29.59
N PHE G 1113 -34.95 40.47 -30.17
CA PHE G 1113 -36.38 40.31 -30.43
C PHE G 1113 -36.82 41.39 -31.40
N TYR G 1114 -37.70 41.03 -32.33
CA TYR G 1114 -37.96 41.85 -33.51
C TYR G 1114 -39.02 42.90 -33.19
N GLU G 1115 -38.57 44.14 -32.96
CA GLU G 1115 -39.43 45.33 -33.05
C GLU G 1115 -38.92 46.24 -34.14
N PRO G 1116 -39.61 46.39 -35.27
CA PRO G 1116 -39.24 47.42 -36.23
C PRO G 1116 -39.53 48.81 -35.70
N GLN G 1117 -38.49 49.58 -35.40
CA GLN G 1117 -38.62 50.93 -34.87
C GLN G 1117 -38.12 51.92 -35.91
N ILE G 1118 -38.86 53.02 -36.08
CA ILE G 1118 -38.46 54.05 -37.03
C ILE G 1118 -37.14 54.68 -36.58
N ILE G 1119 -36.42 55.25 -37.53
CA ILE G 1119 -35.07 55.74 -37.30
C ILE G 1119 -35.12 57.21 -36.92
N THR G 1120 -34.49 57.56 -35.80
CA THR G 1120 -34.52 58.92 -35.27
C THR G 1120 -33.22 59.14 -34.49
N THR G 1121 -32.94 60.41 -34.18
CA THR G 1121 -31.73 60.74 -33.41
C THR G 1121 -31.79 60.24 -31.97
N ASP G 1122 -32.96 59.81 -31.49
CA ASP G 1122 -33.05 59.30 -30.13
C ASP G 1122 -32.31 57.99 -29.98
N ASN G 1123 -32.37 57.13 -31.00
CA ASN G 1123 -31.74 55.82 -30.97
C ASN G 1123 -30.56 55.71 -31.95
N THR G 1124 -30.13 56.84 -32.52
CA THR G 1124 -28.97 56.89 -33.39
C THR G 1124 -28.06 58.05 -32.97
N PHE G 1125 -26.75 57.83 -33.03
CA PHE G 1125 -25.78 58.87 -32.71
C PHE G 1125 -24.82 59.08 -33.87
N VAL G 1126 -24.22 60.27 -33.92
CA VAL G 1126 -23.45 60.74 -35.06
C VAL G 1126 -21.97 60.55 -34.78
N SER G 1127 -21.25 59.98 -35.74
CA SER G 1127 -19.80 59.91 -35.67
C SER G 1127 -19.24 59.63 -37.06
N GLY G 1128 -18.45 60.56 -37.59
CA GLY G 1128 -17.75 60.32 -38.84
C GLY G 1128 -18.43 60.84 -40.08
N ASN G 1129 -18.28 60.13 -41.19
CA ASN G 1129 -18.82 60.53 -42.49
C ASN G 1129 -19.15 59.28 -43.32
N CYS G 1130 -19.72 59.51 -44.50
CA CYS G 1130 -20.24 58.42 -45.32
C CYS G 1130 -19.18 57.68 -46.12
N ASP G 1131 -17.89 57.91 -45.86
CA ASP G 1131 -16.83 57.26 -46.62
C ASP G 1131 -15.91 56.38 -45.80
N VAL G 1132 -15.60 56.76 -44.56
CA VAL G 1132 -14.68 55.98 -43.74
C VAL G 1132 -15.25 54.63 -43.34
N VAL G 1133 -16.56 54.42 -43.49
CA VAL G 1133 -17.22 53.19 -43.13
C VAL G 1133 -17.78 52.54 -44.39
N ILE G 1134 -17.63 51.23 -44.49
CA ILE G 1134 -18.16 50.45 -45.60
C ILE G 1134 -19.49 49.84 -45.18
N GLY G 1135 -20.32 49.52 -46.17
CA GLY G 1135 -21.65 49.00 -45.90
C GLY G 1135 -22.68 50.05 -45.54
N ILE G 1136 -22.29 51.32 -45.50
CA ILE G 1136 -23.19 52.38 -45.07
C ILE G 1136 -24.16 52.70 -46.20
N VAL G 1137 -25.44 52.85 -45.87
CA VAL G 1137 -26.46 53.17 -46.86
C VAL G 1137 -27.15 54.46 -46.45
N ASN G 1138 -27.82 55.08 -47.41
CA ASN G 1138 -28.51 56.35 -47.21
C ASN G 1138 -29.96 56.10 -46.81
N ASN G 1139 -30.41 56.79 -45.77
CA ASN G 1139 -31.83 56.83 -45.43
C ASN G 1139 -32.09 58.05 -44.56
N THR G 1140 -33.33 58.52 -44.59
CA THR G 1140 -33.73 59.66 -43.78
C THR G 1140 -33.78 59.27 -42.31
N VAL G 1141 -33.16 60.09 -41.46
CA VAL G 1141 -33.22 59.93 -40.01
C VAL G 1141 -34.03 61.11 -39.48
N TYR G 1142 -35.28 60.85 -39.11
CA TYR G 1142 -36.23 61.92 -38.85
C TYR G 1142 -35.88 62.66 -37.56
N ASP G 1143 -36.53 63.81 -37.38
CA ASP G 1143 -36.36 64.67 -36.22
C ASP G 1143 -37.73 65.06 -35.68
N PRO G 1144 -37.94 64.94 -34.37
CA PRO G 1144 -39.27 65.22 -33.81
C PRO G 1144 -39.56 66.68 -33.54
N LEU G 1145 -38.56 67.56 -33.64
CA LEU G 1145 -38.79 68.96 -33.29
C LEU G 1145 -39.63 69.67 -34.35
N GLN G 1146 -39.42 69.35 -35.62
CA GLN G 1146 -40.15 70.03 -36.69
C GLN G 1146 -41.66 69.78 -36.62
N PRO G 1147 -42.17 68.55 -36.51
CA PRO G 1147 -43.63 68.39 -36.39
C PRO G 1147 -44.23 69.07 -35.18
N GLU G 1148 -43.51 69.10 -34.06
CA GLU G 1148 -44.01 69.81 -32.88
C GLU G 1148 -44.04 71.31 -33.12
N LEU G 1149 -43.03 71.86 -33.80
CA LEU G 1149 -42.99 73.27 -34.12
C LEU G 1149 -43.93 73.65 -35.26
N ASP G 1150 -44.49 72.67 -35.96
CA ASP G 1150 -45.39 72.97 -37.08
C ASP G 1150 -46.64 73.73 -36.66
N SER G 1151 -47.12 73.50 -35.44
CA SER G 1151 -48.32 74.18 -34.96
C SER G 1151 -48.11 74.75 -33.56
N ALA H 33 52.51 14.28 -20.43
CA ALA H 33 52.04 12.96 -20.80
C ALA H 33 50.55 12.82 -20.51
N TYR H 34 49.86 13.96 -20.45
CA TYR H 34 48.42 13.99 -20.21
C TYR H 34 47.76 14.85 -21.27
N THR H 35 46.56 14.45 -21.67
CA THR H 35 45.80 15.15 -22.70
C THR H 35 44.32 15.09 -22.34
N ASN H 36 43.50 15.72 -23.19
CA ASN H 36 42.06 15.84 -22.96
C ASN H 36 41.32 14.96 -23.96
N SER H 37 40.59 13.98 -23.44
CA SER H 37 39.68 13.18 -24.24
C SER H 37 38.34 13.91 -24.31
N PHE H 38 38.11 14.65 -25.40
CA PHE H 38 36.98 15.57 -25.49
C PHE H 38 35.67 14.85 -25.24
N THR H 39 35.31 13.94 -26.15
CA THR H 39 34.15 13.05 -25.97
C THR H 39 34.58 11.67 -26.47
N ARG H 40 35.16 10.88 -25.58
CA ARG H 40 35.69 9.57 -25.92
C ARG H 40 35.27 8.56 -24.86
N GLY H 41 35.17 7.31 -25.28
CA GLY H 41 34.68 6.25 -24.41
C GLY H 41 33.20 5.97 -24.51
N VAL H 42 32.54 6.41 -25.59
CA VAL H 42 31.12 6.21 -25.79
C VAL H 42 30.92 5.04 -26.73
N TYR H 43 30.01 4.14 -26.38
CA TYR H 43 29.76 2.93 -27.14
C TYR H 43 28.35 2.45 -26.82
N TYR H 44 27.98 1.29 -27.38
CA TYR H 44 26.67 0.71 -27.15
C TYR H 44 26.74 -0.20 -25.94
N PRO H 45 26.04 0.10 -24.84
CA PRO H 45 26.07 -0.79 -23.67
C PRO H 45 25.36 -2.10 -23.91
N ASP H 46 24.53 -2.19 -24.94
CA ASP H 46 23.76 -3.40 -25.22
C ASP H 46 23.68 -3.60 -26.72
N LYS H 47 23.40 -4.84 -27.11
CA LYS H 47 23.10 -5.13 -28.50
C LYS H 47 21.64 -4.84 -28.84
N VAL H 48 20.85 -4.39 -27.86
CA VAL H 48 19.51 -3.92 -28.13
C VAL H 48 19.54 -2.82 -29.18
N PHE H 49 18.55 -2.83 -30.07
CA PHE H 49 18.40 -1.82 -31.10
C PHE H 49 17.42 -0.76 -30.64
N ARG H 50 17.74 0.50 -30.87
CA ARG H 50 16.87 1.63 -30.58
C ARG H 50 16.98 2.65 -31.70
N SER H 51 15.91 3.41 -31.91
CA SER H 51 15.86 4.37 -33.01
C SER H 51 15.36 5.71 -32.51
N SER H 52 16.19 6.74 -32.64
CA SER H 52 15.81 8.13 -32.35
C SER H 52 15.25 8.28 -30.95
N VAL H 53 15.91 7.66 -29.97
CA VAL H 53 15.52 7.78 -28.58
C VAL H 53 16.74 8.22 -27.77
N LEU H 54 16.47 8.98 -26.72
CA LEU H 54 17.49 9.45 -25.78
C LEU H 54 17.45 8.50 -24.58
N HIS H 55 18.21 7.41 -24.67
CA HIS H 55 18.23 6.39 -23.63
C HIS H 55 19.36 6.68 -22.66
N SER H 56 19.06 6.57 -21.37
CA SER H 56 20.03 6.82 -20.30
C SER H 56 20.43 5.49 -19.67
N THR H 57 21.66 5.06 -19.89
CA THR H 57 22.20 3.88 -19.24
C THR H 57 23.25 4.31 -18.21
N GLN H 58 23.51 3.42 -17.26
CA GLN H 58 24.43 3.68 -16.16
C GLN H 58 25.36 2.49 -16.03
N ASP H 59 26.56 2.60 -16.62
CA ASP H 59 27.57 1.55 -16.50
C ASP H 59 28.94 2.19 -16.67
N LEU H 60 29.97 1.34 -16.83
CA LEU H 60 31.35 1.78 -16.87
C LEU H 60 31.63 2.57 -18.14
N PHE H 61 32.06 3.82 -17.97
CA PHE H 61 32.47 4.66 -19.08
C PHE H 61 33.73 5.44 -18.72
N LEU H 62 34.41 5.92 -19.75
CA LEU H 62 35.40 6.96 -19.56
C LEU H 62 34.69 8.30 -19.42
N PRO H 63 34.84 9.00 -18.31
CA PRO H 63 34.12 10.27 -18.13
C PRO H 63 34.56 11.30 -19.16
N PHE H 64 33.62 12.19 -19.52
CA PHE H 64 33.91 13.23 -20.49
C PHE H 64 35.03 14.13 -19.98
N PHE H 65 35.88 14.57 -20.90
CA PHE H 65 36.97 15.52 -20.60
C PHE H 65 37.87 15.00 -19.47
N SER H 66 37.98 13.68 -19.34
CA SER H 66 38.81 13.10 -18.31
C SER H 66 40.29 13.33 -18.61
N ASN H 67 41.11 13.21 -17.57
CA ASN H 67 42.55 13.38 -17.68
C ASN H 67 43.17 12.06 -18.13
N VAL H 68 43.02 11.79 -19.43
CA VAL H 68 43.49 10.53 -20.00
C VAL H 68 45.02 10.55 -20.10
N THR H 69 45.64 9.46 -19.66
CA THR H 69 47.09 9.38 -19.52
C THR H 69 47.71 9.01 -20.87
N TRP H 70 48.19 10.02 -21.59
CA TRP H 70 48.88 9.79 -22.85
C TRP H 70 50.20 9.04 -22.63
N PHE H 71 50.58 8.25 -23.62
CA PHE H 71 51.83 7.51 -23.60
C PHE H 71 52.57 7.70 -24.91
N HIS H 72 53.89 7.50 -24.85
CA HIS H 72 54.78 7.66 -26.00
C HIS H 72 55.30 6.30 -26.43
N ALA H 73 55.20 6.00 -27.73
CA ALA H 73 55.61 4.71 -28.27
C ALA H 73 56.81 4.79 -29.19
N ILE H 74 57.54 5.91 -29.17
CA ILE H 74 58.71 6.06 -30.04
C ILE H 74 59.96 6.30 -29.20
N ARG H 84 61.55 2.59 -18.89
CA ARG H 84 60.11 2.81 -18.74
C ARG H 84 59.34 2.13 -19.87
N PHE H 85 59.81 2.29 -21.09
CA PHE H 85 59.11 1.79 -22.26
C PHE H 85 59.43 0.32 -22.56
N ASP H 86 60.38 -0.28 -21.84
CA ASP H 86 60.60 -1.71 -22.01
C ASP H 86 59.39 -2.51 -21.56
N ASN H 87 58.80 -2.13 -20.42
CA ASN H 87 57.58 -2.75 -19.89
C ASN H 87 56.63 -1.65 -19.41
N PRO H 88 55.94 -0.96 -20.32
CA PRO H 88 55.00 0.11 -19.91
C PRO H 88 53.67 -0.43 -19.38
N VAL H 89 53.74 -1.10 -18.24
CA VAL H 89 52.56 -1.73 -17.64
C VAL H 89 51.85 -0.71 -16.76
N LEU H 90 50.52 -0.69 -16.83
CA LEU H 90 49.69 0.15 -15.98
C LEU H 90 48.47 -0.64 -15.53
N PRO H 91 47.91 -0.33 -14.36
CA PRO H 91 46.89 -1.20 -13.77
C PRO H 91 45.57 -1.18 -14.53
N PHE H 92 44.89 -2.32 -14.51
CA PHE H 92 43.52 -2.47 -15.04
C PHE H 92 42.58 -2.48 -13.85
N ASN H 93 41.88 -1.37 -13.63
CA ASN H 93 41.04 -1.21 -12.45
C ASN H 93 39.57 -1.53 -12.72
N ASP H 94 38.95 -0.80 -13.65
CA ASP H 94 37.54 -1.00 -13.97
C ASP H 94 37.32 -0.91 -15.48
N GLY H 95 38.31 -1.29 -16.26
CA GLY H 95 38.23 -1.18 -17.70
C GLY H 95 38.91 0.08 -18.20
N VAL H 96 39.48 0.02 -19.40
CA VAL H 96 40.29 1.11 -19.94
C VAL H 96 39.83 1.43 -21.36
N TYR H 97 39.69 2.71 -21.65
CA TYR H 97 39.45 3.19 -23.02
C TYR H 97 40.81 3.36 -23.68
N PHE H 98 41.21 2.36 -24.46
CA PHE H 98 42.43 2.46 -25.24
C PHE H 98 42.19 3.31 -26.48
N ALA H 99 43.28 3.80 -27.06
CA ALA H 99 43.22 4.55 -28.31
C ALA H 99 44.61 4.50 -28.93
N SER H 100 44.69 4.95 -30.18
CA SER H 100 45.96 4.97 -30.90
C SER H 100 45.77 5.71 -32.22
N THR H 101 46.87 6.27 -32.72
CA THR H 101 46.89 6.95 -34.01
C THR H 101 48.12 6.42 -34.77
N GLU H 102 47.95 5.30 -35.47
CA GLU H 102 49.04 4.64 -36.17
C GLU H 102 48.56 4.12 -37.52
N LYS H 103 49.50 3.95 -38.44
CA LYS H 103 49.26 3.35 -39.74
C LYS H 103 50.00 2.05 -39.95
N SER H 104 51.26 1.96 -39.49
CA SER H 104 52.07 0.76 -39.67
C SER H 104 51.66 -0.37 -38.75
N ASN H 105 50.75 -0.13 -37.79
CA ASN H 105 50.29 -1.14 -36.85
C ASN H 105 51.45 -1.70 -36.02
N ILE H 106 52.10 -0.80 -35.28
CA ILE H 106 53.21 -1.21 -34.43
C ILE H 106 52.71 -2.00 -33.23
N ILE H 107 51.60 -1.57 -32.63
CA ILE H 107 51.07 -2.23 -31.44
C ILE H 107 50.33 -3.49 -31.88
N ARG H 108 50.95 -4.65 -31.64
CA ARG H 108 50.37 -5.94 -32.02
C ARG H 108 50.55 -6.94 -30.89
N GLY H 109 50.27 -6.52 -29.66
CA GLY H 109 50.41 -7.41 -28.53
C GLY H 109 49.76 -6.90 -27.25
N TRP H 110 48.99 -7.77 -26.59
CA TRP H 110 48.36 -7.42 -25.32
C TRP H 110 48.61 -8.57 -24.35
N ILE H 111 49.07 -8.26 -23.14
CA ILE H 111 49.39 -9.26 -22.13
C ILE H 111 48.69 -8.84 -20.85
N PHE H 112 47.61 -9.53 -20.50
CA PHE H 112 46.76 -9.13 -19.39
C PHE H 112 46.93 -10.07 -18.22
N GLY H 113 46.42 -9.65 -17.07
CA GLY H 113 46.37 -10.49 -15.89
C GLY H 113 47.02 -9.83 -14.69
N THR H 114 47.03 -10.59 -13.59
CA THR H 114 47.62 -10.10 -12.35
C THR H 114 49.10 -10.43 -12.27
N THR H 115 49.45 -11.71 -12.44
CA THR H 115 50.83 -12.17 -12.30
C THR H 115 51.57 -12.22 -13.63
N LEU H 116 50.86 -12.49 -14.73
CA LEU H 116 51.43 -12.60 -16.08
C LEU H 116 52.37 -13.77 -16.25
N ASP H 117 52.47 -14.65 -15.26
CA ASP H 117 53.41 -15.77 -15.30
C ASP H 117 52.75 -17.05 -14.82
N SER H 118 51.45 -17.21 -15.10
CA SER H 118 50.65 -18.40 -14.83
C SER H 118 50.43 -18.66 -13.35
N LYS H 119 50.98 -17.84 -12.44
CA LYS H 119 50.70 -18.01 -11.02
C LYS H 119 49.23 -17.74 -10.73
N THR H 120 48.66 -16.72 -11.36
CA THR H 120 47.23 -16.46 -11.35
C THR H 120 46.79 -16.31 -12.79
N GLN H 121 45.52 -16.61 -13.05
CA GLN H 121 45.05 -16.76 -14.42
C GLN H 121 45.25 -15.47 -15.22
N SER H 122 45.77 -15.62 -16.43
CA SER H 122 46.09 -14.50 -17.30
C SER H 122 45.61 -14.77 -18.72
N LEU H 123 46.01 -13.95 -19.68
CA LEU H 123 45.64 -14.18 -21.07
C LEU H 123 46.66 -13.49 -21.96
N LEU H 124 46.67 -13.89 -23.23
CA LEU H 124 47.62 -13.39 -24.23
C LEU H 124 46.84 -13.03 -25.50
N ILE H 125 46.36 -11.79 -25.58
CA ILE H 125 45.61 -11.29 -26.73
C ILE H 125 46.59 -10.67 -27.73
N VAL H 126 46.39 -10.96 -29.01
CA VAL H 126 47.19 -10.37 -30.09
C VAL H 126 46.20 -9.91 -31.16
N ASN H 127 45.88 -8.62 -31.16
CA ASN H 127 45.00 -8.03 -32.18
C ASN H 127 45.86 -7.57 -33.35
N ASN H 128 46.04 -8.45 -34.33
CA ASN H 128 46.77 -8.06 -35.54
C ASN H 128 45.91 -7.21 -36.48
N ALA H 129 44.63 -7.03 -36.16
CA ALA H 129 43.67 -6.22 -36.91
C ALA H 129 43.29 -6.89 -38.23
N THR H 130 43.96 -7.98 -38.58
CA THR H 130 43.60 -8.81 -39.71
C THR H 130 43.28 -10.24 -39.30
N ASN H 131 44.17 -10.88 -38.56
CA ASN H 131 43.97 -12.22 -38.03
C ASN H 131 44.01 -12.10 -36.50
N VAL H 132 42.85 -11.85 -35.91
CA VAL H 132 42.75 -11.63 -34.47
C VAL H 132 42.79 -12.98 -33.75
N VAL H 133 43.97 -13.36 -33.29
CA VAL H 133 44.16 -14.63 -32.58
C VAL H 133 44.15 -14.34 -31.08
N ILE H 134 42.96 -14.38 -30.50
CA ILE H 134 42.78 -14.12 -29.08
C ILE H 134 43.08 -15.40 -28.29
N LYS H 135 43.76 -15.26 -27.16
CA LYS H 135 44.03 -16.40 -26.30
C LYS H 135 43.68 -16.08 -24.86
N VAL H 136 43.58 -17.14 -24.07
CA VAL H 136 43.63 -17.05 -22.61
C VAL H 136 44.72 -17.93 -22.01
N CYS H 137 45.12 -19.01 -22.69
CA CYS H 137 46.21 -19.84 -22.23
C CYS H 137 47.51 -19.06 -22.20
N GLU H 138 48.34 -19.34 -21.20
CA GLU H 138 49.59 -18.64 -20.99
C GLU H 138 50.77 -19.55 -21.34
N PHE H 139 51.70 -19.03 -22.12
CA PHE H 139 52.94 -19.73 -22.43
C PHE H 139 54.08 -19.09 -21.65
N GLN H 140 54.94 -19.93 -21.09
CA GLN H 140 56.03 -19.45 -20.25
C GLN H 140 56.95 -18.52 -21.05
N PHE H 141 57.21 -17.34 -20.50
CA PHE H 141 58.06 -16.35 -21.13
C PHE H 141 58.77 -15.55 -20.03
N CYS H 142 59.45 -14.48 -20.45
CA CYS H 142 60.20 -13.63 -19.54
C CYS H 142 59.54 -12.26 -19.44
N ASN H 143 60.22 -11.33 -18.75
CA ASN H 143 59.66 -10.01 -18.53
C ASN H 143 59.44 -9.26 -19.85
N ASP H 144 60.40 -9.37 -20.77
CA ASP H 144 60.29 -8.73 -22.08
C ASP H 144 60.16 -9.81 -23.15
N PRO H 145 58.96 -10.09 -23.64
CA PRO H 145 58.79 -11.15 -24.63
C PRO H 145 59.56 -10.86 -25.92
N PHE H 146 60.07 -11.92 -26.53
CA PHE H 146 60.81 -11.82 -27.78
C PHE H 146 59.85 -12.01 -28.96
N LEU H 147 60.13 -11.30 -30.05
CA LEU H 147 59.31 -11.33 -31.26
C LEU H 147 60.18 -11.81 -32.41
N ASP H 148 60.14 -13.11 -32.67
CA ASP H 148 60.92 -13.70 -33.75
C ASP H 148 60.22 -13.52 -35.09
N ASN H 169 46.63 -23.60 -15.69
CA ASN H 169 45.42 -24.15 -16.29
C ASN H 169 45.13 -23.53 -17.65
N CYS H 170 45.34 -24.30 -18.72
CA CYS H 170 45.00 -23.87 -20.06
C CYS H 170 43.49 -23.93 -20.23
N THR H 171 42.86 -22.78 -20.45
CA THR H 171 41.41 -22.67 -20.34
C THR H 171 40.72 -22.39 -21.67
N PHE H 172 41.09 -21.31 -22.36
CA PHE H 172 40.31 -20.82 -23.48
C PHE H 172 41.20 -20.54 -24.68
N GLU H 173 40.65 -20.71 -25.88
CA GLU H 173 41.31 -20.41 -27.13
C GLU H 173 40.36 -19.68 -28.05
N TYR H 174 40.91 -18.97 -29.02
CA TYR H 174 40.11 -18.14 -29.92
C TYR H 174 40.96 -17.76 -31.13
N VAL H 175 40.29 -17.41 -32.22
CA VAL H 175 40.95 -16.92 -33.42
C VAL H 175 39.90 -16.25 -34.29
N SER H 176 40.33 -15.27 -35.08
CA SER H 176 39.44 -14.56 -35.99
C SER H 176 40.22 -13.84 -37.08
N PHE H 190 50.24 7.44 -39.34
CA PHE H 190 49.52 7.82 -38.12
C PHE H 190 48.23 8.58 -38.46
N LYS H 191 47.39 7.98 -39.29
CA LYS H 191 46.16 8.60 -39.75
C LYS H 191 44.89 7.89 -39.28
N ASN H 192 45.00 6.72 -38.67
CA ASN H 192 43.84 5.93 -38.27
C ASN H 192 43.74 5.93 -36.75
N LEU H 193 42.59 6.37 -36.23
CA LEU H 193 42.35 6.31 -34.80
C LEU H 193 41.85 4.93 -34.41
N ARG H 194 42.68 4.16 -33.73
CA ARG H 194 42.39 2.76 -33.40
C ARG H 194 42.02 2.69 -31.92
N GLU H 195 40.72 2.79 -31.63
CA GLU H 195 40.21 2.83 -30.27
C GLU H 195 39.76 1.43 -29.84
N PHE H 196 39.86 1.16 -28.54
CA PHE H 196 39.36 -0.08 -27.96
C PHE H 196 38.73 0.22 -26.61
N VAL H 197 37.88 -0.69 -26.15
CA VAL H 197 37.32 -0.66 -24.80
C VAL H 197 37.42 -2.06 -24.21
N PHE H 198 37.99 -2.15 -23.01
CA PHE H 198 38.37 -3.42 -22.39
C PHE H 198 37.59 -3.60 -21.11
N LYS H 199 36.41 -4.20 -21.22
CA LYS H 199 35.49 -4.30 -20.09
C LYS H 199 35.47 -5.71 -19.52
N ASN H 200 34.79 -5.85 -18.37
CA ASN H 200 34.62 -7.14 -17.71
C ASN H 200 33.45 -7.04 -16.75
N ILE H 201 32.50 -7.96 -16.87
CA ILE H 201 31.42 -8.10 -15.89
C ILE H 201 30.98 -9.56 -15.87
N ASP H 202 31.07 -10.17 -14.69
CA ASP H 202 30.74 -11.59 -14.51
C ASP H 202 31.50 -12.46 -15.51
N GLY H 203 32.75 -12.10 -15.76
CA GLY H 203 33.57 -12.84 -16.71
C GLY H 203 33.07 -12.77 -18.14
N TYR H 204 32.67 -11.59 -18.60
CA TYR H 204 32.15 -11.38 -19.94
C TYR H 204 33.06 -10.34 -20.60
N PHE H 205 34.16 -10.83 -21.19
CA PHE H 205 35.27 -10.00 -21.64
C PHE H 205 34.90 -9.30 -22.94
N LYS H 206 34.12 -8.24 -22.82
CA LYS H 206 33.75 -7.44 -23.99
C LYS H 206 34.99 -6.72 -24.52
N ILE H 207 35.13 -6.71 -25.85
CA ILE H 207 36.25 -6.06 -26.52
C ILE H 207 35.64 -5.19 -27.61
N TYR H 208 35.41 -3.92 -27.29
CA TYR H 208 34.90 -2.97 -28.26
C TYR H 208 36.03 -2.46 -29.16
N SER H 209 35.64 -1.75 -30.21
CA SER H 209 36.61 -1.09 -31.08
C SER H 209 35.87 -0.24 -32.11
N LYS H 210 36.55 0.81 -32.55
CA LYS H 210 36.11 1.59 -33.71
C LYS H 210 37.31 2.30 -34.28
N HIS H 211 37.80 1.83 -35.41
CA HIS H 211 38.99 2.38 -36.05
C HIS H 211 38.61 2.98 -37.40
N THR H 212 38.78 4.29 -37.53
CA THR H 212 38.43 5.03 -38.73
C THR H 212 39.53 6.02 -39.06
N PRO H 213 39.99 6.05 -40.30
CA PRO H 213 41.00 7.06 -40.69
C PRO H 213 40.44 8.47 -40.56
N ILE H 214 41.33 9.39 -40.21
CA ILE H 214 40.98 10.80 -40.04
C ILE H 214 42.00 11.64 -40.81
N ASN H 215 41.62 12.89 -41.07
CA ASN H 215 42.51 13.86 -41.71
C ASN H 215 42.84 14.93 -40.66
N LEU H 216 43.83 14.62 -39.82
CA LEU H 216 44.30 15.51 -38.77
C LEU H 216 45.55 14.88 -38.17
N VAL H 217 46.57 15.70 -37.91
CA VAL H 217 47.84 15.19 -37.43
C VAL H 217 48.23 15.89 -36.13
N ARG H 218 47.25 16.49 -35.45
CA ARG H 218 47.50 17.25 -34.25
C ARG H 218 46.88 16.61 -33.01
N ASP H 219 45.57 16.38 -33.00
CA ASP H 219 44.88 15.89 -31.82
C ASP H 219 43.51 15.36 -32.25
N LEU H 220 42.71 14.96 -31.28
CA LEU H 220 41.36 14.50 -31.58
C LEU H 220 40.51 15.67 -32.08
N PRO H 221 39.59 15.43 -33.01
CA PRO H 221 38.74 16.50 -33.51
C PRO H 221 37.54 16.74 -32.60
N GLN H 222 36.76 17.77 -32.95
CA GLN H 222 35.50 18.01 -32.26
C GLN H 222 34.40 17.16 -32.88
N GLY H 223 34.66 15.86 -33.00
CA GLY H 223 33.71 14.93 -33.56
C GLY H 223 33.19 13.97 -32.49
N PHE H 224 32.65 12.85 -32.96
CA PHE H 224 32.09 11.86 -32.07
C PHE H 224 31.98 10.53 -32.80
N SER H 225 32.36 9.44 -32.14
CA SER H 225 32.34 8.12 -32.76
C SER H 225 32.12 7.06 -31.71
N ALA H 226 30.98 6.37 -31.80
CA ALA H 226 30.69 5.27 -30.90
C ALA H 226 31.53 4.05 -31.26
N LEU H 227 31.74 3.19 -30.27
CA LEU H 227 32.63 2.03 -30.41
C LEU H 227 31.78 0.76 -30.44
N GLU H 228 31.44 0.33 -31.64
CA GLU H 228 30.60 -0.85 -31.80
C GLU H 228 31.35 -2.11 -31.36
N PRO H 229 30.68 -3.07 -30.74
CA PRO H 229 31.38 -4.27 -30.28
C PRO H 229 31.92 -5.09 -31.43
N LEU H 230 33.03 -5.77 -31.18
CA LEU H 230 33.58 -6.74 -32.11
C LEU H 230 33.34 -8.17 -31.65
N VAL H 231 33.79 -8.50 -30.44
CA VAL H 231 33.66 -9.85 -29.89
C VAL H 231 33.34 -9.75 -28.41
N ASP H 232 32.69 -10.77 -27.88
CA ASP H 232 32.46 -10.92 -26.45
C ASP H 232 33.04 -12.26 -26.00
N LEU H 233 33.82 -12.24 -24.93
CA LEU H 233 34.59 -13.40 -24.52
C LEU H 233 34.18 -13.87 -23.12
N PRO H 234 33.51 -15.01 -23.00
CA PRO H 234 33.16 -15.52 -21.66
C PRO H 234 34.36 -16.13 -20.95
N ILE H 235 35.34 -15.28 -20.60
CA ILE H 235 36.58 -15.79 -20.00
C ILE H 235 36.31 -16.30 -18.59
N GLY H 236 35.57 -15.54 -17.79
CA GLY H 236 35.32 -15.93 -16.41
C GLY H 236 36.55 -15.98 -15.54
N ILE H 237 37.49 -15.06 -15.72
CA ILE H 237 38.73 -15.04 -14.96
C ILE H 237 38.89 -13.68 -14.29
N ASN H 238 39.91 -13.57 -13.45
CA ASN H 238 40.23 -12.32 -12.80
C ASN H 238 41.16 -11.47 -13.67
N ILE H 239 41.00 -10.15 -13.59
CA ILE H 239 41.81 -9.23 -14.37
C ILE H 239 41.98 -7.95 -13.56
N THR H 240 43.24 -7.61 -13.23
CA THR H 240 43.53 -6.41 -12.46
C THR H 240 44.69 -5.58 -13.02
N ARG H 241 45.40 -6.05 -14.03
CA ARG H 241 46.49 -5.31 -14.64
C ARG H 241 46.58 -5.69 -16.11
N PHE H 242 47.18 -4.81 -16.90
CA PHE H 242 47.32 -5.09 -18.33
C PHE H 242 48.51 -4.32 -18.87
N GLN H 243 48.97 -4.74 -20.05
CA GLN H 243 50.20 -4.18 -20.63
C GLN H 243 50.10 -4.26 -22.14
N THR H 244 49.96 -3.10 -22.79
CA THR H 244 50.03 -3.05 -24.25
C THR H 244 51.45 -3.37 -24.71
N LEU H 245 51.56 -4.13 -25.80
CA LEU H 245 52.84 -4.49 -26.38
C LEU H 245 52.88 -4.07 -27.84
N LEU H 246 54.06 -3.68 -28.31
CA LEU H 246 54.26 -3.21 -29.67
C LEU H 246 55.17 -4.18 -30.42
N ALA H 247 55.51 -3.81 -31.66
CA ALA H 247 56.37 -4.64 -32.50
C ALA H 247 57.82 -4.22 -32.26
N LEU H 248 58.57 -5.07 -31.56
CA LEU H 248 59.97 -4.79 -31.29
C LEU H 248 60.80 -4.95 -32.57
N HIS H 249 61.86 -4.16 -32.67
CA HIS H 249 62.73 -4.20 -33.84
C HIS H 249 63.61 -5.45 -33.81
N ALA H 267 52.86 7.84 -33.50
CA ALA H 267 52.40 7.04 -32.38
C ALA H 267 52.10 7.92 -31.17
N ALA H 268 50.83 8.19 -30.94
CA ALA H 268 50.39 9.05 -29.84
C ALA H 268 49.19 8.41 -29.13
N TYR H 269 49.33 7.14 -28.75
CA TYR H 269 48.17 6.39 -28.26
C TYR H 269 47.80 6.85 -26.86
N TYR H 270 46.53 6.63 -26.50
CA TYR H 270 46.00 7.07 -25.22
C TYR H 270 45.80 5.88 -24.28
N VAL H 271 45.44 6.19 -23.05
CA VAL H 271 44.98 5.23 -22.05
C VAL H 271 44.01 5.94 -21.13
N GLY H 272 42.83 5.34 -20.92
CA GLY H 272 41.83 5.89 -20.04
C GLY H 272 41.41 4.90 -18.96
N TYR H 273 40.51 5.37 -18.10
CA TYR H 273 40.01 4.57 -16.99
C TYR H 273 38.49 4.70 -16.95
N LEU H 274 37.82 3.60 -16.64
CA LEU H 274 36.37 3.54 -16.60
C LEU H 274 35.86 3.56 -15.16
N GLN H 275 34.70 4.18 -14.97
CA GLN H 275 34.09 4.26 -13.64
C GLN H 275 32.58 4.46 -13.82
N PRO H 276 31.77 4.04 -12.84
CA PRO H 276 30.34 3.86 -13.10
C PRO H 276 29.56 5.18 -13.17
N ARG H 277 29.59 5.81 -14.33
CA ARG H 277 28.92 7.09 -14.58
C ARG H 277 27.58 6.88 -15.28
N THR H 278 26.55 7.51 -14.73
CA THR H 278 25.29 7.61 -15.46
C THR H 278 25.55 8.34 -16.78
N PHE H 279 24.82 7.97 -17.82
CA PHE H 279 25.23 8.45 -19.14
C PHE H 279 24.06 8.37 -20.10
N LEU H 280 23.80 9.49 -20.77
CA LEU H 280 22.60 9.68 -21.60
C LEU H 280 23.01 9.60 -23.07
N LEU H 281 22.37 8.70 -23.81
CA LEU H 281 22.76 8.40 -25.18
C LEU H 281 21.85 9.13 -26.17
N LYS H 282 22.26 9.13 -27.44
CA LYS H 282 21.46 9.74 -28.50
C LYS H 282 21.60 8.87 -29.75
N TYR H 283 20.61 8.02 -29.99
CA TYR H 283 20.59 7.17 -31.17
C TYR H 283 19.95 7.89 -32.34
N ASN H 284 20.39 7.56 -33.55
CA ASN H 284 19.73 8.03 -34.75
C ASN H 284 18.77 6.95 -35.24
N GLU H 285 18.25 7.12 -36.45
CA GLU H 285 17.29 6.15 -36.99
C GLU H 285 17.94 4.85 -37.46
N ASN H 286 19.27 4.81 -37.56
CA ASN H 286 19.97 3.60 -37.94
C ASN H 286 20.44 2.78 -36.75
N GLY H 287 20.17 3.23 -35.53
CA GLY H 287 20.57 2.50 -34.34
C GLY H 287 22.02 2.67 -33.92
N THR H 288 22.71 3.68 -34.44
CA THR H 288 24.04 4.02 -33.97
C THR H 288 23.97 5.27 -33.11
N ILE H 289 25.08 5.57 -32.42
CA ILE H 289 25.12 6.66 -31.46
C ILE H 289 25.78 7.86 -32.11
N THR H 290 25.03 8.95 -32.24
CA THR H 290 25.51 10.16 -32.92
C THR H 290 25.86 11.29 -31.97
N ASP H 291 25.51 11.18 -30.69
CA ASP H 291 25.83 12.20 -29.71
C ASP H 291 25.82 11.57 -28.32
N ALA H 292 26.27 12.32 -27.33
CA ALA H 292 26.43 11.77 -26.00
C ALA H 292 26.45 12.90 -24.98
N VAL H 293 26.17 12.56 -23.72
CA VAL H 293 26.11 13.51 -22.62
C VAL H 293 26.62 12.83 -21.35
N ASP H 294 27.74 13.32 -20.81
CA ASP H 294 28.19 12.91 -19.49
C ASP H 294 27.21 13.42 -18.44
N CYS H 295 27.27 12.85 -17.24
CA CYS H 295 26.22 13.15 -16.27
C CYS H 295 26.72 13.90 -15.04
N ALA H 296 27.84 13.50 -14.45
CA ALA H 296 28.43 14.19 -13.31
C ALA H 296 29.57 15.11 -13.73
N LEU H 297 29.52 15.63 -14.95
CA LEU H 297 30.59 16.50 -15.44
C LEU H 297 30.42 17.93 -14.95
N ASP H 298 29.33 18.57 -15.33
CA ASP H 298 29.02 19.94 -14.94
C ASP H 298 27.53 20.05 -14.70
N PRO H 299 27.09 21.09 -13.98
CA PRO H 299 25.65 21.24 -13.71
C PRO H 299 24.75 21.04 -14.91
N LEU H 300 25.19 21.46 -16.10
CA LEU H 300 24.40 21.21 -17.30
C LEU H 300 24.35 19.72 -17.64
N SER H 301 25.39 18.97 -17.26
CA SER H 301 25.40 17.53 -17.54
C SER H 301 24.33 16.80 -16.73
N GLU H 302 24.25 17.03 -15.42
CA GLU H 302 23.18 16.39 -14.65
C GLU H 302 21.83 17.04 -14.92
N THR H 303 21.81 18.28 -15.40
CA THR H 303 20.55 18.82 -15.91
C THR H 303 20.05 18.01 -17.10
N LYS H 304 20.95 17.68 -18.02
CA LYS H 304 20.60 16.82 -19.15
C LYS H 304 20.19 15.44 -18.68
N CYS H 305 20.85 14.93 -17.63
CA CYS H 305 20.45 13.66 -17.04
C CYS H 305 19.02 13.71 -16.54
N THR H 306 18.67 14.78 -15.83
CA THR H 306 17.32 14.93 -15.29
C THR H 306 16.29 15.04 -16.40
N LEU H 307 16.54 15.91 -17.37
CA LEU H 307 15.62 16.08 -18.49
C LEU H 307 15.70 14.96 -19.51
N LYS H 308 16.73 14.11 -19.43
CA LYS H 308 16.94 13.01 -20.38
C LYS H 308 17.06 13.52 -21.81
N SER H 309 17.51 14.76 -21.99
CA SER H 309 17.55 15.39 -23.30
C SER H 309 18.93 16.01 -23.51
N PHE H 310 19.11 16.57 -24.71
CA PHE H 310 20.37 17.21 -25.08
C PHE H 310 20.25 18.72 -25.23
N THR H 311 19.11 19.22 -25.70
CA THR H 311 18.88 20.65 -25.86
C THR H 311 18.06 21.12 -24.66
N VAL H 312 18.75 21.46 -23.58
CA VAL H 312 18.08 21.99 -22.40
C VAL H 312 17.58 23.41 -22.69
N GLU H 313 16.42 23.73 -22.14
CA GLU H 313 15.82 25.05 -22.29
C GLU H 313 16.24 25.94 -21.11
N LYS H 314 16.06 27.25 -21.30
CA LYS H 314 16.41 28.23 -20.27
C LYS H 314 15.49 28.05 -19.06
N GLY H 315 16.07 27.65 -17.94
CA GLY H 315 15.26 27.44 -16.75
C GLY H 315 16.10 26.92 -15.61
N ILE H 316 15.41 26.56 -14.53
CA ILE H 316 16.03 26.08 -13.31
C ILE H 316 15.47 24.69 -13.01
N TYR H 317 16.36 23.72 -12.77
CA TYR H 317 15.98 22.32 -12.69
C TYR H 317 16.52 21.71 -11.40
N GLN H 318 15.66 21.00 -10.67
CA GLN H 318 16.06 20.33 -9.43
C GLN H 318 16.82 19.06 -9.82
N THR H 319 18.07 19.27 -10.25
CA THR H 319 18.87 18.14 -10.73
C THR H 319 19.38 17.28 -9.59
N SER H 320 19.54 17.85 -8.40
CA SER H 320 20.12 17.12 -7.27
C SER H 320 19.70 17.82 -5.98
N ASN H 321 20.33 17.41 -4.88
CA ASN H 321 20.10 18.00 -3.57
C ASN H 321 21.40 18.01 -2.79
N PHE H 322 21.51 18.91 -1.82
CA PHE H 322 22.72 19.07 -1.03
C PHE H 322 22.54 18.47 0.34
N ARG H 323 23.50 17.66 0.77
CA ARG H 323 23.50 17.03 2.07
C ARG H 323 24.83 17.28 2.75
N VAL H 324 24.79 17.65 4.03
CA VAL H 324 25.97 17.86 4.84
C VAL H 324 26.22 16.60 5.65
N GLN H 325 27.25 15.84 5.30
CA GLN H 325 27.54 14.59 5.97
C GLN H 325 28.09 14.86 7.37
N PRO H 326 27.89 13.93 8.30
CA PRO H 326 28.48 14.09 9.64
C PRO H 326 30.00 14.08 9.57
N THR H 327 30.62 14.85 10.46
CA THR H 327 32.07 14.96 10.49
C THR H 327 32.71 13.85 11.32
N GLU H 328 32.32 13.75 12.59
CA GLU H 328 32.84 12.72 13.48
C GLU H 328 31.77 12.37 14.50
N SER H 329 32.10 11.43 15.39
CA SER H 329 31.17 10.95 16.40
C SER H 329 31.48 11.61 17.74
N ILE H 330 30.44 12.14 18.37
CA ILE H 330 30.54 12.76 19.70
C ILE H 330 29.75 11.89 20.66
N VAL H 331 30.46 11.20 21.55
CA VAL H 331 29.86 10.32 22.55
C VAL H 331 30.34 10.77 23.92
N ARG H 332 29.40 11.02 24.83
CA ARG H 332 29.72 11.54 26.15
C ARG H 332 29.00 10.72 27.22
N PHE H 333 29.65 10.61 28.38
CA PHE H 333 29.12 9.92 29.54
C PHE H 333 29.61 10.63 30.80
N PRO H 334 28.83 10.61 31.87
CA PRO H 334 29.22 11.33 33.09
C PRO H 334 30.25 10.57 33.89
N ASN H 335 30.94 11.32 34.75
CA ASN H 335 31.87 10.76 35.73
C ASN H 335 31.30 11.08 37.12
N ILE H 336 30.42 10.20 37.60
CA ILE H 336 29.80 10.40 38.90
C ILE H 336 30.86 10.26 39.99
N THR H 337 30.89 11.21 40.93
CA THR H 337 31.94 11.32 41.93
C THR H 337 33.32 11.32 41.26
N ASN H 338 34.31 10.73 41.91
CA ASN H 338 35.64 10.59 41.31
C ASN H 338 36.01 9.14 41.07
N LEU H 339 35.96 8.29 42.10
CA LEU H 339 36.23 6.87 41.98
C LEU H 339 35.39 6.12 42.99
N CYS H 340 35.25 4.81 42.78
CA CYS H 340 34.57 3.99 43.76
C CYS H 340 35.41 3.88 45.03
N PRO H 341 34.78 3.74 46.19
CA PRO H 341 35.54 3.65 47.45
C PRO H 341 36.27 2.32 47.59
N PHE H 342 37.12 2.00 46.62
CA PHE H 342 37.87 0.75 46.63
C PHE H 342 39.22 0.88 47.33
N GLY H 343 39.70 2.09 47.57
CA GLY H 343 40.96 2.27 48.25
C GLY H 343 40.91 1.81 49.70
N GLU H 344 39.82 2.11 50.40
CA GLU H 344 39.66 1.73 51.79
C GLU H 344 39.26 0.26 51.97
N VAL H 345 38.83 -0.40 50.90
CA VAL H 345 38.39 -1.79 50.98
C VAL H 345 39.50 -2.76 50.58
N PHE H 346 40.11 -2.54 49.41
CA PHE H 346 41.16 -3.44 48.95
C PHE H 346 42.48 -3.22 49.68
N ASN H 347 42.78 -1.98 50.06
CA ASN H 347 44.06 -1.64 50.67
C ASN H 347 43.94 -1.40 52.17
N ALA H 348 42.95 -2.01 52.82
CA ALA H 348 42.80 -1.87 54.26
C ALA H 348 43.92 -2.58 54.99
N THR H 349 44.34 -2.01 56.13
CA THR H 349 45.44 -2.58 56.89
C THR H 349 45.08 -3.97 57.42
N ARG H 350 43.86 -4.13 57.94
CA ARG H 350 43.41 -5.39 58.51
C ARG H 350 42.08 -5.80 57.89
N PHE H 351 41.95 -7.09 57.59
CA PHE H 351 40.72 -7.67 57.07
C PHE H 351 40.04 -8.50 58.16
N ALA H 352 38.71 -8.62 58.03
CA ALA H 352 37.95 -9.40 58.99
C ALA H 352 38.21 -10.89 58.82
N SER H 353 37.74 -11.67 59.79
CA SER H 353 37.92 -13.11 59.75
C SER H 353 37.06 -13.74 58.65
N VAL H 354 37.41 -14.98 58.29
CA VAL H 354 36.67 -15.68 57.24
C VAL H 354 35.23 -15.96 57.68
N TYR H 355 35.04 -16.29 58.96
CA TYR H 355 33.70 -16.53 59.47
C TYR H 355 32.91 -15.24 59.66
N ALA H 356 33.60 -14.10 59.74
CA ALA H 356 32.93 -12.81 59.87
C ALA H 356 33.30 -11.90 58.71
N TRP H 357 33.27 -12.44 57.49
CA TRP H 357 33.63 -11.66 56.31
C TRP H 357 32.72 -10.46 56.16
N ASN H 358 33.33 -9.31 55.90
CA ASN H 358 32.60 -8.05 55.80
C ASN H 358 32.17 -7.81 54.35
N ARG H 359 30.87 -7.57 54.15
CA ARG H 359 30.33 -7.25 52.84
C ARG H 359 29.81 -5.83 52.87
N LYS H 360 30.30 -5.00 51.95
CA LYS H 360 29.89 -3.61 51.86
C LYS H 360 29.29 -3.33 50.49
N ARG H 361 28.12 -2.70 50.49
CA ARG H 361 27.42 -2.38 49.25
C ARG H 361 28.09 -1.19 48.57
N ILE H 362 28.37 -1.33 47.28
CA ILE H 362 29.02 -0.29 46.49
C ILE H 362 28.05 0.16 45.39
N SER H 363 27.78 1.46 45.35
CA SER H 363 26.83 1.99 44.38
C SER H 363 27.16 3.46 44.13
N ASN H 364 26.61 3.99 43.04
CA ASN H 364 26.73 5.40 42.67
C ASN H 364 28.20 5.82 42.51
N CYS H 365 28.93 5.05 41.71
CA CYS H 365 30.32 5.36 41.41
C CYS H 365 30.71 4.67 40.12
N VAL H 366 31.83 5.10 39.56
CA VAL H 366 32.38 4.51 38.34
C VAL H 366 33.59 3.66 38.72
N ALA H 367 33.63 2.44 38.22
CA ALA H 367 34.72 1.50 38.50
C ALA H 367 35.59 1.34 37.27
N ASP H 368 36.90 1.45 37.45
CA ASP H 368 37.86 1.35 36.36
C ASP H 368 38.29 -0.10 36.23
N TYR H 369 37.54 -0.86 35.41
CA TYR H 369 37.90 -2.24 35.14
C TYR H 369 39.10 -2.35 34.20
N SER H 370 39.43 -1.26 33.50
CA SER H 370 40.62 -1.28 32.63
C SER H 370 41.88 -1.56 33.44
N VAL H 371 41.95 -1.05 34.66
CA VAL H 371 43.04 -1.40 35.55
C VAL H 371 43.04 -2.90 35.85
N LEU H 372 41.84 -3.48 35.99
CA LEU H 372 41.74 -4.89 36.35
C LEU H 372 42.20 -5.79 35.22
N TYR H 373 41.75 -5.53 33.98
CA TYR H 373 42.06 -6.46 32.90
C TYR H 373 43.29 -6.06 32.09
N ASN H 374 43.74 -4.82 32.16
CA ASN H 374 44.94 -4.38 31.46
C ASN H 374 46.21 -4.58 32.27
N SER H 375 46.09 -4.90 33.56
CA SER H 375 47.24 -5.16 34.42
C SER H 375 46.92 -6.36 35.31
N ALA H 376 47.96 -7.12 35.63
CA ALA H 376 47.81 -8.37 36.37
C ALA H 376 48.73 -8.46 37.58
N SER H 377 48.76 -7.40 38.41
CA SER H 377 49.45 -7.50 39.69
C SER H 377 48.80 -8.55 40.58
N PHE H 378 47.55 -8.89 40.32
CA PHE H 378 46.86 -9.97 41.02
C PHE H 378 47.25 -11.31 40.40
N SER H 379 47.76 -12.22 41.23
CA SER H 379 48.24 -13.50 40.72
C SER H 379 47.10 -14.32 40.12
N THR H 380 45.95 -14.35 40.79
CA THR H 380 44.81 -15.14 40.39
C THR H 380 43.70 -14.22 39.89
N PHE H 381 43.17 -14.52 38.71
CA PHE H 381 42.03 -13.81 38.13
C PHE H 381 41.16 -14.85 37.43
N LYS H 382 40.18 -15.38 38.15
CA LYS H 382 39.30 -16.44 37.67
C LYS H 382 37.89 -15.88 37.54
N CYS H 383 37.40 -15.78 36.31
CA CYS H 383 36.04 -15.32 36.03
C CYS H 383 35.25 -16.42 35.36
N TYR H 384 34.06 -16.70 35.87
CA TYR H 384 33.18 -17.73 35.33
C TYR H 384 31.84 -17.10 34.98
N GLY H 385 31.38 -17.34 33.74
CA GLY H 385 30.09 -16.88 33.30
C GLY H 385 30.07 -15.49 32.70
N VAL H 386 31.16 -14.74 32.81
CA VAL H 386 31.23 -13.38 32.27
C VAL H 386 32.55 -13.23 31.51
N SER H 387 32.59 -12.23 30.63
CA SER H 387 33.77 -11.93 29.84
C SER H 387 34.38 -10.63 30.31
N PRO H 388 35.67 -10.59 30.64
CA PRO H 388 36.28 -9.31 31.06
C PRO H 388 36.24 -8.25 29.97
N THR H 389 36.20 -8.66 28.70
CA THR H 389 36.17 -7.69 27.60
C THR H 389 34.88 -6.87 27.61
N LYS H 390 33.75 -7.50 27.91
CA LYS H 390 32.46 -6.82 27.86
C LYS H 390 32.11 -6.10 29.15
N LEU H 391 33.02 -6.08 30.13
CA LEU H 391 32.75 -5.35 31.36
C LEU H 391 32.60 -3.85 31.10
N ASN H 392 33.44 -3.30 30.23
CA ASN H 392 33.38 -1.87 29.96
C ASN H 392 32.11 -1.50 29.20
N ASP H 393 31.65 -2.38 28.30
CA ASP H 393 30.49 -2.09 27.46
C ASP H 393 29.17 -2.50 28.10
N LEU H 394 29.18 -2.97 29.34
CA LEU H 394 27.97 -3.40 30.03
C LEU H 394 27.86 -2.68 31.37
N CYS H 395 26.64 -2.50 31.84
CA CYS H 395 26.34 -1.88 33.12
C CYS H 395 25.71 -2.91 34.04
N PHE H 396 26.25 -3.04 35.24
CA PHE H 396 25.79 -4.02 36.22
C PHE H 396 25.18 -3.31 37.43
N THR H 397 24.18 -3.96 38.02
CA THR H 397 23.47 -3.42 39.17
C THR H 397 23.60 -4.39 40.34
N ASN H 398 23.64 -3.83 41.55
CA ASN H 398 23.74 -4.60 42.78
C ASN H 398 25.04 -5.41 42.81
N VAL H 399 26.16 -4.68 42.73
CA VAL H 399 27.48 -5.28 42.71
C VAL H 399 27.80 -5.85 44.09
N TYR H 400 28.22 -7.12 44.12
CA TYR H 400 28.57 -7.80 45.36
C TYR H 400 30.07 -8.12 45.36
N ALA H 401 30.72 -7.89 46.50
CA ALA H 401 32.14 -8.16 46.66
C ALA H 401 32.38 -8.79 48.02
N ASP H 402 32.96 -9.98 48.04
CA ASP H 402 33.33 -10.67 49.27
C ASP H 402 34.84 -10.78 49.33
N SER H 403 35.42 -10.34 50.45
CA SER H 403 36.86 -10.36 50.65
C SER H 403 37.19 -11.14 51.92
N PHE H 404 38.22 -11.97 51.85
CA PHE H 404 38.68 -12.76 52.98
C PHE H 404 40.11 -13.18 52.71
N VAL H 405 40.71 -13.87 53.70
CA VAL H 405 42.10 -14.31 53.62
C VAL H 405 42.13 -15.81 53.85
N ILE H 406 42.70 -16.54 52.90
CA ILE H 406 42.90 -17.98 53.00
C ILE H 406 44.31 -18.31 52.55
N ARG H 407 44.62 -19.60 52.52
CA ARG H 407 45.95 -20.08 52.16
C ARG H 407 46.00 -20.51 50.70
N GLY H 408 47.21 -20.74 50.21
CA GLY H 408 47.42 -20.95 48.78
C GLY H 408 46.80 -22.23 48.25
N ASP H 409 47.00 -23.34 48.97
CA ASP H 409 46.63 -24.64 48.42
C ASP H 409 45.12 -24.87 48.36
N GLU H 410 44.33 -24.03 49.02
CA GLU H 410 42.88 -24.17 48.99
C GLU H 410 42.23 -23.46 47.81
N VAL H 411 43.03 -22.83 46.95
CA VAL H 411 42.48 -22.21 45.74
C VAL H 411 41.92 -23.27 44.80
N ARG H 412 42.53 -24.46 44.79
CA ARG H 412 42.05 -25.55 43.95
C ARG H 412 40.63 -25.95 44.30
N GLN H 413 40.31 -26.06 45.59
CA GLN H 413 39.02 -26.59 46.01
C GLN H 413 37.86 -25.69 45.62
N ILE H 414 38.09 -24.39 45.45
CA ILE H 414 37.03 -23.45 45.06
C ILE H 414 36.98 -23.46 43.54
N ALA H 415 36.25 -24.44 42.99
CA ALA H 415 36.11 -24.58 41.54
C ALA H 415 34.92 -25.49 41.27
N PRO H 416 34.20 -25.27 40.17
CA PRO H 416 33.08 -26.16 39.83
C PRO H 416 33.55 -27.58 39.60
N GLY H 417 32.73 -28.53 40.01
CA GLY H 417 33.05 -29.94 39.86
C GLY H 417 34.29 -30.39 40.60
N GLN H 418 34.45 -29.95 41.85
CA GLN H 418 35.60 -30.31 42.67
C GLN H 418 35.13 -30.75 44.05
N THR H 419 35.90 -31.65 44.65
CA THR H 419 35.60 -32.21 45.96
C THR H 419 36.71 -31.83 46.94
N GLY H 420 36.36 -31.88 48.22
CA GLY H 420 37.31 -31.56 49.28
C GLY H 420 36.61 -31.39 50.60
N LYS H 421 37.42 -31.34 51.65
CA LYS H 421 36.88 -31.21 53.00
C LYS H 421 36.16 -29.87 53.17
N ILE H 422 36.77 -28.78 52.70
CA ILE H 422 36.17 -27.46 52.86
C ILE H 422 34.85 -27.37 52.09
N ALA H 423 34.88 -27.75 50.80
CA ALA H 423 33.71 -27.56 49.95
C ALA H 423 32.52 -28.40 50.43
N ASP H 424 32.79 -29.47 51.16
CA ASP H 424 31.73 -30.36 51.62
C ASP H 424 31.24 -30.00 53.02
N TYR H 425 32.15 -29.83 53.97
CA TYR H 425 31.77 -29.69 55.38
C TYR H 425 31.81 -28.26 55.89
N ASN H 426 32.36 -27.31 55.13
CA ASN H 426 32.48 -25.93 55.58
C ASN H 426 31.56 -24.98 54.82
N TYR H 427 31.66 -24.96 53.49
CA TYR H 427 30.81 -24.09 52.69
C TYR H 427 30.76 -24.62 51.27
N LYS H 428 29.55 -24.77 50.73
CA LYS H 428 29.33 -25.28 49.40
C LYS H 428 28.89 -24.15 48.48
N LEU H 429 29.57 -24.01 47.34
CA LEU H 429 29.25 -23.02 46.31
C LEU H 429 28.50 -23.67 45.17
N PRO H 430 27.60 -22.93 44.52
CA PRO H 430 26.85 -23.51 43.40
C PRO H 430 27.76 -23.82 42.22
N ASP H 431 27.40 -24.88 41.49
CA ASP H 431 28.17 -25.26 40.31
C ASP H 431 28.03 -24.24 39.20
N ASP H 432 26.87 -23.58 39.10
CA ASP H 432 26.63 -22.56 38.09
C ASP H 432 26.91 -21.15 38.61
N PHE H 433 27.86 -21.03 39.53
CA PHE H 433 28.21 -19.73 40.08
C PHE H 433 28.77 -18.82 38.98
N THR H 434 28.30 -17.59 38.95
CA THR H 434 28.72 -16.60 37.96
C THR H 434 29.38 -15.43 38.69
N GLY H 435 30.59 -15.09 38.28
CA GLY H 435 31.32 -14.00 38.89
C GLY H 435 32.81 -14.12 38.61
N CYS H 436 33.60 -13.42 39.42
CA CYS H 436 35.05 -13.42 39.27
C CYS H 436 35.71 -13.70 40.62
N VAL H 437 36.82 -14.41 40.58
CA VAL H 437 37.60 -14.74 41.76
C VAL H 437 39.01 -14.19 41.58
N ILE H 438 39.44 -13.36 42.52
CA ILE H 438 40.76 -12.72 42.48
C ILE H 438 41.49 -13.05 43.76
N ALA H 439 42.70 -13.61 43.64
CA ALA H 439 43.53 -13.95 44.77
C ALA H 439 44.96 -13.47 44.51
N TRP H 440 45.59 -12.91 45.54
CA TRP H 440 46.96 -12.43 45.42
C TRP H 440 47.64 -12.49 46.78
N ASN H 441 48.97 -12.50 46.76
CA ASN H 441 49.74 -12.64 47.99
C ASN H 441 49.72 -11.35 48.78
N SER H 442 49.72 -11.47 50.10
CA SER H 442 49.75 -10.33 51.01
C SER H 442 50.69 -10.60 52.18
N ASN H 443 51.87 -11.15 51.88
CA ASN H 443 52.84 -11.43 52.94
C ASN H 443 53.33 -10.15 53.60
N ASN H 444 53.50 -9.08 52.81
CA ASN H 444 53.95 -7.82 53.37
C ASN H 444 52.90 -7.15 54.25
N LEU H 445 51.64 -7.62 54.19
CA LEU H 445 50.56 -7.00 54.93
C LEU H 445 49.84 -7.93 55.90
N ASP H 446 49.88 -9.24 55.68
CA ASP H 446 49.14 -10.19 56.52
C ASP H 446 50.05 -11.18 57.22
N SER H 447 51.31 -10.83 57.43
CA SER H 447 52.25 -11.68 58.15
C SER H 447 52.77 -10.95 59.38
N LYS H 448 52.80 -11.67 60.50
CA LYS H 448 53.24 -11.11 61.77
C LYS H 448 54.38 -11.96 62.34
N VAL H 449 55.33 -11.28 62.99
CA VAL H 449 56.45 -11.98 63.61
C VAL H 449 55.97 -12.91 64.71
N GLY H 450 55.05 -12.43 65.55
CA GLY H 450 54.51 -13.26 66.60
C GLY H 450 53.70 -14.43 66.09
N GLY H 451 52.96 -14.23 64.99
CA GLY H 451 52.15 -15.30 64.43
C GLY H 451 50.74 -15.31 65.00
N ASN H 452 49.74 -15.35 64.12
CA ASN H 452 48.34 -15.34 64.52
C ASN H 452 47.83 -16.77 64.53
N TYR H 453 47.67 -17.34 65.72
CA TYR H 453 47.14 -18.69 65.90
C TYR H 453 45.75 -18.68 66.53
N ASN H 454 45.09 -17.52 66.54
CA ASN H 454 43.78 -17.40 67.17
C ASN H 454 42.64 -17.88 66.27
N TYR H 455 42.92 -18.22 65.02
CA TYR H 455 41.88 -18.68 64.11
C TYR H 455 41.34 -20.03 64.58
N ARG H 456 40.01 -20.13 64.69
CA ARG H 456 39.36 -21.36 65.09
C ARG H 456 38.12 -21.59 64.22
N TYR H 457 37.81 -22.86 63.99
CA TYR H 457 36.64 -23.23 63.21
C TYR H 457 36.16 -24.60 63.67
N ARG H 458 34.90 -24.91 63.35
CA ARG H 458 34.33 -26.20 63.69
C ARG H 458 34.74 -27.23 62.64
N LEU H 459 35.34 -28.33 63.08
CA LEU H 459 35.87 -29.33 62.17
C LEU H 459 34.88 -30.42 61.83
N PHE H 460 33.99 -30.78 62.75
CA PHE H 460 33.02 -31.85 62.54
C PHE H 460 31.62 -31.37 62.89
N ARG H 461 30.64 -31.89 62.17
CA ARG H 461 29.24 -31.55 62.41
C ARG H 461 28.37 -32.73 62.02
N LYS H 462 27.16 -32.76 62.59
CA LYS H 462 26.24 -33.86 62.30
C LYS H 462 25.69 -33.78 60.88
N SER H 463 25.39 -32.56 60.41
CA SER H 463 24.80 -32.36 59.09
C SER H 463 25.51 -31.22 58.37
N ASN H 464 25.48 -31.28 57.04
CA ASN H 464 26.10 -30.25 56.23
C ASN H 464 25.33 -28.94 56.32
N LEU H 465 26.05 -27.84 56.24
CA LEU H 465 25.43 -26.52 56.30
C LEU H 465 24.69 -26.21 55.00
N LYS H 466 23.55 -25.54 55.13
CA LYS H 466 22.75 -25.21 53.95
C LYS H 466 23.45 -24.12 53.14
N PRO H 467 23.17 -24.05 51.84
CA PRO H 467 23.77 -22.99 51.01
C PRO H 467 23.38 -21.60 51.50
N PHE H 468 24.34 -20.69 51.45
CA PHE H 468 24.18 -19.30 51.86
C PHE H 468 23.74 -19.15 53.31
N GLU H 469 24.04 -20.12 54.16
CA GLU H 469 23.65 -20.06 55.56
C GLU H 469 24.70 -19.30 56.36
N ARG H 470 24.23 -18.52 57.34
CA ARG H 470 25.09 -17.76 58.23
C ARG H 470 25.11 -18.41 59.60
N ASP H 471 26.31 -18.69 60.10
CA ASP H 471 26.47 -19.34 61.40
C ASP H 471 26.93 -18.35 62.45
N SER H 498 45.33 -24.16 63.38
CA SER H 498 45.76 -25.11 62.36
C SER H 498 46.49 -24.40 61.23
N TYR H 499 46.32 -23.08 61.15
CA TYR H 499 46.99 -22.31 60.11
C TYR H 499 48.39 -21.91 60.58
N GLY H 500 49.38 -22.17 59.74
CA GLY H 500 50.75 -21.83 60.06
C GLY H 500 51.26 -20.62 59.30
N PHE H 501 51.37 -19.50 60.00
CA PHE H 501 51.82 -18.24 59.41
C PHE H 501 53.06 -17.76 60.16
N GLN H 502 54.24 -17.99 59.59
CA GLN H 502 55.48 -17.59 60.20
C GLN H 502 56.40 -16.95 59.17
N PRO H 503 57.24 -15.99 59.59
CA PRO H 503 58.22 -15.41 58.65
C PRO H 503 59.20 -16.43 58.11
N THR H 504 59.56 -17.44 58.91
CA THR H 504 60.52 -18.45 58.50
C THR H 504 59.86 -19.65 57.84
N ASN H 505 58.54 -19.64 57.68
CA ASN H 505 57.86 -20.71 56.96
C ASN H 505 58.21 -20.65 55.48
N GLY H 506 57.87 -21.72 54.77
CA GLY H 506 57.99 -21.72 53.33
C GLY H 506 57.09 -20.69 52.69
N VAL H 507 57.49 -20.27 51.49
CA VAL H 507 56.73 -19.26 50.76
C VAL H 507 55.31 -19.77 50.48
N GLY H 508 55.14 -21.09 50.42
CA GLY H 508 53.85 -21.67 50.13
C GLY H 508 52.78 -21.40 51.18
N TYR H 509 53.16 -21.33 52.44
CA TYR H 509 52.20 -21.18 53.53
C TYR H 509 51.83 -19.72 53.78
N GLN H 510 52.25 -18.80 52.92
CA GLN H 510 51.91 -17.40 53.08
C GLN H 510 50.42 -17.18 52.87
N PRO H 511 49.81 -16.26 53.62
CA PRO H 511 48.38 -15.98 53.43
C PRO H 511 48.12 -15.30 52.10
N TYR H 512 46.89 -15.49 51.59
CA TYR H 512 46.46 -14.92 50.33
C TYR H 512 45.18 -14.14 50.54
N ARG H 513 45.14 -12.90 50.05
CA ARG H 513 43.89 -12.14 50.01
C ARG H 513 43.06 -12.60 48.83
N VAL H 514 41.80 -12.94 49.08
CA VAL H 514 40.89 -13.41 48.04
C VAL H 514 39.68 -12.49 48.03
N VAL H 515 39.40 -11.91 46.86
CA VAL H 515 38.24 -11.05 46.65
C VAL H 515 37.41 -11.66 45.53
N VAL H 516 36.14 -11.93 45.82
CA VAL H 516 35.23 -12.55 44.87
C VAL H 516 34.12 -11.55 44.55
N LEU H 517 33.92 -11.29 43.27
CA LEU H 517 32.85 -10.41 42.79
C LEU H 517 31.68 -11.28 42.35
N SER H 518 30.51 -11.03 42.93
CA SER H 518 29.32 -11.82 42.65
C SER H 518 28.31 -10.99 41.86
N PHE H 519 27.70 -11.61 40.86
CA PHE H 519 26.65 -11.00 40.06
C PHE H 519 25.37 -11.80 40.23
N GLU H 520 24.28 -11.11 40.56
CA GLU H 520 22.99 -11.74 40.78
C GLU H 520 21.98 -11.18 39.78
N LEU H 521 21.26 -12.07 39.11
CA LEU H 521 20.28 -11.65 38.11
C LEU H 521 18.97 -11.24 38.76
N ALA H 526 23.44 -0.56 37.14
CA ALA H 526 22.85 0.69 36.68
C ALA H 526 23.60 1.88 37.27
N THR H 527 23.80 1.88 38.59
CA THR H 527 24.51 2.97 39.24
C THR H 527 25.99 2.96 38.87
N VAL H 528 26.57 1.77 38.68
CA VAL H 528 27.97 1.62 38.35
C VAL H 528 28.07 1.09 36.91
N CYS H 529 28.98 1.67 36.14
CA CYS H 529 29.18 1.30 34.74
C CYS H 529 30.68 1.35 34.45
N GLY H 530 31.02 1.34 33.16
CA GLY H 530 32.39 1.39 32.73
C GLY H 530 33.01 2.76 32.99
N PRO H 531 34.34 2.85 32.86
CA PRO H 531 35.06 4.10 33.11
C PRO H 531 34.90 5.15 32.01
N LYS H 532 33.63 5.48 31.71
CA LYS H 532 33.17 6.52 30.80
C LYS H 532 33.69 6.36 29.38
N LYS H 533 33.10 7.10 28.44
CA LYS H 533 33.54 7.08 27.04
C LYS H 533 33.51 8.47 26.41
N SER H 534 33.45 9.52 27.22
CA SER H 534 33.31 10.89 26.73
C SER H 534 34.60 11.32 26.06
N THR H 535 34.60 11.37 24.73
CA THR H 535 35.81 11.76 23.99
C THR H 535 35.92 13.28 23.91
N ASN H 536 34.98 13.92 23.20
CA ASN H 536 35.05 15.35 22.87
C ASN H 536 33.65 15.91 22.75
N LEU H 537 33.58 17.24 22.62
CA LEU H 537 32.34 17.94 22.26
C LEU H 537 32.72 19.04 21.28
N VAL H 538 32.16 18.99 20.08
CA VAL H 538 32.39 19.99 19.05
C VAL H 538 31.06 20.58 18.64
N LYS H 539 31.07 21.87 18.32
CA LYS H 539 29.85 22.63 18.07
C LYS H 539 29.90 23.27 16.68
N ASN H 540 28.70 23.54 16.15
CA ASN H 540 28.51 24.27 14.91
C ASN H 540 28.99 23.50 13.68
N LYS H 541 29.20 22.19 13.81
CA LYS H 541 29.58 21.36 12.67
C LYS H 541 28.85 20.02 12.79
N CYS H 542 28.30 19.55 11.67
CA CYS H 542 27.50 18.33 11.67
C CYS H 542 28.28 17.13 12.15
N VAL H 543 27.92 16.60 13.31
CA VAL H 543 28.57 15.43 13.91
C VAL H 543 27.49 14.48 14.38
N ASN H 544 27.94 13.32 14.88
CA ASN H 544 27.07 12.30 15.46
C ASN H 544 27.18 12.42 16.97
N PHE H 545 26.17 13.02 17.60
CA PHE H 545 26.17 13.22 19.04
C PHE H 545 25.38 12.11 19.72
N ASN H 546 25.95 11.58 20.81
CA ASN H 546 25.31 10.54 21.60
C ASN H 546 25.42 10.93 23.07
N PHE H 547 24.29 11.27 23.67
CA PHE H 547 24.24 11.72 25.06
C PHE H 547 23.52 10.67 25.90
N ASN H 548 24.29 9.85 26.62
CA ASN H 548 23.77 8.87 27.57
C ASN H 548 22.96 7.78 26.88
N GLY H 549 22.89 7.81 25.56
CA GLY H 549 22.12 6.83 24.82
C GLY H 549 21.31 7.44 23.70
N LEU H 550 20.92 8.71 23.85
CA LEU H 550 20.19 9.40 22.79
C LEU H 550 21.14 9.75 21.66
N THR H 551 20.88 9.19 20.48
CA THR H 551 21.74 9.38 19.31
C THR H 551 21.08 10.32 18.32
N GLY H 552 21.91 11.00 17.54
CA GLY H 552 21.42 11.92 16.53
C GLY H 552 22.53 12.68 15.82
N THR H 553 22.23 13.19 14.63
CA THR H 553 23.19 13.92 13.83
C THR H 553 22.76 15.37 13.65
N GLY H 554 23.68 16.29 13.87
CA GLY H 554 23.39 17.70 13.74
C GLY H 554 24.49 18.53 14.36
N VAL H 555 24.20 19.83 14.48
CA VAL H 555 25.14 20.79 15.04
C VAL H 555 24.62 21.21 16.41
N LEU H 556 25.54 21.35 17.37
CA LEU H 556 25.20 21.72 18.73
C LEU H 556 25.38 23.23 18.90
N THR H 557 24.29 23.91 19.24
CA THR H 557 24.29 25.35 19.40
C THR H 557 23.90 25.71 20.83
N GLU H 558 24.72 26.51 21.49
CA GLU H 558 24.41 26.95 22.84
C GLU H 558 23.21 27.90 22.84
N SER H 559 22.35 27.73 23.83
CA SER H 559 21.12 28.50 23.94
C SER H 559 20.95 29.01 25.36
N ASN H 560 20.09 30.01 25.51
CA ASN H 560 19.83 30.66 26.79
C ASN H 560 18.60 30.09 27.49
N LYS H 561 18.08 28.96 27.01
CA LYS H 561 16.95 28.33 27.67
C LYS H 561 17.36 27.81 29.04
N LYS H 562 16.35 27.57 29.88
CA LYS H 562 16.56 27.05 31.23
C LYS H 562 15.73 25.80 31.43
N PHE H 563 16.35 24.79 32.03
CA PHE H 563 15.71 23.51 32.28
C PHE H 563 15.28 23.44 33.75
N LEU H 564 14.80 22.27 34.17
CA LEU H 564 14.62 21.89 35.55
C LEU H 564 15.64 20.82 35.93
N PRO H 565 16.09 20.77 37.18
CA PRO H 565 17.21 19.89 37.54
C PRO H 565 17.00 18.43 37.15
N PHE H 566 15.77 17.91 37.26
CA PHE H 566 15.49 16.56 36.81
C PHE H 566 15.39 16.44 35.30
N GLN H 567 15.04 17.51 34.61
CA GLN H 567 14.86 17.47 33.16
C GLN H 567 16.21 17.38 32.46
N GLN H 568 16.24 16.59 31.38
CA GLN H 568 17.48 16.27 30.69
C GLN H 568 17.58 16.89 29.31
N PHE H 569 16.62 16.63 28.43
CA PHE H 569 16.69 17.08 27.05
C PHE H 569 15.38 17.73 26.63
N GLY H 570 15.48 18.74 25.77
CA GLY H 570 14.33 19.50 25.34
C GLY H 570 13.51 18.78 24.28
N ARG H 571 12.46 19.46 23.84
CA ARG H 571 11.53 18.87 22.88
C ARG H 571 10.73 19.98 22.22
N ASP H 572 10.29 19.73 21.00
CA ASP H 572 9.50 20.68 20.24
C ASP H 572 8.02 20.32 20.29
N ILE H 573 7.21 21.07 19.54
CA ILE H 573 5.77 20.83 19.49
C ILE H 573 5.40 19.65 18.59
N ALA H 574 6.38 18.98 18.01
CA ALA H 574 6.15 17.92 17.04
C ALA H 574 7.01 16.69 17.35
N ASP H 575 7.22 16.42 18.64
CA ASP H 575 8.05 15.30 19.09
C ASP H 575 9.46 15.39 18.50
N THR H 576 9.97 16.61 18.36
CA THR H 576 11.28 16.86 17.77
C THR H 576 12.26 17.28 18.85
N THR H 577 13.39 16.59 18.94
CA THR H 577 14.44 16.97 19.88
C THR H 577 15.05 18.30 19.44
N ASP H 578 15.21 19.22 20.38
CA ASP H 578 15.73 20.55 20.08
C ASP H 578 16.77 21.03 21.08
N ALA H 579 17.02 20.28 22.15
CA ALA H 579 18.04 20.66 23.12
C ALA H 579 18.41 19.45 23.95
N VAL H 580 19.70 19.39 24.32
CA VAL H 580 20.22 18.34 25.18
C VAL H 580 21.30 18.94 26.07
N ARG H 581 21.04 19.00 27.38
CA ARG H 581 22.09 19.33 28.32
C ARG H 581 23.07 18.17 28.41
N ASP H 582 24.33 18.43 28.13
CA ASP H 582 25.34 17.38 28.22
C ASP H 582 25.51 16.93 29.67
N PRO H 583 25.80 15.65 29.90
CA PRO H 583 25.80 15.11 31.26
C PRO H 583 27.02 15.45 32.09
N GLN H 584 27.89 16.35 31.64
CA GLN H 584 29.08 16.72 32.41
C GLN H 584 29.12 18.19 32.80
N THR H 585 28.89 19.09 31.85
CA THR H 585 28.87 20.54 32.10
C THR H 585 27.48 21.03 31.73
N LEU H 586 26.59 21.07 32.71
CA LEU H 586 25.14 21.15 32.46
C LEU H 586 24.79 22.52 31.90
N GLU H 587 24.85 22.62 30.57
CA GLU H 587 24.47 23.82 29.85
C GLU H 587 23.50 23.44 28.74
N ILE H 588 22.51 24.29 28.52
CA ILE H 588 21.42 24.01 27.58
C ILE H 588 21.90 24.34 26.17
N LEU H 589 22.35 23.32 25.45
CA LEU H 589 22.82 23.46 24.08
C LEU H 589 21.81 22.82 23.13
N ASP H 590 21.39 23.59 22.12
CA ASP H 590 20.35 23.18 21.20
C ASP H 590 20.83 22.10 20.24
N ILE H 591 19.90 21.66 19.40
CA ILE H 591 20.17 20.70 18.32
C ILE H 591 19.35 21.12 17.11
N THR H 592 20.03 21.40 16.00
CA THR H 592 19.36 21.77 14.77
C THR H 592 19.81 20.83 13.65
N PRO H 593 18.93 20.53 12.70
CA PRO H 593 19.27 19.53 11.68
C PRO H 593 20.36 20.01 10.74
N CYS H 594 21.01 19.03 10.11
CA CYS H 594 22.05 19.34 9.13
C CYS H 594 21.45 20.03 7.92
N SER H 595 22.27 20.83 7.25
CA SER H 595 21.80 21.65 6.15
C SER H 595 21.39 20.77 4.97
N PHE H 596 20.25 21.10 4.37
CA PHE H 596 19.72 20.35 3.24
C PHE H 596 18.84 21.26 2.41
N GLY H 597 18.70 20.92 1.13
CA GLY H 597 17.84 21.67 0.24
C GLY H 597 17.95 21.14 -1.17
N GLY H 598 17.24 21.80 -2.07
CA GLY H 598 17.23 21.40 -3.47
C GLY H 598 18.30 22.08 -4.29
N VAL H 599 19.34 21.33 -4.66
CA VAL H 599 20.38 21.84 -5.55
C VAL H 599 19.79 21.95 -6.95
N SER H 600 19.48 23.17 -7.35
CA SER H 600 18.92 23.43 -8.66
C SER H 600 19.96 24.10 -9.55
N VAL H 601 19.96 23.71 -10.82
CA VAL H 601 20.92 24.21 -11.80
C VAL H 601 20.25 25.30 -12.61
N ILE H 602 20.91 26.46 -12.68
CA ILE H 602 20.39 27.61 -13.40
C ILE H 602 21.19 27.75 -14.68
N THR H 603 20.52 27.64 -15.82
CA THR H 603 21.18 27.74 -17.11
C THR H 603 20.24 28.39 -18.11
N PRO H 604 20.78 29.08 -19.12
CA PRO H 604 19.98 29.34 -20.31
C PRO H 604 20.00 28.11 -21.21
N GLY H 605 19.45 28.21 -22.41
CA GLY H 605 19.47 27.06 -23.30
C GLY H 605 20.88 26.67 -23.69
N THR H 606 21.06 25.38 -24.00
CA THR H 606 22.34 24.94 -24.54
C THR H 606 22.62 25.58 -25.88
N ASN H 607 21.57 25.91 -26.64
CA ASN H 607 21.72 26.67 -27.87
C ASN H 607 22.18 28.08 -27.62
N THR H 608 22.04 28.59 -26.39
CA THR H 608 22.46 29.93 -26.03
C THR H 608 23.82 29.96 -25.34
N SER H 609 24.01 29.15 -24.30
CA SER H 609 25.24 29.19 -23.53
C SER H 609 25.50 27.82 -22.91
N ASN H 610 26.75 27.62 -22.48
CA ASN H 610 27.16 26.43 -21.77
C ASN H 610 27.50 26.70 -20.30
N GLN H 611 27.68 27.96 -19.93
CA GLN H 611 27.95 28.30 -18.53
C GLN H 611 26.65 28.29 -17.73
N VAL H 612 26.75 27.88 -16.47
CA VAL H 612 25.60 27.57 -15.65
C VAL H 612 25.81 28.10 -14.23
N ALA H 613 24.71 28.16 -13.48
CA ALA H 613 24.70 28.52 -12.07
C ALA H 613 24.12 27.37 -11.26
N VAL H 614 24.48 27.31 -9.98
CA VAL H 614 23.98 26.27 -9.08
C VAL H 614 23.40 26.98 -7.86
N LEU H 615 22.07 26.98 -7.76
CA LEU H 615 21.42 27.44 -6.55
C LEU H 615 21.37 26.34 -5.51
N TYR H 616 21.74 26.67 -4.27
CA TYR H 616 21.65 25.76 -3.15
C TYR H 616 20.51 26.21 -2.25
N GLN H 617 19.42 25.46 -2.23
CA GLN H 617 18.22 25.88 -1.53
C GLN H 617 18.34 25.61 -0.03
N GLY H 618 17.84 26.56 0.76
CA GLY H 618 17.85 26.42 2.21
C GLY H 618 19.20 26.70 2.85
N VAL H 619 20.15 25.78 2.64
CA VAL H 619 21.52 26.00 3.08
C VAL H 619 22.07 27.29 2.47
N ASN H 620 22.81 28.06 3.26
CA ASN H 620 23.38 29.27 2.68
C ASN H 620 24.83 29.01 2.29
N CYS H 621 25.54 30.09 1.96
CA CYS H 621 26.89 29.99 1.44
C CYS H 621 27.92 29.62 2.49
N THR H 622 27.55 29.64 3.77
CA THR H 622 28.51 29.27 4.81
C THR H 622 28.97 27.82 4.66
N GLU H 623 28.13 26.95 4.11
CA GLU H 623 28.50 25.57 3.86
C GLU H 623 29.15 25.36 2.50
N VAL H 624 28.71 26.09 1.49
CA VAL H 624 29.32 26.04 0.17
C VAL H 624 29.73 27.44 -0.28
N SER H 644 34.63 34.57 -7.12
CA SER H 644 34.32 33.76 -5.94
C SER H 644 33.19 32.78 -6.25
N ASN H 645 32.31 33.17 -7.18
CA ASN H 645 31.14 32.37 -7.55
C ASN H 645 30.30 32.03 -6.32
N VAL H 646 30.08 33.02 -5.46
CA VAL H 646 29.36 32.85 -4.20
C VAL H 646 28.51 34.09 -3.99
N PHE H 647 27.20 33.91 -3.89
CA PHE H 647 26.26 34.99 -3.63
C PHE H 647 25.17 34.47 -2.70
N GLN H 648 24.66 35.35 -1.83
CA GLN H 648 23.78 34.95 -0.74
C GLN H 648 22.35 35.40 -0.98
N THR H 649 21.40 34.60 -0.52
CA THR H 649 19.98 34.86 -0.66
C THR H 649 19.24 34.06 0.39
N ARG H 650 18.05 34.51 0.77
CA ARG H 650 17.20 33.74 1.68
C ARG H 650 16.95 32.34 1.12
N ALA H 651 16.82 32.22 -0.20
CA ALA H 651 16.69 30.92 -0.82
C ALA H 651 17.91 30.05 -0.56
N GLY H 652 19.09 30.64 -0.58
CA GLY H 652 20.31 29.93 -0.26
C GLY H 652 21.44 30.41 -1.13
N CYS H 653 22.49 29.59 -1.18
CA CYS H 653 23.74 29.94 -1.85
C CYS H 653 23.58 29.81 -3.36
N LEU H 654 23.60 30.94 -4.05
CA LEU H 654 23.63 30.97 -5.50
C LEU H 654 25.08 30.97 -5.97
N ILE H 655 25.51 29.85 -6.56
CA ILE H 655 26.87 29.70 -7.06
C ILE H 655 26.88 30.04 -8.54
N GLY H 656 27.96 30.67 -9.00
CA GLY H 656 28.12 30.96 -10.41
C GLY H 656 27.79 32.38 -10.80
N ALA H 657 26.54 32.80 -10.63
CA ALA H 657 26.15 34.13 -11.06
C ALA H 657 26.64 35.17 -10.06
N GLU H 658 26.52 36.44 -10.45
CA GLU H 658 27.03 37.56 -9.67
C GLU H 658 25.91 38.53 -9.35
N HIS H 659 25.92 39.04 -8.12
CA HIS H 659 24.90 39.98 -7.68
C HIS H 659 24.94 41.24 -8.54
N VAL H 660 23.76 41.75 -8.88
CA VAL H 660 23.61 43.00 -9.62
C VAL H 660 22.68 43.89 -8.83
N ASN H 661 23.13 45.11 -8.52
CA ASN H 661 22.27 46.06 -7.81
C ASN H 661 21.14 46.55 -8.69
N ASN H 662 21.35 46.56 -10.00
CA ASN H 662 20.27 46.88 -10.94
C ASN H 662 19.28 45.73 -10.98
N SER H 663 18.01 46.06 -11.22
CA SER H 663 16.93 45.08 -11.22
C SER H 663 16.23 45.08 -12.57
N TYR H 664 16.03 43.89 -13.12
CA TYR H 664 15.34 43.68 -14.38
C TYR H 664 14.14 42.76 -14.16
N GLU H 665 13.37 42.55 -15.22
CA GLU H 665 12.29 41.59 -15.18
C GLU H 665 12.86 40.19 -15.00
N CYS H 666 12.15 39.34 -14.26
CA CYS H 666 12.66 38.03 -13.91
C CYS H 666 12.76 37.13 -15.14
N ASP H 667 13.84 36.37 -15.22
CA ASP H 667 14.04 35.38 -16.27
C ASP H 667 14.01 33.96 -15.71
N ILE H 668 14.86 33.67 -14.73
CA ILE H 668 14.91 32.35 -14.09
C ILE H 668 14.78 32.55 -12.58
N PRO H 669 13.57 32.52 -12.03
CA PRO H 669 13.43 32.69 -10.57
C PRO H 669 14.14 31.60 -9.79
N ILE H 670 14.94 31.99 -8.80
CA ILE H 670 15.61 30.99 -7.97
C ILE H 670 14.77 30.65 -6.75
N GLY H 671 14.10 31.66 -6.19
CA GLY H 671 13.38 31.51 -4.94
C GLY H 671 13.73 32.62 -3.98
N ALA H 672 12.78 33.00 -3.13
CA ALA H 672 12.99 33.95 -2.05
C ALA H 672 13.54 35.29 -2.56
N GLY H 673 13.03 35.72 -3.70
CA GLY H 673 13.25 37.10 -4.11
C GLY H 673 14.13 37.34 -5.32
N ILE H 674 15.23 36.64 -5.40
CA ILE H 674 16.24 36.92 -6.41
C ILE H 674 15.90 36.13 -7.68
N CYS H 675 16.34 36.66 -8.82
CA CYS H 675 16.17 36.01 -10.11
C CYS H 675 17.51 35.92 -10.80
N ALA H 676 17.71 34.87 -11.59
CA ALA H 676 18.91 34.71 -12.38
C ALA H 676 18.60 34.90 -13.86
N SER H 677 19.60 35.35 -14.60
CA SER H 677 19.43 35.65 -16.02
C SER H 677 20.77 35.46 -16.71
N TYR H 678 20.87 35.95 -17.95
CA TYR H 678 22.08 35.83 -18.77
C TYR H 678 22.14 37.06 -19.68
N GLN H 679 22.91 38.06 -19.26
CA GLN H 679 23.03 39.30 -20.01
C GLN H 679 24.15 40.14 -19.39
N THR H 680 24.41 41.28 -20.01
CA THR H 680 25.35 42.26 -19.49
C THR H 680 24.85 43.68 -19.75
N SER H 693 31.12 38.21 -23.36
CA SER H 693 30.93 39.21 -22.31
C SER H 693 29.65 38.93 -21.53
N GLN H 694 28.65 38.37 -22.20
CA GLN H 694 27.39 38.04 -21.54
C GLN H 694 27.61 36.90 -20.56
N SER H 695 27.10 37.07 -19.35
CA SER H 695 27.30 36.11 -18.27
C SER H 695 26.01 35.95 -17.49
N ILE H 696 26.05 35.04 -16.52
CA ILE H 696 24.91 34.76 -15.65
C ILE H 696 24.93 35.71 -14.47
N ILE H 697 23.80 36.35 -14.20
CA ILE H 697 23.69 37.37 -13.17
C ILE H 697 22.55 37.03 -12.22
N ALA H 698 22.79 37.21 -10.93
CA ALA H 698 21.76 37.11 -9.91
C ALA H 698 21.39 38.52 -9.49
N TYR H 699 20.10 38.77 -9.29
CA TYR H 699 19.64 40.12 -8.97
C TYR H 699 18.25 40.07 -8.36
N THR H 700 17.98 41.00 -7.44
CA THR H 700 16.63 41.18 -6.94
C THR H 700 15.70 41.51 -8.09
N MET H 701 14.65 40.71 -8.24
CA MET H 701 13.75 40.89 -9.37
C MET H 701 13.04 42.23 -9.27
N SER H 702 13.01 42.95 -10.40
CA SER H 702 12.50 44.31 -10.41
C SER H 702 11.00 44.37 -10.14
N LEU H 703 10.29 43.25 -10.29
CA LEU H 703 8.83 43.18 -10.23
C LEU H 703 8.20 43.98 -11.37
N GLY H 704 9.00 44.39 -12.34
CA GLY H 704 8.58 45.37 -13.31
C GLY H 704 9.11 46.75 -12.99
N ALA H 705 8.97 47.66 -13.95
CA ALA H 705 9.46 49.02 -13.78
C ALA H 705 8.75 49.71 -12.62
N GLU H 706 9.52 50.42 -11.80
CA GLU H 706 8.94 51.10 -10.65
C GLU H 706 8.29 52.42 -11.07
N ASN H 707 7.21 52.33 -11.84
CA ASN H 707 6.48 53.52 -12.24
C ASN H 707 5.73 54.10 -11.05
N SER H 708 5.56 55.41 -11.04
CA SER H 708 4.71 56.09 -10.08
C SER H 708 3.60 56.76 -10.87
N VAL H 709 2.36 56.32 -10.66
CA VAL H 709 1.23 56.92 -11.36
C VAL H 709 1.19 58.41 -11.04
N ALA H 710 0.99 59.23 -12.06
CA ALA H 710 0.92 60.66 -11.85
C ALA H 710 -0.42 61.02 -11.21
N TYR H 711 -0.64 60.54 -9.98
CA TYR H 711 -1.90 60.79 -9.31
C TYR H 711 -1.96 62.24 -8.81
N SER H 712 -3.14 62.83 -8.91
CA SER H 712 -3.44 64.13 -8.32
C SER H 712 -4.94 64.23 -8.19
N ASN H 713 -5.40 65.37 -7.67
CA ASN H 713 -6.84 65.61 -7.56
C ASN H 713 -7.51 65.67 -8.92
N ASN H 714 -6.76 65.94 -9.99
CA ASN H 714 -7.35 66.17 -11.29
C ASN H 714 -6.65 65.42 -12.43
N SER H 715 -5.72 64.52 -12.13
CA SER H 715 -4.93 63.88 -13.17
C SER H 715 -5.67 62.68 -13.73
N ILE H 716 -5.82 62.65 -15.06
CA ILE H 716 -6.52 61.61 -15.78
C ILE H 716 -5.70 61.20 -17.00
N ALA H 717 -5.58 59.89 -17.21
CA ALA H 717 -4.83 59.34 -18.34
C ALA H 717 -5.78 58.57 -19.24
N ILE H 718 -5.84 58.95 -20.52
CA ILE H 718 -6.74 58.31 -21.47
C ILE H 718 -5.95 57.79 -22.68
N PRO H 719 -6.20 56.57 -23.13
CA PRO H 719 -5.51 56.06 -24.31
C PRO H 719 -6.12 56.65 -25.58
N THR H 720 -5.26 57.26 -26.40
CA THR H 720 -5.68 57.81 -27.68
C THR H 720 -5.71 56.76 -28.78
N ASN H 721 -5.24 55.55 -28.50
CA ASN H 721 -5.09 54.52 -29.52
C ASN H 721 -5.09 53.17 -28.83
N PHE H 722 -5.17 52.11 -29.63
CA PHE H 722 -5.28 50.77 -29.08
C PHE H 722 -4.59 49.79 -30.02
N THR H 723 -4.30 48.60 -29.48
CA THR H 723 -3.78 47.49 -30.26
C THR H 723 -4.76 46.34 -30.17
N ILE H 724 -5.17 45.81 -31.32
CA ILE H 724 -5.95 44.59 -31.33
C ILE H 724 -5.02 43.45 -30.95
N SER H 725 -5.12 43.01 -29.71
CA SER H 725 -4.28 41.93 -29.20
C SER H 725 -5.02 40.62 -29.38
N VAL H 726 -4.58 39.81 -30.33
CA VAL H 726 -5.12 38.47 -30.45
C VAL H 726 -4.36 37.60 -29.45
N THR H 727 -4.80 37.64 -28.20
CA THR H 727 -4.27 36.75 -27.19
C THR H 727 -4.60 35.32 -27.58
N THR H 728 -3.90 34.36 -26.97
CA THR H 728 -4.06 32.96 -27.35
C THR H 728 -3.99 32.12 -26.08
N GLU H 729 -5.15 31.74 -25.57
CA GLU H 729 -5.25 30.90 -24.39
C GLU H 729 -5.39 29.45 -24.83
N ILE H 730 -4.49 28.60 -24.36
CA ILE H 730 -4.45 27.21 -24.76
C ILE H 730 -5.21 26.44 -23.68
N LEU H 731 -6.51 26.29 -23.88
CA LEU H 731 -7.13 25.54 -22.81
C LEU H 731 -7.21 24.06 -23.14
N PRO H 732 -6.80 23.21 -22.22
CA PRO H 732 -7.09 21.78 -22.33
C PRO H 732 -8.59 21.53 -22.23
N VAL H 733 -9.06 20.53 -22.97
CA VAL H 733 -10.47 20.16 -22.99
C VAL H 733 -10.63 18.70 -22.64
N SER H 734 -9.91 17.83 -23.33
CA SER H 734 -10.08 16.40 -23.16
C SER H 734 -8.72 15.75 -22.95
N MET H 735 -8.65 14.88 -21.97
CA MET H 735 -7.52 13.98 -21.84
C MET H 735 -7.63 12.91 -22.90
N THR H 736 -6.52 12.21 -23.17
CA THR H 736 -6.62 11.05 -24.03
C THR H 736 -7.50 10.02 -23.34
N LYS H 737 -8.53 9.56 -24.06
CA LYS H 737 -9.53 8.69 -23.45
C LYS H 737 -8.92 7.30 -23.29
N THR H 738 -8.64 6.93 -22.05
CA THR H 738 -7.93 5.69 -21.73
C THR H 738 -8.86 4.77 -20.96
N SER H 739 -8.93 3.52 -21.39
CA SER H 739 -9.64 2.48 -20.66
C SER H 739 -8.69 1.32 -20.45
N VAL H 740 -8.61 0.86 -19.20
CA VAL H 740 -7.64 -0.15 -18.80
C VAL H 740 -8.38 -1.44 -18.46
N ASP H 741 -7.89 -2.55 -18.99
CA ASP H 741 -8.34 -3.88 -18.61
C ASP H 741 -7.26 -4.47 -17.71
N CYS H 742 -7.56 -4.56 -16.40
CA CYS H 742 -6.57 -5.08 -15.46
C CYS H 742 -6.20 -6.51 -15.76
N THR H 743 -7.16 -7.30 -16.23
CA THR H 743 -6.89 -8.69 -16.54
C THR H 743 -5.84 -8.83 -17.64
N MET H 744 -5.59 -7.76 -18.39
CA MET H 744 -4.48 -7.69 -19.33
C MET H 744 -3.38 -6.76 -18.85
N TYR H 745 -3.71 -5.66 -18.15
CA TYR H 745 -2.67 -4.75 -17.67
C TYR H 745 -1.86 -5.39 -16.56
N ILE H 746 -2.51 -5.70 -15.44
CA ILE H 746 -1.81 -6.32 -14.32
C ILE H 746 -1.35 -7.73 -14.67
N CYS H 747 -2.18 -8.46 -15.41
CA CYS H 747 -2.05 -9.90 -15.56
C CYS H 747 -2.03 -10.30 -17.02
N GLY H 748 -1.19 -9.64 -17.81
CA GLY H 748 -1.10 -9.92 -19.23
C GLY H 748 -0.77 -11.37 -19.55
N ASP H 749 -1.69 -12.03 -20.26
CA ASP H 749 -1.53 -13.44 -20.64
C ASP H 749 -1.34 -14.34 -19.43
N SER H 750 -1.93 -13.98 -18.30
CA SER H 750 -1.84 -14.78 -17.08
C SER H 750 -3.24 -14.97 -16.51
N THR H 751 -3.59 -16.22 -16.19
CA THR H 751 -4.91 -16.56 -15.68
C THR H 751 -5.01 -16.53 -14.17
N GLU H 752 -4.05 -17.14 -13.46
CA GLU H 752 -4.11 -17.17 -12.01
C GLU H 752 -3.96 -15.76 -11.42
N CYS H 753 -3.24 -14.89 -12.13
CA CYS H 753 -3.17 -13.49 -11.71
C CYS H 753 -4.54 -12.84 -11.72
N SER H 754 -5.35 -13.13 -12.75
CA SER H 754 -6.72 -12.62 -12.77
C SER H 754 -7.54 -13.22 -11.64
N ASN H 755 -7.30 -14.49 -11.30
CA ASN H 755 -8.01 -15.12 -10.20
C ASN H 755 -7.71 -14.41 -8.88
N LEU H 756 -6.43 -14.09 -8.64
CA LEU H 756 -6.09 -13.38 -7.40
C LEU H 756 -6.56 -11.93 -7.43
N LEU H 757 -6.61 -11.33 -8.62
CA LEU H 757 -7.18 -10.00 -8.75
C LEU H 757 -8.65 -9.99 -8.36
N LEU H 758 -9.38 -11.04 -8.77
CA LEU H 758 -10.75 -11.21 -8.27
C LEU H 758 -10.75 -11.48 -6.77
N GLN H 759 -9.77 -12.24 -6.27
CA GLN H 759 -9.63 -12.47 -4.84
C GLN H 759 -9.39 -11.20 -4.05
N TYR H 760 -8.95 -10.13 -4.71
CA TYR H 760 -8.93 -8.80 -4.09
C TYR H 760 -10.30 -8.15 -4.06
N GLY H 761 -11.36 -8.92 -4.22
CA GLY H 761 -12.71 -8.37 -4.17
C GLY H 761 -13.10 -7.67 -5.45
N SER H 762 -13.26 -6.36 -5.38
CA SER H 762 -13.68 -5.59 -6.55
C SER H 762 -13.01 -4.21 -6.48
N PHE H 763 -11.84 -4.10 -7.10
CA PHE H 763 -11.19 -2.82 -7.32
C PHE H 763 -11.22 -2.39 -8.78
N CYS H 764 -11.02 -3.33 -9.71
CA CYS H 764 -11.04 -2.99 -11.12
C CYS H 764 -12.45 -2.81 -11.68
N THR H 765 -13.49 -3.31 -11.01
CA THR H 765 -14.83 -2.88 -11.40
C THR H 765 -14.99 -1.38 -11.19
N GLN H 766 -14.68 -0.89 -9.98
CA GLN H 766 -14.74 0.53 -9.73
C GLN H 766 -13.59 1.31 -10.36
N LEU H 767 -12.43 0.68 -10.56
CA LEU H 767 -11.37 1.35 -11.30
C LEU H 767 -11.78 1.60 -12.75
N ASN H 768 -12.37 0.58 -13.39
CA ASN H 768 -12.83 0.73 -14.76
C ASN H 768 -14.05 1.65 -14.84
N ARG H 769 -14.90 1.66 -13.81
CA ARG H 769 -16.00 2.62 -13.82
C ARG H 769 -15.49 4.04 -13.62
N ALA H 770 -14.42 4.22 -12.84
CA ALA H 770 -13.79 5.53 -12.74
C ALA H 770 -13.20 5.97 -14.07
N LEU H 771 -12.49 5.06 -14.75
CA LEU H 771 -11.89 5.41 -16.04
C LEU H 771 -12.96 5.62 -17.12
N THR H 772 -14.05 4.86 -17.06
CA THR H 772 -15.13 5.04 -18.02
C THR H 772 -15.89 6.32 -17.75
N GLY H 773 -16.07 6.68 -16.47
CA GLY H 773 -16.60 7.99 -16.17
C GLY H 773 -15.67 9.10 -16.64
N ILE H 774 -14.36 8.86 -16.56
CA ILE H 774 -13.40 9.82 -17.09
C ILE H 774 -13.57 9.96 -18.60
N ALA H 775 -13.77 8.85 -19.31
CA ALA H 775 -13.85 8.90 -20.77
C ALA H 775 -15.17 9.53 -21.24
N VAL H 776 -16.29 9.13 -20.63
CA VAL H 776 -17.55 9.80 -20.91
C VAL H 776 -17.46 11.26 -20.49
N GLU H 777 -16.66 11.55 -19.46
CA GLU H 777 -16.41 12.93 -19.07
C GLU H 777 -15.62 13.68 -20.14
N GLN H 778 -14.70 12.99 -20.82
CA GLN H 778 -13.96 13.63 -21.91
C GLN H 778 -14.88 13.92 -23.08
N ASP H 779 -15.80 13.00 -23.37
CA ASP H 779 -16.79 13.28 -24.42
C ASP H 779 -17.73 14.40 -24.01
N LYS H 780 -18.12 14.43 -22.74
CA LYS H 780 -18.90 15.55 -22.21
C LYS H 780 -18.14 16.85 -22.33
N ASN H 781 -16.85 16.83 -22.00
CA ASN H 781 -16.00 18.00 -22.12
C ASN H 781 -15.98 18.50 -23.56
N THR H 782 -15.74 17.58 -24.49
CA THR H 782 -15.65 17.93 -25.90
C THR H 782 -16.97 18.49 -26.42
N GLN H 783 -18.10 17.89 -26.03
CA GLN H 783 -19.39 18.35 -26.53
C GLN H 783 -19.97 19.52 -25.76
N GLU H 784 -19.43 19.83 -24.58
CA GLU H 784 -19.77 21.08 -23.90
C GLU H 784 -18.91 22.24 -24.35
N VAL H 785 -17.69 21.95 -24.79
CA VAL H 785 -16.84 22.97 -25.40
C VAL H 785 -17.21 23.18 -26.86
N PHE H 786 -17.14 22.10 -27.64
CA PHE H 786 -17.27 22.22 -29.10
C PHE H 786 -18.72 22.09 -29.57
N ALA H 787 -19.49 21.14 -29.04
CA ALA H 787 -20.87 21.00 -29.48
C ALA H 787 -21.78 21.98 -28.75
N GLN H 788 -21.44 23.26 -28.79
CA GLN H 788 -22.29 24.30 -28.20
C GLN H 788 -23.52 24.60 -29.04
N VAL H 789 -23.70 23.92 -30.17
CA VAL H 789 -24.85 24.16 -31.04
C VAL H 789 -25.22 22.85 -31.71
N LYS H 790 -26.52 22.70 -32.00
CA LYS H 790 -27.00 21.45 -32.58
C LYS H 790 -26.62 21.32 -34.05
N GLN H 791 -26.72 22.41 -34.81
CA GLN H 791 -26.50 22.34 -36.25
C GLN H 791 -25.02 22.31 -36.58
N ILE H 792 -24.71 22.35 -37.87
CA ILE H 792 -23.36 22.54 -38.38
C ILE H 792 -23.42 23.59 -39.46
N TYR H 793 -22.74 24.72 -39.23
CA TYR H 793 -22.84 25.86 -40.11
C TYR H 793 -21.60 25.95 -40.99
N LYS H 794 -21.82 26.34 -42.24
CA LYS H 794 -20.78 26.38 -43.26
C LYS H 794 -20.49 27.84 -43.61
N THR H 795 -19.22 28.15 -43.73
CA THR H 795 -18.83 29.50 -44.16
C THR H 795 -19.09 29.64 -45.65
N PRO H 796 -19.81 30.69 -46.07
CA PRO H 796 -20.13 30.82 -47.49
C PRO H 796 -18.86 31.01 -48.30
N PRO H 797 -18.86 30.56 -49.57
CA PRO H 797 -17.67 30.72 -50.40
C PRO H 797 -17.20 32.16 -50.54
N ILE H 798 -18.13 33.11 -50.62
CA ILE H 798 -17.77 34.52 -50.61
C ILE H 798 -17.61 34.98 -49.16
N LYS H 799 -16.44 35.52 -48.85
CA LYS H 799 -16.09 35.90 -47.48
C LYS H 799 -15.73 37.38 -47.47
N ASP H 800 -16.75 38.24 -47.41
CA ASP H 800 -16.54 39.68 -47.28
C ASP H 800 -16.70 40.07 -45.80
N PHE H 801 -15.78 39.57 -44.98
CA PHE H 801 -15.86 39.77 -43.54
C PHE H 801 -15.26 41.11 -43.15
N GLY H 802 -15.66 42.19 -43.82
CA GLY H 802 -15.16 43.52 -43.53
C GLY H 802 -13.66 43.69 -43.71
N GLY H 803 -12.97 42.61 -44.11
CA GLY H 803 -11.53 42.61 -44.25
C GLY H 803 -10.80 41.71 -43.28
N PHE H 804 -11.51 40.96 -42.44
CA PHE H 804 -10.88 40.10 -41.45
C PHE H 804 -10.49 38.77 -42.11
N ASN H 805 -9.20 38.60 -42.38
CA ASN H 805 -8.71 37.42 -43.07
C ASN H 805 -8.81 36.21 -42.15
N PHE H 806 -9.74 35.30 -42.47
CA PHE H 806 -9.91 34.05 -41.75
C PHE H 806 -9.42 32.84 -42.54
N SER H 807 -8.63 33.07 -43.60
CA SER H 807 -8.22 31.97 -44.46
C SER H 807 -7.48 30.88 -43.69
N GLN H 808 -6.47 31.27 -42.92
CA GLN H 808 -5.77 30.33 -42.06
C GLN H 808 -6.51 30.03 -40.77
N ILE H 809 -7.64 30.70 -40.54
CA ILE H 809 -8.51 30.36 -39.41
C ILE H 809 -9.61 29.39 -39.84
N LEU H 810 -10.31 29.71 -40.93
CA LEU H 810 -11.31 28.80 -41.47
C LEU H 810 -10.63 27.60 -42.12
N PRO H 811 -11.31 26.45 -42.15
CA PRO H 811 -10.67 25.25 -42.72
C PRO H 811 -10.46 25.39 -44.22
N ASP H 812 -9.43 24.70 -44.70
CA ASP H 812 -9.09 24.68 -46.12
C ASP H 812 -9.60 23.38 -46.76
N PRO H 813 -10.29 23.46 -47.90
CA PRO H 813 -10.85 22.27 -48.53
C PRO H 813 -9.84 21.38 -49.23
N SER H 814 -8.55 21.61 -49.06
CA SER H 814 -7.52 20.83 -49.74
C SER H 814 -7.12 19.59 -48.96
N LYS H 815 -6.89 19.74 -47.66
CA LYS H 815 -6.42 18.62 -46.85
C LYS H 815 -7.52 17.57 -46.70
N PRO H 816 -7.20 16.28 -46.89
CA PRO H 816 -8.23 15.25 -46.67
C PRO H 816 -8.74 15.19 -45.24
N SER H 817 -7.83 15.19 -44.27
CA SER H 817 -8.22 15.34 -42.85
C SER H 817 -8.36 16.83 -42.61
N LYS H 818 -9.58 17.33 -42.83
CA LYS H 818 -9.80 18.77 -42.97
C LYS H 818 -9.53 19.50 -41.66
N ARG H 819 -8.61 20.45 -41.71
CA ARG H 819 -8.36 21.41 -40.65
C ARG H 819 -8.05 22.75 -41.29
N SER H 820 -7.53 23.68 -40.50
CA SER H 820 -7.06 24.96 -41.02
C SER H 820 -5.56 25.08 -40.82
N PHE H 821 -4.99 26.10 -41.46
CA PHE H 821 -3.53 26.30 -41.39
C PHE H 821 -3.08 26.51 -39.95
N ILE H 822 -3.76 27.39 -39.21
CA ILE H 822 -3.46 27.57 -37.81
C ILE H 822 -3.67 26.28 -37.04
N GLU H 823 -4.77 25.58 -37.32
CA GLU H 823 -5.05 24.33 -36.63
C GLU H 823 -4.07 23.23 -37.03
N ASP H 824 -3.60 23.26 -38.28
CA ASP H 824 -2.55 22.32 -38.69
C ASP H 824 -1.24 22.59 -37.95
N LEU H 825 -0.90 23.86 -37.78
CA LEU H 825 0.27 24.20 -36.97
C LEU H 825 0.11 23.72 -35.55
N LEU H 826 -1.08 23.91 -34.98
CA LEU H 826 -1.33 23.45 -33.61
C LEU H 826 -1.23 21.93 -33.51
N PHE H 827 -1.68 21.22 -34.53
CA PHE H 827 -1.58 19.76 -34.53
C PHE H 827 -0.12 19.31 -34.65
N ASN H 828 0.66 19.99 -35.49
CA ASN H 828 2.06 19.62 -35.68
C ASN H 828 2.87 19.89 -34.41
N LYS H 829 2.67 21.05 -33.79
CA LYS H 829 3.49 21.42 -32.64
C LYS H 829 3.22 20.52 -31.45
N VAL H 830 1.99 20.04 -31.31
CA VAL H 830 1.67 19.08 -30.25
C VAL H 830 2.21 17.71 -30.66
N THR H 831 3.08 17.15 -29.84
CA THR H 831 3.71 15.87 -30.14
C THR H 831 3.02 14.74 -29.40
N LYS H 858 3.61 0.32 -25.80
CA LYS H 858 2.48 0.76 -26.61
C LYS H 858 1.17 0.23 -26.06
N PHE H 859 0.78 -0.97 -26.53
CA PHE H 859 -0.46 -1.60 -26.10
C PHE H 859 -0.12 -2.68 -25.09
N ASN H 860 -0.29 -2.37 -23.80
CA ASN H 860 0.08 -3.26 -22.71
C ASN H 860 -1.05 -3.32 -21.69
N GLY H 861 -2.28 -3.49 -22.18
CA GLY H 861 -3.45 -3.48 -21.35
C GLY H 861 -4.17 -2.15 -21.42
N LEU H 862 -3.40 -1.07 -21.41
CA LEU H 862 -3.98 0.25 -21.64
C LEU H 862 -4.49 0.33 -23.07
N THR H 863 -5.70 0.85 -23.22
CA THR H 863 -6.33 0.99 -24.53
C THR H 863 -6.73 2.45 -24.70
N VAL H 864 -6.04 3.15 -25.59
CA VAL H 864 -6.41 4.52 -25.88
C VAL H 864 -7.58 4.44 -26.85
N LEU H 865 -8.79 4.38 -26.31
CA LEU H 865 -9.97 4.32 -27.17
C LEU H 865 -10.25 5.71 -27.73
N PRO H 866 -10.58 5.82 -29.01
CA PRO H 866 -10.68 7.15 -29.61
C PRO H 866 -11.89 7.89 -29.07
N PRO H 867 -11.87 9.22 -29.10
CA PRO H 867 -13.12 9.96 -28.92
C PRO H 867 -14.05 9.63 -30.08
N LEU H 868 -15.35 9.57 -29.79
CA LEU H 868 -16.30 9.45 -30.89
C LEU H 868 -16.15 10.63 -31.85
N LEU H 869 -16.06 11.82 -31.28
CA LEU H 869 -15.88 13.02 -32.09
C LEU H 869 -14.44 13.06 -32.58
N THR H 870 -14.19 12.50 -33.76
CA THR H 870 -12.84 12.41 -34.29
C THR H 870 -12.24 13.80 -34.48
N ASP H 871 -10.92 13.83 -34.64
CA ASP H 871 -10.23 15.10 -34.88
C ASP H 871 -10.83 15.84 -36.05
N GLU H 872 -11.26 15.13 -37.09
CA GLU H 872 -11.95 15.77 -38.21
C GLU H 872 -13.33 16.26 -37.79
N MET H 873 -14.03 15.49 -36.95
CA MET H 873 -15.33 15.96 -36.49
C MET H 873 -15.23 16.95 -35.34
N ILE H 874 -14.22 16.82 -34.48
CA ILE H 874 -13.94 17.89 -33.52
C ILE H 874 -13.65 19.18 -34.26
N ALA H 875 -12.87 19.10 -35.34
CA ALA H 875 -12.62 20.26 -36.18
C ALA H 875 -13.86 20.69 -36.94
N GLN H 876 -14.82 19.78 -37.18
CA GLN H 876 -16.06 20.18 -37.83
C GLN H 876 -16.96 20.96 -36.89
N TYR H 877 -17.09 20.51 -35.64
CA TYR H 877 -17.70 21.35 -34.61
C TYR H 877 -16.97 22.68 -34.47
N THR H 878 -15.64 22.67 -34.50
CA THR H 878 -14.89 23.92 -34.42
C THR H 878 -15.19 24.83 -35.61
N SER H 879 -15.29 24.25 -36.80
CA SER H 879 -15.60 25.03 -37.99
C SER H 879 -17.03 25.56 -37.94
N ALA H 880 -17.95 24.78 -37.40
CA ALA H 880 -19.31 25.26 -37.21
C ALA H 880 -19.36 26.38 -36.18
N LEU H 881 -18.55 26.28 -35.14
CA LEU H 881 -18.44 27.35 -34.16
C LEU H 881 -17.89 28.62 -34.80
N LEU H 882 -16.83 28.49 -35.61
CA LEU H 882 -16.30 29.63 -36.34
C LEU H 882 -17.33 30.20 -37.31
N ALA H 883 -18.06 29.34 -38.02
CA ALA H 883 -19.03 29.82 -38.98
C ALA H 883 -20.18 30.54 -38.31
N GLY H 884 -20.66 30.00 -37.18
CA GLY H 884 -21.68 30.68 -36.42
C GLY H 884 -21.19 31.98 -35.81
N THR H 885 -19.94 32.00 -35.35
CA THR H 885 -19.37 33.21 -34.77
C THR H 885 -19.22 34.30 -35.82
N ILE H 886 -18.71 33.95 -37.01
CA ILE H 886 -18.53 34.93 -38.06
C ILE H 886 -19.88 35.36 -38.62
N THR H 887 -20.77 34.41 -38.88
CA THR H 887 -22.05 34.66 -39.53
C THR H 887 -23.13 35.12 -38.57
N SER H 888 -23.19 34.55 -37.36
CA SER H 888 -24.20 34.90 -36.38
C SER H 888 -23.61 35.50 -35.10
N GLY H 889 -22.53 34.94 -34.59
CA GLY H 889 -21.84 35.51 -33.44
C GLY H 889 -22.32 34.89 -32.12
N TRP H 890 -23.05 35.67 -31.34
CA TRP H 890 -23.61 35.21 -30.08
C TRP H 890 -24.99 34.62 -30.22
N THR H 891 -25.74 35.04 -31.24
CA THR H 891 -27.14 34.67 -31.40
C THR H 891 -27.34 33.20 -31.73
N PHE H 892 -26.32 32.49 -32.19
CA PHE H 892 -26.47 31.07 -32.45
C PHE H 892 -26.33 30.22 -31.19
N GLY H 893 -25.85 30.81 -30.10
CA GLY H 893 -25.68 30.09 -28.86
C GLY H 893 -26.90 30.14 -27.95
N ALA H 894 -27.84 31.02 -28.28
CA ALA H 894 -29.12 31.07 -27.59
C ALA H 894 -30.12 30.11 -28.22
N GLY H 895 -30.38 30.31 -29.51
CA GLY H 895 -31.25 29.41 -30.26
C GLY H 895 -30.64 29.04 -31.59
N ALA H 896 -31.39 29.28 -32.67
CA ALA H 896 -30.85 29.10 -34.01
C ALA H 896 -29.86 30.22 -34.33
N ALA H 897 -29.18 30.07 -35.47
CA ALA H 897 -28.19 31.06 -35.89
C ALA H 897 -28.89 32.24 -36.55
N LEU H 898 -28.58 33.45 -36.08
CA LEU H 898 -29.16 34.68 -36.61
C LEU H 898 -28.06 35.38 -37.39
N GLN H 899 -28.14 35.31 -38.73
CA GLN H 899 -27.04 35.77 -39.56
C GLN H 899 -26.79 37.26 -39.38
N ILE H 900 -25.51 37.63 -39.37
CA ILE H 900 -25.08 39.01 -39.13
C ILE H 900 -23.70 39.19 -39.75
N PRO H 901 -23.44 40.28 -40.47
CA PRO H 901 -22.10 40.50 -41.01
C PRO H 901 -21.05 40.52 -39.89
N PHE H 902 -19.80 40.24 -40.26
CA PHE H 902 -18.75 40.14 -39.25
C PHE H 902 -18.41 41.50 -38.67
N ALA H 903 -18.42 42.54 -39.52
CA ALA H 903 -18.19 43.90 -39.03
C ALA H 903 -19.28 44.30 -38.04
N MET H 904 -20.52 43.89 -38.29
CA MET H 904 -21.61 44.19 -37.36
C MET H 904 -21.32 43.68 -35.96
N GLN H 905 -20.98 42.39 -35.85
CA GLN H 905 -20.82 41.78 -34.55
C GLN H 905 -19.50 42.16 -33.90
N MET H 906 -18.48 42.48 -34.70
CA MET H 906 -17.29 43.04 -34.10
C MET H 906 -17.57 44.42 -33.51
N ALA H 907 -18.35 45.24 -34.21
CA ALA H 907 -18.76 46.53 -33.67
C ALA H 907 -19.58 46.36 -32.40
N TYR H 908 -20.49 45.39 -32.39
CA TYR H 908 -21.30 45.15 -31.20
C TYR H 908 -20.44 44.65 -30.05
N ARG H 909 -19.36 43.93 -30.35
CA ARG H 909 -18.47 43.46 -29.31
C ARG H 909 -17.55 44.57 -28.78
N PHE H 910 -17.22 45.57 -29.59
CA PHE H 910 -16.72 46.82 -29.02
C PHE H 910 -17.76 47.48 -28.12
N ASN H 911 -19.01 47.57 -28.59
CA ASN H 911 -20.06 48.21 -27.80
C ASN H 911 -20.24 47.52 -26.45
N GLY H 912 -19.95 46.23 -26.38
CA GLY H 912 -20.03 45.48 -25.15
C GLY H 912 -18.86 45.61 -24.20
N ILE H 913 -17.85 46.43 -24.53
CA ILE H 913 -16.75 46.70 -23.62
C ILE H 913 -16.65 48.20 -23.30
N GLY H 914 -17.74 48.94 -23.51
CA GLY H 914 -17.73 50.36 -23.25
C GLY H 914 -17.03 51.18 -24.29
N VAL H 915 -16.56 50.56 -25.38
CA VAL H 915 -15.99 51.28 -26.51
C VAL H 915 -17.06 51.38 -27.58
N THR H 916 -17.25 52.58 -28.12
CA THR H 916 -18.34 52.80 -29.05
C THR H 916 -18.12 52.03 -30.35
N GLN H 917 -19.22 51.69 -31.03
CA GLN H 917 -19.14 50.97 -32.29
C GLN H 917 -18.43 51.78 -33.37
N ASN H 918 -18.53 53.11 -33.31
CA ASN H 918 -17.91 53.93 -34.34
C ASN H 918 -16.40 53.77 -34.36
N VAL H 919 -15.80 53.33 -33.26
CA VAL H 919 -14.36 53.13 -33.24
C VAL H 919 -13.95 52.14 -34.32
N LEU H 920 -14.61 50.98 -34.36
CA LEU H 920 -14.34 50.04 -35.45
C LEU H 920 -14.94 50.54 -36.75
N TYR H 921 -16.15 51.10 -36.72
CA TYR H 921 -16.74 51.45 -38.00
C TYR H 921 -15.97 52.56 -38.71
N GLU H 922 -15.06 53.25 -38.03
CA GLU H 922 -14.15 54.21 -38.65
C GLU H 922 -12.70 53.77 -38.67
N ASN H 923 -12.33 52.71 -37.94
CA ASN H 923 -10.96 52.20 -37.97
C ASN H 923 -10.91 50.77 -38.52
N GLN H 924 -11.93 50.37 -39.29
CA GLN H 924 -12.12 48.98 -39.68
C GLN H 924 -10.87 48.39 -40.32
N LYS H 925 -10.22 49.14 -41.21
CA LYS H 925 -9.00 48.65 -41.82
C LYS H 925 -7.92 48.42 -40.78
N LEU H 926 -7.82 49.32 -39.81
CA LEU H 926 -6.82 49.17 -38.75
C LEU H 926 -7.08 47.94 -37.88
N ILE H 927 -8.34 47.75 -37.47
CA ILE H 927 -8.66 46.55 -36.68
C ILE H 927 -8.41 45.28 -37.49
N ALA H 928 -8.82 45.28 -38.76
CA ALA H 928 -8.62 44.09 -39.59
C ALA H 928 -7.15 43.80 -39.78
N ASN H 929 -6.33 44.83 -40.02
CA ASN H 929 -4.91 44.64 -40.23
C ASN H 929 -4.20 44.23 -38.96
N GLN H 930 -4.58 44.80 -37.81
CA GLN H 930 -4.01 44.39 -36.54
C GLN H 930 -4.39 42.95 -36.22
N PHE H 931 -5.64 42.56 -36.51
CA PHE H 931 -6.05 41.18 -36.31
C PHE H 931 -5.25 40.24 -37.20
N ASN H 932 -5.09 40.59 -38.47
CA ASN H 932 -4.33 39.74 -39.39
C ASN H 932 -2.87 39.65 -38.99
N SER H 933 -2.26 40.77 -38.61
CA SER H 933 -0.88 40.77 -38.16
C SER H 933 -0.73 39.98 -36.87
N ALA H 934 -1.70 40.06 -35.96
CA ALA H 934 -1.61 39.34 -34.71
C ALA H 934 -1.74 37.84 -34.91
N ILE H 935 -2.65 37.41 -35.78
CA ILE H 935 -2.76 35.98 -36.06
C ILE H 935 -1.56 35.49 -36.88
N GLY H 936 -0.98 36.36 -37.70
CA GLY H 936 0.29 36.02 -38.33
C GLY H 936 1.41 35.85 -37.31
N LYS H 937 1.44 36.72 -36.30
CA LYS H 937 2.39 36.54 -35.21
C LYS H 937 2.11 35.25 -34.46
N ILE H 938 0.84 34.88 -34.32
CA ILE H 938 0.49 33.61 -33.68
C ILE H 938 1.05 32.45 -34.48
N GLN H 939 0.87 32.47 -35.80
CA GLN H 939 1.40 31.38 -36.62
C GLN H 939 2.93 31.36 -36.61
N ASP H 940 3.57 32.53 -36.59
CA ASP H 940 5.02 32.60 -36.52
C ASP H 940 5.54 32.04 -35.20
N SER H 941 4.93 32.44 -34.08
CA SER H 941 5.35 31.94 -32.77
C SER H 941 5.04 30.46 -32.63
N LEU H 942 4.01 29.98 -33.31
CA LEU H 942 3.72 28.55 -33.29
C LEU H 942 4.78 27.78 -34.07
N SER H 943 5.12 28.25 -35.27
CA SER H 943 6.12 27.58 -36.09
C SER H 943 7.53 27.70 -35.52
N SER H 944 7.81 28.73 -34.72
CA SER H 944 9.16 28.98 -34.22
C SER H 944 9.30 28.62 -32.75
N THR H 945 8.49 29.19 -31.88
CA THR H 945 8.62 28.93 -30.44
C THR H 945 8.11 27.53 -30.13
N ALA H 946 8.96 26.71 -29.51
CA ALA H 946 8.57 25.34 -29.19
C ALA H 946 7.45 25.32 -28.16
N SER H 947 7.49 26.21 -27.17
CA SER H 947 6.50 26.25 -26.11
C SER H 947 5.37 27.23 -26.39
N ALA H 948 5.04 27.48 -27.66
CA ALA H 948 3.89 28.30 -27.99
C ALA H 948 2.61 27.65 -27.48
N LEU H 949 2.47 26.34 -27.67
CA LEU H 949 1.38 25.57 -27.08
C LEU H 949 1.80 24.99 -25.74
N GLY H 950 2.19 25.89 -24.83
CA GLY H 950 2.71 25.47 -23.55
C GLY H 950 1.71 24.64 -22.76
N LYS H 951 0.48 25.11 -22.68
CA LYS H 951 -0.53 24.43 -21.86
C LYS H 951 -0.95 23.10 -22.47
N LEU H 952 -1.23 23.09 -23.78
CA LEU H 952 -1.72 21.86 -24.40
C LEU H 952 -0.62 20.82 -24.59
N GLN H 953 0.56 21.25 -25.04
CA GLN H 953 1.68 20.30 -25.08
C GLN H 953 2.05 19.87 -23.68
N ASN H 954 1.87 20.75 -22.69
CA ASN H 954 2.07 20.38 -21.31
C ASN H 954 1.13 19.26 -20.90
N VAL H 955 -0.15 19.38 -21.23
CA VAL H 955 -1.13 18.37 -20.85
C VAL H 955 -0.91 17.07 -21.62
N VAL H 956 -0.58 17.17 -22.91
CA VAL H 956 -0.26 15.98 -23.68
C VAL H 956 0.96 15.28 -23.08
N ASN H 957 1.94 16.05 -22.61
CA ASN H 957 3.09 15.46 -21.94
C ASN H 957 2.73 14.87 -20.59
N GLN H 958 1.81 15.49 -19.85
CA GLN H 958 1.35 14.88 -18.61
C GLN H 958 0.68 13.54 -18.87
N ASN H 959 -0.15 13.47 -19.90
CA ASN H 959 -0.75 12.20 -20.29
C ASN H 959 0.32 11.18 -20.69
N ALA H 960 1.31 11.63 -21.47
CA ALA H 960 2.36 10.72 -21.93
C ALA H 960 3.20 10.21 -20.77
N GLN H 961 3.60 11.07 -19.85
CA GLN H 961 4.37 10.63 -18.70
C GLN H 961 3.52 9.79 -17.74
N ALA H 962 2.23 10.10 -17.61
CA ALA H 962 1.37 9.25 -16.80
C ALA H 962 1.31 7.85 -17.36
N LEU H 963 1.09 7.73 -18.68
CA LEU H 963 1.04 6.40 -19.30
C LEU H 963 2.40 5.72 -19.28
N ASN H 964 3.48 6.49 -19.42
CA ASN H 964 4.81 5.88 -19.46
C ASN H 964 5.26 5.42 -18.08
N THR H 965 4.93 6.19 -17.04
CA THR H 965 5.14 5.72 -15.68
C THR H 965 4.29 4.50 -15.39
N LEU H 966 3.04 4.48 -15.88
CA LEU H 966 2.20 3.31 -15.73
C LEU H 966 2.84 2.09 -16.38
N VAL H 967 3.39 2.27 -17.57
CA VAL H 967 4.02 1.16 -18.29
C VAL H 967 5.30 0.71 -17.56
N LYS H 968 6.13 1.66 -17.15
CA LYS H 968 7.37 1.33 -16.48
C LYS H 968 7.15 0.75 -15.09
N GLN H 969 5.96 0.96 -14.51
CA GLN H 969 5.63 0.25 -13.27
C GLN H 969 5.49 -1.24 -13.52
N LEU H 970 5.36 -1.66 -14.77
CA LEU H 970 5.50 -3.07 -15.11
C LEU H 970 6.96 -3.50 -15.13
N SER H 971 7.89 -2.56 -15.09
CA SER H 971 9.30 -2.85 -14.90
C SER H 971 9.75 -2.66 -13.45
N SER H 972 8.81 -2.33 -12.56
CA SER H 972 9.09 -2.16 -11.14
C SER H 972 8.57 -3.37 -10.38
N ASN H 973 9.46 -4.01 -9.62
CA ASN H 973 9.11 -5.22 -8.90
C ASN H 973 8.48 -4.95 -7.54
N PHE H 974 8.51 -3.70 -7.05
CA PHE H 974 7.96 -3.35 -5.75
C PHE H 974 8.49 -4.27 -4.64
N GLY H 975 9.78 -4.57 -4.70
CA GLY H 975 10.41 -5.42 -3.71
C GLY H 975 10.28 -6.91 -3.96
N ALA H 976 9.76 -7.33 -5.10
CA ALA H 976 9.59 -8.73 -5.42
C ALA H 976 10.78 -9.25 -6.22
N ILE H 977 10.70 -10.51 -6.63
CA ILE H 977 11.81 -11.13 -7.35
C ILE H 977 11.99 -10.50 -8.73
N SER H 978 10.88 -10.20 -9.41
CA SER H 978 10.94 -9.70 -10.77
C SER H 978 9.66 -8.96 -11.09
N SER H 979 9.69 -8.20 -12.18
CA SER H 979 8.54 -7.43 -12.62
C SER H 979 7.89 -8.02 -13.87
N VAL H 980 8.35 -9.17 -14.34
CA VAL H 980 7.80 -9.84 -15.51
C VAL H 980 7.09 -11.10 -15.05
N LEU H 981 5.89 -11.35 -15.60
CA LEU H 981 5.02 -12.40 -15.09
C LEU H 981 5.61 -13.78 -15.32
N ASN H 982 6.14 -14.03 -16.51
CA ASN H 982 6.54 -15.39 -16.88
C ASN H 982 7.68 -15.90 -16.03
N ASP H 983 8.68 -15.05 -15.77
CA ASP H 983 9.79 -15.47 -14.91
C ASP H 983 9.32 -15.76 -13.49
N ILE H 984 8.38 -14.96 -13.00
CA ILE H 984 7.82 -15.20 -11.67
C ILE H 984 7.13 -16.56 -11.62
N LEU H 985 6.34 -16.87 -12.64
CA LEU H 985 5.64 -18.15 -12.66
C LEU H 985 6.60 -19.31 -12.79
N SER H 986 7.62 -19.18 -13.65
CA SER H 986 8.52 -20.30 -13.91
C SER H 986 9.49 -20.56 -12.76
N ARG H 987 10.07 -19.50 -12.18
CA ARG H 987 11.15 -19.67 -11.21
C ARG H 987 10.63 -20.29 -9.91
N LEU H 988 9.42 -19.91 -9.48
CA LEU H 988 8.92 -20.28 -8.16
C LEU H 988 7.65 -21.10 -8.27
N ASP H 989 7.57 -22.14 -7.44
CA ASP H 989 6.34 -22.89 -7.28
C ASP H 989 5.32 -22.05 -6.52
N PRO H 990 4.03 -22.41 -6.60
CA PRO H 990 2.97 -21.57 -6.00
C PRO H 990 3.19 -21.28 -4.52
N PRO H 991 3.79 -22.19 -3.71
CA PRO H 991 4.10 -21.86 -2.32
C PRO H 991 4.59 -20.44 -2.06
N GLU H 992 5.56 -19.95 -2.83
CA GLU H 992 6.02 -18.58 -2.71
C GLU H 992 5.72 -17.73 -3.94
N ALA H 993 5.42 -18.36 -5.09
CA ALA H 993 4.92 -17.60 -6.22
C ALA H 993 3.63 -16.89 -5.87
N GLU H 994 2.84 -17.45 -4.95
CA GLU H 994 1.64 -16.76 -4.48
C GLU H 994 2.00 -15.43 -3.83
N VAL H 995 2.98 -15.43 -2.94
CA VAL H 995 3.40 -14.18 -2.29
C VAL H 995 3.97 -13.21 -3.30
N GLN H 996 4.80 -13.71 -4.23
CA GLN H 996 5.43 -12.83 -5.21
C GLN H 996 4.38 -12.19 -6.13
N ILE H 997 3.45 -13.00 -6.63
CA ILE H 997 2.40 -12.46 -7.49
C ILE H 997 1.47 -11.56 -6.69
N ASP H 998 1.29 -11.82 -5.40
CA ASP H 998 0.55 -10.88 -4.56
C ASP H 998 1.25 -9.54 -4.51
N ARG H 999 2.59 -9.56 -4.38
CA ARG H 999 3.33 -8.30 -4.37
C ARG H 999 3.20 -7.57 -5.70
N LEU H 1000 3.31 -8.30 -6.82
CA LEU H 1000 3.12 -7.65 -8.13
C LEU H 1000 1.72 -7.09 -8.28
N ILE H 1001 0.71 -7.86 -7.90
CA ILE H 1001 -0.67 -7.40 -8.03
C ILE H 1001 -0.92 -6.19 -7.17
N THR H 1002 -0.44 -6.19 -5.91
CA THR H 1002 -0.68 -5.05 -5.04
C THR H 1002 0.12 -3.84 -5.50
N GLY H 1003 1.35 -4.06 -6.00
CA GLY H 1003 2.13 -2.94 -6.48
C GLY H 1003 1.55 -2.31 -7.73
N ARG H 1004 1.20 -3.12 -8.73
CA ARG H 1004 0.59 -2.59 -9.93
C ARG H 1004 -0.83 -2.12 -9.69
N LEU H 1005 -1.48 -2.62 -8.64
CA LEU H 1005 -2.83 -2.18 -8.33
C LEU H 1005 -2.81 -0.85 -7.59
N GLN H 1006 -1.86 -0.66 -6.69
CA GLN H 1006 -1.61 0.68 -6.17
C GLN H 1006 -1.15 1.61 -7.27
N SER H 1007 -0.41 1.07 -8.25
CA SER H 1007 -0.05 1.87 -9.41
C SER H 1007 -1.28 2.28 -10.22
N LEU H 1008 -2.25 1.36 -10.37
CA LEU H 1008 -3.48 1.70 -11.07
C LEU H 1008 -4.34 2.67 -10.29
N GLN H 1009 -4.49 2.47 -8.97
CA GLN H 1009 -5.24 3.43 -8.17
C GLN H 1009 -4.54 4.78 -8.15
N THR H 1010 -3.21 4.80 -8.04
CA THR H 1010 -2.46 6.04 -8.07
C THR H 1010 -2.62 6.74 -9.43
N TYR H 1011 -2.46 5.98 -10.51
CA TYR H 1011 -2.64 6.53 -11.84
C TYR H 1011 -4.05 7.04 -12.03
N VAL H 1012 -5.05 6.27 -11.61
CA VAL H 1012 -6.45 6.62 -11.83
C VAL H 1012 -6.88 7.76 -10.93
N THR H 1013 -6.33 7.86 -9.73
CA THR H 1013 -6.68 8.97 -8.85
C THR H 1013 -6.00 10.26 -9.28
N GLN H 1014 -4.78 10.19 -9.84
CA GLN H 1014 -4.23 11.38 -10.48
C GLN H 1014 -4.87 11.64 -11.84
N GLN H 1015 -5.44 10.63 -12.50
CA GLN H 1015 -6.30 10.90 -13.64
C GLN H 1015 -7.60 11.54 -13.21
N LEU H 1016 -8.09 11.23 -12.01
CA LEU H 1016 -9.29 11.87 -11.49
C LEU H 1016 -9.01 13.29 -11.04
N ILE H 1017 -7.87 13.52 -10.39
CA ILE H 1017 -7.47 14.88 -10.03
C ILE H 1017 -7.14 15.69 -11.27
N ARG H 1018 -6.41 15.09 -12.22
CA ARG H 1018 -6.08 15.77 -13.46
C ARG H 1018 -7.29 15.90 -14.36
N ALA H 1019 -8.30 15.03 -14.23
CA ALA H 1019 -9.54 15.20 -14.96
C ALA H 1019 -10.46 16.18 -14.26
N ALA H 1020 -10.28 16.39 -12.96
CA ALA H 1020 -10.89 17.53 -12.30
C ALA H 1020 -10.23 18.82 -12.76
N GLU H 1021 -8.93 18.79 -13.02
CA GLU H 1021 -8.26 19.93 -13.64
C GLU H 1021 -8.74 20.15 -15.07
N ILE H 1022 -8.82 19.07 -15.85
CA ILE H 1022 -9.29 19.13 -17.23
C ILE H 1022 -10.77 19.49 -17.28
N ARG H 1023 -11.55 19.09 -16.27
CA ARG H 1023 -12.95 19.46 -16.21
C ARG H 1023 -13.15 20.87 -15.69
N ALA H 1024 -12.25 21.36 -14.82
CA ALA H 1024 -12.27 22.77 -14.47
C ALA H 1024 -11.90 23.61 -15.68
N SER H 1025 -10.90 23.19 -16.45
CA SER H 1025 -10.51 23.92 -17.65
C SER H 1025 -11.47 23.68 -18.79
N ALA H 1026 -12.26 22.60 -18.74
CA ALA H 1026 -13.24 22.32 -19.77
C ALA H 1026 -14.58 22.98 -19.47
N ASN H 1027 -14.93 23.09 -18.19
CA ASN H 1027 -16.01 23.99 -17.80
C ASN H 1027 -15.60 25.43 -18.02
N LEU H 1028 -14.31 25.73 -17.88
CA LEU H 1028 -13.78 27.05 -18.22
C LEU H 1028 -13.78 27.27 -19.72
N ALA H 1029 -13.50 26.23 -20.51
CA ALA H 1029 -13.54 26.34 -21.96
C ALA H 1029 -14.96 26.37 -22.50
N ALA H 1030 -15.90 25.71 -21.80
CA ALA H 1030 -17.30 25.82 -22.17
C ALA H 1030 -17.87 27.18 -21.76
N THR H 1031 -17.50 27.66 -20.57
CA THR H 1031 -17.84 29.01 -20.16
C THR H 1031 -17.22 30.03 -21.08
N LYS H 1032 -16.00 29.77 -21.55
CA LYS H 1032 -15.31 30.68 -22.46
C LYS H 1032 -15.87 30.59 -23.86
N MET H 1033 -16.28 29.41 -24.33
CA MET H 1033 -17.00 29.33 -25.58
C MET H 1033 -18.29 30.12 -25.51
N SER H 1034 -19.05 29.95 -24.43
CA SER H 1034 -20.32 30.65 -24.26
C SER H 1034 -20.12 32.15 -24.17
N GLU H 1035 -19.19 32.60 -23.33
CA GLU H 1035 -19.04 34.01 -23.02
C GLU H 1035 -17.98 34.73 -23.84
N CYS H 1036 -17.25 34.03 -24.69
CA CYS H 1036 -16.20 34.61 -25.51
C CYS H 1036 -16.47 34.35 -26.99
N VAL H 1037 -16.87 33.14 -27.35
CA VAL H 1037 -17.23 32.79 -28.71
C VAL H 1037 -18.73 32.94 -28.96
N LEU H 1038 -19.55 32.31 -28.11
CA LEU H 1038 -21.00 32.41 -28.18
C LEU H 1038 -21.53 33.70 -27.58
N GLY H 1039 -20.65 34.62 -27.22
CA GLY H 1039 -21.04 35.86 -26.59
C GLY H 1039 -19.80 36.62 -26.19
N GLN H 1040 -20.02 37.76 -25.53
CA GLN H 1040 -18.93 38.59 -25.05
C GLN H 1040 -18.93 38.62 -23.53
N SER H 1041 -17.79 38.30 -22.93
CA SER H 1041 -17.65 38.24 -21.48
C SER H 1041 -17.20 39.59 -20.95
N LYS H 1042 -17.97 40.16 -20.02
CA LYS H 1042 -17.57 41.38 -19.33
C LYS H 1042 -16.72 41.10 -18.11
N ARG H 1043 -16.52 39.83 -17.76
CA ARG H 1043 -15.59 39.48 -16.70
C ARG H 1043 -14.18 39.92 -17.08
N VAL H 1044 -13.52 40.64 -16.18
CA VAL H 1044 -12.21 41.20 -16.48
C VAL H 1044 -11.18 40.08 -16.59
N ASP H 1045 -10.39 40.11 -17.67
CA ASP H 1045 -9.32 39.16 -17.93
C ASP H 1045 -9.83 37.72 -17.97
N PHE H 1046 -11.09 37.51 -18.33
CA PHE H 1046 -11.61 36.15 -18.46
C PHE H 1046 -11.31 35.58 -19.84
N CYS H 1047 -11.35 36.42 -20.87
CA CYS H 1047 -11.03 35.97 -22.22
C CYS H 1047 -9.80 36.72 -22.72
N GLY H 1048 -8.78 36.81 -21.90
CA GLY H 1048 -7.54 37.44 -22.31
C GLY H 1048 -7.36 38.81 -21.66
N LYS H 1049 -6.10 39.25 -21.63
CA LYS H 1049 -5.79 40.53 -21.01
C LYS H 1049 -6.25 41.68 -21.90
N GLY H 1050 -7.04 42.56 -21.34
CA GLY H 1050 -7.71 43.60 -22.09
C GLY H 1050 -9.21 43.36 -22.15
N TYR H 1051 -9.89 44.24 -22.87
CA TYR H 1051 -11.33 44.12 -23.04
C TYR H 1051 -11.62 43.16 -24.19
N HIS H 1052 -12.11 41.97 -23.84
CA HIS H 1052 -12.49 40.96 -24.83
C HIS H 1052 -13.45 41.45 -25.89
N LEU H 1053 -13.12 41.12 -27.15
CA LEU H 1053 -14.01 41.31 -28.28
C LEU H 1053 -14.66 40.00 -28.71
N MET H 1054 -13.88 39.03 -29.15
CA MET H 1054 -14.43 37.75 -29.56
C MET H 1054 -13.31 36.71 -29.63
N SER H 1055 -13.59 35.52 -29.14
CA SER H 1055 -12.65 34.41 -29.20
C SER H 1055 -12.98 33.50 -30.36
N PHE H 1056 -11.98 32.73 -30.79
CA PHE H 1056 -12.12 31.76 -31.86
C PHE H 1056 -11.63 30.43 -31.34
N PRO H 1057 -12.46 29.38 -31.32
CA PRO H 1057 -11.96 28.06 -30.96
C PRO H 1057 -11.06 27.52 -32.06
N GLN H 1058 -10.00 26.83 -31.66
CA GLN H 1058 -9.14 26.12 -32.60
C GLN H 1058 -8.80 24.79 -31.93
N SER H 1059 -9.36 23.71 -32.46
CA SER H 1059 -9.28 22.43 -31.76
C SER H 1059 -7.90 21.82 -31.88
N ALA H 1060 -6.95 22.38 -31.14
CA ALA H 1060 -5.64 21.78 -31.03
C ALA H 1060 -5.76 20.45 -30.28
N PRO H 1061 -4.80 19.54 -30.48
CA PRO H 1061 -4.94 18.19 -29.91
C PRO H 1061 -5.22 18.20 -28.41
N HIS H 1062 -6.28 17.48 -28.02
CA HIS H 1062 -6.66 17.29 -26.62
C HIS H 1062 -6.93 18.62 -25.91
N GLY H 1063 -7.54 19.56 -26.63
CA GLY H 1063 -7.83 20.85 -26.04
C GLY H 1063 -8.38 21.80 -27.07
N VAL H 1064 -8.40 23.08 -26.71
CA VAL H 1064 -8.90 24.13 -27.57
C VAL H 1064 -7.96 25.32 -27.46
N VAL H 1065 -7.78 26.03 -28.57
CA VAL H 1065 -7.00 27.26 -28.60
C VAL H 1065 -7.98 28.40 -28.81
N PHE H 1066 -8.05 29.30 -27.84
CA PHE H 1066 -8.93 30.46 -27.90
C PHE H 1066 -8.13 31.65 -28.39
N LEU H 1067 -8.32 32.03 -29.65
CA LEU H 1067 -7.74 33.26 -30.18
C LEU H 1067 -8.53 34.42 -29.59
N HIS H 1068 -8.13 34.80 -28.38
CA HIS H 1068 -8.82 35.85 -27.66
C HIS H 1068 -8.52 37.19 -28.30
N VAL H 1069 -9.39 37.62 -29.22
CA VAL H 1069 -9.26 38.96 -29.78
C VAL H 1069 -9.69 39.94 -28.70
N THR H 1070 -8.73 40.62 -28.09
CA THR H 1070 -9.00 41.56 -27.02
C THR H 1070 -8.69 42.96 -27.49
N TYR H 1071 -9.30 43.94 -26.83
CA TYR H 1071 -8.99 45.34 -27.06
C TYR H 1071 -8.05 45.79 -25.97
N VAL H 1072 -6.81 46.13 -26.35
CA VAL H 1072 -5.81 46.65 -25.44
C VAL H 1072 -5.55 48.10 -25.81
N PRO H 1073 -5.80 49.06 -24.92
CA PRO H 1073 -5.58 50.47 -25.25
C PRO H 1073 -4.11 50.82 -25.05
N ALA H 1074 -3.53 51.56 -26.01
CA ALA H 1074 -2.09 51.60 -26.18
C ALA H 1074 -1.47 52.94 -25.85
N GLN H 1075 -1.89 54.03 -26.50
CA GLN H 1075 -1.18 55.30 -26.41
C GLN H 1075 -1.90 56.22 -25.42
N GLU H 1076 -1.42 56.25 -24.20
CA GLU H 1076 -2.01 57.07 -23.15
C GLU H 1076 -1.60 58.54 -23.31
N LYS H 1077 -2.27 59.39 -22.53
CA LYS H 1077 -2.00 60.81 -22.48
C LYS H 1077 -2.66 61.34 -21.22
N ASN H 1078 -2.04 62.30 -20.55
CA ASN H 1078 -2.62 62.80 -19.31
C ASN H 1078 -3.35 64.12 -19.53
N PHE H 1079 -4.45 64.28 -18.80
CA PHE H 1079 -5.30 65.45 -18.89
C PHE H 1079 -5.69 65.89 -17.48
N THR H 1080 -6.56 66.89 -17.41
CA THR H 1080 -7.12 67.36 -16.14
C THR H 1080 -8.60 67.00 -16.09
N THR H 1081 -9.05 66.50 -14.94
CA THR H 1081 -10.41 65.99 -14.79
C THR H 1081 -11.09 66.66 -13.59
N ALA H 1082 -12.42 66.79 -13.69
CA ALA H 1082 -13.28 67.27 -12.61
C ALA H 1082 -14.73 66.97 -12.93
N PRO H 1083 -15.47 66.34 -12.00
CA PRO H 1083 -16.86 65.89 -12.29
C PRO H 1083 -17.93 66.93 -11.96
N ALA H 1084 -17.98 68.01 -12.73
CA ALA H 1084 -18.98 69.05 -12.50
C ALA H 1084 -19.13 69.90 -13.76
N ILE H 1085 -20.19 70.72 -13.77
CA ILE H 1085 -20.40 71.75 -14.78
C ILE H 1085 -20.94 72.98 -14.08
N CYS H 1086 -20.39 74.15 -14.44
CA CYS H 1086 -20.93 75.45 -14.01
C CYS H 1086 -20.62 76.46 -15.13
N HIS H 1087 -21.62 76.69 -15.99
CA HIS H 1087 -21.47 77.61 -17.11
C HIS H 1087 -22.19 78.94 -16.89
N ASP H 1088 -23.42 78.90 -16.38
CA ASP H 1088 -24.16 80.12 -16.08
C ASP H 1088 -24.94 80.00 -14.78
N GLY H 1089 -24.46 79.21 -13.83
CA GLY H 1089 -25.19 78.93 -12.62
C GLY H 1089 -26.10 77.72 -12.69
N LYS H 1090 -25.95 76.88 -13.71
CA LYS H 1090 -26.80 75.72 -13.91
C LYS H 1090 -25.95 74.46 -13.96
N ALA H 1091 -26.57 73.32 -13.66
CA ALA H 1091 -25.88 72.04 -13.57
C ALA H 1091 -26.18 71.20 -14.81
N HIS H 1092 -25.12 70.71 -15.45
CA HIS H 1092 -25.27 69.78 -16.55
C HIS H 1092 -24.92 68.37 -16.09
N PHE H 1093 -25.56 67.38 -16.72
CA PHE H 1093 -25.41 65.99 -16.31
C PHE H 1093 -24.89 65.16 -17.49
N PRO H 1094 -23.83 64.38 -17.29
CA PRO H 1094 -23.39 63.45 -18.33
C PRO H 1094 -24.17 62.14 -18.26
N ARG H 1095 -23.80 61.22 -19.16
CA ARG H 1095 -24.38 59.89 -19.17
C ARG H 1095 -23.37 58.82 -18.77
N GLU H 1096 -22.24 58.77 -19.47
CA GLU H 1096 -21.19 57.81 -19.14
C GLU H 1096 -19.87 58.34 -19.68
N GLY H 1097 -18.77 57.96 -19.01
CA GLY H 1097 -17.45 58.33 -19.43
C GLY H 1097 -16.75 59.13 -18.35
N VAL H 1098 -15.77 59.94 -18.78
CA VAL H 1098 -14.91 60.69 -17.89
C VAL H 1098 -14.92 62.15 -18.33
N PHE H 1099 -15.00 63.06 -17.36
CA PHE H 1099 -14.81 64.49 -17.63
C PHE H 1099 -13.31 64.78 -17.71
N VAL H 1100 -12.85 65.28 -18.84
CA VAL H 1100 -11.43 65.58 -19.03
C VAL H 1100 -11.27 66.93 -19.71
N SER H 1101 -10.08 67.50 -19.55
CA SER H 1101 -9.73 68.77 -20.16
C SER H 1101 -8.31 68.69 -20.69
N ASN H 1102 -8.08 69.27 -21.87
CA ASN H 1102 -6.74 69.37 -22.40
C ASN H 1102 -5.99 70.59 -21.89
N GLY H 1103 -6.66 71.45 -21.12
CA GLY H 1103 -6.01 72.62 -20.55
C GLY H 1103 -6.85 73.88 -20.61
N THR H 1104 -7.71 73.99 -21.63
CA THR H 1104 -8.55 75.17 -21.77
C THR H 1104 -9.99 74.84 -22.14
N HIS H 1105 -10.21 73.66 -22.71
CA HIS H 1105 -11.58 73.18 -22.98
C HIS H 1105 -11.82 71.87 -22.23
N TRP H 1106 -13.07 71.66 -21.85
CA TRP H 1106 -13.48 70.50 -21.08
C TRP H 1106 -14.26 69.54 -21.98
N PHE H 1107 -13.91 68.27 -21.93
CA PHE H 1107 -14.49 67.26 -22.80
C PHE H 1107 -14.88 66.02 -22.01
N VAL H 1108 -15.92 65.34 -22.49
CA VAL H 1108 -16.32 64.04 -21.98
C VAL H 1108 -15.86 62.99 -22.99
N THR H 1109 -15.02 62.07 -22.54
CA THR H 1109 -14.62 60.94 -23.33
C THR H 1109 -15.23 59.68 -22.74
N GLN H 1110 -14.94 58.54 -23.34
CA GLN H 1110 -15.25 57.26 -22.72
C GLN H 1110 -14.01 56.73 -22.02
N ARG H 1111 -14.24 55.85 -21.04
CA ARG H 1111 -13.16 55.43 -20.14
C ARG H 1111 -12.11 54.57 -20.82
N ASN H 1112 -12.34 54.11 -22.04
CA ASN H 1112 -11.48 53.12 -22.65
C ASN H 1112 -10.88 53.54 -23.99
N PHE H 1113 -11.28 54.69 -24.54
CA PHE H 1113 -10.70 55.20 -25.78
C PHE H 1113 -10.97 56.70 -25.82
N TYR H 1114 -10.02 57.45 -26.37
CA TYR H 1114 -10.02 58.90 -26.25
C TYR H 1114 -10.82 59.51 -27.40
N GLU H 1115 -12.06 59.90 -27.12
CA GLU H 1115 -12.86 60.76 -28.01
C GLU H 1115 -13.25 62.02 -27.26
N PRO H 1116 -12.51 63.12 -27.43
CA PRO H 1116 -12.98 64.40 -26.88
C PRO H 1116 -14.33 64.79 -27.44
N GLN H 1117 -15.36 64.84 -26.58
CA GLN H 1117 -16.70 65.22 -26.99
C GLN H 1117 -17.11 66.48 -26.25
N ILE H 1118 -17.59 67.47 -27.00
CA ILE H 1118 -18.02 68.74 -26.43
C ILE H 1118 -19.36 68.57 -25.73
N ILE H 1119 -19.76 69.57 -24.95
CA ILE H 1119 -21.04 69.56 -24.26
C ILE H 1119 -22.07 70.23 -25.15
N THR H 1120 -23.16 69.53 -25.43
CA THR H 1120 -24.22 70.02 -26.30
C THR H 1120 -25.56 69.72 -25.66
N THR H 1121 -26.56 70.55 -25.98
CA THR H 1121 -27.89 70.43 -25.40
C THR H 1121 -28.58 69.12 -25.79
N ASP H 1122 -28.12 68.45 -26.84
CA ASP H 1122 -28.77 67.23 -27.31
C ASP H 1122 -28.43 66.01 -26.46
N ASN H 1123 -27.37 66.08 -25.66
CA ASN H 1123 -26.97 64.97 -24.81
C ASN H 1123 -26.82 65.35 -23.34
N THR H 1124 -27.31 66.52 -22.94
CA THR H 1124 -27.13 67.04 -21.59
C THR H 1124 -28.43 67.67 -21.11
N PHE H 1125 -28.51 67.86 -19.79
CA PHE H 1125 -29.69 68.42 -19.16
C PHE H 1125 -29.39 69.80 -18.57
N VAL H 1126 -30.46 70.59 -18.39
CA VAL H 1126 -30.36 71.92 -17.81
C VAL H 1126 -31.42 72.03 -16.73
N SER H 1127 -30.99 72.34 -15.50
CA SER H 1127 -31.92 72.48 -14.38
C SER H 1127 -31.18 73.05 -13.18
N GLY H 1128 -31.90 73.84 -12.38
CA GLY H 1128 -31.50 74.31 -11.07
C GLY H 1128 -30.17 75.03 -11.05
N ASN H 1129 -29.37 74.72 -10.03
CA ASN H 1129 -28.07 75.33 -9.79
C ASN H 1129 -27.00 74.25 -9.79
N CYS H 1130 -25.73 74.68 -9.68
CA CYS H 1130 -24.60 73.78 -9.77
C CYS H 1130 -23.61 74.00 -8.63
N ASP H 1131 -24.10 74.38 -7.46
CA ASP H 1131 -23.24 74.67 -6.32
C ASP H 1131 -23.16 73.51 -5.33
N VAL H 1132 -23.54 72.30 -5.75
CA VAL H 1132 -23.60 71.18 -4.83
C VAL H 1132 -22.67 70.07 -5.31
N VAL H 1133 -21.60 70.45 -6.01
CA VAL H 1133 -20.65 69.49 -6.56
C VAL H 1133 -19.23 69.98 -6.27
N ILE H 1134 -18.35 69.05 -5.93
CA ILE H 1134 -16.93 69.35 -5.77
C ILE H 1134 -16.21 69.12 -7.09
N GLY H 1135 -15.49 70.13 -7.56
CA GLY H 1135 -14.81 70.04 -8.84
C GLY H 1135 -15.39 70.97 -9.87
N ILE H 1136 -15.85 72.14 -9.41
CA ILE H 1136 -16.47 73.12 -10.29
C ILE H 1136 -15.55 73.46 -11.45
N VAL H 1137 -16.13 73.56 -12.64
CA VAL H 1137 -15.41 74.01 -13.83
C VAL H 1137 -16.22 75.11 -14.50
N ASN H 1138 -15.55 76.18 -14.90
CA ASN H 1138 -16.18 77.30 -15.56
C ASN H 1138 -16.02 77.15 -17.07
N ASN H 1139 -17.15 76.99 -17.76
CA ASN H 1139 -17.15 76.75 -19.19
C ASN H 1139 -18.28 77.55 -19.84
N THR H 1140 -18.33 77.52 -21.16
CA THR H 1140 -19.33 78.23 -21.93
C THR H 1140 -20.22 77.21 -22.65
N VAL H 1141 -21.18 77.74 -23.42
CA VAL H 1141 -22.12 76.91 -24.16
C VAL H 1141 -22.53 77.66 -25.42
N TYR H 1142 -22.76 76.91 -26.50
CA TYR H 1142 -23.18 77.48 -27.77
C TYR H 1142 -24.48 76.82 -28.21
N ASP H 1143 -25.43 77.63 -28.65
CA ASP H 1143 -26.73 77.11 -29.10
C ASP H 1143 -27.12 77.77 -30.41
N PRO H 1144 -27.19 77.01 -31.51
CA PRO H 1144 -27.58 77.59 -32.79
C PRO H 1144 -29.08 77.65 -32.97
N LEU H 1145 -29.83 77.47 -31.88
CA LEU H 1145 -31.29 77.51 -31.96
C LEU H 1145 -31.77 78.91 -32.34
N GLN H 1146 -31.20 79.95 -31.74
CA GLN H 1146 -31.63 81.32 -32.03
C GLN H 1146 -31.39 81.73 -33.48
N PRO H 1147 -30.20 81.57 -34.07
CA PRO H 1147 -30.03 81.95 -35.47
C PRO H 1147 -30.93 81.20 -36.42
N GLU H 1148 -31.22 79.93 -36.15
CA GLU H 1148 -32.12 79.16 -37.01
C GLU H 1148 -33.55 79.68 -36.95
N LEU H 1149 -34.03 80.05 -35.77
CA LEU H 1149 -35.39 80.56 -35.62
C LEU H 1149 -35.41 82.08 -35.61
N ALA I 33 -14.25 12.43 56.69
CA ALA I 33 -13.73 11.16 56.21
C ALA I 33 -13.31 11.26 54.74
N TYR I 34 -14.13 11.94 53.95
CA TYR I 34 -13.84 12.12 52.53
C TYR I 34 -13.78 13.60 52.21
N THR I 35 -12.97 13.95 51.22
CA THR I 35 -12.84 15.33 50.76
C THR I 35 -12.60 15.31 49.25
N ASN I 36 -12.58 16.49 48.67
CA ASN I 36 -12.48 16.65 47.22
C ASN I 36 -11.06 17.06 46.86
N SER I 37 -10.31 16.13 46.26
CA SER I 37 -9.00 16.43 45.68
C SER I 37 -9.24 17.01 44.30
N PHE I 38 -9.31 18.34 44.23
CA PHE I 38 -9.81 19.03 43.05
C PHE I 38 -8.97 18.77 41.81
N THR I 39 -7.72 19.22 41.82
CA THR I 39 -6.82 19.07 40.67
C THR I 39 -5.46 18.58 41.15
N ARG I 40 -5.47 17.56 42.01
CA ARG I 40 -4.28 17.08 42.68
C ARG I 40 -3.83 15.76 42.06
N GLY I 41 -2.51 15.59 41.94
CA GLY I 41 -1.94 14.39 41.34
C GLY I 41 -1.48 14.63 39.92
N VAL I 42 -1.03 15.84 39.62
CA VAL I 42 -0.55 16.19 38.30
C VAL I 42 0.96 16.40 38.34
N TYR I 43 1.71 15.36 38.05
CA TYR I 43 3.16 15.38 38.11
C TYR I 43 3.75 15.44 36.70
N TYR I 44 5.07 15.31 36.60
CA TYR I 44 5.75 15.24 35.32
C TYR I 44 5.85 13.78 34.90
N PRO I 45 5.20 13.36 33.82
CA PRO I 45 5.26 11.95 33.43
C PRO I 45 6.64 11.53 32.94
N ASP I 46 7.49 12.48 32.58
CA ASP I 46 8.80 12.17 32.01
C ASP I 46 9.79 13.25 32.44
N LYS I 47 11.08 12.91 32.36
CA LYS I 47 12.13 13.90 32.51
C LYS I 47 12.39 14.66 31.22
N VAL I 48 11.68 14.33 30.14
CA VAL I 48 11.75 15.11 28.92
C VAL I 48 11.38 16.55 29.21
N PHE I 49 12.13 17.48 28.63
CA PHE I 49 11.85 18.90 28.75
C PHE I 49 10.91 19.34 27.64
N ARG I 50 9.96 20.19 27.97
CA ARG I 50 9.04 20.77 27.01
C ARG I 50 8.73 22.20 27.40
N SER I 51 8.46 23.04 26.40
CA SER I 51 8.24 24.46 26.64
C SER I 51 7.00 24.93 25.90
N SER I 52 6.02 25.43 26.65
CA SER I 52 4.80 26.04 26.11
C SER I 52 4.09 25.10 25.14
N VAL I 53 4.00 23.83 25.51
CA VAL I 53 3.28 22.84 24.72
C VAL I 53 2.16 22.25 25.55
N LEU I 54 1.05 21.95 24.87
CA LEU I 54 -0.08 21.24 25.46
C LEU I 54 0.09 19.77 25.09
N HIS I 55 0.92 19.07 25.85
CA HIS I 55 1.22 17.67 25.58
C HIS I 55 0.21 16.79 26.30
N SER I 56 -0.38 15.85 25.57
CA SER I 56 -1.36 14.92 26.11
C SER I 56 -0.74 13.55 26.23
N THR I 57 -0.60 13.06 27.46
CA THR I 57 -0.02 11.75 27.73
C THR I 57 -1.06 10.84 28.39
N GLN I 58 -1.15 9.61 27.88
CA GLN I 58 -2.02 8.60 28.48
C GLN I 58 -1.21 7.91 29.57
N ASP I 59 -1.21 8.52 30.76
CA ASP I 59 -0.47 8.02 31.89
C ASP I 59 -1.40 7.97 33.09
N LEU I 60 -1.10 7.07 34.04
CA LEU I 60 -1.97 6.92 35.19
C LEU I 60 -1.82 8.10 36.14
N PHE I 61 -2.96 8.68 36.52
CA PHE I 61 -3.01 9.82 37.43
C PHE I 61 -4.17 9.63 38.40
N LEU I 62 -4.20 10.49 39.42
CA LEU I 62 -5.38 10.62 40.25
C LEU I 62 -6.46 11.38 39.47
N PRO I 63 -7.62 10.77 39.22
CA PRO I 63 -8.66 11.48 38.48
C PRO I 63 -9.10 12.74 39.22
N PHE I 64 -9.41 13.78 38.44
CA PHE I 64 -9.80 15.05 39.03
C PHE I 64 -11.10 14.90 39.81
N PHE I 65 -11.22 15.65 40.89
CA PHE I 65 -12.44 15.78 41.68
C PHE I 65 -12.93 14.44 42.22
N SER I 66 -12.05 13.46 42.33
CA SER I 66 -12.42 12.17 42.91
C SER I 66 -12.41 12.25 44.43
N ASN I 67 -13.04 11.26 45.06
CA ASN I 67 -13.05 11.19 46.52
C ASN I 67 -11.77 10.54 47.01
N VAL I 68 -11.08 11.24 47.92
CA VAL I 68 -9.83 10.77 48.50
C VAL I 68 -10.05 10.53 49.98
N THR I 69 -9.69 9.34 50.44
CA THR I 69 -10.00 8.88 51.79
C THR I 69 -9.08 9.58 52.79
N TRP I 70 -9.59 10.61 53.45
CA TRP I 70 -8.88 11.24 54.55
C TRP I 70 -8.77 10.27 55.71
N PHE I 71 -7.57 10.13 56.27
CA PHE I 71 -7.32 9.29 57.43
C PHE I 71 -6.93 10.18 58.62
N HIS I 72 -7.50 9.87 59.78
CA HIS I 72 -7.22 10.60 61.02
C HIS I 72 -6.48 9.65 61.96
N ALA I 73 -5.19 9.93 62.17
CA ALA I 73 -4.37 9.10 63.05
C ALA I 73 -4.20 9.78 64.40
N ILE I 74 -5.21 9.58 65.25
CA ILE I 74 -5.19 10.17 66.59
C ILE I 74 -4.46 9.24 67.55
N ASP I 86 -6.93 0.97 64.35
CA ASP I 86 -6.70 2.32 63.84
C ASP I 86 -5.56 2.33 62.82
N ASN I 87 -5.81 2.97 61.68
CA ASN I 87 -4.84 3.12 60.60
C ASN I 87 -4.30 1.77 60.14
N PRO I 88 -5.12 0.94 59.48
CA PRO I 88 -4.64 -0.38 59.05
C PRO I 88 -3.93 -0.33 57.71
N VAL I 89 -3.52 -1.49 57.20
CA VAL I 89 -2.84 -1.56 55.91
C VAL I 89 -3.80 -1.12 54.80
N LEU I 90 -3.24 -0.50 53.77
CA LEU I 90 -4.00 0.08 52.69
C LEU I 90 -3.49 -0.43 51.35
N PRO I 91 -4.39 -0.88 50.47
CA PRO I 91 -3.94 -1.49 49.21
C PRO I 91 -3.37 -0.48 48.22
N PHE I 92 -2.25 -0.87 47.62
CA PHE I 92 -1.51 -0.07 46.64
C PHE I 92 -1.86 -0.63 45.26
N ASN I 93 -2.78 0.05 44.56
CA ASN I 93 -3.23 -0.48 43.27
C ASN I 93 -2.40 0.04 42.11
N ASP I 94 -2.45 1.34 41.87
CA ASP I 94 -1.67 1.99 40.80
C ASP I 94 -1.00 3.25 41.33
N GLY I 95 -0.48 3.19 42.55
CA GLY I 95 0.08 4.35 43.21
C GLY I 95 -0.97 5.11 44.00
N VAL I 96 -0.49 5.97 44.87
CA VAL I 96 -1.36 6.76 45.74
C VAL I 96 -0.88 8.22 45.74
N TYR I 97 -1.82 9.14 45.61
CA TYR I 97 -1.53 10.56 45.81
C TYR I 97 -1.57 10.81 47.31
N PHE I 98 -0.42 10.71 47.95
CA PHE I 98 -0.34 11.03 49.37
C PHE I 98 -0.41 12.54 49.58
N ALA I 99 -0.75 12.93 50.81
CA ALA I 99 -0.76 14.34 51.17
C ALA I 99 -0.74 14.43 52.69
N SER I 100 -0.40 15.62 53.18
CA SER I 100 -0.31 15.86 54.61
C SER I 100 -0.10 17.34 54.85
N THR I 101 -0.56 17.81 56.01
CA THR I 101 -0.38 19.20 56.44
C THR I 101 0.19 19.15 57.86
N GLU I 102 1.50 19.07 57.97
CA GLU I 102 2.18 18.91 59.25
C GLU I 102 3.33 19.91 59.37
N LYS I 103 3.37 20.61 60.50
CA LYS I 103 4.48 21.49 60.84
C LYS I 103 5.47 20.83 61.80
N SER I 104 5.25 19.56 62.14
CA SER I 104 6.10 18.86 63.10
C SER I 104 6.80 17.64 62.54
N ASN I 105 6.40 17.17 61.35
CA ASN I 105 6.99 15.97 60.74
C ASN I 105 6.85 14.76 61.66
N ILE I 106 5.60 14.34 61.91
CA ILE I 106 5.36 13.21 62.80
C ILE I 106 5.38 11.88 62.05
N ILE I 107 5.18 11.89 60.72
CA ILE I 107 5.16 10.66 59.94
C ILE I 107 6.58 10.36 59.47
N ARG I 108 7.11 9.21 59.89
CA ARG I 108 8.47 8.80 59.56
C ARG I 108 8.52 7.33 59.19
N GLY I 109 7.55 6.86 58.41
CA GLY I 109 7.56 5.47 58.01
C GLY I 109 6.58 5.08 56.92
N TRP I 110 7.09 4.39 55.90
CA TRP I 110 6.28 3.77 54.86
C TRP I 110 6.62 2.28 54.83
N ILE I 111 5.61 1.43 54.74
CA ILE I 111 5.80 -0.03 54.70
C ILE I 111 4.94 -0.56 53.55
N PHE I 112 5.56 -0.74 52.40
CA PHE I 112 4.87 -1.27 51.22
C PHE I 112 4.90 -2.80 51.26
N GLY I 113 4.54 -3.43 50.15
CA GLY I 113 4.61 -4.87 50.01
C GLY I 113 3.24 -5.50 49.86
N THR I 114 3.25 -6.80 49.63
CA THR I 114 2.04 -7.59 49.45
C THR I 114 1.61 -8.31 50.71
N THR I 115 2.54 -8.98 51.39
CA THR I 115 2.24 -9.71 52.61
C THR I 115 2.75 -9.02 53.87
N LEU I 116 3.82 -8.24 53.77
CA LEU I 116 4.41 -7.50 54.88
C LEU I 116 4.88 -8.42 56.00
N ASP I 117 5.13 -9.69 55.70
CA ASP I 117 5.54 -10.68 56.69
C ASP I 117 6.71 -11.51 56.17
N SER I 118 7.72 -10.83 55.63
CA SER I 118 8.94 -11.44 55.12
C SER I 118 8.71 -12.39 53.96
N LYS I 119 7.51 -12.34 53.34
CA LYS I 119 7.22 -13.13 52.16
C LYS I 119 7.20 -12.32 50.88
N THR I 120 6.97 -11.01 50.98
CA THR I 120 7.10 -10.09 49.85
C THR I 120 7.97 -8.93 50.27
N GLN I 121 8.74 -8.39 49.33
CA GLN I 121 9.71 -7.37 49.65
C GLN I 121 9.01 -6.07 50.07
N SER I 122 9.00 -5.79 51.36
CA SER I 122 8.46 -4.57 51.90
C SER I 122 9.52 -3.48 51.87
N LEU I 123 9.20 -2.31 52.41
CA LEU I 123 10.12 -1.18 52.39
C LEU I 123 10.17 -0.53 53.77
N LEU I 124 11.29 0.11 54.06
CA LEU I 124 11.49 0.90 55.27
C LEU I 124 11.94 2.29 54.83
N ILE I 125 10.98 3.16 54.54
CA ILE I 125 11.25 4.54 54.12
C ILE I 125 11.03 5.44 55.31
N VAL I 126 12.07 6.18 55.69
CA VAL I 126 12.04 7.06 56.85
C VAL I 126 12.65 8.41 56.47
N ASN I 127 12.04 9.48 56.94
CA ASN I 127 12.55 10.84 56.76
C ASN I 127 12.76 11.42 58.15
N ASN I 128 13.90 11.13 58.76
CA ASN I 128 14.12 11.53 60.14
C ASN I 128 14.84 12.86 60.26
N ALA I 129 14.25 13.90 59.64
CA ALA I 129 14.68 15.29 59.78
C ALA I 129 16.09 15.54 59.26
N THR I 130 16.69 14.56 58.59
CA THR I 130 18.00 14.75 57.97
C THR I 130 17.93 14.65 56.45
N ASN I 131 17.43 13.55 55.91
CA ASN I 131 17.26 13.37 54.47
C ASN I 131 16.51 12.08 54.23
N VAL I 132 16.19 11.82 52.96
CA VAL I 132 15.42 10.66 52.56
C VAL I 132 16.35 9.44 52.63
N VAL I 133 16.16 8.60 53.65
CA VAL I 133 16.87 7.34 53.77
C VAL I 133 15.88 6.20 53.52
N ILE I 134 16.24 5.29 52.62
CA ILE I 134 15.32 4.29 52.10
C ILE I 134 15.92 2.91 52.34
N LYS I 135 15.12 1.99 52.89
CA LYS I 135 15.52 0.62 53.10
C LYS I 135 14.47 -0.31 52.49
N VAL I 136 14.93 -1.30 51.74
CA VAL I 136 14.03 -2.20 51.03
C VAL I 136 14.28 -3.62 51.53
N CYS I 137 14.64 -3.75 52.80
CA CYS I 137 14.87 -5.05 53.42
C CYS I 137 13.66 -5.45 54.28
N GLU I 138 13.82 -6.53 55.03
CA GLU I 138 12.73 -7.26 55.67
C GLU I 138 12.97 -7.39 57.18
N PHE I 139 13.26 -6.26 57.83
CA PHE I 139 13.37 -6.27 59.29
C PHE I 139 12.10 -6.82 59.92
N GLN I 140 12.28 -7.63 60.96
CA GLN I 140 11.17 -8.35 61.56
C GLN I 140 10.20 -7.39 62.22
N PHE I 141 8.94 -7.44 61.80
CA PHE I 141 7.87 -6.64 62.37
C PHE I 141 6.93 -7.52 63.20
N CYS I 142 5.86 -6.91 63.71
CA CYS I 142 4.83 -7.65 64.41
C CYS I 142 3.46 -7.28 63.85
N ASN I 143 2.39 -7.73 64.51
CA ASN I 143 1.04 -7.45 64.01
C ASN I 143 0.73 -5.96 64.02
N ASP I 144 1.09 -5.28 65.11
CA ASP I 144 0.83 -3.84 65.26
C ASP I 144 2.12 -3.17 65.69
N PRO I 145 3.03 -2.91 64.75
CA PRO I 145 4.31 -2.29 65.11
C PRO I 145 4.13 -0.89 65.67
N PHE I 146 4.95 -0.58 66.67
CA PHE I 146 4.94 0.73 67.32
C PHE I 146 6.20 0.87 68.15
N LEU I 147 6.88 2.00 67.99
CA LEU I 147 8.11 2.27 68.73
C LEU I 147 7.87 3.05 70.02
N ASP I 148 6.61 3.35 70.34
CA ASP I 148 6.20 4.10 71.54
C ASP I 148 7.15 5.26 71.83
N VAL I 149 7.46 6.03 70.78
CA VAL I 149 8.39 7.15 70.78
C VAL I 149 9.54 6.99 71.77
N CYS I 170 20.57 -5.80 55.96
CA CYS I 170 19.58 -5.17 55.10
C CYS I 170 19.91 -5.42 53.63
N THR I 171 18.92 -5.90 52.87
CA THR I 171 19.15 -6.26 51.48
C THR I 171 19.47 -5.03 50.64
N PHE I 172 18.66 -3.99 50.73
CA PHE I 172 18.85 -2.78 49.96
C PHE I 172 18.75 -1.56 50.86
N GLU I 173 19.65 -0.60 50.63
CA GLU I 173 19.68 0.62 51.41
C GLU I 173 19.94 1.79 50.45
N TYR I 174 19.45 2.97 50.83
CA TYR I 174 19.47 4.11 49.93
C TYR I 174 19.51 5.39 50.75
N VAL I 175 20.14 6.43 50.20
CA VAL I 175 20.31 7.71 50.87
C VAL I 175 20.03 8.84 49.90
N SER I 176 19.37 9.89 50.37
CA SER I 176 19.15 11.09 49.59
C SER I 176 18.83 12.28 50.49
N PHE I 190 -1.68 23.92 58.77
CA PHE I 190 -0.39 24.45 59.18
C PHE I 190 0.25 25.26 58.05
N LYS I 191 1.57 25.18 57.93
CA LYS I 191 2.33 25.97 56.97
C LYS I 191 3.13 25.08 56.02
N ASN I 192 2.58 23.91 55.70
CA ASN I 192 3.26 23.00 54.78
C ASN I 192 2.25 22.01 54.21
N LEU I 193 2.47 21.59 52.97
CA LEU I 193 1.67 20.57 52.31
C LEU I 193 2.61 19.57 51.67
N ARG I 194 2.58 18.34 52.17
CA ARG I 194 3.57 17.32 51.82
C ARG I 194 2.91 16.24 50.97
N GLU I 195 3.06 16.34 49.65
CA GLU I 195 2.47 15.40 48.71
C GLU I 195 3.54 14.41 48.25
N PHE I 196 3.14 13.14 48.14
CA PHE I 196 4.06 12.02 47.89
C PHE I 196 3.50 11.09 46.82
N VAL I 197 3.15 11.63 45.65
CA VAL I 197 2.70 10.80 44.54
C VAL I 197 3.69 9.66 44.30
N PHE I 198 3.15 8.46 44.10
CA PHE I 198 3.94 7.28 43.82
C PHE I 198 3.54 6.69 42.47
N LYS I 199 4.39 5.80 41.96
CA LYS I 199 4.13 5.10 40.71
C LYS I 199 4.89 3.78 40.70
N ASN I 200 4.48 2.87 39.82
CA ASN I 200 5.19 1.61 39.61
C ASN I 200 4.89 1.16 38.18
N ILE I 201 5.79 1.53 37.26
CA ILE I 201 5.67 1.17 35.86
C ILE I 201 7.03 0.71 35.36
N ASP I 202 7.07 -0.43 34.67
CA ASP I 202 8.30 -0.98 34.09
C ASP I 202 9.36 -1.24 35.17
N GLY I 203 8.94 -1.57 36.38
CA GLY I 203 9.87 -1.77 37.47
C GLY I 203 10.63 -0.51 37.85
N TYR I 204 10.00 0.65 37.64
CA TYR I 204 10.61 1.95 37.94
C TYR I 204 9.77 2.59 39.03
N PHE I 205 10.09 2.26 40.29
CA PHE I 205 9.30 2.67 41.45
C PHE I 205 9.60 4.13 41.75
N LYS I 206 8.98 5.02 40.98
CA LYS I 206 9.18 6.45 41.15
C LYS I 206 8.61 6.92 42.49
N ILE I 207 9.23 7.94 43.06
CA ILE I 207 8.77 8.57 44.30
C ILE I 207 8.79 10.07 44.06
N TYR I 208 7.64 10.63 43.70
CA TYR I 208 7.55 12.08 43.50
C TYR I 208 7.39 12.78 44.84
N SER I 209 7.31 14.12 44.77
CA SER I 209 7.14 14.93 45.96
C SER I 209 6.82 16.37 45.57
N LYS I 210 6.26 17.11 46.53
CA LYS I 210 6.04 18.54 46.39
C LYS I 210 5.70 19.16 47.75
N HIS I 211 6.39 20.23 48.12
CA HIS I 211 6.21 20.90 49.41
C HIS I 211 5.82 22.35 49.13
N THR I 212 4.54 22.68 49.29
CA THR I 212 4.06 24.03 49.03
C THR I 212 3.22 24.51 50.21
N PRO I 213 3.63 25.58 50.90
CA PRO I 213 2.80 26.14 51.96
C PRO I 213 1.69 27.03 51.40
N ILE I 214 0.55 27.00 52.10
CA ILE I 214 -0.62 27.77 51.71
C ILE I 214 -1.25 28.38 52.95
N ASN I 215 -2.07 29.41 52.72
CA ASN I 215 -2.76 30.11 53.81
C ASN I 215 -4.11 29.44 54.08
N LEU I 216 -4.03 28.15 54.42
CA LEU I 216 -5.22 27.39 54.76
C LEU I 216 -4.82 26.31 55.77
N VAL I 217 -5.69 26.08 56.75
CA VAL I 217 -5.41 25.12 57.80
C VAL I 217 -6.58 24.15 57.95
N ARG I 218 -7.40 24.02 56.90
CA ARG I 218 -8.58 23.19 56.95
C ARG I 218 -8.50 21.99 56.01
N ASP I 219 -8.29 22.22 54.72
CA ASP I 219 -8.35 21.15 53.72
C ASP I 219 -7.43 21.53 52.56
N LEU I 220 -7.48 20.72 51.50
CA LEU I 220 -6.71 21.00 50.30
C LEU I 220 -7.29 22.22 49.58
N PRO I 221 -6.45 23.13 49.09
CA PRO I 221 -6.95 24.37 48.49
C PRO I 221 -7.34 24.23 47.03
N GLN I 222 -7.93 25.27 46.47
CA GLN I 222 -8.23 25.34 45.04
C GLN I 222 -7.00 25.77 44.26
N GLY I 223 -5.87 25.11 44.49
CA GLY I 223 -4.63 25.42 43.82
C GLY I 223 -4.27 24.39 42.77
N PHE I 224 -3.01 24.46 42.34
CA PHE I 224 -2.47 23.49 41.41
C PHE I 224 -0.95 23.52 41.49
N SER I 225 -0.34 22.40 41.85
CA SER I 225 1.11 22.32 41.99
C SER I 225 1.61 21.02 41.40
N ALA I 226 2.50 21.12 40.43
CA ALA I 226 3.08 19.93 39.81
C ALA I 226 4.10 19.30 40.75
N LEU I 227 4.28 17.99 40.61
CA LEU I 227 5.15 17.21 41.49
C LEU I 227 6.36 16.73 40.68
N GLU I 228 7.54 17.22 41.06
CA GLU I 228 8.76 16.85 40.37
C GLU I 228 9.27 15.50 40.88
N PRO I 229 9.91 14.72 40.01
CA PRO I 229 10.41 13.41 40.44
C PRO I 229 11.62 13.54 41.35
N LEU I 230 11.36 13.79 42.64
CA LEU I 230 12.42 14.01 43.60
C LEU I 230 13.47 12.90 43.55
N VAL I 231 13.02 11.64 43.60
CA VAL I 231 13.90 10.48 43.49
C VAL I 231 13.22 9.42 42.64
N ASP I 232 14.02 8.50 42.13
CA ASP I 232 13.54 7.34 41.41
C ASP I 232 14.22 6.10 41.97
N LEU I 233 13.43 5.04 42.19
CA LEU I 233 13.90 3.82 42.82
C LEU I 233 13.71 2.66 41.86
N PRO I 234 14.74 2.31 41.08
CA PRO I 234 14.63 1.15 40.18
C PRO I 234 14.68 -0.17 40.94
N ILE I 235 13.68 -0.41 41.80
CA ILE I 235 13.67 -1.63 42.59
C ILE I 235 13.15 -2.81 41.77
N GLY I 236 12.15 -2.57 40.94
CA GLY I 236 11.59 -3.63 40.10
C GLY I 236 10.95 -4.77 40.85
N ILE I 237 10.25 -4.48 41.93
CA ILE I 237 9.57 -5.50 42.72
C ILE I 237 8.06 -5.31 42.56
N ASN I 238 7.30 -6.31 43.03
CA ASN I 238 5.85 -6.28 42.97
C ASN I 238 5.31 -5.82 44.31
N ILE I 239 4.58 -4.70 44.30
CA ILE I 239 3.97 -4.14 45.50
C ILE I 239 2.50 -3.90 45.22
N THR I 240 1.64 -4.28 46.17
CA THR I 240 0.20 -4.11 46.02
C THR I 240 -0.49 -3.55 47.26
N ARG I 241 0.25 -3.30 48.34
CA ARG I 241 -0.35 -2.79 49.56
C ARG I 241 0.70 -1.98 50.32
N PHE I 242 0.23 -1.08 51.18
CA PHE I 242 1.14 -0.28 52.00
C PHE I 242 0.40 0.18 53.25
N GLN I 243 1.18 0.61 54.24
CA GLN I 243 0.61 1.09 55.50
C GLN I 243 1.51 2.20 56.02
N THR I 244 1.07 3.45 55.82
CA THR I 244 1.79 4.59 56.37
C THR I 244 1.85 4.47 57.90
N LEU I 245 3.04 4.66 58.46
CA LEU I 245 3.25 4.55 59.90
C LEU I 245 4.03 5.76 60.39
N LEU I 246 3.73 6.16 61.62
CA LEU I 246 4.32 7.34 62.22
C LEU I 246 4.82 7.01 63.62
N ALA I 247 5.63 7.91 64.16
CA ALA I 247 6.18 7.74 65.51
C ALA I 247 5.11 7.97 66.56
N ALA I 267 -1.11 13.23 62.07
CA ALA I 267 -2.41 12.82 62.57
C ALA I 267 -3.46 12.85 61.47
N ALA I 268 -3.08 13.40 60.32
CA ALA I 268 -3.97 13.53 59.16
C ALA I 268 -3.16 13.19 57.91
N TYR I 269 -3.21 11.94 57.49
CA TYR I 269 -2.50 11.48 56.30
C TYR I 269 -3.50 10.99 55.26
N TYR I 270 -3.49 11.61 54.09
CA TYR I 270 -4.43 11.31 53.03
C TYR I 270 -3.99 10.08 52.23
N VAL I 271 -4.89 9.61 51.38
CA VAL I 271 -4.64 8.51 50.46
C VAL I 271 -5.50 8.72 49.22
N GLY I 272 -4.89 8.55 48.05
CA GLY I 272 -5.62 8.61 46.80
C GLY I 272 -5.35 7.36 45.98
N TYR I 273 -6.03 7.27 44.83
CA TYR I 273 -5.87 6.12 43.96
C TYR I 273 -5.79 6.59 42.52
N LEU I 274 -4.83 6.05 41.77
CA LEU I 274 -4.56 6.47 40.40
C LEU I 274 -5.05 5.43 39.42
N GLN I 275 -5.55 5.89 38.29
CA GLN I 275 -6.15 5.04 37.27
C GLN I 275 -5.66 5.50 35.89
N PRO I 276 -5.61 4.57 34.90
CA PRO I 276 -5.00 4.93 33.62
C PRO I 276 -5.83 5.91 32.81
N ARG I 277 -5.74 7.18 33.20
CA ARG I 277 -6.53 8.25 32.61
C ARG I 277 -5.69 9.01 31.58
N THR I 278 -6.21 9.14 30.36
CA THR I 278 -5.65 10.11 29.44
C THR I 278 -5.63 11.47 30.13
N PHE I 279 -4.62 12.28 29.82
CA PHE I 279 -4.49 13.51 30.57
C PHE I 279 -3.76 14.54 29.71
N LEU I 280 -4.14 15.81 29.90
CA LEU I 280 -3.63 16.91 29.07
C LEU I 280 -2.80 17.83 29.96
N LEU I 281 -1.54 18.00 29.59
CA LEU I 281 -0.61 18.81 30.38
C LEU I 281 -0.44 20.18 29.75
N LYS I 282 0.05 21.12 30.55
CA LYS I 282 0.30 22.49 30.07
C LYS I 282 1.61 22.98 30.67
N TYR I 283 2.65 23.04 29.84
CA TYR I 283 3.97 23.49 30.26
C TYR I 283 4.13 24.98 30.01
N ASN I 284 4.93 25.61 30.86
CA ASN I 284 5.31 27.00 30.65
C ASN I 284 6.71 27.04 30.02
N GLU I 285 7.29 28.23 29.93
CA GLU I 285 8.62 28.36 29.35
C GLU I 285 9.68 27.67 30.21
N ASN I 286 9.58 27.80 31.54
CA ASN I 286 10.54 27.16 32.43
C ASN I 286 10.52 25.64 32.28
N GLY I 287 9.40 25.08 31.84
CA GLY I 287 9.24 23.65 31.77
C GLY I 287 8.51 23.04 32.95
N THR I 288 7.91 23.86 33.80
CA THR I 288 7.04 23.36 34.86
C THR I 288 5.64 23.15 34.28
N ILE I 289 4.69 22.75 35.13
CA ILE I 289 3.34 22.47 34.70
C ILE I 289 2.42 23.49 35.35
N THR I 290 1.80 24.36 34.55
CA THR I 290 1.00 25.46 35.05
C THR I 290 -0.50 25.22 34.93
N ASP I 291 -0.93 24.18 34.24
CA ASP I 291 -2.34 23.85 34.12
C ASP I 291 -2.47 22.36 33.85
N ALA I 292 -3.71 21.87 33.92
CA ALA I 292 -3.95 20.44 33.79
C ALA I 292 -5.41 20.22 33.42
N VAL I 293 -5.68 19.10 32.74
CA VAL I 293 -7.01 18.78 32.24
C VAL I 293 -7.23 17.28 32.39
N ASP I 294 -8.16 16.89 33.25
CA ASP I 294 -8.62 15.52 33.27
C ASP I 294 -9.35 15.21 31.97
N CYS I 295 -9.48 13.92 31.65
CA CYS I 295 -9.96 13.58 30.32
C CYS I 295 -11.35 12.97 30.32
N ALA I 296 -11.64 12.05 31.24
CA ALA I 296 -12.95 11.42 31.34
C ALA I 296 -13.72 11.97 32.54
N LEU I 297 -13.50 13.23 32.89
CA LEU I 297 -14.17 13.82 34.04
C LEU I 297 -15.58 14.29 33.66
N ASP I 298 -15.66 15.25 32.75
CA ASP I 298 -16.92 15.78 32.24
C ASP I 298 -16.81 15.93 30.73
N PRO I 299 -17.94 16.12 30.04
CA PRO I 299 -17.89 16.24 28.58
C PRO I 299 -16.91 17.29 28.08
N LEU I 300 -16.75 18.40 28.81
CA LEU I 300 -15.75 19.38 28.40
C LEU I 300 -14.33 18.84 28.57
N SER I 301 -14.13 17.89 29.49
CA SER I 301 -12.81 17.28 29.66
C SER I 301 -12.42 16.48 28.43
N GLU I 302 -13.31 15.61 27.93
CA GLU I 302 -13.00 14.86 26.72
C GLU I 302 -12.99 15.76 25.49
N THR I 303 -13.76 16.85 25.51
CA THR I 303 -13.61 17.85 24.46
C THR I 303 -12.22 18.44 24.44
N LYS I 304 -11.68 18.75 25.61
CA LYS I 304 -10.31 19.24 25.72
C LYS I 304 -9.31 18.19 25.24
N CYS I 305 -9.57 16.92 25.58
CA CYS I 305 -8.72 15.84 25.09
C CYS I 305 -8.71 15.81 23.57
N THR I 306 -9.89 15.96 22.95
CA THR I 306 -9.98 15.92 21.50
C THR I 306 -9.24 17.10 20.87
N LEU I 307 -9.52 18.32 21.36
CA LEU I 307 -8.85 19.49 20.84
C LEU I 307 -7.41 19.62 21.32
N LYS I 308 -7.01 18.83 22.33
CA LYS I 308 -5.67 18.89 22.91
C LYS I 308 -5.35 20.31 23.40
N SER I 309 -6.33 20.95 24.01
CA SER I 309 -6.18 22.33 24.47
C SER I 309 -6.92 22.51 25.79
N PHE I 310 -6.59 23.59 26.49
CA PHE I 310 -7.30 23.92 27.72
C PHE I 310 -8.42 24.92 27.43
N THR I 311 -8.20 25.83 26.49
CA THR I 311 -9.24 26.75 26.06
C THR I 311 -10.05 26.13 24.93
N VAL I 312 -11.37 26.06 25.11
CA VAL I 312 -12.28 25.49 24.14
C VAL I 312 -13.22 26.58 23.66
N GLU I 313 -13.39 26.67 22.34
CA GLU I 313 -14.29 27.64 21.74
C GLU I 313 -15.71 27.07 21.70
N LYS I 314 -16.68 27.96 21.53
CA LYS I 314 -18.09 27.58 21.50
C LYS I 314 -18.38 26.76 20.25
N GLY I 315 -18.78 25.51 20.44
CA GLY I 315 -19.06 24.65 19.30
C GLY I 315 -19.38 23.25 19.75
N ILE I 316 -19.50 22.36 18.76
CA ILE I 316 -19.85 20.96 18.97
C ILE I 316 -18.71 20.11 18.43
N TYR I 317 -18.25 19.16 19.25
CA TYR I 317 -17.06 18.37 18.95
C TYR I 317 -17.37 16.90 19.12
N GLN I 318 -17.03 16.09 18.12
CA GLN I 318 -17.22 14.65 18.16
C GLN I 318 -16.10 14.06 19.03
N THR I 319 -16.34 14.02 20.34
CA THR I 319 -15.31 13.59 21.27
C THR I 319 -15.11 12.07 21.25
N SER I 320 -16.19 11.31 21.05
CA SER I 320 -16.09 9.86 21.05
C SER I 320 -17.30 9.29 20.30
N ASN I 321 -17.42 7.97 20.31
CA ASN I 321 -18.54 7.26 19.71
C ASN I 321 -19.11 6.29 20.73
N PHE I 322 -20.44 6.22 20.79
CA PHE I 322 -21.14 5.41 21.78
C PHE I 322 -21.77 4.20 21.12
N ARG I 323 -21.75 3.08 21.83
CA ARG I 323 -22.29 1.82 21.34
C ARG I 323 -23.14 1.17 22.43
N VAL I 324 -24.04 0.30 21.99
CA VAL I 324 -24.86 -0.50 22.90
C VAL I 324 -24.27 -1.91 22.89
N GLN I 325 -23.73 -2.33 24.04
CA GLN I 325 -23.10 -3.62 24.13
C GLN I 325 -24.15 -4.74 24.20
N PRO I 326 -23.80 -5.95 23.76
CA PRO I 326 -24.73 -7.07 23.92
C PRO I 326 -24.98 -7.39 25.38
N THR I 327 -26.20 -7.85 25.67
CA THR I 327 -26.62 -8.15 27.03
C THR I 327 -26.62 -9.64 27.33
N GLU I 328 -27.32 -10.44 26.53
CA GLU I 328 -27.36 -11.87 26.75
C GLU I 328 -26.96 -12.63 25.50
N SER I 329 -27.12 -13.96 25.52
CA SER I 329 -26.83 -14.81 24.37
C SER I 329 -28.09 -15.54 23.95
N ILE I 330 -28.39 -15.50 22.66
CA ILE I 330 -29.55 -16.16 22.08
C ILE I 330 -29.03 -17.29 21.21
N VAL I 331 -28.93 -18.48 21.78
CA VAL I 331 -28.44 -19.66 21.07
C VAL I 331 -29.62 -20.62 20.95
N ARG I 332 -30.29 -20.57 19.81
CA ARG I 332 -31.53 -21.32 19.61
C ARG I 332 -31.33 -22.38 18.53
N PHE I 333 -31.92 -23.55 18.77
CA PHE I 333 -31.88 -24.69 17.87
C PHE I 333 -33.26 -25.34 17.89
N PRO I 334 -33.62 -26.06 16.82
CA PRO I 334 -35.00 -26.55 16.73
C PRO I 334 -35.38 -27.46 17.89
N ASN I 335 -36.67 -27.41 18.24
CA ASN I 335 -37.18 -28.18 19.37
C ASN I 335 -36.89 -29.66 19.20
N ILE I 336 -36.43 -30.28 20.28
CA ILE I 336 -36.06 -31.70 20.27
C ILE I 336 -37.33 -32.53 20.28
N THR I 337 -37.71 -33.05 19.11
CA THR I 337 -38.89 -33.90 18.99
C THR I 337 -38.64 -35.19 18.23
N ASN I 338 -37.52 -35.32 17.51
CA ASN I 338 -37.21 -36.55 16.78
C ASN I 338 -36.31 -37.44 17.63
N LEU I 339 -36.89 -37.98 18.69
CA LEU I 339 -36.16 -38.87 19.59
C LEU I 339 -35.82 -40.18 18.88
N CYS I 340 -34.62 -40.68 19.15
CA CYS I 340 -34.19 -41.93 18.55
C CYS I 340 -35.03 -43.09 19.08
N PRO I 341 -35.26 -44.12 18.25
CA PRO I 341 -36.11 -45.24 18.68
C PRO I 341 -35.40 -46.21 19.62
N PHE I 342 -34.92 -45.70 20.77
CA PHE I 342 -34.29 -46.55 21.75
C PHE I 342 -35.30 -47.33 22.58
N GLY I 343 -36.55 -46.86 22.68
CA GLY I 343 -37.54 -47.56 23.47
C GLY I 343 -37.86 -48.93 22.94
N GLU I 344 -38.05 -49.04 21.62
CA GLU I 344 -38.31 -50.34 21.01
C GLU I 344 -37.08 -51.22 20.97
N VAL I 345 -35.88 -50.62 20.96
CA VAL I 345 -34.66 -51.42 21.02
C VAL I 345 -34.52 -52.06 22.40
N PHE I 346 -34.74 -51.28 23.45
CA PHE I 346 -34.61 -51.81 24.81
C PHE I 346 -35.78 -52.71 25.20
N ASN I 347 -36.94 -52.55 24.56
CA ASN I 347 -38.11 -53.33 24.89
C ASN I 347 -38.44 -54.37 23.82
N ALA I 348 -37.47 -54.72 22.98
CA ALA I 348 -37.70 -55.71 21.94
C ALA I 348 -37.89 -57.09 22.56
N THR I 349 -38.88 -57.83 22.04
CA THR I 349 -39.23 -59.12 22.64
C THR I 349 -38.16 -60.18 22.37
N ARG I 350 -37.69 -60.28 21.12
CA ARG I 350 -36.80 -61.35 20.72
C ARG I 350 -35.54 -60.78 20.08
N PHE I 351 -34.40 -61.39 20.40
CA PHE I 351 -33.11 -61.05 19.81
C PHE I 351 -32.52 -62.26 19.10
N ALA I 352 -31.65 -61.98 18.13
CA ALA I 352 -31.01 -63.03 17.36
C ALA I 352 -29.83 -63.62 18.14
N SER I 353 -29.16 -64.60 17.54
CA SER I 353 -28.05 -65.29 18.17
C SER I 353 -26.78 -64.45 18.08
N VAL I 354 -25.70 -64.97 18.64
CA VAL I 354 -24.42 -64.26 18.63
C VAL I 354 -23.86 -64.18 17.21
N TYR I 355 -24.02 -65.25 16.42
CA TYR I 355 -23.53 -65.26 15.05
C TYR I 355 -24.34 -64.38 14.11
N ALA I 356 -25.51 -63.90 14.56
CA ALA I 356 -26.36 -63.06 13.73
C ALA I 356 -26.59 -61.71 14.38
N TRP I 357 -25.51 -61.10 14.87
CA TRP I 357 -25.61 -59.80 15.53
C TRP I 357 -26.16 -58.75 14.57
N ASN I 358 -27.14 -57.98 15.05
CA ASN I 358 -27.80 -57.00 14.21
C ASN I 358 -27.03 -55.69 14.17
N ARG I 359 -26.96 -55.10 12.98
CA ARG I 359 -26.32 -53.81 12.77
C ARG I 359 -27.33 -52.86 12.16
N LYS I 360 -27.59 -51.74 12.85
CA LYS I 360 -28.58 -50.78 12.41
C LYS I 360 -27.96 -49.37 12.44
N ARG I 361 -28.27 -48.59 11.41
CA ARG I 361 -27.75 -47.22 11.32
C ARG I 361 -28.59 -46.28 12.17
N ILE I 362 -27.94 -45.51 13.02
CA ILE I 362 -28.59 -44.52 13.88
C ILE I 362 -28.36 -43.16 13.25
N SER I 363 -29.42 -42.55 12.73
CA SER I 363 -29.31 -41.26 12.05
C SER I 363 -30.67 -40.59 12.04
N ASN I 364 -30.66 -39.29 11.72
CA ASN I 364 -31.87 -38.48 11.59
C ASN I 364 -32.66 -38.45 12.89
N CYS I 365 -31.96 -38.51 14.02
CA CYS I 365 -32.60 -38.40 15.32
C CYS I 365 -31.61 -37.80 16.31
N VAL I 366 -32.15 -37.15 17.34
CA VAL I 366 -31.34 -36.51 18.38
C VAL I 366 -31.75 -37.08 19.73
N ALA I 367 -30.75 -37.47 20.53
CA ALA I 367 -30.98 -38.03 21.85
C ALA I 367 -29.96 -37.47 22.82
N ASP I 368 -30.34 -37.40 24.10
CA ASP I 368 -29.47 -36.87 25.15
C ASP I 368 -28.76 -38.05 25.80
N TYR I 369 -27.53 -38.32 25.34
CA TYR I 369 -26.76 -39.42 25.90
C TYR I 369 -26.25 -39.12 27.30
N SER I 370 -26.24 -37.84 27.69
CA SER I 370 -25.72 -37.47 29.01
C SER I 370 -26.49 -38.16 30.12
N VAL I 371 -27.83 -38.07 30.08
CA VAL I 371 -28.64 -38.78 31.07
C VAL I 371 -28.48 -40.28 30.90
N LEU I 372 -28.23 -40.74 29.68
CA LEU I 372 -28.07 -42.17 29.44
C LEU I 372 -26.87 -42.73 30.19
N TYR I 373 -25.73 -42.04 30.16
CA TYR I 373 -24.55 -42.52 30.87
C TYR I 373 -24.44 -41.96 32.29
N ASN I 374 -25.34 -41.07 32.71
CA ASN I 374 -25.35 -40.63 34.09
C ASN I 374 -25.89 -41.67 35.05
N SER I 375 -26.71 -42.60 34.57
CA SER I 375 -27.30 -43.64 35.39
C SER I 375 -26.38 -44.86 35.47
N ALA I 376 -26.66 -45.73 36.44
CA ALA I 376 -25.91 -46.96 36.65
C ALA I 376 -26.72 -48.19 36.28
N SER I 377 -27.72 -48.05 35.41
CA SER I 377 -28.53 -49.19 35.00
C SER I 377 -27.72 -50.20 34.23
N PHE I 378 -26.82 -49.76 33.35
CA PHE I 378 -25.99 -50.65 32.56
C PHE I 378 -24.80 -51.11 33.38
N SER I 379 -24.60 -52.43 33.45
CA SER I 379 -23.49 -52.98 34.23
C SER I 379 -22.15 -52.56 33.64
N THR I 380 -22.03 -52.60 32.32
CA THR I 380 -20.79 -52.28 31.64
C THR I 380 -21.00 -51.07 30.73
N PHE I 381 -20.13 -50.07 30.87
CA PHE I 381 -20.14 -48.89 30.01
C PHE I 381 -18.70 -48.45 29.82
N LYS I 382 -18.09 -48.86 28.71
CA LYS I 382 -16.69 -48.59 28.43
C LYS I 382 -16.57 -47.92 27.07
N CYS I 383 -15.84 -46.82 27.02
CA CYS I 383 -15.63 -46.05 25.80
C CYS I 383 -14.16 -46.06 25.42
N TYR I 384 -13.88 -46.34 24.16
CA TYR I 384 -12.51 -46.35 23.64
C TYR I 384 -12.39 -45.36 22.49
N GLY I 385 -11.38 -44.49 22.56
CA GLY I 385 -11.13 -43.52 21.53
C GLY I 385 -11.88 -42.21 21.66
N VAL I 386 -12.83 -42.11 22.59
CA VAL I 386 -13.60 -40.89 22.80
C VAL I 386 -13.66 -40.61 24.30
N SER I 387 -14.00 -39.36 24.62
CA SER I 387 -14.15 -38.95 26.01
C SER I 387 -15.51 -38.32 26.22
N PRO I 388 -16.12 -38.51 27.39
CA PRO I 388 -17.43 -37.90 27.66
C PRO I 388 -17.41 -36.39 27.61
N THR I 389 -16.28 -35.76 27.94
CA THR I 389 -16.23 -34.30 27.99
C THR I 389 -16.34 -33.67 26.60
N LYS I 390 -15.87 -34.35 25.56
CA LYS I 390 -15.87 -33.80 24.21
C LYS I 390 -17.11 -34.19 23.41
N LEU I 391 -18.06 -34.91 24.02
CA LEU I 391 -19.28 -35.27 23.30
C LEU I 391 -20.09 -34.05 22.92
N ASN I 392 -20.19 -33.07 23.83
CA ASN I 392 -21.01 -31.89 23.55
C ASN I 392 -20.37 -31.01 22.49
N ASP I 393 -19.03 -30.94 22.48
CA ASP I 393 -18.31 -30.04 21.58
C ASP I 393 -18.00 -30.67 20.23
N LEU I 394 -18.37 -31.92 20.00
CA LEU I 394 -18.08 -32.60 18.76
C LEU I 394 -19.32 -33.31 18.24
N CYS I 395 -19.36 -33.51 16.92
CA CYS I 395 -20.42 -34.25 16.26
C CYS I 395 -19.83 -35.45 15.55
N PHE I 396 -20.44 -36.61 15.74
CA PHE I 396 -19.97 -37.86 15.17
C PHE I 396 -20.69 -38.17 13.87
N THR I 397 -19.97 -38.78 12.93
CA THR I 397 -20.48 -39.08 11.61
C THR I 397 -20.51 -40.59 11.40
N ASN I 398 -21.60 -41.08 10.81
CA ASN I 398 -21.79 -42.49 10.49
C ASN I 398 -21.70 -43.36 11.74
N VAL I 399 -22.66 -43.14 12.64
CA VAL I 399 -22.74 -43.90 13.89
C VAL I 399 -23.55 -45.16 13.66
N TYR I 400 -22.95 -46.31 13.95
CA TYR I 400 -23.58 -47.61 13.73
C TYR I 400 -23.77 -48.32 15.06
N ALA I 401 -24.98 -48.87 15.26
CA ALA I 401 -25.34 -49.59 16.47
C ALA I 401 -25.33 -51.08 16.18
N ASP I 402 -24.56 -51.83 16.97
CA ASP I 402 -24.50 -53.29 16.86
C ASP I 402 -25.03 -53.88 18.16
N SER I 403 -26.07 -54.72 18.06
CA SER I 403 -26.69 -55.34 19.21
C SER I 403 -26.55 -56.84 19.13
N PHE I 404 -26.13 -57.45 20.24
CA PHE I 404 -25.99 -58.90 20.33
C PHE I 404 -25.98 -59.29 21.80
N VAL I 405 -26.04 -60.60 22.05
CA VAL I 405 -26.05 -61.15 23.40
C VAL I 405 -24.88 -62.12 23.55
N ILE I 406 -24.02 -61.85 24.52
CA ILE I 406 -22.87 -62.68 24.83
C ILE I 406 -22.82 -62.91 26.34
N ARG I 407 -21.80 -63.62 26.78
CA ARG I 407 -21.65 -63.94 28.20
C ARG I 407 -20.84 -62.85 28.91
N GLY I 408 -20.75 -62.99 30.23
CA GLY I 408 -20.18 -61.92 31.04
C GLY I 408 -18.69 -61.72 30.83
N ASP I 409 -17.92 -62.80 30.84
CA ASP I 409 -16.46 -62.69 30.84
C ASP I 409 -15.88 -62.41 29.46
N GLU I 410 -16.69 -62.45 28.40
CA GLU I 410 -16.23 -62.11 27.06
C GLU I 410 -16.46 -60.65 26.70
N VAL I 411 -17.00 -59.85 27.62
CA VAL I 411 -17.22 -58.43 27.34
C VAL I 411 -15.89 -57.71 27.12
N ARG I 412 -14.91 -57.97 27.99
CA ARG I 412 -13.61 -57.32 27.86
C ARG I 412 -12.84 -57.78 26.63
N GLN I 413 -13.17 -58.96 26.08
CA GLN I 413 -12.49 -59.43 24.90
C GLN I 413 -12.83 -58.62 23.66
N ILE I 414 -13.92 -57.86 23.69
CA ILE I 414 -14.30 -57.00 22.57
C ILE I 414 -13.63 -55.65 22.81
N ALA I 415 -12.38 -55.54 22.37
CA ALA I 415 -11.60 -54.33 22.56
C ALA I 415 -10.51 -54.29 21.49
N PRO I 416 -10.03 -53.10 21.13
CA PRO I 416 -8.94 -53.02 20.14
C PRO I 416 -7.69 -53.73 20.63
N GLY I 417 -6.96 -54.33 19.69
CA GLY I 417 -5.75 -55.05 20.01
C GLY I 417 -5.97 -56.31 20.81
N GLN I 418 -7.01 -57.09 20.48
CA GLN I 418 -7.31 -58.35 21.15
C GLN I 418 -7.23 -59.48 20.13
N THR I 419 -6.52 -60.55 20.49
CA THR I 419 -6.33 -61.70 19.61
C THR I 419 -6.92 -62.95 20.25
N GLY I 420 -7.32 -63.87 19.41
CA GLY I 420 -7.90 -65.12 19.86
C GLY I 420 -8.60 -65.83 18.72
N LYS I 421 -9.02 -67.06 19.02
CA LYS I 421 -9.70 -67.87 18.01
C LYS I 421 -10.96 -67.18 17.50
N ILE I 422 -11.82 -66.72 18.42
CA ILE I 422 -13.03 -66.00 18.01
C ILE I 422 -12.67 -64.69 17.34
N ALA I 423 -11.67 -63.97 17.87
CA ALA I 423 -11.27 -62.71 17.26
C ALA I 423 -10.72 -62.91 15.86
N ASP I 424 -9.88 -63.93 15.66
CA ASP I 424 -9.26 -64.13 14.35
C ASP I 424 -10.21 -64.75 13.33
N TYR I 425 -11.18 -65.55 13.78
CA TYR I 425 -12.01 -66.30 12.85
C TYR I 425 -13.47 -65.86 12.79
N ASN I 426 -13.99 -65.22 13.84
CA ASN I 426 -15.40 -64.84 13.88
C ASN I 426 -15.63 -63.34 13.74
N TYR I 427 -14.99 -62.53 14.58
CA TYR I 427 -15.17 -61.08 14.52
C TYR I 427 -13.90 -60.42 15.03
N LYS I 428 -13.24 -59.64 14.17
CA LYS I 428 -12.01 -58.95 14.51
C LYS I 428 -12.26 -57.46 14.56
N LEU I 429 -11.93 -56.84 15.69
CA LEU I 429 -12.10 -55.40 15.81
C LEU I 429 -10.93 -54.68 15.13
N PRO I 430 -11.18 -53.51 14.53
CA PRO I 430 -10.08 -52.77 13.90
C PRO I 430 -9.13 -52.20 14.94
N ASP I 431 -7.89 -51.94 14.50
CA ASP I 431 -6.90 -51.34 15.38
C ASP I 431 -7.30 -49.93 15.79
N ASP I 432 -7.92 -49.17 14.87
CA ASP I 432 -8.33 -47.80 15.14
C ASP I 432 -9.80 -47.70 15.55
N PHE I 433 -10.31 -48.70 16.27
CA PHE I 433 -11.69 -48.69 16.70
C PHE I 433 -11.99 -47.48 17.57
N THR I 434 -13.13 -46.84 17.30
CA THR I 434 -13.58 -45.68 18.06
C THR I 434 -15.05 -45.86 18.38
N GLY I 435 -15.39 -45.81 19.67
CA GLY I 435 -16.79 -45.95 20.06
C GLY I 435 -16.90 -46.36 21.52
N CYS I 436 -18.10 -46.85 21.86
CA CYS I 436 -18.41 -47.26 23.22
C CYS I 436 -19.14 -48.59 23.19
N VAL I 437 -19.02 -49.34 24.28
CA VAL I 437 -19.68 -50.63 24.44
C VAL I 437 -20.55 -50.56 25.69
N ILE I 438 -21.82 -50.94 25.55
CA ILE I 438 -22.79 -50.94 26.64
C ILE I 438 -23.33 -52.34 26.81
N ALA I 439 -23.24 -52.88 28.02
CA ALA I 439 -23.74 -54.21 28.34
C ALA I 439 -24.58 -54.13 29.61
N TRP I 440 -25.74 -54.77 29.59
CA TRP I 440 -26.63 -54.80 30.73
C TRP I 440 -27.32 -56.14 30.82
N ASN I 441 -27.66 -56.55 32.04
CA ASN I 441 -28.32 -57.82 32.27
C ASN I 441 -29.78 -57.76 31.85
N SER I 442 -30.27 -58.84 31.25
CA SER I 442 -31.66 -58.97 30.85
C SER I 442 -32.18 -60.36 31.17
N ASN I 443 -31.84 -60.87 32.35
CA ASN I 443 -32.29 -62.20 32.74
C ASN I 443 -33.81 -62.23 32.97
N ASN I 444 -34.39 -61.09 33.34
CA ASN I 444 -35.83 -61.02 33.51
C ASN I 444 -36.60 -61.19 32.20
N LEU I 445 -35.98 -60.84 31.07
CA LEU I 445 -36.62 -60.96 29.77
C LEU I 445 -36.06 -62.09 28.92
N ASP I 446 -34.89 -62.63 29.26
CA ASP I 446 -34.28 -63.70 28.50
C ASP I 446 -34.12 -64.97 29.34
N GLY I 506 -23.27 -70.21 38.20
CA GLY I 506 -22.53 -68.96 38.09
C GLY I 506 -23.41 -67.77 37.75
N VAL I 507 -23.30 -66.72 38.56
CA VAL I 507 -24.08 -65.51 38.31
C VAL I 507 -23.60 -64.81 37.05
N GLY I 508 -22.29 -64.79 36.82
CA GLY I 508 -21.73 -64.14 35.65
C GLY I 508 -21.93 -64.88 34.36
N TYR I 509 -22.41 -66.12 34.41
CA TYR I 509 -22.67 -66.90 33.20
C TYR I 509 -24.02 -66.57 32.57
N GLN I 510 -24.81 -65.71 33.20
CA GLN I 510 -26.10 -65.33 32.64
C GLN I 510 -25.91 -64.49 31.38
N PRO I 511 -26.83 -64.59 30.42
CA PRO I 511 -26.69 -63.81 29.19
C PRO I 511 -26.83 -62.32 29.45
N TYR I 512 -26.10 -61.54 28.66
CA TYR I 512 -26.10 -60.09 28.75
C TYR I 512 -26.29 -59.49 27.37
N ARG I 513 -27.21 -58.53 27.26
CA ARG I 513 -27.39 -57.79 26.02
C ARG I 513 -26.28 -56.76 25.88
N VAL I 514 -25.65 -56.72 24.70
CA VAL I 514 -24.53 -55.83 24.44
C VAL I 514 -24.88 -54.96 23.24
N VAL I 515 -24.74 -53.64 23.38
CA VAL I 515 -24.95 -52.70 22.30
C VAL I 515 -23.69 -51.86 22.15
N VAL I 516 -23.13 -51.85 20.94
CA VAL I 516 -21.88 -51.15 20.65
C VAL I 516 -22.17 -50.07 19.62
N LEU I 517 -21.77 -48.84 19.93
CA LEU I 517 -21.88 -47.71 19.01
C LEU I 517 -20.50 -47.37 18.48
N SER I 518 -20.37 -47.30 17.15
CA SER I 518 -19.10 -47.03 16.50
C SER I 518 -19.15 -45.63 15.89
N PHE I 519 -18.10 -44.85 16.13
CA PHE I 519 -18.01 -43.47 15.65
C PHE I 519 -16.80 -43.32 14.73
N GLU I 520 -16.99 -42.61 13.62
CA GLU I 520 -15.93 -42.34 12.67
C GLU I 520 -15.86 -40.84 12.42
N LEU I 521 -14.65 -40.29 12.49
CA LEU I 521 -14.45 -38.87 12.25
C LEU I 521 -13.74 -38.63 10.92
N ALA I 526 -24.63 -34.65 9.07
CA ALA I 526 -24.18 -33.85 10.19
C ALA I 526 -25.26 -33.73 11.26
N THR I 527 -26.41 -34.37 11.00
CA THR I 527 -27.53 -34.35 11.92
C THR I 527 -27.36 -35.33 13.08
N VAL I 528 -26.32 -36.15 13.05
CA VAL I 528 -26.05 -37.12 14.12
C VAL I 528 -25.10 -36.42 15.09
N CYS I 529 -25.67 -35.88 16.17
CA CYS I 529 -24.90 -35.20 17.21
C CYS I 529 -25.45 -35.60 18.57
N GLY I 530 -24.87 -35.03 19.62
CA GLY I 530 -25.31 -35.28 20.97
C GLY I 530 -26.46 -34.39 21.35
N PRO I 531 -26.45 -33.88 22.58
CA PRO I 531 -27.48 -32.92 23.00
C PRO I 531 -27.29 -31.57 22.31
N LYS I 532 -28.37 -30.79 22.31
CA LYS I 532 -28.38 -29.53 21.57
C LYS I 532 -29.08 -28.47 22.41
N LYS I 533 -28.59 -27.24 22.31
CA LYS I 533 -29.02 -26.16 23.19
C LYS I 533 -30.36 -25.58 22.76
N SER I 534 -31.12 -25.10 23.74
CA SER I 534 -32.46 -24.54 23.53
C SER I 534 -32.63 -23.27 24.37
N THR I 535 -31.67 -22.36 24.26
CA THR I 535 -31.74 -21.11 25.02
C THR I 535 -32.96 -20.29 24.59
N ASN I 536 -33.55 -19.59 25.56
CA ASN I 536 -34.79 -18.87 25.33
C ASN I 536 -34.55 -17.66 24.42
N LEU I 537 -35.65 -17.09 23.92
CA LEU I 537 -35.60 -15.93 23.05
C LEU I 537 -36.01 -14.68 23.81
N VAL I 538 -35.15 -13.66 23.78
CA VAL I 538 -35.49 -12.34 24.28
C VAL I 538 -35.28 -11.35 23.13
N LYS I 539 -36.28 -10.50 22.90
CA LYS I 539 -36.27 -9.55 21.81
C LYS I 539 -36.31 -8.14 22.35
N ASN I 540 -36.17 -7.17 21.45
CA ASN I 540 -36.26 -5.74 21.76
C ASN I 540 -35.14 -5.28 22.69
N LYS I 541 -34.00 -5.98 22.65
CA LYS I 541 -32.81 -5.56 23.39
C LYS I 541 -31.60 -6.23 22.75
N CYS I 542 -30.54 -5.43 22.56
CA CYS I 542 -29.32 -5.91 21.91
C CYS I 542 -28.78 -7.15 22.61
N VAL I 543 -28.69 -8.25 21.87
CA VAL I 543 -28.22 -9.52 22.37
C VAL I 543 -27.28 -10.14 21.34
N ASN I 544 -26.79 -11.33 21.64
CA ASN I 544 -25.96 -12.12 20.73
C ASN I 544 -26.79 -13.33 20.32
N PHE I 545 -27.23 -13.35 19.05
CA PHE I 545 -28.08 -14.42 18.56
C PHE I 545 -27.28 -15.39 17.70
N ASN I 546 -27.47 -16.67 17.95
CA ASN I 546 -26.83 -17.75 17.18
C ASN I 546 -27.97 -18.66 16.70
N PHE I 547 -28.49 -18.37 15.52
CA PHE I 547 -29.64 -19.09 14.98
C PHE I 547 -29.12 -20.24 14.11
N ASN I 548 -29.15 -21.46 14.67
CA ASN I 548 -28.78 -22.67 13.96
C ASN I 548 -27.32 -22.68 13.52
N GLY I 549 -26.57 -21.67 13.92
CA GLY I 549 -25.18 -21.56 13.51
C GLY I 549 -24.82 -20.18 13.02
N LEU I 550 -25.81 -19.45 12.51
CA LEU I 550 -25.59 -18.08 12.06
C LEU I 550 -25.42 -17.18 13.28
N THR I 551 -24.23 -16.61 13.44
CA THR I 551 -23.94 -15.74 14.57
C THR I 551 -24.21 -14.29 14.22
N GLY I 552 -24.34 -13.46 15.25
CA GLY I 552 -24.57 -12.05 15.05
C GLY I 552 -25.07 -11.34 16.28
N THR I 553 -24.65 -10.09 16.46
CA THR I 553 -25.08 -9.26 17.58
C THR I 553 -26.04 -8.19 17.10
N GLY I 554 -27.16 -8.06 17.79
CA GLY I 554 -28.16 -7.09 17.41
C GLY I 554 -29.44 -7.28 18.22
N VAL I 555 -30.46 -6.54 17.80
CA VAL I 555 -31.75 -6.51 18.48
C VAL I 555 -32.82 -7.06 17.54
N LEU I 556 -33.62 -7.99 18.05
CA LEU I 556 -34.65 -8.67 17.27
C LEU I 556 -36.00 -8.02 17.54
N THR I 557 -36.79 -7.83 16.48
CA THR I 557 -38.13 -7.28 16.58
C THR I 557 -39.09 -8.18 15.79
N GLU I 558 -40.34 -7.74 15.71
CA GLU I 558 -41.37 -8.49 15.00
C GLU I 558 -41.48 -7.99 13.56
N SER I 559 -41.31 -8.89 12.60
CA SER I 559 -41.38 -8.57 11.19
C SER I 559 -42.62 -9.19 10.57
N ASN I 560 -43.36 -8.39 9.81
CA ASN I 560 -44.60 -8.83 9.17
C ASN I 560 -44.38 -9.45 7.79
N LYS I 561 -43.16 -9.40 7.27
CA LYS I 561 -42.90 -9.96 5.94
C LYS I 561 -43.02 -11.49 5.98
N LYS I 562 -43.31 -12.06 4.81
CA LYS I 562 -43.63 -13.47 4.69
C LYS I 562 -42.54 -14.20 3.92
N PHE I 563 -42.23 -15.42 4.34
CA PHE I 563 -41.19 -16.23 3.74
C PHE I 563 -41.81 -17.31 2.84
N LEU I 564 -40.95 -18.23 2.36
CA LEU I 564 -41.31 -19.49 1.75
C LEU I 564 -40.89 -20.64 2.64
N PRO I 565 -41.60 -21.76 2.63
CA PRO I 565 -41.35 -22.82 3.63
C PRO I 565 -39.93 -23.32 3.66
N PHE I 566 -39.23 -23.34 2.53
CA PHE I 566 -37.82 -23.72 2.51
C PHE I 566 -36.89 -22.59 2.90
N GLN I 567 -37.32 -21.34 2.72
CA GLN I 567 -36.47 -20.19 2.99
C GLN I 567 -36.37 -19.95 4.50
N GLN I 568 -35.14 -19.81 5.00
CA GLN I 568 -34.87 -19.76 6.43
C GLN I 568 -34.70 -18.33 6.95
N PHE I 569 -33.75 -17.58 6.38
CA PHE I 569 -33.43 -16.26 6.88
C PHE I 569 -33.41 -15.25 5.74
N GLY I 570 -33.91 -14.05 6.01
CA GLY I 570 -33.96 -13.00 5.02
C GLY I 570 -32.62 -12.34 4.80
N ARG I 571 -32.63 -11.34 3.93
CA ARG I 571 -31.40 -10.65 3.58
C ARG I 571 -31.74 -9.40 2.80
N ASP I 572 -30.93 -8.37 2.99
CA ASP I 572 -31.07 -7.11 2.29
C ASP I 572 -30.35 -7.20 0.94
N ILE I 573 -30.19 -6.06 0.26
CA ILE I 573 -29.58 -6.06 -1.07
C ILE I 573 -28.05 -6.18 -1.03
N ALA I 574 -27.44 -6.11 0.14
CA ALA I 574 -25.98 -6.07 0.24
C ALA I 574 -25.48 -7.11 1.24
N ASP I 575 -26.02 -8.32 1.17
CA ASP I 575 -25.62 -9.42 2.04
C ASP I 575 -25.79 -9.06 3.51
N THR I 576 -26.85 -8.32 3.81
CA THR I 576 -27.18 -7.94 5.18
C THR I 576 -28.29 -8.85 5.69
N THR I 577 -27.98 -9.62 6.73
CA THR I 577 -28.94 -10.56 7.30
C THR I 577 -30.02 -9.77 8.04
N ASP I 578 -31.14 -9.55 7.36
CA ASP I 578 -32.16 -8.62 7.82
C ASP I 578 -33.32 -9.34 8.50
N ALA I 579 -33.29 -10.67 8.56
CA ALA I 579 -34.37 -11.42 9.21
C ALA I 579 -33.94 -12.87 9.38
N VAL I 580 -34.50 -13.51 10.41
CA VAL I 580 -34.29 -14.92 10.69
C VAL I 580 -35.56 -15.48 11.30
N ARG I 581 -36.16 -16.49 10.67
CA ARG I 581 -37.26 -17.20 11.29
C ARG I 581 -36.76 -18.06 12.45
N ASP I 582 -37.56 -18.15 13.49
CA ASP I 582 -37.15 -18.90 14.67
C ASP I 582 -37.13 -20.39 14.36
N PRO I 583 -36.02 -21.09 14.64
CA PRO I 583 -35.97 -22.53 14.34
C PRO I 583 -36.97 -23.37 15.12
N GLN I 584 -37.44 -22.90 16.26
CA GLN I 584 -38.37 -23.68 17.09
C GLN I 584 -39.82 -23.36 16.77
N THR I 585 -40.21 -22.11 17.00
CA THR I 585 -41.58 -21.67 16.76
C THR I 585 -41.64 -20.90 15.44
N LEU I 586 -42.84 -20.84 14.86
CA LEU I 586 -43.00 -20.29 13.52
C LEU I 586 -43.40 -18.82 13.61
N GLU I 587 -42.38 -17.97 13.67
CA GLU I 587 -42.56 -16.53 13.53
C GLU I 587 -41.39 -15.98 12.73
N ILE I 588 -41.64 -14.91 11.97
CA ILE I 588 -40.66 -14.32 11.07
C ILE I 588 -40.11 -13.09 11.76
N LEU I 589 -38.95 -13.24 12.39
CA LEU I 589 -38.34 -12.16 13.16
C LEU I 589 -37.65 -11.18 12.23
N ASP I 590 -36.90 -10.25 12.81
CA ASP I 590 -36.17 -9.23 12.06
C ASP I 590 -34.91 -8.89 12.84
N ILE I 591 -33.86 -8.48 12.13
CA ILE I 591 -32.59 -8.12 12.74
C ILE I 591 -32.25 -6.69 12.34
N THR I 592 -32.02 -5.85 13.35
CA THR I 592 -31.58 -4.48 13.15
C THR I 592 -30.35 -4.22 14.00
N PRO I 593 -29.42 -3.41 13.51
CA PRO I 593 -28.16 -3.21 14.23
C PRO I 593 -28.35 -2.46 15.54
N CYS I 594 -27.39 -2.65 16.44
CA CYS I 594 -27.41 -1.96 17.71
C CYS I 594 -27.23 -0.46 17.51
N SER I 595 -27.65 0.30 18.52
CA SER I 595 -27.64 1.75 18.41
C SER I 595 -26.21 2.28 18.51
N PHE I 596 -25.78 3.01 17.48
CA PHE I 596 -24.47 3.64 17.47
C PHE I 596 -24.57 4.98 16.76
N GLY I 597 -23.64 5.87 17.07
CA GLY I 597 -23.62 7.19 16.45
C GLY I 597 -22.48 8.00 17.02
N GLY I 598 -22.37 9.23 16.52
CA GLY I 598 -21.33 10.11 16.98
C GLY I 598 -21.75 10.97 18.16
N VAL I 599 -21.38 10.56 19.37
CA VAL I 599 -21.72 11.35 20.55
C VAL I 599 -20.82 12.58 20.59
N SER I 600 -21.44 13.74 20.48
CA SER I 600 -20.73 15.01 20.42
C SER I 600 -21.08 15.84 21.65
N VAL I 601 -20.14 16.70 22.05
CA VAL I 601 -20.28 17.52 23.23
C VAL I 601 -20.57 18.95 22.79
N ILE I 602 -21.67 19.51 23.27
CA ILE I 602 -22.06 20.88 22.95
C ILE I 602 -21.71 21.76 24.13
N THR I 603 -20.83 22.73 23.90
CA THR I 603 -20.40 23.64 24.95
C THR I 603 -20.31 25.04 24.37
N PRO I 604 -20.52 26.06 25.19
CA PRO I 604 -20.06 27.41 24.82
C PRO I 604 -18.56 27.51 25.11
N GLY I 605 -17.99 28.70 24.95
CA GLY I 605 -16.59 28.86 25.29
C GLY I 605 -16.33 28.56 26.76
N THR I 606 -15.14 28.01 27.03
CA THR I 606 -14.74 27.79 28.41
C THR I 606 -14.65 29.11 29.17
N ASN I 607 -14.23 30.17 28.48
CA ASN I 607 -14.27 31.51 29.06
C ASN I 607 -15.69 31.93 29.40
N THR I 608 -16.68 31.43 28.65
CA THR I 608 -18.06 31.80 28.89
C THR I 608 -18.68 30.94 29.99
N SER I 609 -18.60 29.62 29.85
CA SER I 609 -19.25 28.72 30.79
C SER I 609 -18.47 27.42 30.88
N ASN I 610 -18.79 26.63 31.90
CA ASN I 610 -18.21 25.31 32.10
C ASN I 610 -19.26 24.20 32.04
N GLN I 611 -20.54 24.55 31.97
CA GLN I 611 -21.62 23.58 31.85
C GLN I 611 -21.90 23.29 30.39
N VAL I 612 -22.10 22.02 30.07
CA VAL I 612 -22.09 21.54 28.69
C VAL I 612 -23.32 20.68 28.42
N ALA I 613 -23.60 20.49 27.15
CA ALA I 613 -24.62 19.57 26.68
C ALA I 613 -23.96 18.42 25.93
N VAL I 614 -24.67 17.32 25.75
CA VAL I 614 -24.15 16.15 25.06
C VAL I 614 -25.18 15.70 24.03
N LEU I 615 -24.77 15.67 22.77
CA LEU I 615 -25.61 15.12 21.71
C LEU I 615 -25.26 13.66 21.46
N TYR I 616 -26.28 12.81 21.42
CA TYR I 616 -26.14 11.42 21.01
C TYR I 616 -26.74 11.30 19.62
N GLN I 617 -25.91 10.97 18.63
CA GLN I 617 -26.27 11.16 17.23
C GLN I 617 -27.04 9.97 16.68
N GLY I 618 -28.21 10.26 16.10
CA GLY I 618 -28.97 9.25 15.37
C GLY I 618 -29.47 8.10 16.22
N VAL I 619 -29.54 8.29 17.54
CA VAL I 619 -29.94 7.22 18.45
C VAL I 619 -30.89 7.79 19.49
N ASN I 620 -32.07 7.17 19.62
CA ASN I 620 -32.95 7.49 20.73
C ASN I 620 -32.36 7.06 22.06
N CYS I 621 -32.69 7.81 23.12
CA CYS I 621 -32.20 7.53 24.45
C CYS I 621 -33.23 6.80 25.30
N THR I 622 -34.01 5.91 24.68
CA THR I 622 -34.85 5.01 25.46
C THR I 622 -34.00 4.14 26.37
N GLU I 623 -32.84 3.71 25.89
CA GLU I 623 -31.88 3.00 26.73
C GLU I 623 -31.12 3.95 27.66
N VAL I 624 -30.81 5.16 27.20
CA VAL I 624 -30.07 6.13 28.01
C VAL I 624 -30.86 7.42 28.14
N SER I 644 -34.02 15.26 35.24
CA SER I 644 -34.09 14.48 34.02
C SER I 644 -33.44 15.23 32.86
N ASN I 645 -32.75 14.49 31.99
CA ASN I 645 -32.06 15.07 30.83
C ASN I 645 -32.39 14.20 29.63
N VAL I 646 -33.33 14.67 28.81
CA VAL I 646 -33.83 13.92 27.66
C VAL I 646 -34.43 14.89 26.65
N PHE I 647 -34.06 14.72 25.38
CA PHE I 647 -34.68 15.50 24.29
C PHE I 647 -34.46 14.74 22.99
N GLN I 648 -35.53 14.17 22.44
CA GLN I 648 -35.45 13.47 21.17
C GLN I 648 -35.45 14.42 19.98
N THR I 649 -34.83 13.96 18.90
CA THR I 649 -34.83 14.61 17.60
C THR I 649 -34.36 13.56 16.60
N ARG I 650 -34.65 13.79 15.31
CA ARG I 650 -34.16 12.89 14.29
C ARG I 650 -32.64 12.81 14.28
N ALA I 651 -31.97 13.82 14.83
CA ALA I 651 -30.53 13.77 15.07
C ALA I 651 -30.16 12.85 16.23
N GLY I 652 -31.07 12.62 17.17
CA GLY I 652 -30.81 11.78 18.32
C GLY I 652 -31.09 12.51 19.62
N CYS I 653 -30.89 11.79 20.71
CA CYS I 653 -31.19 12.30 22.04
C CYS I 653 -30.18 13.36 22.47
N LEU I 654 -30.69 14.46 22.98
CA LEU I 654 -29.89 15.61 23.37
C LEU I 654 -29.90 15.74 24.88
N ILE I 655 -28.74 15.54 25.50
CA ILE I 655 -28.61 15.55 26.95
C ILE I 655 -28.05 16.90 27.38
N GLY I 656 -28.52 17.37 28.52
CA GLY I 656 -28.05 18.62 29.08
C GLY I 656 -28.94 19.81 28.79
N ALA I 657 -29.05 20.19 27.52
CA ALA I 657 -29.88 21.33 27.17
C ALA I 657 -31.36 20.99 27.27
N GLU I 658 -32.18 22.03 27.23
CA GLU I 658 -33.62 21.92 27.41
C GLU I 658 -34.36 22.53 26.22
N HIS I 659 -35.44 21.88 25.83
CA HIS I 659 -36.26 22.37 24.72
C HIS I 659 -36.87 23.72 25.10
N VAL I 660 -36.85 24.65 24.15
CA VAL I 660 -37.62 25.89 24.24
C VAL I 660 -38.41 26.04 22.95
N ASN I 661 -39.72 26.23 23.08
CA ASN I 661 -40.56 26.39 21.89
C ASN I 661 -40.24 27.68 21.15
N ASN I 662 -39.82 28.71 21.88
CA ASN I 662 -39.29 29.89 21.24
C ASN I 662 -37.99 29.55 20.54
N SER I 663 -37.76 30.17 19.39
CA SER I 663 -36.62 29.84 18.54
C SER I 663 -35.79 31.08 18.22
N TYR I 664 -34.50 30.86 18.02
CA TYR I 664 -33.55 31.93 17.72
C TYR I 664 -32.72 31.51 16.51
N GLU I 665 -31.81 32.39 16.11
CA GLU I 665 -30.82 32.03 15.10
C GLU I 665 -29.88 30.96 15.65
N CYS I 666 -29.43 30.09 14.77
CA CYS I 666 -28.60 28.96 15.19
C CYS I 666 -27.26 29.44 15.74
N ASP I 667 -26.84 28.83 16.84
CA ASP I 667 -25.53 29.08 17.42
C ASP I 667 -24.63 27.86 17.31
N ILE I 668 -25.08 26.71 17.79
CA ILE I 668 -24.34 25.46 17.67
C ILE I 668 -25.23 24.45 16.96
N PRO I 669 -25.10 24.29 15.65
CA PRO I 669 -25.94 23.31 14.93
C PRO I 669 -25.76 21.90 15.49
N ILE I 670 -26.86 21.16 15.51
CA ILE I 670 -26.92 19.86 16.15
C ILE I 670 -27.26 18.75 15.16
N GLY I 671 -28.28 18.97 14.35
CA GLY I 671 -28.71 18.00 13.35
C GLY I 671 -30.22 17.95 13.30
N ALA I 672 -30.76 17.75 12.10
CA ALA I 672 -32.17 17.51 11.85
C ALA I 672 -33.07 18.64 12.37
N GLY I 673 -32.55 19.85 12.53
CA GLY I 673 -33.34 21.00 12.92
C GLY I 673 -32.89 21.68 14.19
N ILE I 674 -32.55 20.93 15.23
CA ILE I 674 -32.29 21.53 16.53
C ILE I 674 -30.94 22.22 16.54
N CYS I 675 -30.88 23.36 17.22
CA CYS I 675 -29.63 24.07 17.46
C CYS I 675 -29.50 24.29 18.96
N ALA I 676 -28.26 24.39 19.44
CA ALA I 676 -28.00 24.65 20.84
C ALA I 676 -27.38 26.03 21.02
N SER I 677 -27.59 26.60 22.19
CA SER I 677 -27.07 27.91 22.53
C SER I 677 -26.89 27.96 24.04
N TYR I 678 -26.45 29.12 24.54
CA TYR I 678 -26.27 29.34 25.98
C TYR I 678 -26.90 30.69 26.31
N GLN I 679 -28.19 30.67 26.60
CA GLN I 679 -28.97 31.87 26.90
C GLN I 679 -30.28 31.44 27.53
N THR I 680 -31.19 32.39 27.72
CA THR I 680 -32.50 32.11 28.27
C THR I 680 -33.58 32.23 27.19
N SER I 693 -30.79 34.00 34.53
CA SER I 693 -30.60 32.55 34.43
C SER I 693 -30.25 32.14 33.00
N GLN I 694 -28.95 31.98 32.74
CA GLN I 694 -28.48 31.57 31.42
C GLN I 694 -28.05 30.12 31.48
N SER I 695 -28.57 29.32 30.54
CA SER I 695 -28.27 27.89 30.50
C SER I 695 -28.24 27.45 29.04
N ILE I 696 -27.97 26.16 28.84
CA ILE I 696 -27.92 25.57 27.51
C ILE I 696 -29.33 25.20 27.08
N ILE I 697 -29.74 25.68 25.91
CA ILE I 697 -31.10 25.46 25.40
C ILE I 697 -31.01 24.80 24.03
N ALA I 698 -31.85 23.78 23.83
CA ALA I 698 -32.01 23.12 22.54
C ALA I 698 -33.31 23.60 21.91
N TYR I 699 -33.30 23.84 20.61
CA TYR I 699 -34.46 24.41 19.96
C TYR I 699 -34.37 24.26 18.45
N THR I 700 -35.52 24.09 17.82
CA THR I 700 -35.58 24.16 16.36
C THR I 700 -35.18 25.55 15.92
N MET I 701 -34.15 25.63 15.06
CA MET I 701 -33.61 26.93 14.68
C MET I 701 -34.63 27.73 13.90
N SER I 702 -34.65 29.05 14.16
CA SER I 702 -35.64 29.94 13.54
C SER I 702 -35.50 29.97 12.03
N LEU I 703 -34.28 29.75 11.53
CA LEU I 703 -33.86 30.00 10.15
C LEU I 703 -33.86 31.48 9.84
N GLY I 704 -33.94 32.33 10.86
CA GLY I 704 -34.27 33.72 10.68
C GLY I 704 -35.73 34.00 11.04
N ALA I 705 -36.02 35.27 11.29
CA ALA I 705 -37.37 35.67 11.66
C ALA I 705 -38.32 35.42 10.49
N GLU I 706 -39.52 34.96 10.81
CA GLU I 706 -40.52 34.67 9.79
C GLU I 706 -41.11 35.95 9.22
N ASN I 707 -40.33 36.65 8.40
CA ASN I 707 -40.77 37.91 7.81
C ASN I 707 -41.66 37.60 6.61
N SER I 708 -42.95 37.83 6.78
CA SER I 708 -43.88 37.77 5.65
C SER I 708 -43.71 39.03 4.81
N VAL I 709 -43.04 38.89 3.66
CA VAL I 709 -42.78 40.05 2.80
C VAL I 709 -44.10 40.64 2.34
N ALA I 710 -44.22 41.95 2.42
CA ALA I 710 -45.48 42.62 2.14
C ALA I 710 -45.78 42.66 0.65
N TYR I 711 -45.99 41.49 0.05
CA TYR I 711 -46.32 41.43 -1.37
C TYR I 711 -47.74 41.91 -1.62
N SER I 712 -47.93 42.64 -2.71
CA SER I 712 -49.24 43.01 -3.21
C SER I 712 -49.10 43.33 -4.69
N ASN I 713 -50.21 43.73 -5.31
CA ASN I 713 -50.17 44.14 -6.71
C ASN I 713 -49.29 45.36 -6.94
N ASN I 714 -49.10 46.20 -5.91
CA ASN I 714 -48.39 47.45 -6.08
C ASN I 714 -47.37 47.75 -4.99
N SER I 715 -47.23 46.90 -3.98
CA SER I 715 -46.33 47.22 -2.87
C SER I 715 -44.88 47.03 -3.30
N ILE I 716 -44.04 48.04 -3.01
CA ILE I 716 -42.60 47.98 -3.24
C ILE I 716 -41.90 48.53 -2.02
N ALA I 717 -40.62 48.16 -1.89
CA ALA I 717 -39.76 48.66 -0.82
C ALA I 717 -38.51 49.23 -1.46
N ILE I 718 -38.34 50.55 -1.36
CA ILE I 718 -37.16 51.24 -1.88
C ILE I 718 -36.31 51.70 -0.70
N PRO I 719 -35.04 51.32 -0.64
CA PRO I 719 -34.18 51.78 0.45
C PRO I 719 -33.83 53.24 0.28
N THR I 720 -34.05 54.02 1.33
CA THR I 720 -33.75 55.44 1.32
C THR I 720 -32.31 55.77 1.69
N ASN I 721 -31.64 54.86 2.40
CA ASN I 721 -30.28 55.08 2.87
C ASN I 721 -29.44 53.86 2.56
N PHE I 722 -28.13 54.02 2.73
CA PHE I 722 -27.16 53.05 2.22
C PHE I 722 -26.13 52.74 3.30
N THR I 723 -25.61 51.52 3.26
CA THR I 723 -24.53 51.10 4.16
C THR I 723 -23.34 50.67 3.33
N ILE I 724 -22.25 51.42 3.42
CA ILE I 724 -20.99 50.98 2.83
C ILE I 724 -20.43 49.89 3.72
N SER I 725 -20.55 48.64 3.28
CA SER I 725 -20.06 47.51 4.05
C SER I 725 -18.73 47.07 3.47
N VAL I 726 -17.66 47.22 4.26
CA VAL I 726 -16.34 46.72 3.85
C VAL I 726 -16.29 45.28 4.33
N THR I 727 -16.90 44.40 3.53
CA THR I 727 -16.85 42.98 3.80
C THR I 727 -15.42 42.49 3.71
N THR I 728 -15.11 41.43 4.45
CA THR I 728 -13.77 40.86 4.48
C THR I 728 -13.88 39.39 4.09
N GLU I 729 -13.62 39.11 2.82
CA GLU I 729 -13.48 37.74 2.34
C GLU I 729 -11.99 37.44 2.28
N ILE I 730 -11.60 36.32 2.88
CA ILE I 730 -10.19 36.01 3.04
C ILE I 730 -9.89 34.73 2.28
N LEU I 731 -9.43 34.87 1.04
CA LEU I 731 -9.25 33.67 0.26
C LEU I 731 -7.85 33.10 0.45
N PRO I 732 -7.75 31.79 0.48
CA PRO I 732 -6.43 31.15 0.41
C PRO I 732 -5.91 31.17 -1.02
N VAL I 733 -4.74 31.77 -1.21
CA VAL I 733 -4.12 31.90 -2.52
C VAL I 733 -3.04 30.83 -2.69
N SER I 734 -2.07 30.86 -1.81
CA SER I 734 -0.97 29.91 -1.83
C SER I 734 -1.00 29.08 -0.56
N MET I 735 -0.03 28.19 -0.43
CA MET I 735 0.16 27.42 0.78
C MET I 735 1.65 27.11 0.87
N THR I 736 2.09 26.73 2.06
CA THR I 736 3.49 26.36 2.24
C THR I 736 3.94 25.40 1.14
N LYS I 737 5.00 25.78 0.44
CA LYS I 737 5.42 25.12 -0.79
C LYS I 737 6.14 23.80 -0.55
N THR I 738 5.95 23.21 0.64
CA THR I 738 6.72 22.07 1.10
C THR I 738 7.02 21.08 -0.01
N SER I 739 8.29 20.75 -0.17
CA SER I 739 8.76 19.78 -1.14
C SER I 739 9.60 18.75 -0.40
N VAL I 740 9.41 17.49 -0.74
CA VAL I 740 9.93 16.37 0.04
C VAL I 740 11.05 15.69 -0.72
N ASP I 741 12.02 15.17 0.02
CA ASP I 741 13.02 14.25 -0.49
C ASP I 741 12.81 12.90 0.18
N CYS I 742 12.49 11.88 -0.63
CA CYS I 742 12.30 10.54 -0.09
C CYS I 742 13.54 10.06 0.65
N THR I 743 14.72 10.39 0.12
CA THR I 743 15.96 9.89 0.69
C THR I 743 16.17 10.34 2.13
N MET I 744 15.46 11.37 2.58
CA MET I 744 15.46 11.76 3.99
C MET I 744 14.14 11.50 4.70
N TYR I 745 13.01 11.78 4.07
CA TYR I 745 11.75 11.57 4.76
C TYR I 745 11.51 10.09 5.01
N ILE I 746 11.44 9.29 3.95
CA ILE I 746 11.15 7.87 4.11
C ILE I 746 12.35 7.15 4.72
N CYS I 747 13.56 7.54 4.33
CA CYS I 747 14.77 6.78 4.62
C CYS I 747 15.86 7.69 5.18
N GLY I 748 15.53 8.44 6.22
CA GLY I 748 16.46 9.40 6.79
C GLY I 748 17.79 8.83 7.23
N ASP I 749 18.87 9.34 6.64
CA ASP I 749 20.24 8.94 6.99
C ASP I 749 20.45 7.44 6.89
N SER I 750 19.73 6.79 5.98
CA SER I 750 19.87 5.36 5.75
C SER I 750 20.17 5.11 4.28
N THR I 751 21.24 4.34 4.03
CA THR I 751 21.66 4.06 2.66
C THR I 751 20.88 2.91 2.04
N GLU I 752 20.78 1.79 2.76
CA GLU I 752 20.09 0.62 2.22
C GLU I 752 18.60 0.86 2.07
N CYS I 753 18.03 1.76 2.87
CA CYS I 753 16.63 2.11 2.69
C CYS I 753 16.41 2.82 1.36
N SER I 754 17.39 3.61 0.91
CA SER I 754 17.29 4.23 -0.41
C SER I 754 17.29 3.17 -1.51
N ASN I 755 18.10 2.13 -1.37
CA ASN I 755 18.09 1.04 -2.35
C ASN I 755 16.76 0.30 -2.33
N LEU I 756 16.24 -0.01 -1.15
CA LEU I 756 14.93 -0.66 -1.07
C LEU I 756 13.81 0.24 -1.58
N LEU I 757 14.02 1.55 -1.55
CA LEU I 757 13.05 2.48 -2.12
C LEU I 757 13.14 2.53 -3.63
N LEU I 758 14.36 2.42 -4.18
CA LEU I 758 14.52 2.27 -5.61
C LEU I 758 13.93 0.94 -6.09
N GLN I 759 13.88 -0.05 -5.20
CA GLN I 759 13.18 -1.28 -5.50
C GLN I 759 11.69 -1.05 -5.75
N TYR I 760 11.15 0.09 -5.32
CA TYR I 760 9.76 0.44 -5.58
C TYR I 760 9.57 1.15 -6.92
N GLY I 761 10.62 1.31 -7.69
CA GLY I 761 10.50 1.79 -9.06
C GLY I 761 10.62 3.31 -9.15
N SER I 762 9.49 3.97 -9.46
CA SER I 762 9.51 5.36 -9.85
C SER I 762 8.47 6.18 -9.09
N PHE I 763 8.10 5.74 -7.89
CA PHE I 763 7.07 6.46 -7.15
C PHE I 763 7.60 7.72 -6.49
N CYS I 764 8.87 7.76 -6.09
CA CYS I 764 9.39 8.96 -5.44
C CYS I 764 9.68 10.08 -6.42
N THR I 765 10.20 9.77 -7.61
CA THR I 765 10.34 10.84 -8.58
C THR I 765 8.97 11.33 -9.06
N GLN I 766 7.97 10.44 -9.08
CA GLN I 766 6.61 10.86 -9.37
C GLN I 766 6.06 11.77 -8.28
N LEU I 767 6.32 11.43 -7.01
CA LEU I 767 5.87 12.24 -5.90
C LEU I 767 6.55 13.61 -5.90
N ASN I 768 7.85 13.63 -6.19
CA ASN I 768 8.56 14.90 -6.27
C ASN I 768 8.13 15.72 -7.48
N ARG I 769 7.77 15.07 -8.58
CA ARG I 769 7.19 15.79 -9.71
C ARG I 769 5.85 16.40 -9.33
N ALA I 770 5.02 15.64 -8.60
CA ALA I 770 3.73 16.17 -8.14
C ALA I 770 3.93 17.34 -7.20
N LEU I 771 4.88 17.24 -6.27
CA LEU I 771 5.10 18.32 -5.31
C LEU I 771 5.78 19.52 -5.94
N THR I 772 6.65 19.31 -6.93
CA THR I 772 7.24 20.42 -7.66
C THR I 772 6.20 21.11 -8.51
N GLY I 773 5.28 20.34 -9.10
CA GLY I 773 4.14 20.96 -9.75
C GLY I 773 3.28 21.73 -8.79
N ILE I 774 3.12 21.22 -7.57
CA ILE I 774 2.36 21.93 -6.54
C ILE I 774 3.06 23.25 -6.19
N ALA I 775 4.38 23.23 -6.05
CA ALA I 775 5.11 24.43 -5.63
C ALA I 775 5.16 25.47 -6.76
N VAL I 776 5.44 25.03 -7.98
CA VAL I 776 5.34 25.93 -9.12
C VAL I 776 3.91 26.42 -9.27
N GLU I 777 2.94 25.60 -8.85
CA GLU I 777 1.54 26.00 -8.85
C GLU I 777 1.28 27.08 -7.81
N GLN I 778 1.94 26.99 -6.65
CA GLN I 778 1.79 28.05 -5.65
C GLN I 778 2.41 29.34 -6.13
N ASP I 779 3.57 29.25 -6.78
CA ASP I 779 4.19 30.44 -7.37
C ASP I 779 3.28 31.02 -8.45
N LYS I 780 2.69 30.15 -9.29
CA LYS I 780 1.68 30.61 -10.23
C LYS I 780 0.55 31.33 -9.51
N ASN I 781 -0.15 30.62 -8.62
CA ASN I 781 -1.23 31.19 -7.83
C ASN I 781 -0.89 32.59 -7.37
N THR I 782 0.29 32.76 -6.80
CA THR I 782 0.76 34.09 -6.43
C THR I 782 0.88 35.02 -7.64
N GLN I 783 1.29 34.50 -8.80
CA GLN I 783 1.46 35.34 -9.98
C GLN I 783 0.12 35.82 -10.54
N GLU I 784 -0.84 34.92 -10.74
CA GLU I 784 -2.13 35.41 -11.24
C GLU I 784 -2.98 36.07 -10.17
N VAL I 785 -2.67 35.93 -8.89
CA VAL I 785 -3.40 36.70 -7.89
C VAL I 785 -2.76 38.08 -7.72
N PHE I 786 -1.51 38.12 -7.26
CA PHE I 786 -0.84 39.37 -6.93
C PHE I 786 -0.16 40.00 -8.13
N ALA I 787 0.50 39.22 -8.99
CA ALA I 787 1.15 39.80 -10.14
C ALA I 787 0.18 39.97 -11.30
N GLN I 788 -0.98 40.57 -11.04
CA GLN I 788 -1.86 41.06 -12.09
C GLN I 788 -1.39 42.39 -12.64
N VAL I 789 -0.20 42.83 -12.26
CA VAL I 789 0.31 44.17 -12.56
C VAL I 789 1.67 44.01 -13.24
N LYS I 790 1.88 44.75 -14.32
CA LYS I 790 3.13 44.64 -15.06
C LYS I 790 4.23 45.43 -14.38
N GLN I 791 3.99 46.72 -14.14
CA GLN I 791 4.94 47.57 -13.47
C GLN I 791 4.74 47.46 -11.95
N ILE I 792 5.37 48.34 -11.19
CA ILE I 792 5.14 48.45 -9.75
C ILE I 792 4.81 49.89 -9.43
N TYR I 793 3.59 50.12 -8.95
CA TYR I 793 3.07 51.47 -8.87
C TYR I 793 3.12 51.96 -7.42
N LYS I 794 3.41 53.24 -7.27
CA LYS I 794 3.60 53.85 -5.96
C LYS I 794 2.51 54.88 -5.72
N THR I 795 1.96 54.88 -4.51
CA THR I 795 1.05 55.94 -4.12
C THR I 795 1.83 57.23 -3.88
N PRO I 796 1.37 58.35 -4.41
CA PRO I 796 2.10 59.59 -4.23
C PRO I 796 2.10 60.01 -2.77
N PRO I 797 3.14 60.73 -2.32
CA PRO I 797 3.14 61.18 -0.92
C PRO I 797 1.95 62.03 -0.56
N ILE I 798 1.44 62.82 -1.51
CA ILE I 798 0.21 63.57 -1.30
C ILE I 798 -0.98 62.67 -1.56
N LYS I 799 -1.83 62.48 -0.55
CA LYS I 799 -2.99 61.60 -0.63
C LYS I 799 -4.25 62.43 -0.40
N ASP I 800 -5.03 62.64 -1.45
CA ASP I 800 -6.27 63.40 -1.40
C ASP I 800 -7.41 62.56 -1.98
N PHE I 801 -7.55 61.33 -1.49
CA PHE I 801 -8.50 60.39 -2.07
C PHE I 801 -9.91 60.67 -1.60
N GLY I 802 -10.36 61.91 -1.74
CA GLY I 802 -11.69 62.31 -1.31
C GLY I 802 -11.94 62.09 0.18
N GLY I 803 -10.89 61.74 0.92
CA GLY I 803 -11.01 61.41 2.33
C GLY I 803 -10.95 59.94 2.65
N PHE I 804 -10.80 59.07 1.66
CA PHE I 804 -10.76 57.63 1.89
C PHE I 804 -9.43 57.29 2.55
N ASN I 805 -9.47 57.04 3.85
CA ASN I 805 -8.26 56.84 4.64
C ASN I 805 -7.67 55.47 4.34
N PHE I 806 -6.54 55.45 3.64
CA PHE I 806 -5.82 54.22 3.33
C PHE I 806 -4.52 54.11 4.11
N SER I 807 -4.38 54.89 5.18
CA SER I 807 -3.14 54.89 5.96
C SER I 807 -2.82 53.50 6.48
N GLN I 808 -3.80 52.84 7.11
CA GLN I 808 -3.64 51.47 7.55
C GLN I 808 -3.83 50.46 6.42
N ILE I 809 -4.13 50.92 5.22
CA ILE I 809 -4.22 50.07 4.04
C ILE I 809 -2.95 50.16 3.20
N LEU I 810 -2.51 51.39 2.90
CA LEU I 810 -1.27 51.58 2.16
C LEU I 810 -0.07 51.28 3.06
N PRO I 811 1.05 50.84 2.49
CA PRO I 811 2.23 50.56 3.32
C PRO I 811 2.78 51.82 3.95
N ASP I 812 3.34 51.67 5.15
CA ASP I 812 3.96 52.79 5.84
C ASP I 812 5.44 52.53 6.03
N PRO I 813 6.32 53.44 5.59
CA PRO I 813 7.76 53.19 5.74
C PRO I 813 8.24 53.29 7.18
N SER I 814 7.41 53.83 8.08
CA SER I 814 7.82 53.97 9.48
C SER I 814 8.05 52.63 10.16
N LYS I 815 7.22 51.63 9.86
CA LYS I 815 7.41 50.31 10.46
C LYS I 815 8.67 49.65 9.88
N PRO I 816 9.34 48.80 10.66
CA PRO I 816 10.50 48.09 10.12
C PRO I 816 10.18 47.24 8.91
N SER I 817 9.00 46.63 8.87
CA SER I 817 8.56 45.83 7.75
C SER I 817 7.69 46.67 6.84
N LYS I 818 7.99 46.65 5.54
CA LYS I 818 7.24 47.43 4.57
C LYS I 818 5.89 46.80 4.31
N ARG I 819 4.90 47.13 5.15
CA ARG I 819 3.55 46.62 5.06
C ARG I 819 2.60 47.68 5.56
N SER I 820 1.34 47.31 5.73
CA SER I 820 0.35 48.20 6.31
C SER I 820 -0.03 47.74 7.71
N PHE I 821 -0.70 48.62 8.43
CA PHE I 821 -1.17 48.27 9.78
C PHE I 821 -2.13 47.09 9.72
N ILE I 822 -3.09 47.13 8.79
CA ILE I 822 -4.03 46.03 8.64
C ILE I 822 -3.30 44.76 8.22
N GLU I 823 -2.33 44.88 7.32
CA GLU I 823 -1.59 43.70 6.87
C GLU I 823 -0.69 43.15 7.97
N ASP I 824 -0.13 44.00 8.82
CA ASP I 824 0.61 43.52 9.98
C ASP I 824 -0.31 42.82 10.98
N LEU I 825 -1.52 43.35 11.17
CA LEU I 825 -2.50 42.65 11.99
C LEU I 825 -2.82 41.28 11.41
N LEU I 826 -2.97 41.20 10.08
CA LEU I 826 -3.26 39.92 9.45
C LEU I 826 -2.09 38.96 9.59
N PHE I 827 -0.86 39.47 9.57
CA PHE I 827 0.31 38.61 9.77
C PHE I 827 0.38 38.11 11.20
N ASN I 828 0.03 38.95 12.17
CA ASN I 828 0.10 38.55 13.58
C ASN I 828 -1.01 37.56 13.92
N LYS I 829 -2.24 37.83 13.46
CA LYS I 829 -3.37 36.97 13.79
C LYS I 829 -3.19 35.57 13.22
N VAL I 830 -2.67 35.47 12.00
CA VAL I 830 -2.45 34.17 11.37
C VAL I 830 -1.07 33.67 11.77
N THR I 831 -1.03 32.47 12.33
CA THR I 831 0.24 31.88 12.76
C THR I 831 1.04 31.37 11.57
N LYS I 858 9.75 19.68 12.05
CA LYS I 858 9.47 20.35 10.79
C LYS I 858 10.50 19.95 9.73
N PHE I 859 11.77 20.07 10.07
CA PHE I 859 12.86 19.79 9.14
C PHE I 859 13.38 18.37 9.40
N ASN I 860 12.61 17.38 8.95
CA ASN I 860 12.97 15.97 9.10
C ASN I 860 12.81 15.31 7.72
N GLY I 861 13.52 15.88 6.74
CA GLY I 861 13.36 15.51 5.35
C GLY I 861 12.40 16.42 4.61
N LEU I 862 11.56 17.13 5.34
CA LEU I 862 10.62 18.08 4.76
C LEU I 862 11.34 19.40 4.54
N THR I 863 11.45 19.82 3.29
CA THR I 863 12.10 21.07 2.93
C THR I 863 11.03 22.08 2.58
N VAL I 864 10.74 23.00 3.51
CA VAL I 864 9.84 24.12 3.22
C VAL I 864 10.71 25.13 2.47
N LEU I 865 10.74 24.99 1.15
CA LEU I 865 11.48 25.95 0.36
C LEU I 865 10.73 27.28 0.38
N PRO I 866 11.45 28.40 0.41
CA PRO I 866 10.80 29.70 0.65
C PRO I 866 9.79 30.01 -0.43
N PRO I 867 8.86 30.93 -0.17
CA PRO I 867 8.02 31.41 -1.26
C PRO I 867 8.89 32.12 -2.28
N LEU I 868 8.89 31.60 -3.51
CA LEU I 868 9.67 32.19 -4.60
C LEU I 868 9.50 33.69 -4.66
N LEU I 869 8.33 34.18 -4.22
CA LEU I 869 8.06 35.60 -4.05
C LEU I 869 7.97 35.87 -2.55
N THR I 870 8.94 36.61 -2.01
CA THR I 870 9.02 36.84 -0.58
C THR I 870 7.79 37.57 -0.06
N ASP I 871 7.53 37.40 1.23
CA ASP I 871 6.38 38.05 1.86
C ASP I 871 6.48 39.57 1.75
N GLU I 872 7.69 40.11 1.88
CA GLU I 872 7.88 41.53 1.64
C GLU I 872 7.59 41.89 0.18
N MET I 873 8.01 41.04 -0.74
CA MET I 873 7.77 41.32 -2.16
C MET I 873 6.38 40.88 -2.61
N ILE I 874 5.79 39.86 -1.98
CA ILE I 874 4.36 39.62 -2.16
C ILE I 874 3.57 40.85 -1.72
N ALA I 875 3.95 41.44 -0.58
CA ALA I 875 3.35 42.69 -0.15
C ALA I 875 3.68 43.84 -1.07
N GLN I 876 4.80 43.78 -1.79
CA GLN I 876 5.11 44.83 -2.77
C GLN I 876 4.19 44.73 -3.99
N TYR I 877 3.96 43.51 -4.50
CA TYR I 877 2.88 43.31 -5.47
C TYR I 877 1.53 43.78 -4.93
N THR I 878 1.23 43.47 -3.67
CA THR I 878 -0.04 43.90 -3.09
C THR I 878 -0.13 45.42 -3.06
N SER I 879 0.98 46.09 -2.72
CA SER I 879 1.01 47.54 -2.69
C SER I 879 0.88 48.12 -4.09
N ALA I 880 1.50 47.48 -5.08
CA ALA I 880 1.34 47.92 -6.46
C ALA I 880 -0.11 47.77 -6.92
N LEU I 881 -0.75 46.66 -6.54
CA LEU I 881 -2.16 46.46 -6.84
C LEU I 881 -3.02 47.54 -6.19
N LEU I 882 -2.76 47.83 -4.91
CA LEU I 882 -3.51 48.87 -4.21
C LEU I 882 -3.28 50.23 -4.85
N ALA I 883 -2.02 50.54 -5.20
CA ALA I 883 -1.72 51.82 -5.82
C ALA I 883 -2.37 51.95 -7.19
N GLY I 884 -2.40 50.86 -7.96
CA GLY I 884 -3.09 50.88 -9.23
C GLY I 884 -4.59 51.06 -9.07
N THR I 885 -5.17 50.38 -8.08
CA THR I 885 -6.61 50.50 -7.84
C THR I 885 -6.98 51.92 -7.43
N ILE I 886 -6.20 52.51 -6.51
CA ILE I 886 -6.50 53.85 -6.04
C ILE I 886 -6.23 54.89 -7.11
N THR I 887 -5.09 54.75 -7.80
CA THR I 887 -4.65 55.77 -8.76
C THR I 887 -5.28 55.54 -10.13
N SER I 888 -5.23 54.31 -10.64
CA SER I 888 -5.68 54.02 -12.00
C SER I 888 -7.06 53.41 -12.09
N GLY I 889 -7.56 52.78 -11.03
CA GLY I 889 -8.89 52.19 -11.09
C GLY I 889 -8.83 50.80 -11.67
N TRP I 890 -9.79 50.47 -12.53
CA TRP I 890 -9.71 49.23 -13.28
C TRP I 890 -8.82 49.34 -14.52
N THR I 891 -8.48 50.56 -14.93
CA THR I 891 -7.68 50.76 -16.12
C THR I 891 -6.20 50.58 -15.83
N PHE I 892 -5.84 49.47 -15.19
CA PHE I 892 -4.45 49.04 -15.10
C PHE I 892 -4.28 47.56 -15.32
N GLY I 893 -5.37 46.79 -15.34
CA GLY I 893 -5.30 45.37 -15.66
C GLY I 893 -5.65 45.10 -17.10
N ALA I 894 -6.10 46.13 -17.80
CA ALA I 894 -6.31 46.09 -19.24
C ALA I 894 -5.09 46.52 -20.03
N GLY I 895 -3.99 46.84 -19.35
CA GLY I 895 -2.79 47.36 -19.98
C GLY I 895 -1.98 48.19 -19.02
N ALA I 896 -1.61 49.40 -19.43
CA ALA I 896 -0.91 50.33 -18.56
C ALA I 896 -1.88 50.93 -17.55
N ALA I 897 -1.33 51.59 -16.53
CA ALA I 897 -2.14 52.24 -15.53
C ALA I 897 -2.56 53.63 -16.01
N LEU I 898 -3.81 54.00 -15.74
CA LEU I 898 -4.42 55.22 -16.24
C LEU I 898 -4.98 55.99 -15.05
N GLN I 899 -4.30 57.06 -14.63
CA GLN I 899 -4.63 57.73 -13.38
C GLN I 899 -6.08 58.23 -13.38
N ILE I 900 -6.77 57.96 -12.28
CA ILE I 900 -8.14 58.41 -12.03
C ILE I 900 -8.23 58.79 -10.55
N PRO I 901 -8.70 59.99 -10.23
CA PRO I 901 -8.87 60.35 -8.81
C PRO I 901 -9.82 59.38 -8.12
N PHE I 902 -9.50 59.07 -6.86
CA PHE I 902 -10.25 58.04 -6.15
C PHE I 902 -11.71 58.43 -5.94
N ALA I 903 -11.96 59.70 -5.63
CA ALA I 903 -13.31 60.16 -5.39
C ALA I 903 -14.20 60.02 -6.61
N MET I 904 -13.62 59.93 -7.81
CA MET I 904 -14.39 59.72 -9.02
C MET I 904 -14.13 58.37 -9.67
N GLN I 905 -13.15 57.62 -9.18
CA GLN I 905 -13.07 56.19 -9.44
C GLN I 905 -14.03 55.40 -8.57
N MET I 906 -14.58 56.02 -7.52
CA MET I 906 -15.71 55.44 -6.80
C MET I 906 -17.03 55.76 -7.49
N ALA I 907 -17.10 56.90 -8.19
CA ALA I 907 -18.31 57.24 -8.92
C ALA I 907 -18.61 56.23 -10.01
N TYR I 908 -17.58 55.75 -10.71
CA TYR I 908 -17.79 54.76 -11.75
C TYR I 908 -18.20 53.43 -11.16
N ARG I 909 -17.71 53.09 -9.97
CA ARG I 909 -18.09 51.84 -9.35
C ARG I 909 -19.48 51.91 -8.72
N PHE I 910 -20.00 53.11 -8.44
CA PHE I 910 -21.44 53.23 -8.28
C PHE I 910 -22.19 53.07 -9.59
N ASN I 911 -21.70 53.71 -10.66
CA ASN I 911 -22.39 53.62 -11.93
C ASN I 911 -22.47 52.17 -12.41
N GLY I 912 -21.54 51.33 -11.97
CA GLY I 912 -21.51 49.93 -12.31
C GLY I 912 -22.36 49.00 -11.46
N ILE I 913 -23.07 49.51 -10.46
CA ILE I 913 -23.98 48.68 -9.66
C ILE I 913 -25.42 49.14 -9.76
N GLY I 914 -25.72 50.13 -10.58
CA GLY I 914 -27.05 50.66 -10.68
C GLY I 914 -27.33 51.87 -9.80
N VAL I 915 -26.31 52.49 -9.24
CA VAL I 915 -26.46 53.76 -8.55
C VAL I 915 -26.08 54.85 -9.55
N THR I 916 -27.09 55.60 -10.01
CA THR I 916 -26.96 56.42 -11.20
C THR I 916 -25.93 57.53 -11.00
N GLN I 917 -25.64 58.21 -12.10
CA GLN I 917 -24.72 59.34 -12.15
C GLN I 917 -25.43 60.57 -12.71
N ASN I 918 -26.64 60.81 -12.22
CA ASN I 918 -27.39 62.05 -12.40
C ASN I 918 -27.49 62.80 -11.08
N VAL I 919 -27.75 62.08 -9.99
CA VAL I 919 -27.68 62.62 -8.64
C VAL I 919 -26.60 61.90 -7.83
N LEU I 920 -25.62 61.31 -8.51
CA LEU I 920 -24.52 60.65 -7.80
C LEU I 920 -23.73 61.66 -6.99
N TYR I 921 -23.28 62.73 -7.63
CA TYR I 921 -22.43 63.74 -7.02
C TYR I 921 -23.19 64.88 -6.37
N GLU I 922 -24.51 64.96 -6.55
CA GLU I 922 -25.29 65.90 -5.78
C GLU I 922 -25.38 65.47 -4.32
N ASN I 923 -24.95 64.25 -4.01
CA ASN I 923 -24.76 63.80 -2.64
C ASN I 923 -23.30 63.54 -2.30
N GLN I 924 -22.43 63.44 -3.31
CA GLN I 924 -21.06 62.94 -3.07
C GLN I 924 -20.28 63.82 -2.11
N LYS I 925 -20.65 65.08 -1.92
CA LYS I 925 -20.02 65.82 -0.85
C LYS I 925 -20.36 65.15 0.48
N LEU I 926 -21.64 65.25 0.87
CA LEU I 926 -22.07 64.67 2.13
C LEU I 926 -22.00 63.14 2.09
N ILE I 927 -22.46 62.53 0.99
CA ILE I 927 -22.53 61.07 1.00
C ILE I 927 -21.16 60.46 0.78
N ALA I 928 -20.23 61.15 0.09
CA ALA I 928 -18.85 60.67 0.05
C ALA I 928 -18.16 60.84 1.39
N ASN I 929 -18.50 61.89 2.14
CA ASN I 929 -18.01 61.96 3.52
C ASN I 929 -18.52 60.79 4.35
N GLN I 930 -19.79 60.45 4.18
CA GLN I 930 -20.34 59.28 4.87
C GLN I 930 -19.66 58.00 4.40
N PHE I 931 -19.31 57.93 3.11
CA PHE I 931 -18.61 56.78 2.57
C PHE I 931 -17.24 56.63 3.20
N ASN I 932 -16.52 57.75 3.33
CA ASN I 932 -15.23 57.74 4.00
C ASN I 932 -15.37 57.29 5.43
N SER I 933 -16.38 57.81 6.13
CA SER I 933 -16.60 57.44 7.52
C SER I 933 -16.93 55.96 7.65
N ALA I 934 -17.74 55.43 6.74
CA ALA I 934 -18.14 54.03 6.82
C ALA I 934 -16.99 53.09 6.49
N ILE I 935 -16.22 53.41 5.44
CA ILE I 935 -15.07 52.57 5.10
C ILE I 935 -14.04 52.63 6.22
N GLY I 936 -13.82 53.82 6.81
CA GLY I 936 -12.89 53.92 7.91
C GLY I 936 -13.35 53.19 9.15
N LYS I 937 -14.64 53.27 9.47
CA LYS I 937 -15.13 52.62 10.68
C LYS I 937 -15.15 51.11 10.52
N ILE I 938 -15.38 50.61 9.31
CA ILE I 938 -15.27 49.17 9.15
C ILE I 938 -13.81 48.72 9.03
N GLN I 939 -12.91 49.60 8.57
CA GLN I 939 -11.49 49.30 8.71
C GLN I 939 -11.10 49.17 10.18
N ASP I 940 -11.63 50.07 11.01
CA ASP I 940 -11.43 49.96 12.46
C ASP I 940 -12.04 48.66 12.99
N SER I 941 -13.21 48.28 12.49
CA SER I 941 -13.84 47.04 12.92
C SER I 941 -12.98 45.83 12.56
N LEU I 942 -12.36 45.85 11.38
CA LEU I 942 -11.39 44.82 11.02
C LEU I 942 -10.21 44.83 11.98
N SER I 943 -9.70 46.02 12.32
CA SER I 943 -8.69 46.12 13.36
C SER I 943 -9.19 45.55 14.67
N SER I 944 -10.51 45.57 14.89
CA SER I 944 -11.14 45.02 16.08
C SER I 944 -11.74 43.64 15.84
N THR I 945 -11.44 43.00 14.71
CA THR I 945 -12.00 41.70 14.36
C THR I 945 -10.88 40.69 14.14
N ALA I 946 -11.10 39.47 14.60
CA ALA I 946 -10.18 38.38 14.36
C ALA I 946 -10.84 37.09 13.88
N SER I 947 -12.13 36.90 14.11
CA SER I 947 -12.79 35.66 13.68
C SER I 947 -12.87 35.56 12.16
N ALA I 948 -12.75 36.69 11.47
CA ALA I 948 -12.77 36.69 10.01
C ALA I 948 -11.57 35.95 9.42
N LEU I 949 -10.41 36.02 10.09
CA LEU I 949 -9.21 35.33 9.63
C LEU I 949 -9.31 33.82 9.69
N GLY I 950 -10.48 33.28 10.00
CA GLY I 950 -10.69 31.86 10.15
C GLY I 950 -10.30 31.07 8.93
N LYS I 951 -10.59 31.57 7.73
CA LYS I 951 -10.26 30.84 6.51
C LYS I 951 -8.77 30.61 6.36
N LEU I 952 -7.98 31.69 6.45
CA LEU I 952 -6.54 31.54 6.27
C LEU I 952 -5.88 30.87 7.46
N GLN I 953 -6.39 31.09 8.67
CA GLN I 953 -5.85 30.37 9.81
C GLN I 953 -6.16 28.89 9.69
N ASN I 954 -7.32 28.54 9.14
CA ASN I 954 -7.68 27.16 8.91
C ASN I 954 -6.78 26.54 7.85
N VAL I 955 -6.44 27.30 6.81
CA VAL I 955 -5.55 26.78 5.78
C VAL I 955 -4.13 26.59 6.33
N VAL I 956 -3.66 27.57 7.10
CA VAL I 956 -2.34 27.45 7.73
C VAL I 956 -2.33 26.26 8.69
N ASN I 957 -3.44 26.03 9.39
CA ASN I 957 -3.51 24.90 10.30
C ASN I 957 -3.65 23.59 9.55
N GLN I 958 -4.29 23.61 8.38
CA GLN I 958 -4.32 22.41 7.54
C GLN I 958 -2.93 22.04 7.08
N ASN I 959 -2.15 23.05 6.68
CA ASN I 959 -0.74 22.83 6.38
C ASN I 959 0.00 22.30 7.61
N ALA I 960 -0.29 22.90 8.77
CA ALA I 960 0.42 22.54 9.99
C ALA I 960 0.16 21.09 10.39
N GLN I 961 -1.11 20.68 10.40
CA GLN I 961 -1.43 19.29 10.71
C GLN I 961 -1.03 18.33 9.60
N ALA I 962 -1.04 18.75 8.34
CA ALA I 962 -0.64 17.87 7.26
C ALA I 962 0.85 17.57 7.32
N LEU I 963 1.65 18.58 7.64
CA LEU I 963 3.07 18.36 7.93
C LEU I 963 3.25 17.63 9.25
N ASN I 964 2.41 17.95 10.24
CA ASN I 964 2.55 17.37 11.57
C ASN I 964 2.10 15.92 11.60
N THR I 965 0.98 15.61 10.92
CA THR I 965 0.60 14.21 10.80
C THR I 965 1.65 13.44 10.01
N LEU I 966 2.28 14.10 9.03
CA LEU I 966 3.34 13.46 8.26
C LEU I 966 4.54 13.12 9.13
N VAL I 967 4.92 14.07 10.00
CA VAL I 967 6.04 13.83 10.92
C VAL I 967 5.66 12.76 11.95
N LYS I 968 4.44 12.81 12.47
CA LYS I 968 3.99 11.81 13.43
C LYS I 968 3.90 10.42 12.82
N GLN I 969 3.74 10.33 11.49
CA GLN I 969 3.82 9.02 10.86
C GLN I 969 5.24 8.47 10.86
N LEU I 970 6.24 9.31 11.16
CA LEU I 970 7.56 8.79 11.47
C LEU I 970 7.63 8.23 12.89
N SER I 971 6.61 8.50 13.70
CA SER I 971 6.41 7.80 14.97
C SER I 971 5.39 6.68 14.85
N SER I 972 4.83 6.47 13.67
CA SER I 972 3.88 5.41 13.40
C SER I 972 4.58 4.30 12.65
N ASN I 973 4.48 3.07 13.17
CA ASN I 973 5.19 1.95 12.59
C ASN I 973 4.38 1.19 11.54
N PHE I 974 3.08 1.49 11.39
CA PHE I 974 2.24 0.82 10.40
C PHE I 974 2.30 -0.70 10.58
N GLY I 975 2.52 -1.14 11.82
CA GLY I 975 2.72 -2.54 12.10
C GLY I 975 4.17 -2.97 12.22
N ALA I 976 5.12 -2.05 12.04
CA ALA I 976 6.53 -2.40 12.13
C ALA I 976 6.95 -2.53 13.58
N ILE I 977 8.14 -3.12 13.78
CA ILE I 977 8.68 -3.28 15.13
C ILE I 977 9.00 -1.92 15.73
N SER I 978 9.40 -0.96 14.91
CA SER I 978 9.71 0.39 15.39
C SER I 978 9.51 1.37 14.24
N SER I 979 9.34 2.64 14.62
CA SER I 979 9.14 3.69 13.64
C SER I 979 10.43 4.41 13.28
N VAL I 980 11.52 4.14 13.98
CA VAL I 980 12.83 4.67 13.65
C VAL I 980 13.63 3.59 12.95
N LEU I 981 14.60 4.01 12.13
CA LEU I 981 15.32 3.08 11.27
C LEU I 981 16.65 2.62 11.85
N ASN I 982 17.27 3.41 12.73
CA ASN I 982 18.59 3.06 13.24
C ASN I 982 18.54 1.78 14.07
N ASP I 983 17.55 1.66 14.95
CA ASP I 983 17.50 0.51 15.86
C ASP I 983 17.26 -0.79 15.11
N ILE I 984 16.42 -0.77 14.07
CA ILE I 984 16.11 -1.99 13.33
C ILE I 984 17.37 -2.58 12.73
N LEU I 985 18.19 -1.75 12.10
CA LEU I 985 19.41 -2.24 11.45
C LEU I 985 20.50 -2.54 12.48
N SER I 986 20.61 -1.71 13.52
CA SER I 986 21.70 -1.85 14.48
C SER I 986 21.51 -3.02 15.44
N ARG I 987 20.27 -3.40 15.74
CA ARG I 987 19.99 -4.42 16.75
C ARG I 987 19.45 -5.70 16.15
N LEU I 988 18.40 -5.64 15.36
CA LEU I 988 17.74 -6.84 14.86
C LEU I 988 18.57 -7.51 13.77
N ASP I 989 18.40 -8.82 13.65
CA ASP I 989 19.08 -9.57 12.61
C ASP I 989 18.56 -9.14 11.24
N PRO I 990 19.44 -8.99 10.25
CA PRO I 990 19.01 -8.54 8.92
C PRO I 990 17.93 -9.42 8.31
N PRO I 991 18.06 -10.80 8.32
CA PRO I 991 17.11 -11.64 7.58
C PRO I 991 15.65 -11.20 7.61
N GLU I 992 15.13 -10.88 8.79
CA GLU I 992 13.79 -10.32 8.90
C GLU I 992 13.80 -8.80 8.91
N ALA I 993 14.96 -8.17 9.12
CA ALA I 993 15.02 -6.72 9.13
C ALA I 993 14.73 -6.15 7.75
N GLU I 994 15.16 -6.82 6.68
CA GLU I 994 14.83 -6.33 5.35
C GLU I 994 13.32 -6.31 5.15
N VAL I 995 12.63 -7.39 5.53
CA VAL I 995 11.18 -7.44 5.38
C VAL I 995 10.53 -6.38 6.24
N GLN I 996 11.03 -6.18 7.46
CA GLN I 996 10.38 -5.23 8.37
C GLN I 996 10.57 -3.80 7.90
N ILE I 997 11.77 -3.46 7.41
CA ILE I 997 11.97 -2.13 6.85
C ILE I 997 11.20 -1.97 5.55
N ASP I 998 10.96 -3.07 4.83
CA ASP I 998 10.05 -3.00 3.68
C ASP I 998 8.64 -2.64 4.11
N ARG I 999 8.17 -3.24 5.21
CA ARG I 999 6.85 -2.87 5.72
C ARG I 999 6.82 -1.41 6.17
N LEU I 1000 7.88 -0.96 6.85
CA LEU I 1000 7.92 0.42 7.31
C LEU I 1000 7.99 1.40 6.15
N ILE I 1001 8.77 1.09 5.11
CA ILE I 1001 8.86 1.97 3.95
C ILE I 1001 7.55 1.95 3.18
N THR I 1002 6.86 0.81 3.11
CA THR I 1002 5.54 0.77 2.50
C THR I 1002 4.57 1.66 3.27
N GLY I 1003 4.61 1.59 4.60
CA GLY I 1003 3.72 2.43 5.40
C GLY I 1003 4.00 3.91 5.23
N ARG I 1004 5.29 4.29 5.30
CA ARG I 1004 5.64 5.69 5.14
C ARG I 1004 5.43 6.16 3.71
N LEU I 1005 5.54 5.27 2.73
CA LEU I 1005 5.32 5.65 1.34
C LEU I 1005 3.84 5.83 1.07
N GLN I 1006 2.98 4.99 1.66
CA GLN I 1006 1.55 5.25 1.63
C GLN I 1006 1.21 6.53 2.36
N SER I 1007 1.89 6.80 3.48
CA SER I 1007 1.67 8.04 4.20
C SER I 1007 2.03 9.25 3.36
N LEU I 1008 3.15 9.18 2.64
CA LEU I 1008 3.56 10.29 1.79
C LEU I 1008 2.71 10.37 0.53
N GLN I 1009 2.25 9.23 0.00
CA GLN I 1009 1.31 9.24 -1.11
C GLN I 1009 0.00 9.88 -0.71
N THR I 1010 -0.51 9.56 0.48
CA THR I 1010 -1.72 10.21 0.97
C THR I 1010 -1.46 11.68 1.26
N TYR I 1011 -0.29 12.02 1.79
CA TYR I 1011 0.04 13.41 2.00
C TYR I 1011 0.05 14.18 0.70
N VAL I 1012 0.68 13.62 -0.34
CA VAL I 1012 0.75 14.28 -1.65
C VAL I 1012 -0.61 14.26 -2.34
N THR I 1013 -1.42 13.23 -2.09
CA THR I 1013 -2.73 13.14 -2.72
C THR I 1013 -3.69 14.16 -2.12
N GLN I 1014 -3.72 14.29 -0.79
CA GLN I 1014 -4.50 15.36 -0.18
C GLN I 1014 -3.83 16.71 -0.34
N GLN I 1015 -2.53 16.76 -0.63
CA GLN I 1015 -1.93 18.02 -1.06
C GLN I 1015 -2.38 18.38 -2.47
N LEU I 1016 -2.60 17.39 -3.33
CA LEU I 1016 -3.14 17.64 -4.66
C LEU I 1016 -4.60 18.03 -4.60
N ILE I 1017 -5.38 17.36 -3.73
CA ILE I 1017 -6.78 17.73 -3.55
C ILE I 1017 -6.91 19.09 -2.90
N ARG I 1018 -6.12 19.36 -1.85
CA ARG I 1018 -6.12 20.65 -1.20
C ARG I 1018 -5.47 21.73 -2.05
N ALA I 1019 -4.61 21.36 -2.98
CA ALA I 1019 -4.06 22.31 -3.94
C ALA I 1019 -5.03 22.53 -5.09
N ALA I 1020 -5.91 21.58 -5.36
CA ALA I 1020 -7.03 21.85 -6.24
C ALA I 1020 -8.02 22.78 -5.56
N GLU I 1021 -8.19 22.64 -4.25
CA GLU I 1021 -8.97 23.61 -3.48
C GLU I 1021 -8.27 24.97 -3.46
N ILE I 1022 -6.96 24.98 -3.24
CA ILE I 1022 -6.18 26.21 -3.20
C ILE I 1022 -6.13 26.86 -4.57
N ARG I 1023 -6.11 26.05 -5.63
CA ARG I 1023 -6.13 26.56 -6.99
C ARG I 1023 -7.52 26.99 -7.42
N ALA I 1024 -8.58 26.33 -6.92
CA ALA I 1024 -9.92 26.86 -7.13
C ALA I 1024 -10.09 28.19 -6.43
N SER I 1025 -9.59 28.31 -5.20
CA SER I 1025 -9.66 29.57 -4.47
C SER I 1025 -8.65 30.59 -4.99
N ALA I 1026 -7.60 30.15 -5.68
CA ALA I 1026 -6.63 31.07 -6.25
C ALA I 1026 -7.04 31.52 -7.64
N ASN I 1027 -7.70 30.67 -8.41
CA ASN I 1027 -8.40 31.12 -9.61
C ASN I 1027 -9.58 31.99 -9.23
N LEU I 1028 -10.19 31.72 -8.09
CA LEU I 1028 -11.25 32.59 -7.56
C LEU I 1028 -10.67 33.91 -7.07
N ALA I 1029 -9.46 33.89 -6.51
CA ALA I 1029 -8.81 35.11 -6.06
C ALA I 1029 -8.22 35.88 -7.24
N ALA I 1030 -7.82 35.20 -8.31
CA ALA I 1030 -7.40 35.89 -9.52
C ALA I 1030 -8.60 36.48 -10.25
N THR I 1031 -9.71 35.73 -10.29
CA THR I 1031 -10.96 36.26 -10.83
C THR I 1031 -11.47 37.41 -9.97
N LYS I 1032 -11.26 37.33 -8.65
CA LYS I 1032 -11.65 38.40 -7.75
C LYS I 1032 -10.73 39.60 -7.87
N MET I 1033 -9.43 39.39 -8.05
CA MET I 1033 -8.55 40.50 -8.35
C MET I 1033 -8.98 41.20 -9.64
N SER I 1034 -9.22 40.43 -10.69
CA SER I 1034 -9.61 40.99 -11.98
C SER I 1034 -10.95 41.71 -11.90
N GLU I 1035 -11.95 41.08 -11.30
CA GLU I 1035 -13.32 41.57 -11.35
C GLU I 1035 -13.73 42.39 -10.14
N CYS I 1036 -12.88 42.49 -9.12
CA CYS I 1036 -13.16 43.20 -7.88
C CYS I 1036 -12.14 44.30 -7.66
N VAL I 1037 -10.86 43.99 -7.84
CA VAL I 1037 -9.78 44.97 -7.72
C VAL I 1037 -9.46 45.60 -9.07
N LEU I 1038 -9.20 44.78 -10.08
CA LEU I 1038 -8.91 45.25 -11.43
C LEU I 1038 -10.16 45.62 -12.21
N GLY I 1039 -11.31 45.61 -11.53
CA GLY I 1039 -12.57 45.92 -12.19
C GLY I 1039 -13.70 45.74 -11.20
N GLN I 1040 -14.91 45.94 -11.68
CA GLN I 1040 -16.11 45.76 -10.86
C GLN I 1040 -16.91 44.57 -11.37
N SER I 1041 -17.20 43.63 -10.48
CA SER I 1041 -17.93 42.42 -10.83
C SER I 1041 -19.43 42.66 -10.67
N LYS I 1042 -20.18 42.41 -11.75
CA LYS I 1042 -21.63 42.46 -11.67
C LYS I 1042 -22.23 41.14 -11.23
N ARG I 1043 -21.41 40.11 -11.04
CA ARG I 1043 -21.88 38.85 -10.49
C ARG I 1043 -22.39 39.07 -9.07
N VAL I 1044 -23.58 38.56 -8.79
CA VAL I 1044 -24.21 38.79 -7.50
C VAL I 1044 -23.46 38.01 -6.42
N ASP I 1045 -23.14 38.70 -5.32
CA ASP I 1045 -22.48 38.09 -4.16
C ASP I 1045 -21.17 37.43 -4.54
N PHE I 1046 -20.48 37.96 -5.55
CA PHE I 1046 -19.18 37.42 -5.94
C PHE I 1046 -18.04 38.13 -5.22
N CYS I 1047 -18.18 39.44 -4.99
CA CYS I 1047 -17.21 40.21 -4.23
C CYS I 1047 -17.83 40.69 -2.93
N GLY I 1048 -18.54 39.80 -2.24
CA GLY I 1048 -19.13 40.13 -0.96
C GLY I 1048 -20.63 40.36 -1.05
N LYS I 1049 -21.29 40.26 0.10
CA LYS I 1049 -22.74 40.43 0.17
C LYS I 1049 -23.09 41.89 -0.07
N GLY I 1050 -23.91 42.15 -1.08
CA GLY I 1050 -24.27 43.47 -1.50
C GLY I 1050 -23.74 43.74 -2.89
N TYR I 1051 -23.91 44.98 -3.35
CA TYR I 1051 -23.41 45.40 -4.66
C TYR I 1051 -21.94 45.77 -4.51
N HIS I 1052 -21.06 44.92 -5.04
CA HIS I 1052 -19.62 45.17 -4.96
C HIS I 1052 -19.23 46.51 -5.55
N LEU I 1053 -18.40 47.25 -4.82
CA LEU I 1053 -17.81 48.49 -5.31
C LEU I 1053 -16.35 48.29 -5.71
N MET I 1054 -15.52 47.86 -4.76
CA MET I 1054 -14.10 47.71 -5.02
C MET I 1054 -13.48 46.89 -3.89
N SER I 1055 -12.63 45.94 -4.28
CA SER I 1055 -11.89 45.14 -3.33
C SER I 1055 -10.46 45.64 -3.22
N PHE I 1056 -9.83 45.34 -2.09
CA PHE I 1056 -8.45 45.70 -1.84
C PHE I 1056 -7.68 44.43 -1.48
N PRO I 1057 -6.67 44.06 -2.24
CA PRO I 1057 -5.83 42.94 -1.84
C PRO I 1057 -5.04 43.28 -0.59
N GLN I 1058 -4.92 42.32 0.31
CA GLN I 1058 -4.08 42.45 1.50
C GLN I 1058 -3.46 41.08 1.73
N SER I 1059 -2.18 40.95 1.45
CA SER I 1059 -1.52 39.65 1.50
C SER I 1059 -1.39 39.22 2.94
N ALA I 1060 -2.32 38.41 3.41
CA ALA I 1060 -2.19 37.70 4.66
C ALA I 1060 -1.40 36.42 4.41
N PRO I 1061 -0.88 35.79 5.46
CA PRO I 1061 -0.03 34.60 5.25
C PRO I 1061 -0.71 33.53 4.39
N HIS I 1062 -0.05 33.18 3.30
CA HIS I 1062 -0.48 32.11 2.40
C HIS I 1062 -1.89 32.35 1.86
N GLY I 1063 -2.16 33.59 1.47
CA GLY I 1063 -3.49 33.92 0.99
C GLY I 1063 -3.61 35.41 0.78
N VAL I 1064 -4.84 35.83 0.51
CA VAL I 1064 -5.16 37.23 0.28
C VAL I 1064 -6.40 37.57 1.08
N VAL I 1065 -6.52 38.83 1.47
CA VAL I 1065 -7.70 39.33 2.17
C VAL I 1065 -8.30 40.40 1.26
N PHE I 1066 -9.37 40.04 0.56
CA PHE I 1066 -10.06 41.01 -0.26
C PHE I 1066 -10.96 41.87 0.62
N LEU I 1067 -10.68 43.17 0.66
CA LEU I 1067 -11.48 44.08 1.46
C LEU I 1067 -12.65 44.54 0.59
N HIS I 1068 -13.68 43.71 0.58
CA HIS I 1068 -14.80 43.92 -0.31
C HIS I 1068 -15.63 45.10 0.15
N VAL I 1069 -15.36 46.27 -0.41
CA VAL I 1069 -16.21 47.42 -0.18
C VAL I 1069 -17.50 47.17 -0.96
N THR I 1070 -18.53 46.70 -0.28
CA THR I 1070 -19.79 46.38 -0.92
C THR I 1070 -20.77 47.53 -0.73
N TYR I 1071 -21.97 47.35 -1.27
CA TYR I 1071 -23.03 48.35 -1.18
C TYR I 1071 -24.26 47.66 -0.63
N VAL I 1072 -24.64 48.01 0.60
CA VAL I 1072 -25.80 47.44 1.24
C VAL I 1072 -26.81 48.57 1.46
N PRO I 1073 -27.97 48.53 0.81
CA PRO I 1073 -28.99 49.54 1.10
C PRO I 1073 -29.73 49.20 2.38
N ALA I 1074 -29.96 50.22 3.21
CA ALA I 1074 -30.23 50.00 4.62
C ALA I 1074 -31.67 50.26 5.04
N GLN I 1075 -32.19 51.47 4.81
CA GLN I 1075 -33.49 51.85 5.33
C GLN I 1075 -34.53 51.85 4.22
N GLU I 1076 -35.39 50.83 4.23
CA GLU I 1076 -36.40 50.61 3.20
C GLU I 1076 -37.65 51.43 3.50
N LYS I 1077 -38.20 52.05 2.47
CA LYS I 1077 -39.46 52.77 2.54
C LYS I 1077 -40.41 52.20 1.50
N ASN I 1078 -41.68 52.09 1.85
CA ASN I 1078 -42.67 51.43 1.03
C ASN I 1078 -43.49 52.43 0.20
N PHE I 1079 -43.81 52.05 -1.03
CA PHE I 1079 -44.54 52.88 -1.97
C PHE I 1079 -45.48 51.99 -2.79
N THR I 1080 -46.05 52.56 -3.84
CA THR I 1080 -46.92 51.84 -4.77
C THR I 1080 -46.38 52.00 -6.19
N THR I 1081 -46.62 50.98 -7.03
CA THR I 1081 -46.01 50.91 -8.36
C THR I 1081 -47.06 50.57 -9.42
N ALA I 1082 -46.83 51.10 -10.64
CA ALA I 1082 -47.55 50.70 -11.84
C ALA I 1082 -46.86 51.23 -13.10
N PRO I 1083 -46.54 50.36 -14.08
CA PRO I 1083 -45.83 50.81 -15.32
C PRO I 1083 -46.73 51.25 -16.47
N ALA I 1084 -47.26 52.47 -16.41
CA ALA I 1084 -48.00 53.01 -17.55
C ALA I 1084 -48.26 54.49 -17.36
N ILE I 1085 -48.80 55.12 -18.40
CA ILE I 1085 -49.48 56.40 -18.31
C ILE I 1085 -50.93 56.30 -18.75
N CYS I 1086 -51.20 55.50 -19.78
CA CYS I 1086 -52.53 55.36 -20.38
C CYS I 1086 -53.15 56.73 -20.67
N HIS I 1087 -52.34 57.62 -21.24
CA HIS I 1087 -52.77 58.98 -21.55
C HIS I 1087 -53.46 59.07 -22.92
N ASP I 1088 -52.73 58.74 -23.97
CA ASP I 1088 -53.25 58.73 -25.33
C ASP I 1088 -53.32 57.31 -25.85
N GLY I 1089 -53.54 56.37 -24.95
CA GLY I 1089 -53.48 54.95 -25.25
C GLY I 1089 -52.11 54.37 -24.98
N LYS I 1090 -51.06 55.11 -25.30
CA LYS I 1090 -49.70 54.61 -25.13
C LYS I 1090 -49.37 54.41 -23.66
N ALA I 1091 -48.47 53.46 -23.40
CA ALA I 1091 -47.97 53.18 -22.07
C ALA I 1091 -46.52 53.63 -21.96
N HIS I 1092 -46.13 54.00 -20.74
CA HIS I 1092 -44.77 54.40 -20.42
C HIS I 1092 -44.17 53.42 -19.44
N PHE I 1093 -42.87 53.18 -19.59
CA PHE I 1093 -42.18 52.18 -18.82
C PHE I 1093 -40.92 52.79 -18.21
N PRO I 1094 -40.44 52.23 -17.11
CA PRO I 1094 -39.24 52.78 -16.46
C PRO I 1094 -37.94 52.51 -17.20
N ARG I 1095 -37.60 53.41 -18.14
CA ARG I 1095 -36.37 53.34 -18.92
C ARG I 1095 -35.19 52.84 -18.10
N GLU I 1096 -35.01 53.41 -16.91
CA GLU I 1096 -34.08 52.85 -15.94
C GLU I 1096 -34.67 53.06 -14.56
N GLY I 1097 -34.84 51.97 -13.81
CA GLY I 1097 -35.42 52.05 -12.49
C GLY I 1097 -36.86 51.56 -12.40
N VAL I 1098 -37.64 52.16 -11.50
CA VAL I 1098 -38.99 51.71 -11.18
C VAL I 1098 -39.93 52.91 -11.19
N PHE I 1099 -41.21 52.63 -11.41
CA PHE I 1099 -42.27 53.60 -11.14
C PHE I 1099 -42.78 53.42 -9.71
N VAL I 1100 -42.61 54.43 -8.87
CA VAL I 1100 -43.20 54.45 -7.55
C VAL I 1100 -43.81 55.83 -7.29
N SER I 1101 -44.69 55.89 -6.31
CA SER I 1101 -45.33 57.13 -5.91
C SER I 1101 -45.49 57.18 -4.40
N ASN I 1102 -45.47 58.39 -3.85
CA ASN I 1102 -45.77 58.59 -2.44
C ASN I 1102 -47.25 58.81 -2.17
N GLY I 1103 -48.06 58.95 -3.21
CA GLY I 1103 -49.49 59.11 -3.04
C GLY I 1103 -50.12 60.11 -3.99
N THR I 1104 -49.34 61.07 -4.47
CA THR I 1104 -49.87 62.14 -5.31
C THR I 1104 -49.36 62.08 -6.74
N HIS I 1105 -48.04 62.08 -6.96
CA HIS I 1105 -47.46 62.17 -8.29
C HIS I 1105 -46.77 60.86 -8.67
N TRP I 1106 -46.83 60.52 -9.95
CA TRP I 1106 -46.30 59.27 -10.48
C TRP I 1106 -45.24 59.56 -11.54
N PHE I 1107 -43.99 59.24 -11.22
CA PHE I 1107 -42.90 59.26 -12.19
C PHE I 1107 -41.86 58.22 -11.79
N VAL I 1108 -40.83 58.07 -12.62
CA VAL I 1108 -39.86 56.99 -12.44
C VAL I 1108 -38.98 57.27 -11.22
N THR I 1109 -38.38 56.19 -10.70
CA THR I 1109 -37.40 56.30 -9.63
C THR I 1109 -36.23 55.38 -9.96
N GLN I 1110 -35.06 55.77 -9.46
CA GLN I 1110 -33.95 54.83 -9.42
C GLN I 1110 -34.26 53.75 -8.39
N ARG I 1111 -33.62 52.58 -8.54
CA ARG I 1111 -33.86 51.49 -7.60
C ARG I 1111 -33.43 51.81 -6.18
N ASN I 1112 -32.81 52.96 -5.93
CA ASN I 1112 -32.45 53.37 -4.58
C ASN I 1112 -32.81 54.81 -4.22
N PHE I 1113 -32.99 55.70 -5.18
CA PHE I 1113 -33.36 57.09 -4.90
C PHE I 1113 -34.65 57.41 -5.64
N TYR I 1114 -35.36 58.42 -5.14
CA TYR I 1114 -36.69 58.78 -5.63
C TYR I 1114 -36.61 60.10 -6.37
N GLU I 1115 -36.44 60.03 -7.69
CA GLU I 1115 -36.32 61.23 -8.53
C GLU I 1115 -37.42 61.24 -9.59
N PRO I 1116 -38.54 61.90 -9.31
CA PRO I 1116 -39.64 61.95 -10.28
C PRO I 1116 -39.37 62.87 -11.46
N GLN I 1117 -38.74 62.35 -12.51
CA GLN I 1117 -38.46 63.15 -13.71
C GLN I 1117 -39.73 63.76 -14.28
N ILE I 1118 -39.58 64.80 -15.09
CA ILE I 1118 -40.73 65.50 -15.66
C ILE I 1118 -41.18 64.80 -16.93
N ILE I 1119 -42.38 65.14 -17.38
CA ILE I 1119 -42.95 64.64 -18.63
C ILE I 1119 -42.85 65.76 -19.66
N THR I 1120 -41.82 65.70 -20.50
CA THR I 1120 -41.48 66.79 -21.41
C THR I 1120 -40.99 66.18 -22.73
N THR I 1121 -40.32 67.00 -23.54
CA THR I 1121 -39.77 66.53 -24.82
C THR I 1121 -38.65 65.51 -24.65
N ASP I 1122 -38.11 65.34 -23.44
CA ASP I 1122 -37.09 64.34 -23.15
C ASP I 1122 -37.71 63.08 -22.54
N ASN I 1123 -38.88 62.70 -23.06
CA ASN I 1123 -39.74 61.70 -22.48
C ASN I 1123 -40.47 60.95 -23.60
N THR I 1124 -41.63 60.38 -23.28
CA THR I 1124 -42.43 59.59 -24.21
C THR I 1124 -41.71 58.30 -24.61
N PHE I 1125 -41.49 57.43 -23.62
CA PHE I 1125 -41.08 56.04 -23.86
C PHE I 1125 -42.30 55.23 -24.30
N VAL I 1126 -42.86 55.63 -25.45
CA VAL I 1126 -44.00 54.93 -26.01
C VAL I 1126 -43.60 53.50 -26.37
N SER I 1127 -44.28 52.52 -25.77
CA SER I 1127 -43.97 51.12 -26.02
C SER I 1127 -45.22 50.25 -26.11
N GLY I 1128 -46.32 50.81 -26.60
CA GLY I 1128 -47.51 50.00 -26.79
C GLY I 1128 -48.83 50.69 -26.44
N ASN I 1129 -49.73 49.93 -25.82
CA ASN I 1129 -51.03 50.43 -25.44
C ASN I 1129 -51.38 49.94 -24.04
N CYS I 1130 -52.25 50.70 -23.37
CA CYS I 1130 -52.68 50.38 -22.01
C CYS I 1130 -53.95 49.51 -22.03
N ASP I 1131 -53.88 48.44 -22.81
CA ASP I 1131 -55.00 47.50 -22.90
C ASP I 1131 -54.60 46.06 -22.63
N VAL I 1132 -53.41 45.64 -23.07
CA VAL I 1132 -52.94 44.27 -22.86
C VAL I 1132 -51.93 44.21 -21.71
N VAL I 1133 -51.82 45.27 -20.92
CA VAL I 1133 -50.91 45.35 -19.79
C VAL I 1133 -51.71 45.51 -18.50
N ILE I 1134 -51.35 44.71 -17.50
CA ILE I 1134 -52.06 44.62 -16.23
C ILE I 1134 -51.27 45.39 -15.18
N GLY I 1135 -51.96 46.22 -14.40
CA GLY I 1135 -51.28 46.98 -13.36
C GLY I 1135 -50.85 48.37 -13.81
N ILE I 1136 -51.80 49.16 -14.29
CA ILE I 1136 -51.51 50.48 -14.86
C ILE I 1136 -52.14 51.56 -13.99
N VAL I 1137 -51.52 52.74 -14.04
CA VAL I 1137 -52.08 53.97 -13.49
C VAL I 1137 -51.93 55.08 -14.53
N ASN I 1138 -52.49 56.24 -14.21
CA ASN I 1138 -52.52 57.37 -15.12
C ASN I 1138 -51.52 58.43 -14.66
N ASN I 1139 -51.14 59.32 -15.57
CA ASN I 1139 -50.16 60.35 -15.29
C ASN I 1139 -50.42 61.54 -16.21
N THR I 1140 -49.93 62.71 -15.79
CA THR I 1140 -50.15 63.94 -16.53
C THR I 1140 -49.12 64.09 -17.65
N VAL I 1141 -49.45 64.94 -18.61
CA VAL I 1141 -48.58 65.26 -19.74
C VAL I 1141 -48.37 66.78 -19.76
N TYR I 1142 -47.11 67.19 -19.88
CA TYR I 1142 -46.73 68.59 -19.78
C TYR I 1142 -45.77 68.94 -20.91
N ASP I 1143 -45.60 70.23 -21.15
CA ASP I 1143 -44.69 70.71 -22.19
C ASP I 1143 -43.75 71.76 -21.61
N PRO I 1144 -42.48 71.72 -22.00
CA PRO I 1144 -41.49 72.67 -21.47
C PRO I 1144 -41.26 73.93 -22.30
N LEU I 1145 -42.05 74.17 -23.34
CA LEU I 1145 -41.81 75.26 -24.28
C LEU I 1145 -42.43 76.58 -23.81
N GLN I 1146 -42.83 76.68 -22.55
CA GLN I 1146 -43.42 77.92 -22.04
C GLN I 1146 -42.46 79.11 -22.11
N PRO I 1147 -41.20 79.02 -21.66
CA PRO I 1147 -40.33 80.20 -21.74
C PRO I 1147 -40.11 80.71 -23.15
N GLU I 1148 -40.08 79.81 -24.14
CA GLU I 1148 -39.91 80.22 -25.53
C GLU I 1148 -41.23 80.56 -26.22
N LEU I 1149 -42.35 80.47 -25.52
CA LEU I 1149 -43.65 80.80 -26.11
C LEU I 1149 -44.18 82.11 -25.56
#